data_7JY6
#
_entry.id   7JY6
#
_cell.length_a   1.00
_cell.length_b   1.00
_cell.length_c   1.00
_cell.angle_alpha   90.00
_cell.angle_beta   90.00
_cell.angle_gamma   90.00
#
_symmetry.space_group_name_H-M   'P 1'
#
loop_
_entity.id
_entity.type
_entity.pdbx_description
1 polymer 'Protein RecA'
2 polymer 'DNA (27-MER)'
3 polymer 'DNA (45-MER)'
4 non-polymer 'MAGNESIUM ION'
5 non-polymer 'PHOSPHOTHIOPHOSPHORIC ACID-ADENYLATE ESTER'
#
loop_
_entity_poly.entity_id
_entity_poly.type
_entity_poly.pdbx_seq_one_letter_code
_entity_poly.pdbx_strand_id
1 'polypeptide(L)'
;MAIDENKQKALAAALGQIEKQFGKGSIMRLGEDRSMDVETISTGSLSLDIALGAGGLPMGRIVEIYGPESSGKTTLTLQV
IAAAQREGKTCAFIDAEHALDPIYARKLGVDIDNLLCSQPDTGEQALEICDALARSGAVDVIVVDSVAALTPKAEIEGEI
GDSHMGLAARMMSQAMRKLAGNLKQSNTLLIFINQIRMKIGVMFGNPETTTGGNALKFYASVRLDIRRIGAVKEGENVVG
SETRVKVVKNKIAAPFKQAEFQILYGEGINFYGELVDLGVKEKLIEKAGAWYSYKGEKIGQGKANATAWLKDNPETAKEI
EKKVRELLLSNPNS
;
A,B,C,D,E,F,G,H,I
2 'polydeoxyribonucleotide'
;(DT)(DT)(DT)(DT)(DT)(DT)(DT)(DT)(DT)(DT)(DT)(DT)(DT)(DT)(DT)(DT)(DT)(DT)(DT)(DT)
(DT)(DT)(DT)(DT)(DT)(DT)(DT)
;
S
3 'polydeoxyribonucleotide'
;(DT)(DT)(DT)(DT)(DT)(DT)(DT)(DT)(DT)(DT)(DT)(DT)(DT)(DT)(DT)(DT)(DT)(DT)(DT)(DT)
(DT)(DT)(DT)(DT)(DT)(DT)(DT)(DT)(DT)(DT)(DT)(DT)(DT)(DT)(DT)(DT)(DT)(DT)(DT)(DT)
(DT)(DT)(DT)(DT)(DT)
;
U
#
loop_
_chem_comp.id
_chem_comp.type
_chem_comp.name
_chem_comp.formula
AGS non-polymer 'PHOSPHOTHIOPHOSPHORIC ACID-ADENYLATE ESTER' 'C10 H16 N5 O12 P3 S'
DT DNA linking THYMIDINE-5'-MONOPHOSPHATE 'C10 H15 N2 O8 P'
MG non-polymer 'MAGNESIUM ION' 'Mg 2'
#
# COMPACT_ATOMS: atom_id res chain seq x y z
N ALA A 2 48.12 16.50 1.01
CA ALA A 2 46.68 16.68 0.58
C ALA A 2 46.14 15.38 -0.01
N ILE A 3 46.78 14.91 -1.10
CA ILE A 3 46.38 13.68 -1.85
C ILE A 3 46.84 12.44 -1.06
N ASP A 4 48.00 12.53 -0.40
CA ASP A 4 48.63 11.44 0.40
C ASP A 4 47.86 11.21 1.71
N GLU A 5 47.22 12.25 2.26
CA GLU A 5 46.66 12.25 3.64
C GLU A 5 45.23 11.68 3.65
N ASN A 6 44.39 12.05 2.67
CA ASN A 6 43.00 11.53 2.51
C ASN A 6 43.03 10.03 2.18
N LYS A 7 44.10 9.55 1.54
CA LYS A 7 44.38 8.11 1.27
C LYS A 7 44.57 7.35 2.59
N GLN A 8 45.42 7.89 3.49
CA GLN A 8 45.78 7.27 4.80
C GLN A 8 44.54 7.14 5.69
N LYS A 9 43.59 8.08 5.60
CA LYS A 9 42.30 8.08 6.34
C LYS A 9 41.38 6.99 5.79
N ALA A 10 41.17 6.98 4.47
CA ALA A 10 40.29 6.05 3.73
C ALA A 10 40.76 4.60 3.91
N LEU A 11 42.08 4.38 3.99
CA LEU A 11 42.71 3.06 4.21
C LEU A 11 42.43 2.58 5.63
N ALA A 12 42.74 3.41 6.63
CA ALA A 12 42.56 3.14 8.08
C ALA A 12 41.10 2.82 8.40
N ALA A 13 40.15 3.50 7.74
CA ALA A 13 38.68 3.31 7.88
C ALA A 13 38.24 1.96 7.30
N ALA A 14 38.78 1.59 6.12
CA ALA A 14 38.52 0.30 5.44
C ALA A 14 39.11 -0.86 6.25
N LEU A 15 40.36 -0.71 6.73
CA LEU A 15 41.05 -1.69 7.64
C LEU A 15 40.25 -1.85 8.93
N GLY A 16 39.69 -0.76 9.47
CA GLY A 16 38.81 -0.77 10.65
C GLY A 16 37.53 -1.55 10.42
N GLN A 17 36.90 -1.36 9.26
CA GLN A 17 35.62 -2.01 8.87
C GLN A 17 35.80 -3.52 8.67
N ILE A 18 36.92 -3.94 8.07
CA ILE A 18 37.27 -5.36 7.78
C ILE A 18 37.52 -6.08 9.12
N GLU A 19 38.35 -5.49 10.00
CA GLU A 19 38.75 -6.06 11.32
C GLU A 19 37.52 -6.24 12.22
N LYS A 20 36.53 -5.34 12.11
CA LYS A 20 35.22 -5.42 12.82
C LYS A 20 34.41 -6.59 12.27
N GLN A 21 34.25 -6.67 10.95
CA GLN A 21 33.32 -7.59 10.23
C GLN A 21 33.76 -9.05 10.37
N PHE A 22 35.09 -9.32 10.34
CA PHE A 22 35.68 -10.68 10.21
C PHE A 22 36.50 -11.06 11.45
N GLY A 23 37.18 -10.12 12.11
CA GLY A 23 37.96 -10.37 13.34
C GLY A 23 39.31 -9.67 13.32
N LYS A 24 40.05 -9.73 14.44
CA LYS A 24 41.22 -8.87 14.73
C LYS A 24 42.30 -8.99 13.64
N GLY A 25 42.79 -10.21 13.38
CA GLY A 25 43.93 -10.45 12.48
C GLY A 25 43.50 -10.78 11.05
N SER A 26 42.32 -10.33 10.62
CA SER A 26 41.70 -10.62 9.28
C SER A 26 42.56 -10.01 8.17
N ILE A 27 43.12 -8.83 8.39
CA ILE A 27 44.07 -8.14 7.47
C ILE A 27 45.12 -7.39 8.30
N MET A 28 46.39 -7.46 7.89
CA MET A 28 47.49 -6.68 8.50
C MET A 28 48.69 -6.61 7.54
N ARG A 29 49.69 -5.80 7.90
CA ARG A 29 50.97 -5.67 7.16
C ARG A 29 51.75 -6.98 7.30
N LEU A 30 52.26 -7.51 6.18
CA LEU A 30 52.94 -8.83 6.08
C LEU A 30 54.20 -8.86 6.97
N GLY A 31 54.87 -7.72 7.16
CA GLY A 31 56.08 -7.58 8.01
C GLY A 31 55.78 -7.80 9.48
N GLU A 32 54.58 -7.45 9.94
CA GLU A 32 54.16 -7.46 11.37
C GLU A 32 53.46 -8.79 11.73
N ASP A 33 53.29 -9.71 10.78
CA ASP A 33 52.52 -10.98 10.94
C ASP A 33 53.49 -12.11 11.29
N ARG A 34 53.48 -12.55 12.56
CA ARG A 34 54.34 -13.64 13.09
C ARG A 34 53.78 -15.01 12.70
N SER A 35 52.46 -15.13 12.56
CA SER A 35 51.71 -16.33 12.09
C SER A 35 52.25 -16.83 10.73
N MET A 36 52.82 -15.92 9.92
CA MET A 36 53.27 -16.19 8.51
C MET A 36 54.71 -16.71 8.47
N ASP A 37 55.43 -16.76 9.60
CA ASP A 37 56.84 -17.28 9.67
C ASP A 37 56.83 -18.80 9.43
N VAL A 38 57.86 -19.32 8.75
CA VAL A 38 58.04 -20.75 8.41
C VAL A 38 58.82 -21.45 9.53
N GLU A 39 58.20 -22.45 10.17
CA GLU A 39 58.79 -23.35 11.20
C GLU A 39 58.96 -24.75 10.60
N THR A 40 60.13 -25.38 10.81
CA THR A 40 60.49 -26.70 10.20
C THR A 40 60.69 -27.77 11.28
N ILE A 41 60.43 -29.03 10.92
CA ILE A 41 60.65 -30.27 11.74
C ILE A 41 61.74 -31.11 11.08
N SER A 42 62.62 -31.73 11.89
CA SER A 42 63.67 -32.68 11.43
C SER A 42 63.02 -33.88 10.73
N THR A 43 63.68 -34.41 9.69
CA THR A 43 63.25 -35.61 8.92
C THR A 43 63.92 -36.89 9.48
N GLY A 44 64.85 -36.75 10.43
CA GLY A 44 65.70 -37.84 10.93
C GLY A 44 67.01 -37.94 10.16
N SER A 45 66.94 -37.80 8.83
CA SER A 45 68.08 -37.70 7.89
C SER A 45 68.65 -36.27 7.92
N LEU A 46 69.98 -36.16 8.04
CA LEU A 46 70.71 -34.86 8.07
C LEU A 46 70.90 -34.34 6.63
N SER A 47 71.20 -35.23 5.68
CA SER A 47 71.40 -34.94 4.24
C SER A 47 70.12 -34.38 3.61
N LEU A 48 68.94 -34.88 4.02
CA LEU A 48 67.62 -34.44 3.48
C LEU A 48 67.24 -33.07 4.05
N ASP A 49 67.64 -32.77 5.29
CA ASP A 49 67.43 -31.44 5.94
C ASP A 49 68.25 -30.37 5.21
N ILE A 50 69.42 -30.73 4.68
CA ILE A 50 70.32 -29.85 3.88
C ILE A 50 69.74 -29.65 2.48
N ALA A 51 69.27 -30.73 1.85
CA ALA A 51 68.66 -30.73 0.50
C ALA A 51 67.35 -29.92 0.50
N LEU A 52 66.63 -29.89 1.62
CA LEU A 52 65.35 -29.13 1.77
C LEU A 52 65.63 -27.63 1.95
N GLY A 53 66.85 -27.27 2.38
CA GLY A 53 67.34 -25.87 2.45
C GLY A 53 67.00 -25.21 3.78
N ALA A 54 65.72 -25.21 4.15
CA ALA A 54 65.16 -24.55 5.35
C ALA A 54 65.39 -25.39 6.63
N GLY A 55 65.99 -26.58 6.50
CA GLY A 55 66.46 -27.41 7.63
C GLY A 55 65.40 -28.41 8.10
N GLY A 56 64.40 -28.72 7.27
CA GLY A 56 63.32 -29.68 7.60
C GLY A 56 62.04 -29.43 6.82
N LEU A 57 60.95 -30.09 7.23
CA LEU A 57 59.60 -30.03 6.58
C LEU A 57 58.76 -28.95 7.25
N PRO A 58 58.05 -28.09 6.48
CA PRO A 58 57.35 -26.93 7.05
C PRO A 58 56.02 -27.24 7.76
N MET A 59 55.85 -26.73 8.98
CA MET A 59 54.61 -26.87 9.79
C MET A 59 53.50 -26.02 9.16
N GLY A 60 52.25 -26.50 9.25
CA GLY A 60 51.03 -25.84 8.72
C GLY A 60 50.85 -26.07 7.23
N ARG A 61 51.66 -26.94 6.63
CA ARG A 61 51.72 -27.15 5.16
C ARG A 61 51.38 -28.60 4.82
N ILE A 62 51.03 -28.84 3.55
CA ILE A 62 50.81 -30.18 2.92
C ILE A 62 52.13 -30.63 2.29
N VAL A 63 52.53 -31.88 2.51
CA VAL A 63 53.74 -32.51 1.89
C VAL A 63 53.28 -33.76 1.13
N GLU A 64 54.00 -34.15 0.06
CA GLU A 64 53.80 -35.42 -0.69
C GLU A 64 55.13 -36.16 -0.79
N ILE A 65 55.16 -37.43 -0.37
CA ILE A 65 56.30 -38.38 -0.57
C ILE A 65 55.81 -39.50 -1.48
N TYR A 66 56.32 -39.57 -2.72
CA TYR A 66 55.94 -40.62 -3.72
C TYR A 66 57.19 -41.40 -4.15
N GLY A 67 56.98 -42.56 -4.76
CA GLY A 67 58.07 -43.43 -5.27
C GLY A 67 57.57 -44.80 -5.71
N PRO A 68 58.47 -45.68 -6.20
CA PRO A 68 58.12 -47.06 -6.55
C PRO A 68 57.90 -47.94 -5.30
N GLU A 69 57.75 -49.26 -5.51
CA GLU A 69 57.44 -50.24 -4.44
C GLU A 69 58.74 -50.61 -3.71
N SER A 70 58.69 -50.67 -2.37
CA SER A 70 59.80 -51.05 -1.46
C SER A 70 60.98 -50.07 -1.60
N SER A 71 60.68 -48.76 -1.58
CA SER A 71 61.65 -47.63 -1.67
C SER A 71 62.04 -47.15 -0.27
N GLY A 72 61.10 -47.18 0.68
CA GLY A 72 61.25 -46.65 2.05
C GLY A 72 60.34 -45.47 2.33
N LYS A 73 59.16 -45.39 1.68
CA LYS A 73 58.17 -44.31 1.87
C LYS A 73 57.60 -44.33 3.30
N THR A 74 57.18 -45.50 3.77
CA THR A 74 56.60 -45.72 5.13
C THR A 74 57.71 -45.60 6.18
N THR A 75 58.89 -46.17 5.94
CA THR A 75 60.07 -46.12 6.84
C THR A 75 60.49 -44.65 7.08
N LEU A 76 60.45 -43.81 6.05
CA LEU A 76 60.82 -42.37 6.11
C LEU A 76 59.82 -41.61 7.00
N THR A 77 58.51 -41.82 6.81
CA THR A 77 57.43 -41.10 7.55
C THR A 77 57.37 -41.52 9.02
N LEU A 78 57.80 -42.73 9.37
CA LEU A 78 57.87 -43.21 10.78
C LEU A 78 59.09 -42.58 11.48
N GLN A 79 60.18 -42.34 10.75
CA GLN A 79 61.41 -41.66 11.27
C GLN A 79 61.13 -40.16 11.50
N VAL A 80 60.20 -39.56 10.75
CA VAL A 80 59.71 -38.16 10.97
C VAL A 80 58.90 -38.13 12.27
N ILE A 81 57.92 -39.03 12.41
CA ILE A 81 57.02 -39.15 13.60
C ILE A 81 57.86 -39.45 14.85
N ALA A 82 58.92 -40.27 14.73
CA ALA A 82 59.85 -40.61 15.83
C ALA A 82 60.56 -39.35 16.31
N ALA A 83 61.12 -38.56 15.39
CA ALA A 83 61.86 -37.31 15.66
C ALA A 83 60.94 -36.25 16.28
N ALA A 84 59.67 -36.20 15.86
CA ALA A 84 58.65 -35.23 16.33
C ALA A 84 58.25 -35.55 17.79
N GLN A 85 58.01 -36.83 18.09
CA GLN A 85 57.66 -37.34 19.46
C GLN A 85 58.82 -37.14 20.44
N ARG A 86 60.06 -37.12 19.94
CA ARG A 86 61.30 -36.82 20.72
C ARG A 86 61.25 -35.39 21.25
N GLU A 87 60.59 -34.47 20.53
CA GLU A 87 60.44 -33.02 20.85
C GLU A 87 59.10 -32.73 21.54
N GLY A 88 58.37 -33.78 21.97
CA GLY A 88 57.09 -33.66 22.68
C GLY A 88 55.96 -33.13 21.80
N LYS A 89 55.92 -33.56 20.53
CA LYS A 89 54.81 -33.26 19.58
C LYS A 89 53.90 -34.50 19.49
N THR A 90 52.58 -34.28 19.44
CA THR A 90 51.53 -35.33 19.28
C THR A 90 51.37 -35.65 17.78
N CYS A 91 51.45 -36.94 17.42
CA CYS A 91 51.42 -37.43 16.01
C CYS A 91 50.26 -38.41 15.79
N ALA A 92 49.78 -38.51 14.55
CA ALA A 92 48.73 -39.45 14.10
C ALA A 92 49.22 -40.23 12.87
N PHE A 93 48.66 -41.43 12.64
CA PHE A 93 48.89 -42.28 11.46
C PHE A 93 47.53 -42.79 10.96
N ILE A 94 47.28 -42.70 9.65
CA ILE A 94 46.00 -43.10 9.00
C ILE A 94 46.31 -44.13 7.92
N ASP A 95 46.23 -45.41 8.27
CA ASP A 95 46.67 -46.57 7.44
C ASP A 95 45.49 -47.04 6.57
N ALA A 96 45.30 -46.40 5.41
CA ALA A 96 44.34 -46.80 4.34
C ALA A 96 44.89 -48.02 3.58
N GLU A 97 46.21 -48.25 3.64
CA GLU A 97 46.93 -49.41 3.06
C GLU A 97 46.57 -50.69 3.83
N HIS A 98 46.25 -50.57 5.14
CA HIS A 98 45.98 -51.68 6.09
C HIS A 98 47.22 -52.59 6.20
N ALA A 99 48.42 -52.01 6.25
CA ALA A 99 49.72 -52.72 6.19
C ALA A 99 50.76 -52.06 7.11
N LEU A 100 50.34 -51.53 8.27
CA LEU A 100 51.26 -50.99 9.30
C LEU A 100 51.59 -52.10 10.31
N ASP A 101 52.88 -52.37 10.52
CA ASP A 101 53.38 -53.32 11.56
C ASP A 101 53.82 -52.51 12.77
N PRO A 102 53.09 -52.58 13.92
CA PRO A 102 53.43 -51.78 15.09
C PRO A 102 54.72 -52.22 15.83
N ILE A 103 55.25 -53.42 15.57
CA ILE A 103 56.53 -53.90 16.15
C ILE A 103 57.70 -53.24 15.40
N TYR A 104 57.59 -53.10 14.07
CA TYR A 104 58.59 -52.42 13.21
C TYR A 104 58.66 -50.94 13.60
N ALA A 105 57.50 -50.28 13.70
CA ALA A 105 57.36 -48.86 14.10
C ALA A 105 58.08 -48.59 15.43
N ARG A 106 57.98 -49.52 16.39
CA ARG A 106 58.62 -49.42 17.73
C ARG A 106 60.16 -49.49 17.61
N LYS A 107 60.67 -50.34 16.71
CA LYS A 107 62.13 -50.52 16.46
C LYS A 107 62.74 -49.24 15.88
N LEU A 108 62.00 -48.50 15.04
CA LEU A 108 62.44 -47.22 14.42
C LEU A 108 62.50 -46.11 15.47
N GLY A 109 61.81 -46.25 16.61
CA GLY A 109 61.87 -45.33 17.75
C GLY A 109 60.54 -44.64 18.03
N VAL A 110 59.44 -45.07 17.39
CA VAL A 110 58.09 -44.47 17.54
C VAL A 110 57.54 -44.90 18.92
N ASP A 111 56.81 -44.00 19.60
CA ASP A 111 56.09 -44.26 20.87
C ASP A 111 54.66 -44.67 20.52
N ILE A 112 54.48 -45.93 20.11
CA ILE A 112 53.19 -46.54 19.64
C ILE A 112 52.07 -46.37 20.67
N ASP A 113 52.40 -46.37 21.97
CA ASP A 113 51.44 -46.17 23.09
C ASP A 113 50.72 -44.81 22.94
N ASN A 114 51.44 -43.77 22.49
CA ASN A 114 50.92 -42.38 22.33
C ASN A 114 50.51 -42.10 20.87
N LEU A 115 51.12 -42.79 19.89
CA LEU A 115 50.85 -42.60 18.44
C LEU A 115 49.43 -43.07 18.11
N LEU A 116 48.55 -42.16 17.66
CA LEU A 116 47.16 -42.48 17.25
C LEU A 116 47.19 -43.23 15.91
N CYS A 117 46.45 -44.33 15.81
CA CYS A 117 46.22 -45.11 14.57
C CYS A 117 44.74 -45.04 14.19
N SER A 118 44.44 -45.17 12.90
CA SER A 118 43.05 -45.23 12.34
C SER A 118 43.09 -46.03 11.03
N GLN A 119 42.20 -47.02 10.88
CA GLN A 119 42.08 -47.88 9.68
C GLN A 119 40.70 -47.65 9.06
N PRO A 120 40.53 -46.57 8.26
CA PRO A 120 39.22 -46.21 7.71
C PRO A 120 38.79 -47.12 6.55
N ASP A 121 37.48 -47.13 6.25
CA ASP A 121 36.83 -48.03 5.27
C ASP A 121 36.83 -47.36 3.88
N THR A 122 36.47 -46.07 3.83
CA THR A 122 36.34 -45.26 2.59
C THR A 122 37.35 -44.11 2.59
N GLY A 123 37.49 -43.43 1.46
CA GLY A 123 38.32 -42.22 1.28
C GLY A 123 37.71 -41.00 1.96
N GLU A 124 36.38 -40.89 1.96
CA GLU A 124 35.63 -39.77 2.58
C GLU A 124 35.78 -39.81 4.10
N GLN A 125 35.83 -41.01 4.69
CA GLN A 125 36.03 -41.22 6.15
C GLN A 125 37.45 -40.76 6.53
N ALA A 126 38.47 -41.26 5.83
CA ALA A 126 39.91 -40.98 6.06
C ALA A 126 40.19 -39.47 6.08
N LEU A 127 39.63 -38.73 5.10
CA LEU A 127 39.85 -37.26 4.93
C LEU A 127 39.02 -36.46 5.95
N GLU A 128 37.91 -37.02 6.46
CA GLU A 128 37.10 -36.41 7.55
C GLU A 128 37.82 -36.58 8.92
N ILE A 129 38.59 -37.66 9.10
CA ILE A 129 39.45 -37.88 10.31
C ILE A 129 40.58 -36.84 10.29
N CYS A 130 41.13 -36.52 9.11
CA CYS A 130 42.19 -35.50 8.90
C CYS A 130 41.65 -34.09 9.18
N ASP A 131 40.46 -33.76 8.67
CA ASP A 131 39.82 -32.41 8.81
C ASP A 131 39.39 -32.19 10.28
N ALA A 132 39.02 -33.26 10.99
CA ALA A 132 38.61 -33.24 12.42
C ALA A 132 39.82 -33.00 13.33
N LEU A 133 40.95 -33.70 13.08
CA LEU A 133 42.21 -33.57 13.85
C LEU A 133 42.89 -32.23 13.57
N ALA A 134 42.74 -31.70 12.34
CA ALA A 134 43.27 -30.38 11.90
C ALA A 134 42.56 -29.25 12.64
N ARG A 135 41.22 -29.27 12.70
CA ARG A 135 40.37 -28.25 13.39
C ARG A 135 40.63 -28.27 14.91
N SER A 136 40.87 -29.43 15.51
CA SER A 136 41.01 -29.64 16.98
C SER A 136 42.23 -28.88 17.53
N GLY A 137 43.30 -28.79 16.75
CA GLY A 137 44.56 -28.11 17.13
C GLY A 137 45.32 -28.84 18.23
N ALA A 138 45.06 -30.15 18.39
CA ALA A 138 45.64 -31.03 19.44
C ALA A 138 46.79 -31.86 18.87
N VAL A 139 46.79 -32.12 17.55
CA VAL A 139 47.76 -33.02 16.85
C VAL A 139 48.67 -32.15 15.96
N ASP A 140 49.95 -32.51 15.88
CA ASP A 140 51.03 -31.73 15.20
C ASP A 140 51.32 -32.30 13.81
N VAL A 141 51.51 -33.64 13.72
CA VAL A 141 51.87 -34.36 12.46
C VAL A 141 50.79 -35.40 12.16
N ILE A 142 50.23 -35.37 10.94
CA ILE A 142 49.30 -36.42 10.41
C ILE A 142 49.95 -37.05 9.17
N VAL A 143 49.95 -38.39 9.10
CA VAL A 143 50.41 -39.16 7.89
C VAL A 143 49.23 -39.98 7.34
N VAL A 144 48.85 -39.74 6.07
CA VAL A 144 47.86 -40.54 5.29
C VAL A 144 48.62 -41.51 4.38
N ASP A 145 48.74 -42.78 4.76
CA ASP A 145 49.50 -43.82 4.02
C ASP A 145 48.66 -44.30 2.82
N SER A 146 49.20 -44.13 1.61
CA SER A 146 48.61 -44.42 0.27
C SER A 146 47.38 -43.53 0.01
N VAL A 147 47.56 -42.57 -0.90
CA VAL A 147 46.47 -41.82 -1.61
C VAL A 147 45.78 -42.78 -2.60
N ALA A 148 46.52 -43.75 -3.15
CA ALA A 148 46.02 -44.81 -4.06
C ALA A 148 44.92 -45.64 -3.39
N ALA A 149 44.99 -45.82 -2.07
CA ALA A 149 44.08 -46.68 -1.26
C ALA A 149 42.91 -45.87 -0.68
N LEU A 150 42.77 -44.58 -1.04
CA LEU A 150 41.61 -43.73 -0.64
C LEU A 150 40.50 -43.89 -1.68
N THR A 151 39.70 -44.96 -1.53
CA THR A 151 38.59 -45.35 -2.44
C THR A 151 37.33 -44.57 -2.05
N PRO A 152 36.64 -43.90 -3.01
CA PRO A 152 35.34 -43.27 -2.71
C PRO A 152 34.26 -44.26 -2.25
N LYS A 153 33.12 -43.75 -1.78
CA LYS A 153 31.99 -44.56 -1.24
C LYS A 153 31.25 -45.25 -2.39
N ALA A 154 31.05 -44.56 -3.51
CA ALA A 154 30.33 -45.05 -4.72
C ALA A 154 31.08 -46.23 -5.37
N GLU A 155 32.42 -46.24 -5.30
CA GLU A 155 33.29 -47.30 -5.90
C GLU A 155 33.34 -48.52 -4.98
N ILE A 156 33.22 -48.33 -3.65
CA ILE A 156 33.13 -49.43 -2.63
C ILE A 156 31.79 -50.17 -2.81
N GLU A 157 30.67 -49.43 -2.82
CA GLU A 157 29.29 -49.97 -2.88
C GLU A 157 28.94 -50.46 -4.29
N GLY A 158 29.67 -50.01 -5.32
CA GLY A 158 29.52 -50.48 -6.71
C GLY A 158 30.19 -51.83 -6.94
N GLU A 159 30.04 -52.38 -8.15
CA GLU A 159 30.64 -53.69 -8.57
C GLU A 159 32.05 -53.45 -9.13
N ILE A 160 32.92 -54.47 -9.08
CA ILE A 160 34.25 -54.47 -9.76
C ILE A 160 34.00 -54.52 -11.27
N GLY A 161 34.61 -53.60 -12.02
CA GLY A 161 34.42 -53.41 -13.48
C GLY A 161 33.61 -52.17 -13.81
N ASP A 162 32.81 -51.65 -12.86
CA ASP A 162 31.99 -50.42 -13.01
C ASP A 162 32.91 -49.20 -13.17
N SER A 163 32.58 -48.30 -14.09
CA SER A 163 33.37 -47.09 -14.44
C SER A 163 32.94 -45.91 -13.57
N HIS A 164 33.85 -45.45 -12.68
CA HIS A 164 33.72 -44.22 -11.85
C HIS A 164 34.80 -43.22 -12.28
N MET A 165 34.55 -42.48 -13.37
CA MET A 165 35.56 -41.67 -14.09
C MET A 165 35.73 -40.30 -13.40
N GLY A 166 36.89 -40.06 -12.79
CA GLY A 166 37.29 -38.78 -12.17
C GLY A 166 36.50 -38.46 -10.91
N LEU A 167 36.27 -39.47 -10.05
CA LEU A 167 35.55 -39.32 -8.74
C LEU A 167 36.56 -39.30 -7.58
N ALA A 168 37.66 -40.06 -7.69
CA ALA A 168 38.80 -40.04 -6.74
C ALA A 168 39.53 -38.69 -6.83
N ALA A 169 39.66 -38.14 -8.04
CA ALA A 169 40.29 -36.83 -8.35
C ALA A 169 39.42 -35.69 -7.80
N ARG A 170 38.10 -35.75 -8.01
CA ARG A 170 37.13 -34.71 -7.56
C ARG A 170 37.07 -34.67 -6.02
N MET A 171 37.22 -35.83 -5.36
CA MET A 171 37.25 -35.94 -3.87
C MET A 171 38.50 -35.24 -3.33
N MET A 172 39.68 -35.57 -3.89
CA MET A 172 40.99 -34.98 -3.50
C MET A 172 40.96 -33.45 -3.66
N SER A 173 40.41 -32.93 -4.77
CA SER A 173 40.26 -31.48 -5.06
C SER A 173 39.48 -30.81 -3.92
N GLN A 174 38.33 -31.38 -3.53
CA GLN A 174 37.45 -30.87 -2.44
C GLN A 174 38.16 -30.98 -1.08
N ALA A 175 39.00 -31.98 -0.87
CA ALA A 175 39.74 -32.22 0.40
C ALA A 175 40.81 -31.15 0.63
N MET A 176 41.57 -30.78 -0.41
CA MET A 176 42.66 -29.76 -0.36
C MET A 176 42.08 -28.37 -0.05
N ARG A 177 40.99 -28.00 -0.72
CA ARG A 177 40.20 -26.75 -0.48
C ARG A 177 39.88 -26.57 1.01
N LYS A 178 39.32 -27.61 1.64
CA LYS A 178 38.81 -27.58 3.03
C LYS A 178 39.96 -27.76 4.05
N LEU A 179 41.08 -28.37 3.67
CA LEU A 179 42.18 -28.73 4.61
C LEU A 179 43.23 -27.63 4.72
N ALA A 180 43.52 -26.91 3.61
CA ALA A 180 44.64 -25.94 3.49
C ALA A 180 44.58 -24.91 4.64
N GLY A 181 43.42 -24.25 4.79
CA GLY A 181 43.14 -23.23 5.82
C GLY A 181 43.26 -23.79 7.24
N ASN A 182 42.57 -24.90 7.52
CA ASN A 182 42.50 -25.54 8.86
C ASN A 182 43.90 -25.97 9.32
N LEU A 183 44.73 -26.49 8.40
CA LEU A 183 46.12 -26.93 8.69
C LEU A 183 46.99 -25.74 9.13
N LYS A 184 46.96 -24.64 8.37
CA LYS A 184 47.76 -23.40 8.62
C LYS A 184 47.38 -22.80 9.99
N GLN A 185 46.07 -22.65 10.24
CA GLN A 185 45.47 -22.06 11.46
C GLN A 185 45.98 -22.81 12.70
N SER A 186 45.92 -24.15 12.68
CA SER A 186 46.29 -25.07 13.79
C SER A 186 47.80 -25.31 13.82
N ASN A 187 48.52 -24.97 12.75
CA ASN A 187 49.98 -25.18 12.59
C ASN A 187 50.26 -26.69 12.61
N THR A 188 49.60 -27.43 11.71
CA THR A 188 49.61 -28.92 11.60
C THR A 188 50.24 -29.33 10.26
N LEU A 189 51.26 -30.21 10.30
CA LEU A 189 51.92 -30.79 9.10
C LEU A 189 51.13 -32.02 8.63
N LEU A 190 50.68 -32.05 7.38
CA LEU A 190 49.97 -33.22 6.75
C LEU A 190 50.87 -33.82 5.68
N ILE A 191 51.24 -35.10 5.81
CA ILE A 191 52.07 -35.87 4.83
C ILE A 191 51.16 -36.89 4.12
N PHE A 192 51.04 -36.79 2.79
CA PHE A 192 50.40 -37.81 1.91
C PHE A 192 51.48 -38.67 1.25
N ILE A 193 51.48 -39.99 1.50
CA ILE A 193 52.28 -40.98 0.73
C ILE A 193 51.46 -41.37 -0.51
N ASN A 194 52.12 -41.47 -1.68
CA ASN A 194 51.46 -41.74 -2.98
C ASN A 194 52.27 -42.81 -3.74
N GLN A 195 51.62 -43.52 -4.67
CA GLN A 195 52.22 -44.60 -5.49
C GLN A 195 52.38 -44.12 -6.94
N ILE A 196 53.38 -44.66 -7.64
CA ILE A 196 53.64 -44.38 -9.08
C ILE A 196 52.76 -45.30 -9.93
N ARG A 197 52.13 -44.74 -10.97
CA ARG A 197 51.43 -45.47 -12.06
C ARG A 197 52.10 -45.10 -13.39
N MET A 198 51.64 -45.69 -14.50
CA MET A 198 52.27 -45.55 -15.84
C MET A 198 51.25 -44.97 -16.83
N LYS A 199 51.64 -43.94 -17.58
CA LYS A 199 50.86 -43.39 -18.73
C LYS A 199 51.01 -44.34 -19.93
N ILE A 200 49.90 -44.60 -20.65
CA ILE A 200 49.86 -45.44 -21.88
C ILE A 200 49.59 -44.54 -23.09
N GLY A 201 50.31 -44.77 -24.20
CA GLY A 201 50.32 -43.91 -25.40
C GLY A 201 51.11 -42.63 -25.15
N VAL A 202 52.32 -42.76 -24.61
CA VAL A 202 53.22 -41.64 -24.21
C VAL A 202 54.56 -41.77 -24.95
N MET A 203 55.11 -40.64 -25.40
CA MET A 203 56.49 -40.51 -25.97
C MET A 203 57.20 -39.25 -25.41
N PHE A 204 56.47 -38.27 -24.86
CA PHE A 204 57.02 -37.01 -24.29
C PHE A 204 57.38 -37.23 -22.81
N GLY A 205 58.37 -36.48 -22.32
CA GLY A 205 58.80 -36.46 -20.91
C GLY A 205 59.18 -37.83 -20.40
N ASN A 206 58.37 -38.39 -19.47
CA ASN A 206 58.53 -39.76 -18.91
C ASN A 206 57.14 -40.37 -18.71
N PRO A 207 57.02 -41.72 -18.70
CA PRO A 207 55.70 -42.36 -18.56
C PRO A 207 55.16 -42.39 -17.11
N GLU A 208 55.99 -42.09 -16.11
CA GLU A 208 55.63 -42.19 -14.67
C GLU A 208 54.64 -41.07 -14.30
N THR A 209 53.55 -41.44 -13.61
CA THR A 209 52.47 -40.57 -13.09
C THR A 209 52.27 -40.87 -11.60
N THR A 210 51.48 -40.07 -10.89
CA THR A 210 51.00 -40.33 -9.51
C THR A 210 49.47 -40.47 -9.51
N THR A 211 48.91 -40.93 -8.39
CA THR A 211 47.48 -41.30 -8.21
C THR A 211 46.72 -40.13 -7.58
N GLY A 212 45.41 -40.05 -7.82
CA GLY A 212 44.47 -39.16 -7.12
C GLY A 212 44.33 -37.77 -7.73
N GLY A 213 44.82 -37.57 -8.96
CA GLY A 213 44.54 -36.35 -9.77
C GLY A 213 45.62 -35.29 -9.64
N ASN A 214 45.27 -34.04 -10.00
CA ASN A 214 46.22 -32.91 -10.18
C ASN A 214 46.27 -32.02 -8.93
N ALA A 215 45.21 -31.95 -8.13
CA ALA A 215 45.05 -31.01 -6.99
C ALA A 215 46.29 -31.04 -6.09
N LEU A 216 46.71 -32.23 -5.64
CA LEU A 216 47.80 -32.39 -4.65
C LEU A 216 49.12 -31.79 -5.16
N LYS A 217 49.37 -31.82 -6.47
CA LYS A 217 50.59 -31.21 -7.11
C LYS A 217 50.63 -29.70 -6.83
N PHE A 218 49.48 -29.02 -6.86
CA PHE A 218 49.35 -27.56 -6.67
C PHE A 218 49.53 -27.20 -5.19
N TYR A 219 48.74 -27.80 -4.30
CA TYR A 219 48.62 -27.42 -2.86
C TYR A 219 49.81 -27.88 -2.02
N ALA A 220 50.57 -28.88 -2.47
CA ALA A 220 51.77 -29.36 -1.74
C ALA A 220 52.84 -28.26 -1.76
N SER A 221 53.47 -28.03 -0.60
CA SER A 221 54.61 -27.09 -0.42
C SER A 221 55.95 -27.81 -0.63
N VAL A 222 56.00 -29.13 -0.42
CA VAL A 222 57.22 -29.98 -0.67
C VAL A 222 56.75 -31.29 -1.32
N ARG A 223 57.41 -31.73 -2.41
CA ARG A 223 57.15 -33.02 -3.09
C ARG A 223 58.48 -33.78 -3.19
N LEU A 224 58.59 -34.91 -2.48
CA LEU A 224 59.78 -35.79 -2.48
C LEU A 224 59.54 -36.96 -3.47
N ASP A 225 60.59 -37.33 -4.19
CA ASP A 225 60.67 -38.54 -5.06
C ASP A 225 61.75 -39.43 -4.44
N ILE A 226 61.36 -40.59 -3.88
CA ILE A 226 62.27 -41.53 -3.17
C ILE A 226 62.42 -42.80 -4.03
N ARG A 227 63.65 -43.33 -4.10
CA ARG A 227 64.01 -44.50 -4.96
C ARG A 227 65.12 -45.32 -4.30
N ARG A 228 65.10 -46.64 -4.53
CA ARG A 228 66.15 -47.60 -4.12
C ARG A 228 67.22 -47.67 -5.22
N ILE A 229 68.49 -47.43 -4.88
CA ILE A 229 69.62 -47.30 -5.86
C ILE A 229 70.69 -48.39 -5.63
N GLY A 230 70.40 -49.41 -4.81
CA GLY A 230 71.33 -50.52 -4.55
C GLY A 230 71.15 -51.14 -3.18
N ALA A 231 71.84 -52.26 -2.95
CA ALA A 231 71.84 -53.03 -1.68
C ALA A 231 73.05 -52.63 -0.82
N VAL A 232 72.92 -52.76 0.50
CA VAL A 232 74.01 -52.63 1.51
C VAL A 232 74.30 -54.05 2.02
N LYS A 233 75.53 -54.55 1.81
CA LYS A 233 75.92 -55.97 2.07
C LYS A 233 76.80 -56.05 3.32
N GLU A 234 76.89 -57.26 3.90
CA GLU A 234 77.82 -57.65 4.99
C GLU A 234 78.60 -58.88 4.51
N GLY A 235 79.17 -58.79 3.29
CA GLY A 235 79.80 -59.90 2.55
C GLY A 235 78.84 -60.52 1.56
N GLU A 236 77.72 -61.08 2.06
CA GLU A 236 76.70 -61.81 1.27
C GLU A 236 75.29 -61.40 1.74
N ASN A 237 75.03 -61.48 3.06
CA ASN A 237 73.78 -61.04 3.73
C ASN A 237 73.48 -59.57 3.37
N VAL A 238 72.38 -59.32 2.64
CA VAL A 238 71.86 -57.95 2.36
C VAL A 238 71.24 -57.39 3.67
N VAL A 239 71.95 -56.48 4.32
CA VAL A 239 71.63 -55.96 5.68
C VAL A 239 70.73 -54.71 5.56
N GLY A 240 70.77 -53.99 4.43
CA GLY A 240 70.01 -52.74 4.21
C GLY A 240 69.84 -52.37 2.75
N SER A 241 69.48 -51.11 2.50
CA SER A 241 69.07 -50.55 1.19
C SER A 241 69.66 -49.13 1.01
N GLU A 242 70.37 -48.88 -0.10
CA GLU A 242 70.90 -47.53 -0.48
C GLU A 242 69.78 -46.76 -1.18
N THR A 243 69.45 -45.57 -0.67
CA THR A 243 68.26 -44.76 -1.03
C THR A 243 68.71 -43.40 -1.59
N ARG A 244 67.93 -42.84 -2.53
CA ARG A 244 68.11 -41.46 -3.06
C ARG A 244 66.76 -40.72 -3.01
N VAL A 245 66.73 -39.53 -2.39
CA VAL A 245 65.53 -38.63 -2.32
C VAL A 245 65.81 -37.37 -3.15
N LYS A 246 65.01 -37.14 -4.20
CA LYS A 246 65.03 -35.89 -5.00
C LYS A 246 63.93 -34.95 -4.50
N VAL A 247 64.27 -33.68 -4.24
CA VAL A 247 63.27 -32.61 -3.94
C VAL A 247 62.74 -32.10 -5.28
N VAL A 248 61.52 -32.51 -5.65
CA VAL A 248 60.90 -32.29 -6.99
C VAL A 248 60.13 -30.97 -7.00
N LYS A 249 59.57 -30.55 -5.86
CA LYS A 249 58.93 -29.22 -5.65
C LYS A 249 59.34 -28.69 -4.27
N ASN A 250 59.52 -27.37 -4.15
CA ASN A 250 59.93 -26.71 -2.88
C ASN A 250 59.49 -25.24 -2.94
N LYS A 251 58.72 -24.80 -1.93
CA LYS A 251 58.15 -23.43 -1.81
C LYS A 251 58.82 -22.65 -0.67
N ILE A 252 59.78 -23.25 0.04
CA ILE A 252 60.39 -22.66 1.28
C ILE A 252 61.92 -22.58 1.13
N ALA A 253 62.44 -22.83 -0.09
CA ALA A 253 63.89 -22.91 -0.43
C ALA A 253 64.02 -23.32 -1.90
N ALA A 254 65.26 -23.44 -2.40
CA ALA A 254 65.59 -23.84 -3.79
C ALA A 254 65.24 -25.31 -4.00
N PRO A 255 64.56 -25.68 -5.11
CA PRO A 255 64.30 -27.09 -5.43
C PRO A 255 65.44 -27.82 -6.15
N PHE A 256 65.18 -29.07 -6.56
CA PHE A 256 66.01 -29.93 -7.44
C PHE A 256 67.37 -30.25 -6.80
N LYS A 257 67.46 -30.29 -5.47
CA LYS A 257 68.61 -30.83 -4.70
C LYS A 257 68.27 -32.26 -4.25
N GLN A 258 69.28 -33.12 -4.09
CA GLN A 258 69.09 -34.56 -3.78
C GLN A 258 69.91 -34.94 -2.53
N ALA A 259 69.53 -36.06 -1.91
CA ALA A 259 70.13 -36.63 -0.68
C ALA A 259 70.29 -38.15 -0.84
N GLU A 260 71.44 -38.70 -0.44
CA GLU A 260 71.76 -40.15 -0.51
C GLU A 260 72.10 -40.67 0.89
N PHE A 261 71.37 -41.67 1.36
CA PHE A 261 71.51 -42.31 2.70
C PHE A 261 71.12 -43.79 2.64
N GLN A 262 71.44 -44.52 3.70
CA GLN A 262 71.16 -45.98 3.86
C GLN A 262 69.98 -46.19 4.82
N ILE A 263 69.09 -47.12 4.48
CA ILE A 263 68.05 -47.69 5.39
C ILE A 263 68.48 -49.12 5.76
N LEU A 264 69.00 -49.29 6.98
CA LEU A 264 69.34 -50.62 7.57
C LEU A 264 68.06 -51.22 8.19
N TYR A 265 67.79 -52.50 7.93
CA TYR A 265 66.52 -53.20 8.28
C TYR A 265 66.48 -53.43 9.80
N GLY A 266 65.43 -52.90 10.46
CA GLY A 266 65.23 -52.92 11.91
C GLY A 266 65.65 -51.62 12.57
N GLU A 267 66.86 -51.14 12.25
CA GLU A 267 67.46 -49.89 12.79
C GLU A 267 66.72 -48.67 12.21
N GLY A 268 66.68 -48.56 10.88
CA GLY A 268 66.13 -47.42 10.13
C GLY A 268 67.20 -46.67 9.37
N ILE A 269 67.13 -45.34 9.34
CA ILE A 269 68.11 -44.45 8.63
C ILE A 269 69.43 -44.44 9.42
N ASN A 270 70.55 -44.64 8.73
CA ASN A 270 71.92 -44.66 9.30
C ASN A 270 72.43 -43.21 9.39
N PHE A 271 72.30 -42.60 10.57
CA PHE A 271 72.66 -41.19 10.85
C PHE A 271 74.18 -41.02 10.85
N TYR A 272 74.92 -41.92 11.50
CA TYR A 272 76.39 -41.87 11.67
C TYR A 272 77.09 -42.05 10.32
N GLY A 273 76.59 -42.96 9.46
CA GLY A 273 77.07 -43.17 8.07
C GLY A 273 76.92 -41.92 7.21
N GLU A 274 75.91 -41.10 7.49
CA GLU A 274 75.63 -39.79 6.81
C GLU A 274 76.64 -38.74 7.30
N LEU A 275 76.90 -38.72 8.60
CA LEU A 275 77.77 -37.73 9.31
C LEU A 275 79.23 -37.89 8.86
N VAL A 276 79.67 -39.12 8.60
CA VAL A 276 81.02 -39.46 8.04
C VAL A 276 81.12 -38.90 6.61
N ASP A 277 80.06 -39.05 5.81
CA ASP A 277 80.03 -38.69 4.37
C ASP A 277 79.98 -37.16 4.19
N LEU A 278 79.41 -36.43 5.15
CA LEU A 278 79.35 -34.95 5.19
C LEU A 278 80.60 -34.38 5.88
N GLY A 279 81.21 -35.15 6.79
CA GLY A 279 82.49 -34.80 7.44
C GLY A 279 83.65 -34.83 6.46
N VAL A 280 83.70 -35.81 5.57
CA VAL A 280 84.79 -36.01 4.56
C VAL A 280 84.67 -34.95 3.45
N LYS A 281 83.43 -34.61 3.04
CA LYS A 281 83.14 -33.62 1.96
C LYS A 281 83.50 -32.21 2.41
N GLU A 282 83.43 -31.92 3.72
CA GLU A 282 83.71 -30.58 4.32
C GLU A 282 85.18 -30.45 4.74
N LYS A 283 86.03 -31.44 4.42
CA LYS A 283 87.50 -31.45 4.66
C LYS A 283 87.81 -31.50 6.17
N LEU A 284 86.86 -31.97 6.99
CA LEU A 284 87.00 -32.10 8.47
C LEU A 284 87.54 -33.51 8.78
N ILE A 285 87.06 -34.52 8.06
CA ILE A 285 87.57 -35.93 8.06
C ILE A 285 88.48 -36.12 6.85
N GLU A 286 89.63 -36.76 7.05
CA GLU A 286 90.62 -37.11 5.99
C GLU A 286 90.32 -38.52 5.47
N LYS A 287 90.36 -38.73 4.15
CA LYS A 287 90.07 -40.03 3.47
C LYS A 287 91.29 -40.45 2.66
N ALA A 288 92.03 -41.45 3.16
CA ALA A 288 93.26 -42.02 2.54
C ALA A 288 92.91 -43.36 1.86
N GLY A 289 92.17 -43.30 0.75
CA GLY A 289 91.80 -44.46 -0.07
C GLY A 289 90.79 -45.37 0.61
N ALA A 290 91.27 -46.41 1.30
CA ALA A 290 90.45 -47.49 1.91
C ALA A 290 90.22 -47.25 3.41
N TRP A 291 90.86 -46.23 4.01
CA TRP A 291 90.63 -45.86 5.44
C TRP A 291 90.42 -44.35 5.61
N TYR A 292 89.62 -44.00 6.62
CA TYR A 292 89.24 -42.62 7.02
C TYR A 292 89.96 -42.27 8.32
N SER A 293 90.40 -41.02 8.47
CA SER A 293 91.14 -40.48 9.64
C SER A 293 90.57 -39.10 10.05
N TYR A 294 90.55 -38.81 11.35
CA TYR A 294 90.07 -37.53 11.93
C TYR A 294 91.10 -37.00 12.94
N LYS A 295 91.69 -35.82 12.65
CA LYS A 295 92.73 -35.14 13.48
C LYS A 295 93.96 -36.04 13.64
N GLY A 296 94.28 -36.84 12.61
CA GLY A 296 95.40 -37.81 12.62
C GLY A 296 94.95 -39.21 13.02
N GLU A 297 94.11 -39.32 14.05
CA GLU A 297 93.53 -40.61 14.56
C GLU A 297 92.81 -41.33 13.41
N LYS A 298 93.22 -42.57 13.12
CA LYS A 298 92.57 -43.46 12.11
C LYS A 298 91.29 -44.04 12.73
N ILE A 299 90.14 -43.54 12.30
CA ILE A 299 88.81 -43.87 12.90
C ILE A 299 88.23 -45.16 12.27
N GLY A 300 88.84 -45.70 11.21
CA GLY A 300 88.47 -47.03 10.68
C GLY A 300 88.98 -47.28 9.26
N GLN A 301 88.91 -48.55 8.84
CA GLN A 301 89.19 -49.03 7.46
C GLN A 301 87.85 -49.24 6.73
N GLY A 302 87.49 -48.32 5.84
CA GLY A 302 86.20 -48.30 5.14
C GLY A 302 85.17 -47.44 5.87
N LYS A 303 83.96 -47.32 5.31
CA LYS A 303 82.87 -46.46 5.83
C LYS A 303 82.21 -47.13 7.06
N ALA A 304 82.06 -48.46 7.03
CA ALA A 304 81.39 -49.27 8.08
C ALA A 304 82.17 -49.19 9.39
N ASN A 305 83.51 -49.31 9.34
CA ASN A 305 84.42 -49.27 10.51
C ASN A 305 84.44 -47.85 11.10
N ALA A 306 84.41 -46.82 10.26
CA ALA A 306 84.36 -45.39 10.64
C ALA A 306 83.05 -45.10 11.36
N THR A 307 81.93 -45.61 10.84
CA THR A 307 80.55 -45.48 11.42
C THR A 307 80.50 -46.16 12.80
N ALA A 308 81.18 -47.31 12.94
CA ALA A 308 81.26 -48.10 14.19
C ALA A 308 82.04 -47.34 15.27
N TRP A 309 83.10 -46.62 14.88
CA TRP A 309 83.93 -45.76 15.78
C TRP A 309 83.09 -44.59 16.30
N LEU A 310 82.39 -43.87 15.40
CA LEU A 310 81.52 -42.70 15.74
C LEU A 310 80.40 -43.12 16.70
N LYS A 311 79.94 -44.38 16.62
CA LYS A 311 78.91 -44.96 17.53
C LYS A 311 79.53 -45.23 18.91
N ASP A 312 80.80 -45.65 18.96
CA ASP A 312 81.56 -45.91 20.22
C ASP A 312 81.90 -44.58 20.92
N ASN A 313 82.13 -43.50 20.16
CA ASN A 313 82.57 -42.17 20.66
C ASN A 313 81.49 -41.12 20.33
N PRO A 314 80.48 -40.92 21.20
CA PRO A 314 79.48 -39.86 20.98
C PRO A 314 80.01 -38.43 21.06
N GLU A 315 81.15 -38.19 21.73
CA GLU A 315 81.74 -36.85 21.97
C GLU A 315 82.25 -36.25 20.65
N THR A 316 83.11 -36.99 19.93
CA THR A 316 83.69 -36.58 18.62
C THR A 316 82.59 -36.55 17.54
N ALA A 317 81.54 -37.36 17.70
CA ALA A 317 80.32 -37.33 16.85
C ALA A 317 79.51 -36.07 17.15
N LYS A 318 79.40 -35.70 18.43
CA LYS A 318 78.74 -34.44 18.91
C LYS A 318 79.46 -33.23 18.30
N GLU A 319 80.81 -33.24 18.33
CA GLU A 319 81.72 -32.18 17.84
C GLU A 319 81.49 -31.95 16.33
N ILE A 320 81.63 -33.00 15.53
CA ILE A 320 81.50 -32.95 14.03
C ILE A 320 80.07 -32.54 13.66
N GLU A 321 79.06 -32.99 14.41
CA GLU A 321 77.62 -32.65 14.19
C GLU A 321 77.42 -31.13 14.29
N LYS A 322 77.92 -30.50 15.36
CA LYS A 322 77.77 -29.05 15.64
C LYS A 322 78.30 -28.23 14.45
N LYS A 323 79.56 -28.46 14.06
CA LYS A 323 80.28 -27.63 13.05
C LYS A 323 79.70 -27.88 11.66
N VAL A 324 79.45 -29.15 11.28
CA VAL A 324 78.84 -29.53 9.96
C VAL A 324 77.47 -28.86 9.83
N ARG A 325 76.64 -28.95 10.87
CA ARG A 325 75.28 -28.33 10.93
C ARG A 325 75.40 -26.83 10.64
N GLU A 326 76.17 -26.12 11.47
CA GLU A 326 76.34 -24.64 11.45
C GLU A 326 76.96 -24.19 10.11
N LEU A 327 77.88 -24.98 9.55
CA LEU A 327 78.57 -24.70 8.26
C LEU A 327 77.56 -24.71 7.10
N LEU A 328 76.75 -25.77 6.98
CA LEU A 328 75.99 -26.11 5.75
C LEU A 328 74.55 -25.60 5.81
N LEU A 329 73.87 -25.71 6.96
CA LEU A 329 72.43 -25.31 7.12
C LEU A 329 72.26 -23.84 6.70
N SER A 330 71.49 -23.60 5.63
CA SER A 330 71.26 -22.27 4.99
C SER A 330 70.40 -21.36 5.89
N ASN A 331 69.42 -21.95 6.59
CA ASN A 331 68.51 -21.25 7.55
C ASN A 331 68.70 -21.86 8.93
N PRO A 332 69.72 -21.41 9.72
CA PRO A 332 69.85 -21.80 11.12
C PRO A 332 68.55 -21.59 11.93
N ASN A 333 68.03 -22.67 12.53
CA ASN A 333 66.73 -22.69 13.27
C ASN A 333 66.89 -21.97 14.62
N SER A 334 65.77 -21.66 15.27
CA SER A 334 65.69 -20.99 16.60
C SER A 334 66.25 -21.92 17.68
N ALA B 2 16.24 22.61 -40.08
CA ALA B 2 14.98 22.99 -39.36
C ALA B 2 14.57 21.90 -38.35
N ILE B 3 14.50 20.65 -38.80
CA ILE B 3 14.13 19.46 -37.96
C ILE B 3 15.32 19.11 -37.04
N ASP B 4 16.56 19.29 -37.53
CA ASP B 4 17.83 19.08 -36.78
C ASP B 4 17.80 19.84 -35.45
N GLU B 5 17.27 21.07 -35.45
CA GLU B 5 17.26 22.00 -34.29
C GLU B 5 16.45 21.41 -33.13
N ASN B 6 15.22 20.96 -33.40
CA ASN B 6 14.29 20.37 -32.40
C ASN B 6 14.91 19.10 -31.79
N LYS B 7 15.64 18.32 -32.59
CA LYS B 7 16.31 17.07 -32.15
C LYS B 7 17.52 17.41 -31.26
N GLN B 8 18.28 18.45 -31.58
CA GLN B 8 19.43 18.93 -30.75
C GLN B 8 18.93 19.38 -29.37
N LYS B 9 17.79 20.06 -29.32
CA LYS B 9 17.15 20.56 -28.06
C LYS B 9 16.65 19.38 -27.23
N ALA B 10 15.85 18.50 -27.84
CA ALA B 10 15.34 17.24 -27.23
C ALA B 10 16.49 16.48 -26.59
N LEU B 11 17.62 16.34 -27.30
CA LEU B 11 18.84 15.61 -26.81
C LEU B 11 19.42 16.33 -25.59
N ALA B 12 19.62 17.65 -25.71
CA ALA B 12 20.19 18.53 -24.66
C ALA B 12 19.36 18.43 -23.37
N ALA B 13 18.02 18.47 -23.49
CA ALA B 13 17.07 18.35 -22.36
C ALA B 13 17.22 16.99 -21.66
N ALA B 14 17.15 15.90 -22.43
CA ALA B 14 17.31 14.50 -21.99
C ALA B 14 18.66 14.32 -21.28
N LEU B 15 19.74 14.83 -21.87
CA LEU B 15 21.11 14.79 -21.27
C LEU B 15 21.10 15.53 -19.93
N GLY B 16 20.42 16.69 -19.87
CA GLY B 16 20.24 17.47 -18.63
C GLY B 16 19.52 16.69 -17.55
N GLN B 17 18.39 16.07 -17.88
CA GLN B 17 17.54 15.27 -16.95
C GLN B 17 18.33 14.09 -16.38
N ILE B 18 19.11 13.38 -17.21
CA ILE B 18 19.93 12.21 -16.77
C ILE B 18 20.97 12.71 -15.76
N GLU B 19 21.69 13.78 -16.09
CA GLU B 19 22.81 14.32 -15.25
C GLU B 19 22.26 14.79 -13.89
N LYS B 20 21.07 15.39 -13.88
CA LYS B 20 20.34 15.75 -12.64
C LYS B 20 20.09 14.50 -11.78
N GLN B 21 19.41 13.50 -12.35
CA GLN B 21 18.87 12.31 -11.64
C GLN B 21 20.00 11.42 -11.09
N PHE B 22 21.14 11.32 -11.80
CA PHE B 22 22.20 10.32 -11.50
C PHE B 22 23.57 10.94 -11.21
N GLY B 23 23.78 12.24 -11.45
CA GLY B 23 25.05 12.93 -11.15
C GLY B 23 25.73 13.47 -12.39
N LYS B 24 26.85 14.16 -12.21
CA LYS B 24 27.47 15.04 -13.23
C LYS B 24 28.03 14.21 -14.40
N GLY B 25 28.82 13.17 -14.13
CA GLY B 25 29.53 12.39 -15.17
C GLY B 25 28.74 11.19 -15.67
N SER B 26 27.41 11.18 -15.51
CA SER B 26 26.51 10.02 -15.76
C SER B 26 26.46 9.69 -17.26
N ILE B 27 26.43 10.70 -18.12
CA ILE B 27 26.46 10.54 -19.60
C ILE B 27 27.27 11.68 -20.23
N MET B 28 28.30 11.33 -20.99
CA MET B 28 29.20 12.28 -21.71
C MET B 28 29.46 11.74 -23.12
N ARG B 29 29.99 12.59 -24.00
CA ARG B 29 30.60 12.16 -25.28
C ARG B 29 31.91 11.41 -24.99
N LEU B 30 32.13 10.28 -25.67
CA LEU B 30 33.23 9.32 -25.37
C LEU B 30 34.60 9.97 -25.55
N GLY B 31 34.73 10.82 -26.57
CA GLY B 31 35.97 11.57 -26.89
C GLY B 31 36.40 12.52 -25.79
N GLU B 32 35.45 13.10 -25.05
CA GLU B 32 35.75 14.13 -24.00
C GLU B 32 35.77 13.50 -22.59
N ASP B 33 35.71 12.16 -22.46
CA ASP B 33 35.75 11.43 -21.17
C ASP B 33 37.17 10.89 -20.94
N ARG B 34 37.90 11.47 -19.99
CA ARG B 34 39.33 11.15 -19.69
C ARG B 34 39.43 9.96 -18.73
N SER B 35 38.39 9.69 -17.93
CA SER B 35 38.30 8.49 -17.05
C SER B 35 38.38 7.19 -17.88
N MET B 36 38.00 7.26 -19.16
CA MET B 36 37.88 6.13 -20.12
C MET B 36 39.23 5.77 -20.76
N ASP B 37 40.28 6.55 -20.54
CA ASP B 37 41.64 6.28 -21.12
C ASP B 37 42.30 5.12 -20.39
N VAL B 38 43.02 4.28 -21.12
CA VAL B 38 43.74 3.09 -20.60
C VAL B 38 45.14 3.51 -20.11
N GLU B 39 45.34 3.49 -18.80
CA GLU B 39 46.65 3.62 -18.11
C GLU B 39 47.15 2.21 -17.78
N THR B 40 48.46 1.95 -17.94
CA THR B 40 49.12 0.64 -17.70
C THR B 40 50.23 0.77 -16.65
N ILE B 41 50.59 -0.35 -16.01
CA ILE B 41 51.79 -0.48 -15.12
C ILE B 41 52.64 -1.67 -15.57
N SER B 42 53.92 -1.65 -15.20
CA SER B 42 54.95 -2.64 -15.62
C SER B 42 54.63 -4.02 -15.03
N THR B 43 55.12 -5.08 -15.69
CA THR B 43 55.04 -6.49 -15.23
C THR B 43 56.36 -6.96 -14.61
N GLY B 44 57.44 -6.17 -14.74
CA GLY B 44 58.80 -6.58 -14.31
C GLY B 44 59.60 -7.22 -15.42
N SER B 45 58.93 -7.84 -16.41
CA SER B 45 59.52 -8.40 -17.65
C SER B 45 59.31 -7.42 -18.81
N LEU B 46 60.39 -7.03 -19.49
CA LEU B 46 60.33 -6.11 -20.67
C LEU B 46 59.67 -6.83 -21.85
N SER B 47 60.00 -8.11 -22.07
CA SER B 47 59.44 -8.94 -23.18
C SER B 47 57.92 -9.11 -23.01
N LEU B 48 57.40 -9.18 -21.79
CA LEU B 48 55.95 -9.30 -21.49
C LEU B 48 55.28 -7.95 -21.78
N ASP B 49 55.90 -6.84 -21.39
CA ASP B 49 55.40 -5.46 -21.64
C ASP B 49 55.22 -5.22 -23.15
N ILE B 50 56.09 -5.79 -23.99
CA ILE B 50 56.00 -5.72 -25.49
C ILE B 50 54.86 -6.61 -25.99
N ALA B 51 54.76 -7.85 -25.48
CA ALA B 51 53.74 -8.85 -25.87
C ALA B 51 52.32 -8.33 -25.56
N LEU B 52 52.15 -7.60 -24.46
CA LEU B 52 50.84 -7.03 -24.04
C LEU B 52 50.43 -5.88 -24.95
N GLY B 53 51.39 -5.25 -25.63
CA GLY B 53 51.13 -4.28 -26.71
C GLY B 53 51.08 -2.85 -26.22
N ALA B 54 50.29 -2.58 -25.16
CA ALA B 54 50.07 -1.24 -24.57
C ALA B 54 51.07 -0.96 -23.42
N GLY B 55 52.12 -1.75 -23.28
CA GLY B 55 53.26 -1.44 -22.39
C GLY B 55 53.14 -2.03 -20.99
N GLY B 56 52.05 -2.73 -20.67
CA GLY B 56 51.87 -3.36 -19.35
C GLY B 56 50.43 -3.76 -19.07
N LEU B 57 50.11 -4.00 -17.81
CA LEU B 57 48.77 -4.44 -17.35
C LEU B 57 47.89 -3.22 -17.08
N PRO B 58 46.61 -3.21 -17.52
CA PRO B 58 45.74 -2.05 -17.38
C PRO B 58 45.15 -1.81 -15.99
N MET B 59 45.25 -0.58 -15.49
CA MET B 59 44.62 -0.14 -14.21
C MET B 59 43.09 -0.11 -14.38
N GLY B 60 42.35 -0.43 -13.32
CA GLY B 60 40.87 -0.38 -13.26
C GLY B 60 40.19 -1.61 -13.85
N ARG B 61 40.96 -2.68 -14.14
CA ARG B 61 40.48 -3.89 -14.84
C ARG B 61 40.79 -5.14 -14.03
N ILE B 62 40.24 -6.26 -14.47
CA ILE B 62 40.46 -7.64 -13.94
C ILE B 62 41.44 -8.37 -14.88
N VAL B 63 42.40 -9.10 -14.31
CA VAL B 63 43.42 -9.90 -15.05
C VAL B 63 43.46 -11.33 -14.48
N GLU B 64 43.65 -12.33 -15.32
CA GLU B 64 43.76 -13.76 -14.92
C GLU B 64 45.12 -14.30 -15.36
N ILE B 65 45.85 -14.93 -14.44
CA ILE B 65 47.12 -15.66 -14.76
C ILE B 65 46.88 -17.12 -14.39
N TYR B 66 47.02 -18.06 -15.34
CA TYR B 66 46.84 -19.51 -15.07
C TYR B 66 48.01 -20.32 -15.63
N GLY B 67 48.15 -21.55 -15.12
CA GLY B 67 49.16 -22.49 -15.64
C GLY B 67 49.30 -23.74 -14.77
N PRO B 68 50.20 -24.67 -15.15
CA PRO B 68 50.46 -25.86 -14.36
C PRO B 68 51.28 -25.53 -13.11
N GLU B 69 51.46 -26.55 -12.26
CA GLU B 69 52.21 -26.46 -10.97
C GLU B 69 53.64 -25.96 -11.22
N SER B 70 54.14 -25.10 -10.33
CA SER B 70 55.54 -24.61 -10.29
C SER B 70 55.94 -23.93 -11.61
N SER B 71 55.01 -23.23 -12.26
CA SER B 71 55.21 -22.57 -13.58
C SER B 71 55.70 -21.14 -13.39
N GLY B 72 55.55 -20.57 -12.19
CA GLY B 72 56.04 -19.21 -11.83
C GLY B 72 54.93 -18.17 -11.64
N LYS B 73 53.69 -18.58 -11.39
CA LYS B 73 52.51 -17.67 -11.30
C LYS B 73 52.65 -16.68 -10.14
N THR B 74 52.93 -17.17 -8.93
CA THR B 74 53.10 -16.35 -7.69
C THR B 74 54.29 -15.40 -7.87
N THR B 75 55.45 -15.92 -8.28
CA THR B 75 56.69 -15.13 -8.54
C THR B 75 56.38 -13.97 -9.50
N LEU B 76 55.61 -14.20 -10.58
CA LEU B 76 55.29 -13.14 -11.57
C LEU B 76 54.45 -12.05 -10.93
N THR B 77 53.46 -12.39 -10.09
CA THR B 77 52.58 -11.40 -9.42
C THR B 77 53.35 -10.63 -8.34
N LEU B 78 54.37 -11.22 -7.70
CA LEU B 78 55.19 -10.49 -6.69
C LEU B 78 56.14 -9.50 -7.40
N GLN B 79 56.57 -9.79 -8.63
CA GLN B 79 57.36 -8.84 -9.46
C GLN B 79 56.48 -7.64 -9.89
N VAL B 80 55.19 -7.85 -10.18
CA VAL B 80 54.23 -6.74 -10.49
C VAL B 80 54.10 -5.82 -9.28
N ILE B 81 53.87 -6.39 -8.09
CA ILE B 81 53.73 -5.66 -6.80
C ILE B 81 55.02 -4.88 -6.51
N ALA B 82 56.18 -5.51 -6.67
CA ALA B 82 57.50 -4.89 -6.41
C ALA B 82 57.68 -3.64 -7.28
N ALA B 83 57.41 -3.73 -8.59
CA ALA B 83 57.50 -2.62 -9.56
C ALA B 83 56.54 -1.48 -9.21
N ALA B 84 55.31 -1.80 -8.79
CA ALA B 84 54.26 -0.81 -8.45
C ALA B 84 54.63 -0.06 -7.16
N GLN B 85 55.15 -0.78 -6.14
CA GLN B 85 55.60 -0.20 -4.85
C GLN B 85 56.72 0.83 -5.10
N ARG B 86 57.65 0.53 -6.00
CA ARG B 86 58.78 1.42 -6.42
C ARG B 86 58.26 2.74 -7.01
N GLU B 87 57.05 2.76 -7.59
CA GLU B 87 56.36 3.97 -8.11
C GLU B 87 55.36 4.52 -7.07
N GLY B 88 55.56 4.20 -5.78
CA GLY B 88 54.75 4.69 -4.65
C GLY B 88 53.27 4.37 -4.81
N LYS B 89 52.95 3.10 -5.06
CA LYS B 89 51.56 2.56 -5.06
C LYS B 89 51.39 1.59 -3.88
N THR B 90 50.17 1.50 -3.34
CA THR B 90 49.78 0.61 -2.23
C THR B 90 49.26 -0.71 -2.81
N CYS B 91 49.63 -1.84 -2.21
CA CYS B 91 49.33 -3.20 -2.73
C CYS B 91 48.82 -4.12 -1.61
N ALA B 92 47.88 -5.00 -1.97
CA ALA B 92 47.29 -6.04 -1.09
C ALA B 92 47.55 -7.43 -1.69
N PHE B 93 47.66 -8.46 -0.85
CA PHE B 93 47.84 -9.88 -1.25
C PHE B 93 46.89 -10.77 -0.45
N ILE B 94 45.81 -11.26 -1.09
CA ILE B 94 44.83 -12.22 -0.50
C ILE B 94 45.36 -13.65 -0.76
N ASP B 95 45.85 -14.33 0.29
CA ASP B 95 46.55 -15.64 0.20
C ASP B 95 45.60 -16.77 0.63
N ALA B 96 44.66 -17.15 -0.24
CA ALA B 96 43.66 -18.22 -0.03
C ALA B 96 44.31 -19.61 -0.05
N GLU B 97 45.48 -19.77 -0.65
CA GLU B 97 46.27 -21.04 -0.66
C GLU B 97 46.95 -21.27 0.69
N HIS B 98 47.19 -20.20 1.46
CA HIS B 98 47.90 -20.22 2.77
C HIS B 98 49.33 -20.74 2.57
N ALA B 99 50.04 -20.23 1.56
CA ALA B 99 51.37 -20.74 1.13
C ALA B 99 52.35 -19.63 0.75
N LEU B 100 52.12 -18.36 1.12
CA LEU B 100 53.07 -17.25 0.83
C LEU B 100 54.20 -17.24 1.87
N ASP B 101 55.46 -17.22 1.41
CA ASP B 101 56.68 -17.04 2.23
C ASP B 101 57.11 -15.57 2.15
N PRO B 102 57.08 -14.80 3.26
CA PRO B 102 57.48 -13.39 3.22
C PRO B 102 58.99 -13.13 3.04
N ILE B 103 59.87 -14.07 3.41
CA ILE B 103 61.35 -13.93 3.22
C ILE B 103 61.66 -13.96 1.71
N TYR B 104 61.04 -14.87 0.95
CA TYR B 104 61.19 -14.97 -0.53
C TYR B 104 60.62 -13.70 -1.18
N ALA B 105 59.49 -13.18 -0.71
CA ALA B 105 58.86 -11.94 -1.22
C ALA B 105 59.84 -10.77 -1.09
N ARG B 106 60.57 -10.67 0.04
CA ARG B 106 61.59 -9.62 0.30
C ARG B 106 62.75 -9.76 -0.71
N LYS B 107 63.22 -10.99 -0.95
CA LYS B 107 64.33 -11.28 -1.89
C LYS B 107 63.99 -10.86 -3.33
N LEU B 108 62.70 -10.92 -3.72
CA LEU B 108 62.22 -10.55 -5.08
C LEU B 108 62.09 -9.02 -5.21
N GLY B 109 62.10 -8.29 -4.09
CA GLY B 109 62.14 -6.81 -4.05
C GLY B 109 60.87 -6.18 -3.51
N VAL B 110 59.97 -6.96 -2.90
CA VAL B 110 58.69 -6.43 -2.33
C VAL B 110 59.03 -5.76 -0.99
N ASP B 111 58.43 -4.59 -0.74
CA ASP B 111 58.43 -3.91 0.58
C ASP B 111 57.41 -4.62 1.48
N ILE B 112 57.90 -5.57 2.29
CA ILE B 112 57.08 -6.48 3.14
C ILE B 112 56.30 -5.64 4.15
N ASP B 113 56.91 -4.56 4.66
CA ASP B 113 56.37 -3.71 5.76
C ASP B 113 55.12 -2.93 5.31
N ASN B 114 54.95 -2.67 4.01
CA ASN B 114 53.81 -1.89 3.46
C ASN B 114 52.80 -2.79 2.72
N LEU B 115 53.16 -4.05 2.43
CA LEU B 115 52.27 -5.04 1.73
C LEU B 115 51.14 -5.44 2.69
N LEU B 116 49.89 -5.10 2.37
CA LEU B 116 48.70 -5.59 3.14
C LEU B 116 48.45 -7.06 2.80
N CYS B 117 48.44 -7.95 3.80
CA CYS B 117 48.23 -9.42 3.61
C CYS B 117 47.01 -9.89 4.41
N SER B 118 46.27 -10.85 3.84
CA SER B 118 45.06 -11.48 4.42
C SER B 118 45.06 -12.98 4.10
N GLN B 119 44.76 -13.83 5.08
CA GLN B 119 44.64 -15.31 4.93
C GLN B 119 43.22 -15.72 5.30
N PRO B 120 42.22 -15.51 4.41
CA PRO B 120 40.81 -15.66 4.77
C PRO B 120 40.38 -17.12 4.92
N ASP B 121 39.25 -17.32 5.61
CA ASP B 121 38.74 -18.66 6.01
C ASP B 121 37.87 -19.23 4.88
N THR B 122 37.03 -18.39 4.26
CA THR B 122 36.09 -18.77 3.19
C THR B 122 36.34 -17.95 1.92
N GLY B 123 35.78 -18.42 0.80
CA GLY B 123 35.75 -17.71 -0.49
C GLY B 123 35.01 -16.39 -0.41
N GLU B 124 33.87 -16.34 0.30
CA GLU B 124 33.02 -15.13 0.44
C GLU B 124 33.78 -14.04 1.19
N GLN B 125 34.42 -14.38 2.31
CA GLN B 125 35.27 -13.45 3.11
C GLN B 125 36.34 -12.82 2.20
N ALA B 126 37.05 -13.64 1.42
CA ALA B 126 38.13 -13.20 0.49
C ALA B 126 37.62 -12.17 -0.52
N LEU B 127 36.44 -12.39 -1.11
CA LEU B 127 35.86 -11.50 -2.16
C LEU B 127 35.21 -10.26 -1.52
N GLU B 128 34.77 -10.34 -0.26
CA GLU B 128 34.22 -9.15 0.47
C GLU B 128 35.37 -8.21 0.85
N ILE B 129 36.56 -8.73 1.15
CA ILE B 129 37.77 -7.90 1.42
C ILE B 129 38.19 -7.18 0.13
N CYS B 130 38.18 -7.86 -1.03
CA CYS B 130 38.45 -7.27 -2.37
C CYS B 130 37.49 -6.10 -2.66
N ASP B 131 36.20 -6.27 -2.37
CA ASP B 131 35.16 -5.22 -2.61
C ASP B 131 35.42 -4.02 -1.69
N ALA B 132 35.67 -4.27 -0.40
CA ALA B 132 35.98 -3.25 0.63
C ALA B 132 37.23 -2.43 0.26
N LEU B 133 38.32 -3.09 -0.16
CA LEU B 133 39.59 -2.42 -0.54
C LEU B 133 39.44 -1.65 -1.86
N ALA B 134 38.63 -2.15 -2.81
CA ALA B 134 38.30 -1.44 -4.07
C ALA B 134 37.59 -0.13 -3.73
N ARG B 135 36.43 -0.19 -3.05
CA ARG B 135 35.57 0.98 -2.69
C ARG B 135 36.37 2.04 -1.90
N SER B 136 37.33 1.62 -1.08
CA SER B 136 38.20 2.49 -0.23
C SER B 136 38.86 3.60 -1.08
N GLY B 137 39.38 3.25 -2.25
CA GLY B 137 40.08 4.17 -3.16
C GLY B 137 41.58 4.27 -2.86
N ALA B 138 42.08 3.56 -1.84
CA ALA B 138 43.44 3.75 -1.27
C ALA B 138 44.38 2.57 -1.59
N VAL B 139 43.99 1.67 -2.50
CA VAL B 139 44.80 0.49 -2.92
C VAL B 139 44.84 0.43 -4.44
N ASP B 140 46.03 0.17 -5.00
CA ASP B 140 46.30 0.22 -6.46
C ASP B 140 46.29 -1.18 -7.08
N VAL B 141 46.86 -2.18 -6.38
CA VAL B 141 47.04 -3.56 -6.89
C VAL B 141 46.59 -4.55 -5.82
N ILE B 142 45.62 -5.40 -6.14
CA ILE B 142 45.17 -6.57 -5.31
C ILE B 142 45.49 -7.85 -6.06
N VAL B 143 46.18 -8.80 -5.41
CA VAL B 143 46.41 -10.17 -5.95
C VAL B 143 45.57 -11.15 -5.12
N VAL B 144 44.86 -12.08 -5.78
CA VAL B 144 44.09 -13.18 -5.14
C VAL B 144 44.75 -14.52 -5.52
N ASP B 145 45.51 -15.13 -4.61
CA ASP B 145 46.31 -16.34 -4.94
C ASP B 145 45.42 -17.61 -4.82
N SER B 146 45.10 -18.14 -6.00
CA SER B 146 44.24 -19.29 -6.36
C SER B 146 42.77 -18.95 -6.09
N VAL B 147 42.05 -18.70 -7.18
CA VAL B 147 40.59 -18.96 -7.38
C VAL B 147 40.25 -20.39 -6.92
N ALA B 148 41.11 -21.37 -7.20
CA ALA B 148 40.89 -22.81 -6.89
C ALA B 148 40.63 -23.02 -5.39
N ALA B 149 41.25 -22.20 -4.54
CA ALA B 149 41.17 -22.30 -3.06
C ALA B 149 40.12 -21.34 -2.48
N LEU B 150 39.22 -20.79 -3.29
CA LEU B 150 38.11 -19.90 -2.84
C LEU B 150 36.88 -20.78 -2.56
N THR B 151 36.88 -21.47 -1.42
CA THR B 151 35.83 -22.45 -1.01
C THR B 151 34.61 -21.69 -0.50
N PRO B 152 33.38 -21.91 -1.03
CA PRO B 152 32.17 -21.31 -0.46
C PRO B 152 31.91 -21.80 0.97
N LYS B 153 31.09 -21.05 1.73
CA LYS B 153 30.86 -21.25 3.19
C LYS B 153 30.18 -22.61 3.43
N ALA B 154 29.16 -22.92 2.63
CA ALA B 154 28.36 -24.17 2.68
C ALA B 154 29.25 -25.42 2.52
N GLU B 155 30.31 -25.34 1.71
CA GLU B 155 31.24 -26.48 1.42
C GLU B 155 32.20 -26.70 2.60
N ILE B 156 32.55 -25.65 3.34
CA ILE B 156 33.43 -25.73 4.55
C ILE B 156 32.64 -26.29 5.73
N GLU B 157 31.37 -25.90 5.87
CA GLU B 157 30.46 -26.35 6.97
C GLU B 157 30.05 -27.82 6.72
N GLY B 158 29.74 -28.17 5.46
CA GLY B 158 29.46 -29.55 5.03
C GLY B 158 30.68 -30.46 5.18
N GLU B 159 30.53 -31.76 4.91
CA GLU B 159 31.61 -32.78 5.08
C GLU B 159 32.07 -33.26 3.70
N ILE B 160 33.28 -33.84 3.66
CA ILE B 160 33.98 -34.30 2.41
C ILE B 160 33.16 -35.43 1.79
N GLY B 161 32.82 -35.29 0.50
CA GLY B 161 31.91 -36.19 -0.24
C GLY B 161 30.62 -35.50 -0.63
N ASP B 162 30.12 -34.57 0.20
CA ASP B 162 28.87 -33.79 -0.05
C ASP B 162 29.00 -33.02 -1.37
N SER B 163 27.99 -33.10 -2.24
CA SER B 163 27.94 -32.46 -3.58
C SER B 163 27.40 -31.03 -3.46
N HIS B 164 28.16 -30.05 -3.95
CA HIS B 164 27.79 -28.62 -4.03
C HIS B 164 28.02 -28.11 -5.47
N MET B 165 27.35 -28.74 -6.45
CA MET B 165 27.62 -28.52 -7.90
C MET B 165 27.20 -27.10 -8.30
N GLY B 166 28.14 -26.37 -8.93
CA GLY B 166 27.94 -25.02 -9.50
C GLY B 166 27.91 -23.93 -8.44
N LEU B 167 28.29 -24.22 -7.19
CA LEU B 167 28.18 -23.28 -6.06
C LEU B 167 29.32 -22.24 -6.13
N ALA B 168 30.55 -22.70 -6.38
CA ALA B 168 31.75 -21.85 -6.55
C ALA B 168 31.59 -20.98 -7.81
N ALA B 169 31.13 -21.58 -8.92
CA ALA B 169 30.82 -20.88 -10.18
C ALA B 169 29.80 -19.77 -9.94
N ARG B 170 28.77 -20.02 -9.14
CA ARG B 170 27.68 -19.04 -8.86
C ARG B 170 28.24 -17.88 -8.03
N MET B 171 29.13 -18.17 -7.08
CA MET B 171 29.82 -17.15 -6.22
C MET B 171 30.69 -16.24 -7.09
N MET B 172 31.45 -16.80 -8.02
CA MET B 172 32.35 -16.01 -8.91
C MET B 172 31.54 -15.12 -9.86
N SER B 173 30.43 -15.60 -10.41
CA SER B 173 29.50 -14.79 -11.26
C SER B 173 28.98 -13.58 -10.48
N GLN B 174 28.61 -13.75 -9.21
CA GLN B 174 28.10 -12.65 -8.35
C GLN B 174 29.23 -11.65 -8.06
N ALA B 175 30.44 -12.13 -7.76
CA ALA B 175 31.64 -11.33 -7.43
C ALA B 175 32.02 -10.40 -8.60
N MET B 176 32.08 -10.93 -9.83
CA MET B 176 32.41 -10.16 -11.06
C MET B 176 31.43 -9.00 -11.24
N ARG B 177 30.12 -9.28 -11.25
CA ARG B 177 29.00 -8.29 -11.35
C ARG B 177 29.23 -7.11 -10.37
N LYS B 178 29.60 -7.41 -9.12
CA LYS B 178 29.78 -6.42 -8.02
C LYS B 178 31.13 -5.68 -8.16
N LEU B 179 32.23 -6.40 -8.44
CA LEU B 179 33.62 -5.86 -8.43
C LEU B 179 33.90 -4.93 -9.61
N ALA B 180 33.39 -5.22 -10.82
CA ALA B 180 33.82 -4.58 -12.10
C ALA B 180 33.65 -3.06 -12.05
N GLY B 181 32.48 -2.60 -11.64
CA GLY B 181 32.13 -1.16 -11.52
C GLY B 181 33.01 -0.46 -10.52
N ASN B 182 33.18 -1.04 -9.32
CA ASN B 182 33.95 -0.47 -8.19
C ASN B 182 35.44 -0.36 -8.53
N LEU B 183 36.04 -1.37 -9.14
CA LEU B 183 37.48 -1.35 -9.53
C LEU B 183 37.77 -0.19 -10.48
N LYS B 184 36.84 0.09 -11.40
CA LYS B 184 37.03 1.10 -12.47
C LYS B 184 37.00 2.52 -11.86
N GLN B 185 36.06 2.77 -10.94
CA GLN B 185 35.93 4.07 -10.21
C GLN B 185 37.20 4.34 -9.39
N SER B 186 37.70 3.34 -8.66
CA SER B 186 38.88 3.44 -7.78
C SER B 186 40.20 3.41 -8.58
N ASN B 187 40.16 3.05 -9.86
CA ASN B 187 41.34 2.81 -10.74
C ASN B 187 42.25 1.75 -10.12
N THR B 188 41.68 0.65 -9.62
CA THR B 188 42.37 -0.48 -8.95
C THR B 188 42.54 -1.66 -9.92
N LEU B 189 43.74 -2.24 -9.99
CA LEU B 189 44.03 -3.46 -10.79
C LEU B 189 43.82 -4.70 -9.91
N LEU B 190 42.95 -5.62 -10.33
CA LEU B 190 42.67 -6.91 -9.64
C LEU B 190 43.28 -8.08 -10.44
N ILE B 191 44.25 -8.79 -9.88
CA ILE B 191 44.87 -9.99 -10.53
C ILE B 191 44.34 -11.25 -9.83
N PHE B 192 43.71 -12.16 -10.58
CA PHE B 192 43.31 -13.52 -10.12
C PHE B 192 44.31 -14.56 -10.61
N ILE B 193 44.95 -15.30 -9.72
CA ILE B 193 45.74 -16.51 -10.10
C ILE B 193 44.77 -17.69 -10.15
N ASN B 194 44.93 -18.60 -11.12
CA ASN B 194 44.03 -19.75 -11.34
C ASN B 194 44.87 -20.97 -11.72
N GLN B 195 44.39 -22.16 -11.34
CA GLN B 195 45.05 -23.48 -11.55
C GLN B 195 44.39 -24.16 -12.75
N ILE B 196 45.09 -25.11 -13.36
CA ILE B 196 44.58 -25.94 -14.49
C ILE B 196 43.97 -27.23 -13.93
N ARG B 197 42.80 -27.62 -14.45
CA ARG B 197 42.17 -28.95 -14.26
C ARG B 197 41.89 -29.58 -15.63
N MET B 198 41.72 -30.90 -15.68
CA MET B 198 41.43 -31.66 -16.93
C MET B 198 39.91 -31.92 -17.03
N LYS B 199 39.33 -31.71 -18.21
CA LYS B 199 37.90 -31.99 -18.53
C LYS B 199 37.80 -33.38 -19.17
N ILE B 200 36.95 -34.26 -18.61
CA ILE B 200 36.91 -35.72 -18.91
C ILE B 200 35.87 -35.99 -20.01
N GLY B 201 36.10 -37.05 -20.80
CA GLY B 201 35.17 -37.53 -21.84
C GLY B 201 35.08 -36.55 -23.01
N VAL B 202 36.21 -36.14 -23.57
CA VAL B 202 36.31 -35.30 -24.80
C VAL B 202 37.68 -35.51 -25.46
N MET B 203 37.70 -35.66 -26.79
CA MET B 203 38.93 -35.84 -27.62
C MET B 203 39.16 -34.61 -28.50
N PHE B 204 38.08 -33.99 -29.03
CA PHE B 204 38.13 -32.73 -29.82
C PHE B 204 38.54 -31.57 -28.91
N GLY B 205 39.40 -30.67 -29.41
CA GLY B 205 39.89 -29.48 -28.67
C GLY B 205 40.84 -29.85 -27.54
N ASN B 206 41.14 -28.88 -26.66
CA ASN B 206 42.06 -29.06 -25.51
C ASN B 206 41.29 -29.70 -24.35
N PRO B 207 41.88 -30.68 -23.63
CA PRO B 207 41.28 -31.22 -22.41
C PRO B 207 41.61 -30.41 -21.13
N GLU B 208 42.40 -29.33 -21.27
CA GLU B 208 42.75 -28.40 -20.15
C GLU B 208 41.58 -27.43 -19.94
N THR B 209 41.26 -27.15 -18.67
CA THR B 209 40.31 -26.08 -18.25
C THR B 209 40.86 -25.41 -16.99
N THR B 210 40.14 -24.40 -16.51
CA THR B 210 40.43 -23.62 -15.28
C THR B 210 39.28 -23.80 -14.28
N THR B 211 39.56 -23.59 -13.00
CA THR B 211 38.54 -23.67 -11.91
C THR B 211 37.68 -22.39 -11.91
N GLY B 212 36.52 -22.46 -11.27
CA GLY B 212 35.73 -21.30 -10.82
C GLY B 212 34.65 -20.88 -11.81
N GLY B 213 34.42 -21.66 -12.86
CA GLY B 213 33.34 -21.44 -13.83
C GLY B 213 33.78 -20.54 -14.97
N ASN B 214 32.83 -19.87 -15.60
CA ASN B 214 32.98 -19.22 -16.92
C ASN B 214 32.95 -17.69 -16.81
N ALA B 215 32.47 -17.09 -15.73
CA ALA B 215 32.27 -15.64 -15.63
C ALA B 215 33.61 -14.91 -15.85
N LEU B 216 34.65 -15.35 -15.15
CA LEU B 216 35.99 -14.69 -15.14
C LEU B 216 36.59 -14.60 -16.54
N LYS B 217 36.31 -15.54 -17.44
CA LYS B 217 36.75 -15.51 -18.87
C LYS B 217 36.12 -14.33 -19.60
N PHE B 218 34.90 -13.95 -19.27
CA PHE B 218 34.20 -12.84 -19.94
C PHE B 218 34.70 -11.50 -19.41
N TYR B 219 34.85 -11.38 -18.09
CA TYR B 219 35.09 -10.08 -17.41
C TYR B 219 36.57 -9.69 -17.44
N ALA B 220 37.50 -10.63 -17.56
CA ALA B 220 38.95 -10.36 -17.59
C ALA B 220 39.33 -9.58 -18.85
N SER B 221 40.16 -8.53 -18.73
CA SER B 221 40.67 -7.72 -19.86
C SER B 221 41.93 -8.34 -20.45
N VAL B 222 42.67 -9.11 -19.65
CA VAL B 222 43.89 -9.85 -20.08
C VAL B 222 43.87 -11.22 -19.41
N ARG B 223 44.16 -12.28 -20.18
CA ARG B 223 44.37 -13.63 -19.63
C ARG B 223 45.76 -14.10 -20.08
N LEU B 224 46.60 -14.53 -19.14
CA LEU B 224 47.98 -15.00 -19.40
C LEU B 224 48.10 -16.48 -19.05
N ASP B 225 48.66 -17.27 -19.97
CA ASP B 225 49.01 -18.70 -19.80
C ASP B 225 50.53 -18.74 -19.63
N ILE B 226 51.02 -19.21 -18.48
CA ILE B 226 52.47 -19.27 -18.17
C ILE B 226 52.87 -20.73 -18.03
N ARG B 227 54.07 -21.11 -18.46
CA ARG B 227 54.55 -22.51 -18.55
C ARG B 227 56.07 -22.57 -18.41
N ARG B 228 56.57 -23.53 -17.62
CA ARG B 228 58.02 -23.85 -17.49
C ARG B 228 58.43 -24.70 -18.70
N ILE B 229 59.36 -24.22 -19.52
CA ILE B 229 59.75 -24.86 -20.81
C ILE B 229 61.21 -25.38 -20.75
N GLY B 230 61.86 -25.33 -19.60
CA GLY B 230 63.25 -25.81 -19.47
C GLY B 230 63.93 -25.37 -18.18
N ALA B 231 65.14 -25.88 -17.96
CA ALA B 231 66.01 -25.59 -16.79
C ALA B 231 67.13 -24.64 -17.20
N VAL B 232 67.62 -23.86 -16.23
CA VAL B 232 68.81 -22.96 -16.34
C VAL B 232 69.88 -23.55 -15.43
N LYS B 233 71.06 -23.89 -15.97
CA LYS B 233 72.12 -24.63 -15.24
C LYS B 233 73.43 -23.84 -15.24
N GLU B 234 74.18 -23.94 -14.13
CA GLU B 234 75.61 -23.55 -14.01
C GLU B 234 76.45 -24.84 -13.95
N GLY B 235 76.56 -25.53 -15.09
CA GLY B 235 77.19 -26.85 -15.21
C GLY B 235 76.24 -27.96 -14.81
N GLU B 236 76.17 -28.25 -13.49
CA GLU B 236 75.31 -29.30 -12.89
C GLU B 236 74.16 -28.67 -12.10
N ASN B 237 74.47 -27.69 -11.23
CA ASN B 237 73.50 -27.00 -10.34
C ASN B 237 72.41 -26.30 -11.17
N VAL B 238 71.14 -26.72 -10.98
CA VAL B 238 69.94 -26.04 -11.55
C VAL B 238 69.68 -24.76 -10.73
N VAL B 239 69.77 -23.59 -11.37
CA VAL B 239 69.78 -22.25 -10.70
C VAL B 239 68.50 -21.46 -11.02
N GLY B 240 67.71 -21.88 -12.03
CA GLY B 240 66.47 -21.20 -12.41
C GLY B 240 65.66 -21.97 -13.44
N SER B 241 64.62 -21.34 -13.99
CA SER B 241 63.65 -21.92 -14.95
C SER B 241 63.52 -21.05 -16.21
N GLU B 242 63.54 -21.66 -17.39
CA GLU B 242 63.13 -21.04 -18.67
C GLU B 242 61.60 -21.04 -18.74
N THR B 243 61.00 -19.88 -19.03
CA THR B 243 59.55 -19.61 -18.88
C THR B 243 58.99 -19.04 -20.19
N ARG B 244 57.79 -19.49 -20.59
CA ARG B 244 57.04 -18.92 -21.74
C ARG B 244 55.69 -18.42 -21.24
N VAL B 245 55.39 -17.13 -21.45
CA VAL B 245 54.03 -16.54 -21.20
C VAL B 245 53.36 -16.31 -22.55
N LYS B 246 52.11 -16.74 -22.67
CA LYS B 246 51.27 -16.55 -23.88
C LYS B 246 50.08 -15.66 -23.52
N VAL B 247 49.87 -14.60 -24.28
CA VAL B 247 48.70 -13.70 -24.10
C VAL B 247 47.51 -14.32 -24.85
N VAL B 248 46.64 -14.98 -24.10
CA VAL B 248 45.53 -15.84 -24.61
C VAL B 248 44.25 -15.00 -24.81
N LYS B 249 44.10 -13.88 -24.11
CA LYS B 249 43.02 -12.89 -24.30
C LYS B 249 43.58 -11.50 -24.03
N ASN B 250 43.19 -10.53 -24.85
CA ASN B 250 43.68 -9.13 -24.74
C ASN B 250 42.61 -8.23 -25.35
N LYS B 251 42.28 -7.17 -24.62
CA LYS B 251 41.17 -6.23 -24.91
C LYS B 251 41.67 -4.78 -24.98
N ILE B 252 43.00 -4.57 -24.93
CA ILE B 252 43.68 -3.24 -24.96
C ILE B 252 44.77 -3.20 -26.06
N ALA B 253 44.80 -4.20 -26.95
CA ALA B 253 45.87 -4.48 -27.95
C ALA B 253 45.67 -5.90 -28.49
N ALA B 254 46.37 -6.26 -29.57
CA ALA B 254 46.18 -7.52 -30.30
C ALA B 254 46.57 -8.68 -29.39
N PRO B 255 45.82 -9.79 -29.37
CA PRO B 255 46.21 -10.97 -28.60
C PRO B 255 47.17 -11.89 -29.36
N PHE B 256 47.59 -12.98 -28.72
CA PHE B 256 48.26 -14.17 -29.30
C PHE B 256 49.76 -13.94 -29.51
N LYS B 257 50.33 -12.92 -28.89
CA LYS B 257 51.79 -12.71 -28.82
C LYS B 257 52.33 -13.43 -27.58
N GLN B 258 53.61 -13.79 -27.60
CA GLN B 258 54.26 -14.58 -26.53
C GLN B 258 55.54 -13.87 -26.09
N ALA B 259 56.04 -14.26 -24.90
CA ALA B 259 57.24 -13.73 -24.23
C ALA B 259 58.03 -14.89 -23.63
N GLU B 260 59.36 -14.85 -23.75
CA GLU B 260 60.29 -15.86 -23.19
C GLU B 260 61.30 -15.14 -22.29
N PHE B 261 61.47 -15.63 -21.07
CA PHE B 261 62.39 -15.05 -20.07
C PHE B 261 62.78 -16.11 -19.03
N GLN B 262 63.77 -15.79 -18.23
CA GLN B 262 64.37 -16.69 -17.18
C GLN B 262 63.91 -16.23 -15.80
N ILE B 263 63.45 -17.15 -14.97
CA ILE B 263 63.23 -16.91 -13.50
C ILE B 263 64.39 -17.57 -12.77
N LEU B 264 65.24 -16.78 -12.12
CA LEU B 264 66.39 -17.27 -11.31
C LEU B 264 65.99 -17.31 -9.84
N TYR B 265 66.21 -18.46 -9.18
CA TYR B 265 65.75 -18.75 -7.79
C TYR B 265 66.48 -17.82 -6.81
N GLY B 266 65.72 -16.97 -6.11
CA GLY B 266 66.23 -15.98 -5.15
C GLY B 266 66.25 -14.57 -5.71
N GLU B 267 66.55 -14.42 -7.00
CA GLU B 267 66.68 -13.12 -7.72
C GLU B 267 65.33 -12.71 -8.31
N GLY B 268 64.64 -13.64 -8.99
CA GLY B 268 63.37 -13.42 -9.70
C GLY B 268 63.59 -13.39 -11.21
N ILE B 269 62.95 -12.45 -11.92
CA ILE B 269 63.07 -12.33 -13.40
C ILE B 269 64.42 -11.70 -13.74
N ASN B 270 65.10 -12.23 -14.77
CA ASN B 270 66.44 -11.77 -15.24
C ASN B 270 66.23 -10.69 -16.30
N PHE B 271 66.36 -9.42 -15.91
CA PHE B 271 66.11 -8.21 -16.75
C PHE B 271 67.17 -8.12 -17.85
N TYR B 272 68.46 -8.19 -17.47
CA TYR B 272 69.62 -8.07 -18.39
C TYR B 272 69.63 -9.23 -19.39
N GLY B 273 69.13 -10.41 -19.00
CA GLY B 273 68.92 -11.56 -19.90
C GLY B 273 68.01 -11.21 -21.07
N GLU B 274 66.91 -10.48 -20.80
CA GLU B 274 65.95 -10.00 -21.85
C GLU B 274 66.64 -8.96 -22.73
N LEU B 275 67.34 -8.00 -22.11
CA LEU B 275 67.98 -6.83 -22.79
C LEU B 275 68.94 -7.30 -23.88
N VAL B 276 69.66 -8.41 -23.64
CA VAL B 276 70.52 -9.09 -24.66
C VAL B 276 69.65 -9.54 -25.83
N ASP B 277 68.61 -10.34 -25.55
CA ASP B 277 67.73 -10.98 -26.56
C ASP B 277 67.02 -9.91 -27.42
N LEU B 278 66.59 -8.79 -26.81
CA LEU B 278 65.94 -7.66 -27.55
C LEU B 278 67.01 -6.87 -28.32
N GLY B 279 68.21 -6.70 -27.75
CA GLY B 279 69.37 -6.04 -28.41
C GLY B 279 69.82 -6.79 -29.67
N VAL B 280 69.88 -8.12 -29.60
CA VAL B 280 70.20 -9.03 -30.75
C VAL B 280 69.13 -8.88 -31.83
N LYS B 281 67.85 -8.82 -31.42
CA LYS B 281 66.67 -8.79 -32.33
C LYS B 281 66.63 -7.47 -33.12
N GLU B 282 67.03 -6.35 -32.50
CA GLU B 282 66.92 -4.97 -33.07
C GLU B 282 68.26 -4.49 -33.65
N LYS B 283 69.21 -5.40 -33.92
CA LYS B 283 70.51 -5.13 -34.60
C LYS B 283 71.36 -4.13 -33.80
N LEU B 284 71.10 -3.96 -32.49
CA LEU B 284 71.90 -3.08 -31.60
C LEU B 284 73.06 -3.89 -30.98
N ILE B 285 72.92 -5.22 -30.91
CA ILE B 285 73.98 -6.18 -30.48
C ILE B 285 74.24 -7.17 -31.63
N GLU B 286 75.52 -7.37 -31.98
CA GLU B 286 75.98 -8.34 -33.02
C GLU B 286 76.27 -9.69 -32.34
N LYS B 287 75.88 -10.79 -32.99
CA LYS B 287 76.14 -12.19 -32.51
C LYS B 287 76.86 -12.97 -33.61
N ALA B 288 78.03 -13.54 -33.28
CA ALA B 288 78.87 -14.38 -34.17
C ALA B 288 78.98 -15.79 -33.58
N GLY B 289 77.93 -16.61 -33.76
CA GLY B 289 77.83 -17.98 -33.24
C GLY B 289 77.44 -18.00 -31.76
N ALA B 290 78.43 -18.13 -30.88
CA ALA B 290 78.28 -18.10 -29.39
C ALA B 290 79.05 -16.91 -28.81
N TRP B 291 79.38 -15.91 -29.63
CA TRP B 291 80.09 -14.65 -29.25
C TRP B 291 79.16 -13.45 -29.46
N TYR B 292 79.02 -12.60 -28.44
CA TYR B 292 78.23 -11.33 -28.48
C TYR B 292 79.20 -10.14 -28.55
N SER B 293 78.82 -9.11 -29.33
CA SER B 293 79.63 -7.89 -29.60
C SER B 293 78.71 -6.67 -29.63
N TYR B 294 79.15 -5.55 -29.03
CA TYR B 294 78.45 -4.24 -29.02
C TYR B 294 79.36 -3.15 -29.61
N LYS B 295 78.99 -2.63 -30.78
CA LYS B 295 79.69 -1.52 -31.50
C LYS B 295 81.15 -1.90 -31.75
N GLY B 296 81.39 -3.12 -32.25
CA GLY B 296 82.72 -3.63 -32.63
C GLY B 296 83.36 -4.46 -31.53
N GLU B 297 83.46 -3.92 -30.31
CA GLU B 297 84.14 -4.56 -29.15
C GLU B 297 83.32 -5.79 -28.72
N LYS B 298 84.00 -6.84 -28.28
CA LYS B 298 83.39 -8.14 -27.86
C LYS B 298 83.04 -8.09 -26.38
N ILE B 299 81.75 -8.18 -26.05
CA ILE B 299 81.20 -8.00 -24.67
C ILE B 299 81.35 -9.30 -23.87
N GLY B 300 81.27 -10.47 -24.52
CA GLY B 300 81.47 -11.78 -23.86
C GLY B 300 81.19 -12.95 -24.78
N GLN B 301 81.27 -14.17 -24.22
CA GLN B 301 80.97 -15.46 -24.91
C GLN B 301 79.96 -16.27 -24.09
N GLY B 302 78.83 -16.64 -24.70
CA GLY B 302 77.67 -17.23 -24.00
C GLY B 302 76.78 -16.15 -23.42
N LYS B 303 75.50 -16.45 -23.21
CA LYS B 303 74.47 -15.47 -22.77
C LYS B 303 74.78 -14.98 -21.35
N ALA B 304 75.29 -15.86 -20.48
CA ALA B 304 75.56 -15.60 -19.03
C ALA B 304 76.67 -14.56 -18.88
N ASN B 305 77.78 -14.71 -19.62
CA ASN B 305 78.95 -13.79 -19.61
C ASN B 305 78.56 -12.44 -20.22
N ALA B 306 77.79 -12.46 -21.31
CA ALA B 306 77.24 -11.27 -22.00
C ALA B 306 76.32 -10.49 -21.05
N THR B 307 75.51 -11.20 -20.26
CA THR B 307 74.59 -10.64 -19.23
C THR B 307 75.42 -10.06 -18.07
N ALA B 308 76.49 -10.76 -17.66
CA ALA B 308 77.43 -10.35 -16.59
C ALA B 308 78.21 -9.09 -17.02
N TRP B 309 78.42 -8.90 -18.33
CA TRP B 309 79.06 -7.69 -18.91
C TRP B 309 78.11 -6.49 -18.81
N LEU B 310 76.80 -6.68 -19.09
CA LEU B 310 75.76 -5.61 -19.02
C LEU B 310 75.50 -5.20 -17.56
N LYS B 311 75.83 -6.05 -16.59
CA LYS B 311 75.71 -5.75 -15.14
C LYS B 311 76.76 -4.71 -14.72
N ASP B 312 78.03 -4.96 -15.05
CA ASP B 312 79.19 -4.11 -14.64
C ASP B 312 79.52 -3.06 -15.73
N ASN B 313 78.58 -2.78 -16.64
CA ASN B 313 78.62 -1.62 -17.57
C ASN B 313 77.23 -0.98 -17.63
N PRO B 314 76.77 -0.29 -16.55
CA PRO B 314 75.43 0.30 -16.53
C PRO B 314 75.15 1.35 -17.61
N GLU B 315 76.18 2.02 -18.14
CA GLU B 315 76.08 3.06 -19.20
C GLU B 315 75.52 2.44 -20.49
N THR B 316 76.11 1.33 -20.94
CA THR B 316 75.69 0.56 -22.15
C THR B 316 74.31 -0.06 -21.92
N ALA B 317 74.02 -0.54 -20.71
CA ALA B 317 72.73 -1.15 -20.30
C ALA B 317 71.62 -0.09 -20.34
N LYS B 318 71.88 1.12 -19.82
CA LYS B 318 70.96 2.29 -19.88
C LYS B 318 70.68 2.67 -21.34
N GLU B 319 71.73 2.71 -22.17
CA GLU B 319 71.70 3.12 -23.59
C GLU B 319 70.81 2.15 -24.40
N ILE B 320 71.07 0.84 -24.30
CA ILE B 320 70.38 -0.23 -25.08
C ILE B 320 68.91 -0.27 -24.65
N GLU B 321 68.62 -0.21 -23.34
CA GLU B 321 67.24 -0.19 -22.77
C GLU B 321 66.44 0.93 -23.44
N LYS B 322 67.02 2.12 -23.50
CA LYS B 322 66.39 3.37 -24.03
C LYS B 322 65.98 3.17 -25.50
N LYS B 323 66.88 2.59 -26.32
CA LYS B 323 66.68 2.41 -27.79
C LYS B 323 65.65 1.31 -28.06
N VAL B 324 65.72 0.20 -27.32
CA VAL B 324 64.75 -0.94 -27.40
C VAL B 324 63.35 -0.44 -27.03
N ARG B 325 63.26 0.39 -25.99
CA ARG B 325 61.99 1.00 -25.50
C ARG B 325 61.40 1.90 -26.58
N GLU B 326 62.22 2.78 -27.17
CA GLU B 326 61.83 3.70 -28.28
C GLU B 326 61.24 2.89 -29.46
N LEU B 327 61.99 1.89 -29.92
CA LEU B 327 61.71 1.11 -31.16
C LEU B 327 60.43 0.27 -31.00
N LEU B 328 60.43 -0.69 -30.06
CA LEU B 328 59.49 -1.85 -30.03
C LEU B 328 58.18 -1.49 -29.31
N LEU B 329 58.21 -0.69 -28.25
CA LEU B 329 56.99 -0.28 -27.50
C LEU B 329 56.14 0.62 -28.41
N SER B 330 54.94 0.14 -28.79
CA SER B 330 54.02 0.77 -29.79
C SER B 330 53.36 2.03 -29.22
N ASN B 331 53.22 2.11 -27.88
CA ASN B 331 52.68 3.30 -27.16
C ASN B 331 53.60 3.62 -25.97
N PRO B 332 54.78 4.26 -26.19
CA PRO B 332 55.65 4.69 -25.09
C PRO B 332 55.01 5.80 -24.24
N ASN B 333 55.28 5.81 -22.93
CA ASN B 333 54.74 6.76 -21.93
C ASN B 333 55.89 7.33 -21.10
N SER B 334 56.62 8.30 -21.67
CA SER B 334 57.77 9.00 -21.03
C SER B 334 57.30 10.34 -20.44
N ALA C 2 -28.51 -4.38 -46.38
CA ALA C 2 -29.42 -3.51 -45.53
C ALA C 2 -28.98 -3.55 -44.06
N ILE C 3 -28.78 -4.75 -43.51
CA ILE C 3 -28.25 -4.97 -42.12
C ILE C 3 -26.78 -4.55 -42.08
N ASP C 4 -26.04 -4.74 -43.19
CA ASP C 4 -24.66 -4.26 -43.40
C ASP C 4 -24.54 -2.78 -43.00
N GLU C 5 -25.56 -1.97 -43.32
CA GLU C 5 -25.58 -0.50 -43.11
C GLU C 5 -25.48 -0.19 -41.61
N ASN C 6 -26.28 -0.87 -40.78
CA ASN C 6 -26.33 -0.67 -39.30
C ASN C 6 -24.96 -0.99 -38.68
N LYS C 7 -24.34 -2.10 -39.10
CA LYS C 7 -23.02 -2.58 -38.61
C LYS C 7 -21.90 -1.60 -39.03
N GLN C 8 -21.96 -1.05 -40.24
CA GLN C 8 -20.98 -0.06 -40.76
C GLN C 8 -21.04 1.24 -39.95
N LYS C 9 -22.24 1.64 -39.51
CA LYS C 9 -22.46 2.89 -38.73
C LYS C 9 -22.02 2.68 -37.28
N ALA C 10 -22.38 1.54 -36.68
CA ALA C 10 -21.99 1.14 -35.31
C ALA C 10 -20.47 1.08 -35.20
N LEU C 11 -19.80 0.50 -36.21
CA LEU C 11 -18.32 0.40 -36.32
C LEU C 11 -17.72 1.82 -36.37
N ALA C 12 -18.17 2.63 -37.32
CA ALA C 12 -17.70 4.03 -37.55
C ALA C 12 -17.83 4.86 -36.27
N ALA C 13 -18.93 4.70 -35.52
CA ALA C 13 -19.21 5.40 -34.25
C ALA C 13 -18.18 4.99 -33.19
N ALA C 14 -17.86 3.69 -33.12
CA ALA C 14 -16.91 3.09 -32.15
C ALA C 14 -15.47 3.56 -32.45
N LEU C 15 -15.08 3.60 -33.73
CA LEU C 15 -13.76 4.13 -34.17
C LEU C 15 -13.67 5.63 -33.88
N GLY C 16 -14.78 6.37 -34.03
CA GLY C 16 -14.87 7.80 -33.68
C GLY C 16 -14.63 8.01 -32.19
N GLN C 17 -15.31 7.21 -31.35
CA GLN C 17 -15.28 7.32 -29.86
C GLN C 17 -13.89 6.96 -29.32
N ILE C 18 -13.20 6.00 -29.94
CA ILE C 18 -11.84 5.52 -29.54
C ILE C 18 -10.82 6.61 -29.86
N GLU C 19 -10.84 7.13 -31.10
CA GLU C 19 -9.88 8.15 -31.61
C GLU C 19 -10.01 9.46 -30.80
N LYS C 20 -11.22 9.76 -30.33
CA LYS C 20 -11.51 10.92 -29.46
C LYS C 20 -10.87 10.73 -28.08
N GLN C 21 -11.14 9.58 -27.44
CA GLN C 21 -10.74 9.26 -26.03
C GLN C 21 -9.21 9.17 -25.90
N PHE C 22 -8.52 8.62 -26.90
CA PHE C 22 -7.11 8.16 -26.80
C PHE C 22 -6.17 8.85 -27.80
N GLY C 23 -6.69 9.41 -28.90
CA GLY C 23 -5.89 10.22 -29.85
C GLY C 23 -5.97 9.69 -31.26
N LYS C 24 -5.43 10.46 -32.20
CA LYS C 24 -5.73 10.41 -33.66
C LYS C 24 -5.51 8.99 -34.21
N GLY C 25 -4.29 8.46 -34.13
CA GLY C 25 -3.91 7.18 -34.75
C GLY C 25 -3.90 6.03 -33.75
N SER C 26 -4.89 5.98 -32.85
CA SER C 26 -4.99 4.95 -31.76
C SER C 26 -5.59 3.65 -32.31
N ILE C 27 -6.40 3.74 -33.37
CA ILE C 27 -6.90 2.57 -34.14
C ILE C 27 -7.04 2.98 -35.61
N MET C 28 -6.63 2.10 -36.52
CA MET C 28 -6.83 2.26 -37.99
C MET C 28 -6.61 0.93 -38.71
N ARG C 29 -6.95 0.89 -39.99
CA ARG C 29 -6.73 -0.29 -40.87
C ARG C 29 -5.23 -0.49 -41.08
N LEU C 30 -4.77 -1.74 -41.01
CA LEU C 30 -3.33 -2.11 -40.94
C LEU C 30 -2.62 -1.75 -42.26
N GLY C 31 -3.31 -1.82 -43.40
CA GLY C 31 -2.79 -1.45 -44.72
C GLY C 31 -2.52 0.04 -44.85
N GLU C 32 -3.25 0.87 -44.12
CA GLU C 32 -3.15 2.35 -44.16
C GLU C 32 -2.02 2.87 -43.27
N ASP C 33 -1.55 2.09 -42.29
CA ASP C 33 -0.63 2.54 -41.21
C ASP C 33 0.83 2.40 -41.68
N ARG C 34 1.47 3.53 -42.01
CA ARG C 34 2.86 3.61 -42.52
C ARG C 34 3.87 3.40 -41.38
N SER C 35 3.48 3.73 -40.14
CA SER C 35 4.30 3.50 -38.92
C SER C 35 4.66 2.02 -38.75
N MET C 36 3.81 1.10 -39.22
CA MET C 36 3.99 -0.37 -39.04
C MET C 36 5.00 -0.95 -40.05
N ASP C 37 5.41 -0.20 -41.07
CA ASP C 37 6.40 -0.68 -42.08
C ASP C 37 7.76 -0.92 -41.41
N VAL C 38 8.48 -1.96 -41.83
CA VAL C 38 9.81 -2.36 -41.29
C VAL C 38 10.92 -1.68 -42.09
N GLU C 39 11.63 -0.75 -41.46
CA GLU C 39 12.87 -0.09 -41.95
C GLU C 39 14.08 -0.79 -41.31
N THR C 40 15.20 -0.86 -42.03
CA THR C 40 16.43 -1.58 -41.60
C THR C 40 17.70 -0.70 -41.72
N ILE C 41 18.73 -1.04 -40.94
CA ILE C 41 20.10 -0.44 -40.91
C ILE C 41 21.10 -1.55 -41.25
N SER C 42 22.22 -1.20 -41.88
CA SER C 42 23.33 -2.15 -42.17
C SER C 42 23.93 -2.68 -40.86
N THR C 43 24.50 -3.88 -40.90
CA THR C 43 25.30 -4.49 -39.81
C THR C 43 26.80 -4.26 -40.03
N GLY C 44 27.22 -3.75 -41.20
CA GLY C 44 28.64 -3.66 -41.59
C GLY C 44 29.12 -4.89 -42.36
N SER C 45 28.53 -6.06 -42.11
CA SER C 45 28.77 -7.33 -42.87
C SER C 45 27.71 -7.50 -43.94
N LEU C 46 28.11 -7.70 -45.19
CA LEU C 46 27.20 -7.92 -46.34
C LEU C 46 26.60 -9.34 -46.28
N SER C 47 27.36 -10.33 -45.81
CA SER C 47 26.86 -11.72 -45.64
C SER C 47 25.78 -11.77 -44.55
N LEU C 48 25.91 -10.96 -43.49
CA LEU C 48 24.91 -10.88 -42.39
C LEU C 48 23.65 -10.16 -42.88
N ASP C 49 23.79 -9.09 -43.66
CA ASP C 49 22.62 -8.36 -44.26
C ASP C 49 21.78 -9.33 -45.14
N ILE C 50 22.41 -10.30 -45.82
CA ILE C 50 21.70 -11.35 -46.63
C ILE C 50 21.08 -12.41 -45.70
N ALA C 51 21.79 -12.90 -44.70
CA ALA C 51 21.24 -13.89 -43.73
C ALA C 51 19.97 -13.34 -43.06
N LEU C 52 19.90 -12.04 -42.78
CA LEU C 52 18.78 -11.45 -42.02
C LEU C 52 17.55 -11.28 -42.91
N GLY C 53 17.70 -11.40 -44.23
CA GLY C 53 16.57 -11.53 -45.16
C GLY C 53 15.97 -10.20 -45.59
N ALA C 54 15.88 -9.20 -44.70
CA ALA C 54 15.30 -7.85 -44.98
C ALA C 54 16.38 -6.78 -45.11
N GLY C 55 17.65 -7.15 -45.27
CA GLY C 55 18.76 -6.22 -45.57
C GLY C 55 19.40 -5.57 -44.34
N GLY C 56 19.15 -6.07 -43.11
CA GLY C 56 19.80 -5.50 -41.90
C GLY C 56 18.99 -5.69 -40.63
N LEU C 57 19.20 -4.81 -39.64
CA LEU C 57 18.51 -4.84 -38.33
C LEU C 57 17.36 -3.84 -38.34
N PRO C 58 16.20 -4.19 -37.73
CA PRO C 58 15.02 -3.33 -37.79
C PRO C 58 14.93 -2.20 -36.75
N MET C 59 14.63 -0.99 -37.21
CA MET C 59 14.45 0.21 -36.35
C MET C 59 13.17 0.06 -35.51
N GLY C 60 13.20 0.58 -34.28
CA GLY C 60 12.09 0.55 -33.32
C GLY C 60 11.87 -0.81 -32.66
N ARG C 61 12.85 -1.72 -32.71
CA ARG C 61 12.74 -3.08 -32.15
C ARG C 61 13.90 -3.36 -31.19
N ILE C 62 13.85 -4.51 -30.53
CA ILE C 62 14.90 -5.03 -29.62
C ILE C 62 15.63 -6.17 -30.32
N VAL C 63 16.96 -6.22 -30.18
CA VAL C 63 17.87 -7.23 -30.78
C VAL C 63 18.78 -7.77 -29.69
N GLU C 64 19.01 -9.08 -29.68
CA GLU C 64 19.94 -9.75 -28.75
C GLU C 64 21.09 -10.34 -29.58
N ILE C 65 22.32 -10.19 -29.10
CA ILE C 65 23.56 -10.79 -29.67
C ILE C 65 24.26 -11.50 -28.51
N TYR C 66 24.48 -12.80 -28.62
CA TYR C 66 25.08 -13.59 -27.54
C TYR C 66 26.13 -14.54 -28.10
N GLY C 67 27.02 -15.00 -27.24
CA GLY C 67 28.13 -15.86 -27.70
C GLY C 67 29.09 -16.18 -26.57
N PRO C 68 30.11 -17.00 -26.83
CA PRO C 68 31.16 -17.21 -25.85
C PRO C 68 32.16 -16.04 -25.83
N GLU C 69 33.16 -16.16 -24.96
CA GLU C 69 34.22 -15.15 -24.72
C GLU C 69 35.02 -14.94 -26.01
N SER C 70 35.35 -13.67 -26.28
CA SER C 70 36.20 -13.21 -27.40
C SER C 70 35.67 -13.67 -28.77
N SER C 71 34.36 -13.62 -28.99
CA SER C 71 33.70 -14.10 -30.24
C SER C 71 33.42 -12.93 -31.20
N GLY C 72 33.54 -11.69 -30.74
CA GLY C 72 33.38 -10.48 -31.56
C GLY C 72 32.10 -9.73 -31.30
N LYS C 73 31.47 -9.95 -30.15
CA LYS C 73 30.17 -9.33 -29.78
C LYS C 73 30.28 -7.80 -29.81
N THR C 74 31.27 -7.23 -29.12
CA THR C 74 31.49 -5.77 -29.01
C THR C 74 31.91 -5.21 -30.38
N THR C 75 32.84 -5.88 -31.05
CA THR C 75 33.35 -5.47 -32.38
C THR C 75 32.18 -5.35 -33.35
N LEU C 76 31.26 -6.31 -33.33
CA LEU C 76 30.08 -6.33 -34.24
C LEU C 76 29.14 -5.16 -33.95
N THR C 77 28.92 -4.79 -32.69
CA THR C 77 28.01 -3.66 -32.31
C THR C 77 28.64 -2.31 -32.67
N LEU C 78 29.96 -2.16 -32.59
CA LEU C 78 30.66 -0.90 -32.95
C LEU C 78 30.65 -0.72 -34.46
N GLN C 79 30.73 -1.80 -35.23
CA GLN C 79 30.58 -1.71 -36.71
C GLN C 79 29.16 -1.28 -37.08
N VAL C 80 28.11 -1.68 -36.34
CA VAL C 80 26.74 -1.15 -36.68
C VAL C 80 26.62 0.32 -36.27
N ILE C 81 27.27 0.74 -35.18
CA ILE C 81 27.30 2.18 -34.77
C ILE C 81 27.99 3.01 -35.86
N ALA C 82 29.16 2.58 -36.33
CA ALA C 82 29.97 3.28 -37.36
C ALA C 82 29.13 3.45 -38.63
N ALA C 83 28.50 2.38 -39.11
CA ALA C 83 27.68 2.43 -40.34
C ALA C 83 26.53 3.40 -40.16
N ALA C 84 25.96 3.53 -38.96
CA ALA C 84 24.80 4.39 -38.68
C ALA C 84 25.21 5.87 -38.62
N GLN C 85 26.36 6.16 -38.00
CA GLN C 85 26.93 7.53 -37.89
C GLN C 85 27.20 8.10 -39.28
N ARG C 86 27.69 7.27 -40.20
CA ARG C 86 27.93 7.67 -41.62
C ARG C 86 26.64 8.07 -42.35
N GLU C 87 25.46 7.62 -41.90
CA GLU C 87 24.14 8.00 -42.48
C GLU C 87 23.51 9.12 -41.64
N GLY C 88 24.27 9.77 -40.76
CA GLY C 88 23.85 10.96 -40.00
C GLY C 88 22.98 10.64 -38.79
N LYS C 89 23.10 9.44 -38.21
CA LYS C 89 22.29 9.00 -37.04
C LYS C 89 23.09 9.21 -35.74
N THR C 90 22.39 9.46 -34.64
CA THR C 90 22.98 9.60 -33.28
C THR C 90 22.96 8.24 -32.56
N CYS C 91 24.00 7.94 -31.79
CA CYS C 91 24.16 6.65 -31.11
C CYS C 91 24.65 6.81 -29.67
N ALA C 92 24.38 5.81 -28.85
CA ALA C 92 24.76 5.73 -27.43
C ALA C 92 25.24 4.31 -27.12
N PHE C 93 26.22 4.23 -26.23
CA PHE C 93 26.82 2.98 -25.75
C PHE C 93 26.76 3.01 -24.22
N ILE C 94 25.94 2.14 -23.63
CA ILE C 94 25.85 1.90 -22.14
C ILE C 94 26.81 0.74 -21.83
N ASP C 95 27.97 1.04 -21.23
CA ASP C 95 29.08 0.08 -20.99
C ASP C 95 28.99 -0.46 -19.56
N ALA C 96 28.06 -1.37 -19.30
CA ALA C 96 27.84 -1.99 -17.98
C ALA C 96 29.02 -2.87 -17.56
N GLU C 97 29.74 -3.46 -18.52
CA GLU C 97 30.96 -4.31 -18.29
C GLU C 97 32.15 -3.43 -17.86
N HIS C 98 32.13 -2.12 -18.14
CA HIS C 98 33.23 -1.16 -17.81
C HIS C 98 34.52 -1.60 -18.52
N ALA C 99 34.47 -1.92 -19.81
CA ALA C 99 35.62 -2.49 -20.55
C ALA C 99 35.69 -1.98 -22.00
N LEU C 100 35.21 -0.77 -22.31
CA LEU C 100 35.32 -0.18 -23.67
C LEU C 100 36.63 0.62 -23.81
N ASP C 101 37.42 0.33 -24.85
CA ASP C 101 38.64 1.09 -25.25
C ASP C 101 38.27 2.10 -26.34
N PRO C 102 38.25 3.43 -26.06
CA PRO C 102 37.85 4.42 -27.06
C PRO C 102 38.77 4.52 -28.28
N ILE C 103 40.05 4.20 -28.13
CA ILE C 103 41.04 4.24 -29.26
C ILE C 103 40.73 3.12 -30.25
N TYR C 104 40.43 1.91 -29.78
CA TYR C 104 40.03 0.77 -30.65
C TYR C 104 38.75 1.11 -31.43
N ALA C 105 37.78 1.72 -30.74
CA ALA C 105 36.50 2.12 -31.33
C ALA C 105 36.74 3.07 -32.51
N ARG C 106 37.68 4.02 -32.35
CA ARG C 106 38.07 5.00 -33.41
C ARG C 106 38.66 4.25 -34.61
N LYS C 107 39.49 3.23 -34.36
CA LYS C 107 40.12 2.41 -35.43
C LYS C 107 39.06 1.65 -36.24
N LEU C 108 37.94 1.27 -35.63
CA LEU C 108 36.84 0.51 -36.29
C LEU C 108 35.96 1.43 -37.12
N GLY C 109 36.12 2.75 -36.98
CA GLY C 109 35.43 3.76 -37.80
C GLY C 109 34.37 4.50 -37.04
N VAL C 110 34.37 4.42 -35.71
CA VAL C 110 33.36 5.15 -34.88
C VAL C 110 33.79 6.61 -34.76
N ASP C 111 32.83 7.54 -34.81
CA ASP C 111 33.05 8.97 -34.48
C ASP C 111 32.91 9.14 -32.96
N ILE C 112 34.03 8.94 -32.27
CA ILE C 112 34.22 8.97 -30.79
C ILE C 112 33.67 10.28 -30.21
N ASP C 113 33.82 11.40 -30.93
CA ASP C 113 33.48 12.75 -30.41
C ASP C 113 31.96 12.96 -30.35
N ASN C 114 31.16 12.17 -31.09
CA ASN C 114 29.68 12.27 -31.14
C ASN C 114 28.99 11.06 -30.48
N LEU C 115 29.72 10.04 -30.03
CA LEU C 115 29.14 8.82 -29.41
C LEU C 115 28.81 9.13 -27.95
N LEU C 116 27.54 9.05 -27.54
CA LEU C 116 27.17 9.16 -26.10
C LEU C 116 27.57 7.88 -25.37
N CYS C 117 28.29 8.00 -24.26
CA CYS C 117 28.73 6.84 -23.45
C CYS C 117 28.31 7.06 -22.00
N SER C 118 28.15 5.96 -21.28
CA SER C 118 27.67 5.91 -19.87
C SER C 118 28.19 4.63 -19.23
N GLN C 119 28.83 4.73 -18.07
CA GLN C 119 29.30 3.58 -17.27
C GLN C 119 28.49 3.58 -15.97
N PRO C 120 27.30 2.96 -15.96
CA PRO C 120 26.38 3.08 -14.81
C PRO C 120 26.74 2.13 -13.66
N ASP C 121 26.30 2.49 -12.46
CA ASP C 121 26.67 1.80 -11.18
C ASP C 121 25.74 0.62 -10.92
N THR C 122 24.46 0.73 -11.28
CA THR C 122 23.43 -0.33 -11.11
C THR C 122 22.75 -0.64 -12.45
N GLY C 123 22.09 -1.79 -12.50
CA GLY C 123 21.23 -2.21 -13.62
C GLY C 123 20.02 -1.33 -13.78
N GLU C 124 19.44 -0.84 -12.67
CA GLU C 124 18.24 0.06 -12.73
C GLU C 124 18.64 1.39 -13.34
N GLN C 125 19.82 1.91 -13.02
CA GLN C 125 20.31 3.19 -13.61
C GLN C 125 20.51 3.01 -15.13
N ALA C 126 21.16 1.91 -15.54
CA ALA C 126 21.42 1.56 -16.96
C ALA C 126 20.12 1.57 -17.75
N LEU C 127 19.10 0.86 -17.26
CA LEU C 127 17.80 0.71 -17.97
C LEU C 127 16.98 2.00 -17.90
N GLU C 128 17.15 2.84 -16.87
CA GLU C 128 16.47 4.17 -16.79
C GLU C 128 17.04 5.16 -17.80
N ILE C 129 18.36 5.12 -18.03
CA ILE C 129 19.04 5.94 -19.09
C ILE C 129 18.54 5.52 -20.48
N CYS C 130 18.40 4.22 -20.76
CA CYS C 130 17.80 3.70 -22.02
C CYS C 130 16.39 4.25 -22.22
N ASP C 131 15.55 4.27 -21.18
CA ASP C 131 14.15 4.76 -21.27
C ASP C 131 14.15 6.27 -21.54
N ALA C 132 15.03 7.06 -20.90
CA ALA C 132 15.13 8.52 -21.11
C ALA C 132 15.59 8.85 -22.53
N LEU C 133 16.61 8.15 -23.03
CA LEU C 133 17.14 8.35 -24.42
C LEU C 133 16.07 7.95 -25.46
N ALA C 134 15.35 6.86 -25.23
CA ALA C 134 14.25 6.38 -26.10
C ALA C 134 13.14 7.44 -26.17
N ARG C 135 12.66 7.93 -25.02
CA ARG C 135 11.58 8.95 -24.96
C ARG C 135 12.01 10.27 -25.63
N SER C 136 13.31 10.60 -25.66
CA SER C 136 13.84 11.89 -26.19
C SER C 136 13.46 12.08 -27.66
N GLY C 137 13.47 11.02 -28.47
CA GLY C 137 13.25 11.09 -29.92
C GLY C 137 14.53 11.39 -30.71
N ALA C 138 15.67 11.58 -30.04
CA ALA C 138 16.91 12.14 -30.62
C ALA C 138 18.04 11.11 -30.72
N VAL C 139 17.81 9.85 -30.34
CA VAL C 139 18.83 8.78 -30.44
C VAL C 139 18.27 7.67 -31.34
N ASP C 140 19.09 7.15 -32.25
CA ASP C 140 18.67 6.18 -33.29
C ASP C 140 19.09 4.75 -32.89
N VAL C 141 20.26 4.59 -32.28
CA VAL C 141 20.81 3.28 -31.90
C VAL C 141 21.34 3.38 -30.47
N ILE C 142 21.02 2.39 -29.63
CA ILE C 142 21.51 2.23 -28.23
C ILE C 142 22.05 0.82 -28.10
N VAL C 143 23.29 0.67 -27.64
CA VAL C 143 23.90 -0.65 -27.31
C VAL C 143 24.08 -0.74 -25.79
N VAL C 144 23.67 -1.84 -25.18
CA VAL C 144 23.87 -2.17 -23.73
C VAL C 144 24.85 -3.34 -23.68
N ASP C 145 26.09 -3.06 -23.26
CA ASP C 145 27.17 -4.08 -23.24
C ASP C 145 27.13 -4.81 -21.89
N SER C 146 26.22 -5.78 -21.94
CA SER C 146 26.08 -7.07 -21.26
C SER C 146 25.02 -6.89 -20.19
N VAL C 147 23.89 -7.49 -20.50
CA VAL C 147 22.83 -7.97 -19.57
C VAL C 147 23.48 -8.69 -18.35
N ALA C 148 24.52 -9.50 -18.53
CA ALA C 148 25.16 -10.26 -17.42
C ALA C 148 25.72 -9.31 -16.35
N ALA C 149 26.03 -8.06 -16.72
CA ALA C 149 26.61 -7.05 -15.83
C ALA C 149 25.56 -6.09 -15.27
N LEU C 150 24.27 -6.25 -15.58
CA LEU C 150 23.20 -5.35 -15.06
C LEU C 150 22.80 -5.83 -13.67
N THR C 151 23.57 -5.45 -12.65
CA THR C 151 23.39 -5.84 -11.24
C THR C 151 22.26 -5.00 -10.63
N PRO C 152 21.23 -5.63 -10.01
CA PRO C 152 20.18 -4.88 -9.32
C PRO C 152 20.73 -4.20 -8.05
N LYS C 153 20.18 -3.03 -7.69
CA LYS C 153 20.64 -2.16 -6.57
C LYS C 153 20.78 -2.96 -5.26
N ALA C 154 19.78 -3.77 -4.92
CA ALA C 154 19.73 -4.60 -3.69
C ALA C 154 20.93 -5.55 -3.62
N GLU C 155 21.42 -6.04 -4.75
CA GLU C 155 22.58 -6.98 -4.83
C GLU C 155 23.90 -6.20 -4.71
N ILE C 156 23.96 -4.95 -5.18
CA ILE C 156 25.14 -4.04 -5.03
C ILE C 156 25.33 -3.71 -3.55
N GLU C 157 24.24 -3.35 -2.86
CA GLU C 157 24.25 -2.95 -1.43
C GLU C 157 24.55 -4.15 -0.52
N GLY C 158 24.17 -5.36 -0.93
CA GLY C 158 24.32 -6.60 -0.14
C GLY C 158 25.76 -7.08 -0.07
N GLU C 159 25.95 -8.33 0.38
CA GLU C 159 27.27 -9.00 0.55
C GLU C 159 27.39 -10.16 -0.46
N ILE C 160 28.63 -10.53 -0.78
CA ILE C 160 28.93 -11.74 -1.62
C ILE C 160 28.48 -12.97 -0.82
N GLY C 161 27.60 -13.78 -1.41
CA GLY C 161 26.97 -14.96 -0.78
C GLY C 161 25.47 -14.77 -0.62
N ASP C 162 24.99 -13.55 -0.42
CA ASP C 162 23.55 -13.22 -0.23
C ASP C 162 22.76 -13.65 -1.47
N SER C 163 21.69 -14.43 -1.26
CA SER C 163 20.78 -14.95 -2.33
C SER C 163 19.80 -13.83 -2.73
N HIS C 164 19.71 -13.54 -4.03
CA HIS C 164 18.76 -12.58 -4.65
C HIS C 164 18.07 -13.26 -5.83
N MET C 165 17.55 -14.47 -5.59
CA MET C 165 17.05 -15.40 -6.63
C MET C 165 15.90 -14.76 -7.42
N GLY C 166 16.07 -14.67 -8.75
CA GLY C 166 15.05 -14.19 -9.70
C GLY C 166 14.94 -12.69 -9.78
N LEU C 167 15.79 -11.92 -9.08
CA LEU C 167 15.65 -10.45 -8.95
C LEU C 167 16.07 -9.74 -10.24
N ALA C 168 17.18 -10.15 -10.86
CA ALA C 168 17.66 -9.63 -12.16
C ALA C 168 16.62 -9.92 -13.26
N ALA C 169 16.10 -11.15 -13.29
CA ALA C 169 15.07 -11.63 -14.22
C ALA C 169 13.78 -10.83 -14.04
N ARG C 170 13.48 -10.41 -12.83
CA ARG C 170 12.29 -9.57 -12.55
C ARG C 170 12.50 -8.15 -13.09
N MET C 171 13.71 -7.62 -12.94
CA MET C 171 14.10 -6.28 -13.44
C MET C 171 14.00 -6.25 -14.98
N MET C 172 14.52 -7.28 -15.66
CA MET C 172 14.50 -7.40 -17.14
C MET C 172 13.05 -7.50 -17.63
N SER C 173 12.22 -8.31 -16.99
CA SER C 173 10.79 -8.48 -17.34
C SER C 173 10.07 -7.14 -17.25
N GLN C 174 10.35 -6.34 -16.22
CA GLN C 174 9.77 -4.99 -16.03
C GLN C 174 10.28 -4.03 -17.11
N ALA C 175 11.55 -4.09 -17.47
CA ALA C 175 12.20 -3.17 -18.44
C ALA C 175 11.62 -3.36 -19.86
N MET C 176 11.42 -4.61 -20.29
CA MET C 176 10.87 -4.94 -21.63
C MET C 176 9.47 -4.32 -21.78
N ARG C 177 8.59 -4.57 -20.82
CA ARG C 177 7.22 -3.99 -20.73
C ARG C 177 7.24 -2.47 -20.97
N LYS C 178 8.12 -1.75 -20.28
CA LYS C 178 8.21 -0.26 -20.36
C LYS C 178 8.86 0.19 -21.67
N LEU C 179 9.88 -0.52 -22.17
CA LEU C 179 10.71 -0.08 -23.33
C LEU C 179 10.03 -0.34 -24.68
N ALA C 180 9.40 -1.50 -24.88
CA ALA C 180 8.98 -1.95 -26.23
C ALA C 180 8.14 -0.87 -26.92
N GLY C 181 7.23 -0.23 -26.19
CA GLY C 181 6.34 0.83 -26.71
C GLY C 181 7.09 2.11 -27.05
N ASN C 182 7.92 2.59 -26.13
CA ASN C 182 8.73 3.83 -26.32
C ASN C 182 9.68 3.68 -27.52
N LEU C 183 10.38 2.55 -27.64
CA LEU C 183 11.31 2.28 -28.78
C LEU C 183 10.58 2.38 -30.11
N LYS C 184 9.36 1.85 -30.21
CA LYS C 184 8.57 1.86 -31.47
C LYS C 184 8.15 3.29 -31.83
N GLN C 185 7.77 4.12 -30.85
CA GLN C 185 7.32 5.52 -31.10
C GLN C 185 8.49 6.36 -31.64
N SER C 186 9.63 6.31 -30.99
CA SER C 186 10.88 7.02 -31.36
C SER C 186 11.48 6.49 -32.66
N ASN C 187 11.29 5.20 -32.95
CA ASN C 187 11.93 4.45 -34.06
C ASN C 187 13.40 4.20 -33.73
N THR C 188 13.69 3.82 -32.49
CA THR C 188 15.03 3.59 -31.91
C THR C 188 15.34 2.08 -31.89
N LEU C 189 16.50 1.67 -32.38
CA LEU C 189 16.98 0.27 -32.32
C LEU C 189 17.73 0.11 -30.99
N LEU C 190 17.40 -0.89 -30.18
CA LEU C 190 18.09 -1.23 -28.91
C LEU C 190 18.74 -2.59 -29.07
N ILE C 191 20.07 -2.68 -28.92
CA ILE C 191 20.84 -3.95 -29.00
C ILE C 191 21.30 -4.31 -27.59
N PHE C 192 20.93 -5.49 -27.10
CA PHE C 192 21.48 -6.13 -25.88
C PHE C 192 22.53 -7.11 -26.30
N ILE C 193 23.74 -6.98 -25.75
CA ILE C 193 24.76 -8.05 -25.77
C ILE C 193 24.51 -8.91 -24.54
N ASN C 194 24.73 -10.22 -24.65
CA ASN C 194 24.53 -11.19 -23.57
C ASN C 194 25.65 -12.22 -23.61
N GLN C 195 25.96 -12.80 -22.46
CA GLN C 195 27.00 -13.82 -22.29
C GLN C 195 26.30 -15.18 -22.15
N ILE C 196 27.07 -16.25 -22.23
CA ILE C 196 26.56 -17.64 -22.12
C ILE C 196 26.91 -18.21 -20.75
N ARG C 197 26.04 -19.04 -20.17
CA ARG C 197 26.29 -19.76 -18.89
C ARG C 197 25.85 -21.22 -19.11
N MET C 198 26.36 -22.15 -18.31
CA MET C 198 25.95 -23.58 -18.37
C MET C 198 24.77 -23.80 -17.43
N LYS C 199 23.71 -24.43 -17.92
CA LYS C 199 22.62 -24.98 -17.07
C LYS C 199 23.06 -26.38 -16.65
N ILE C 200 22.95 -26.70 -15.36
CA ILE C 200 23.38 -27.99 -14.73
C ILE C 200 22.13 -28.83 -14.44
N GLY C 201 22.20 -30.14 -14.68
CA GLY C 201 21.09 -31.09 -14.49
C GLY C 201 20.09 -31.07 -15.64
N VAL C 202 20.58 -30.98 -16.89
CA VAL C 202 19.81 -31.24 -18.14
C VAL C 202 20.73 -32.05 -19.08
N MET C 203 20.14 -32.95 -19.88
CA MET C 203 20.88 -33.85 -20.82
C MET C 203 20.39 -33.67 -22.26
N PHE C 204 19.07 -33.58 -22.47
CA PHE C 204 18.44 -33.24 -23.78
C PHE C 204 18.85 -31.82 -24.19
N GLY C 205 18.89 -31.57 -25.51
CA GLY C 205 19.24 -30.26 -26.11
C GLY C 205 20.64 -29.80 -25.70
N ASN C 206 20.87 -28.49 -25.69
CA ASN C 206 22.17 -27.88 -25.30
C ASN C 206 22.15 -27.55 -23.81
N PRO C 207 23.29 -27.70 -23.10
CA PRO C 207 23.43 -27.17 -21.75
C PRO C 207 23.72 -25.66 -21.69
N GLU C 208 23.97 -25.00 -22.83
CA GLU C 208 24.17 -23.52 -22.91
C GLU C 208 22.84 -22.81 -22.65
N THR C 209 22.85 -21.79 -21.81
CA THR C 209 21.76 -20.78 -21.69
C THR C 209 22.39 -19.38 -21.74
N THR C 210 21.60 -18.34 -21.56
CA THR C 210 22.04 -16.92 -21.47
C THR C 210 21.58 -16.36 -20.14
N THR C 211 22.00 -15.15 -19.78
CA THR C 211 21.72 -14.51 -18.47
C THR C 211 20.45 -13.68 -18.57
N GLY C 212 19.86 -13.34 -17.43
CA GLY C 212 18.81 -12.31 -17.30
C GLY C 212 17.39 -12.84 -17.45
N GLY C 213 17.22 -14.17 -17.44
CA GLY C 213 15.89 -14.79 -17.48
C GLY C 213 15.27 -14.75 -18.87
N ASN C 214 13.95 -14.93 -18.96
CA ASN C 214 13.28 -15.42 -20.18
C ASN C 214 12.59 -14.30 -20.96
N ALA C 215 12.35 -13.13 -20.39
CA ALA C 215 11.58 -12.04 -21.05
C ALA C 215 12.22 -11.60 -22.37
N LEU C 216 13.54 -11.45 -22.41
CA LEU C 216 14.27 -10.91 -23.60
C LEU C 216 14.07 -11.81 -24.83
N LYS C 217 14.06 -13.13 -24.64
CA LYS C 217 13.75 -14.12 -25.71
C LYS C 217 12.40 -13.85 -26.39
N PHE C 218 11.39 -13.45 -25.64
CA PHE C 218 10.04 -13.18 -26.17
C PHE C 218 10.00 -11.83 -26.89
N TYR C 219 10.64 -10.80 -26.36
CA TYR C 219 10.51 -9.41 -26.87
C TYR C 219 11.47 -9.12 -28.03
N ALA C 220 12.56 -9.87 -28.19
CA ALA C 220 13.54 -9.67 -29.27
C ALA C 220 12.93 -10.00 -30.63
N SER C 221 13.09 -9.12 -31.61
CA SER C 221 12.71 -9.33 -33.03
C SER C 221 13.77 -10.17 -33.75
N VAL C 222 15.03 -10.10 -33.32
CA VAL C 222 16.20 -10.82 -33.89
C VAL C 222 17.07 -11.29 -32.74
N ARG C 223 17.50 -12.54 -32.78
CA ARG C 223 18.54 -13.09 -31.88
C ARG C 223 19.66 -13.73 -32.72
N LEU C 224 20.89 -13.39 -32.38
CA LEU C 224 22.14 -13.69 -33.11
C LEU C 224 23.07 -14.49 -32.19
N ASP C 225 23.54 -15.63 -32.65
CA ASP C 225 24.58 -16.46 -31.98
C ASP C 225 25.89 -16.29 -32.76
N ILE C 226 26.91 -15.68 -32.17
CA ILE C 226 28.22 -15.42 -32.83
C ILE C 226 29.28 -16.32 -32.22
N ARG C 227 30.15 -16.90 -33.04
CA ARG C 227 31.21 -17.86 -32.62
C ARG C 227 32.49 -17.68 -33.44
N ARG C 228 33.64 -17.79 -32.77
CA ARG C 228 34.97 -17.84 -33.43
C ARG C 228 35.23 -19.28 -33.90
N ILE C 229 35.44 -19.49 -35.19
CA ILE C 229 35.59 -20.84 -35.80
C ILE C 229 37.01 -21.06 -36.35
N GLY C 230 37.97 -20.17 -36.04
CA GLY C 230 39.36 -20.33 -36.48
C GLY C 230 40.14 -19.03 -36.53
N ALA C 231 41.44 -19.16 -36.74
CA ALA C 231 42.41 -18.04 -36.85
C ALA C 231 42.64 -17.66 -38.31
N VAL C 232 42.90 -16.38 -38.56
CA VAL C 232 43.46 -15.82 -39.83
C VAL C 232 44.95 -15.53 -39.61
N LYS C 233 45.82 -16.02 -40.49
CA LYS C 233 47.30 -15.98 -40.31
C LYS C 233 47.99 -15.34 -41.51
N GLU C 234 49.09 -14.62 -41.25
CA GLU C 234 50.09 -14.15 -42.24
C GLU C 234 51.40 -14.89 -41.97
N GLY C 235 51.47 -16.15 -42.41
CA GLY C 235 52.53 -17.10 -42.05
C GLY C 235 52.34 -17.62 -40.64
N GLU C 236 52.92 -16.93 -39.66
CA GLU C 236 52.93 -17.32 -38.22
C GLU C 236 52.13 -16.32 -37.38
N ASN C 237 52.21 -15.03 -37.70
CA ASN C 237 51.46 -13.93 -37.02
C ASN C 237 49.95 -14.16 -37.18
N VAL C 238 49.26 -14.47 -36.07
CA VAL C 238 47.77 -14.51 -36.01
C VAL C 238 47.28 -13.06 -36.10
N VAL C 239 46.53 -12.75 -37.16
CA VAL C 239 46.17 -11.36 -37.56
C VAL C 239 44.64 -11.13 -37.43
N GLY C 240 43.86 -12.19 -37.15
CA GLY C 240 42.39 -12.07 -37.04
C GLY C 240 41.68 -13.36 -36.72
N SER C 241 40.33 -13.31 -36.76
CA SER C 241 39.40 -14.41 -36.41
C SER C 241 38.46 -14.70 -37.58
N GLU C 242 38.35 -15.96 -37.98
CA GLU C 242 37.21 -16.49 -38.80
C GLU C 242 35.99 -16.62 -37.87
N THR C 243 34.86 -16.08 -38.29
CA THR C 243 33.66 -15.86 -37.45
C THR C 243 32.43 -16.44 -38.15
N ARG C 244 31.50 -17.02 -37.39
CA ARG C 244 30.18 -17.50 -37.88
C ARG C 244 29.05 -16.89 -37.06
N VAL C 245 28.07 -16.28 -37.73
CA VAL C 245 26.82 -15.76 -37.09
C VAL C 245 25.64 -16.58 -37.58
N LYS C 246 24.88 -17.16 -36.64
CA LYS C 246 23.60 -17.87 -36.85
C LYS C 246 22.44 -17.00 -36.40
N VAL C 247 21.46 -16.82 -37.28
CA VAL C 247 20.19 -16.13 -36.97
C VAL C 247 19.27 -17.16 -36.32
N VAL C 248 19.17 -17.10 -35.01
CA VAL C 248 18.54 -18.12 -34.13
C VAL C 248 17.06 -17.73 -33.85
N LYS C 249 16.66 -16.48 -34.08
CA LYS C 249 15.26 -15.98 -34.03
C LYS C 249 15.13 -14.83 -35.01
N ASN C 250 14.02 -14.78 -35.75
CA ASN C 250 13.78 -13.73 -36.77
C ASN C 250 12.27 -13.56 -36.95
N LYS C 251 11.72 -12.36 -36.72
CA LYS C 251 10.29 -12.03 -36.91
C LYS C 251 10.09 -11.09 -38.10
N ILE C 252 11.11 -10.80 -38.88
CA ILE C 252 10.98 -9.88 -40.06
C ILE C 252 11.37 -10.62 -41.35
N ALA C 253 11.75 -11.89 -41.24
CA ALA C 253 12.10 -12.77 -42.38
C ALA C 253 12.37 -14.17 -41.81
N ALA C 254 12.64 -15.12 -42.68
CA ALA C 254 12.83 -16.54 -42.30
C ALA C 254 14.06 -16.67 -41.42
N PRO C 255 14.05 -17.47 -40.35
CA PRO C 255 15.22 -17.69 -39.53
C PRO C 255 16.10 -18.87 -39.96
N PHE C 256 17.19 -19.08 -39.23
CA PHE C 256 18.14 -20.22 -39.30
C PHE C 256 19.10 -20.11 -40.50
N LYS C 257 19.22 -18.95 -41.16
CA LYS C 257 20.30 -18.68 -42.12
C LYS C 257 21.59 -18.32 -41.34
N GLN C 258 22.76 -18.43 -41.97
CA GLN C 258 24.05 -18.13 -41.31
C GLN C 258 24.97 -17.31 -42.22
N ALA C 259 25.99 -16.73 -41.62
CA ALA C 259 26.95 -15.80 -42.26
C ALA C 259 28.34 -16.11 -41.73
N GLU C 260 29.33 -16.19 -42.62
CA GLU C 260 30.77 -16.40 -42.30
C GLU C 260 31.54 -15.18 -42.80
N PHE C 261 32.42 -14.63 -41.97
CA PHE C 261 33.28 -13.48 -42.35
C PHE C 261 34.51 -13.45 -41.45
N GLN C 262 35.46 -12.58 -41.78
CA GLN C 262 36.72 -12.38 -41.01
C GLN C 262 36.62 -11.08 -40.24
N ILE C 263 37.06 -11.10 -38.98
CA ILE C 263 37.40 -9.89 -38.18
C ILE C 263 38.92 -9.81 -38.08
N LEU C 264 39.51 -8.76 -38.66
CA LEU C 264 40.98 -8.50 -38.62
C LEU C 264 41.27 -7.51 -37.50
N TYR C 265 42.18 -7.86 -36.59
CA TYR C 265 42.49 -7.08 -35.36
C TYR C 265 43.01 -5.70 -35.78
N GLY C 266 42.27 -4.65 -35.43
CA GLY C 266 42.63 -3.23 -35.70
C GLY C 266 41.83 -2.62 -36.83
N GLU C 267 41.28 -3.42 -37.75
CA GLU C 267 40.48 -2.95 -38.91
C GLU C 267 38.99 -3.22 -38.68
N GLY C 268 38.65 -4.41 -38.16
CA GLY C 268 37.27 -4.87 -37.98
C GLY C 268 36.86 -5.90 -39.02
N ILE C 269 35.63 -5.80 -39.54
CA ILE C 269 35.03 -6.79 -40.48
C ILE C 269 35.64 -6.58 -41.87
N ASN C 270 36.18 -7.65 -42.46
CA ASN C 270 36.84 -7.65 -43.78
C ASN C 270 35.78 -7.67 -44.88
N PHE C 271 35.33 -6.48 -45.32
CA PHE C 271 34.30 -6.26 -46.36
C PHE C 271 34.70 -6.92 -47.68
N TYR C 272 35.88 -6.59 -48.22
CA TYR C 272 36.38 -7.09 -49.53
C TYR C 272 36.49 -8.61 -49.51
N GLY C 273 36.91 -9.18 -48.38
CA GLY C 273 36.92 -10.64 -48.15
C GLY C 273 35.56 -11.29 -48.42
N GLU C 274 34.47 -10.65 -47.98
CA GLU C 274 33.07 -11.14 -48.18
C GLU C 274 32.71 -11.06 -49.65
N LEU C 275 33.00 -9.91 -50.28
CA LEU C 275 32.64 -9.57 -51.69
C LEU C 275 33.24 -10.58 -52.66
N VAL C 276 34.42 -11.13 -52.34
CA VAL C 276 35.07 -12.23 -53.13
C VAL C 276 34.20 -13.49 -53.01
N ASP C 277 33.91 -13.94 -51.79
CA ASP C 277 33.15 -15.19 -51.50
C ASP C 277 31.76 -15.13 -52.16
N LEU C 278 31.08 -13.99 -52.09
CA LEU C 278 29.73 -13.76 -52.66
C LEU C 278 29.83 -13.64 -54.20
N GLY C 279 30.92 -13.06 -54.71
CA GLY C 279 31.24 -13.03 -56.15
C GLY C 279 31.40 -14.42 -56.74
N VAL C 280 32.10 -15.31 -56.02
CA VAL C 280 32.30 -16.75 -56.39
C VAL C 280 30.94 -17.46 -56.44
N LYS C 281 30.15 -17.31 -55.38
CA LYS C 281 28.85 -18.02 -55.17
C LYS C 281 27.86 -17.64 -56.29
N GLU C 282 27.91 -16.40 -56.79
CA GLU C 282 26.99 -15.86 -57.82
C GLU C 282 27.59 -15.96 -59.24
N LYS C 283 28.71 -16.68 -59.40
CA LYS C 283 29.36 -16.98 -60.71
C LYS C 283 29.75 -15.68 -61.43
N LEU C 284 30.08 -14.61 -60.69
CA LEU C 284 30.67 -13.36 -61.23
C LEU C 284 32.20 -13.42 -61.11
N ILE C 285 32.72 -14.37 -60.33
CA ILE C 285 34.18 -14.62 -60.13
C ILE C 285 34.42 -16.13 -60.24
N GLU C 286 35.41 -16.54 -61.04
CA GLU C 286 35.79 -17.95 -61.30
C GLU C 286 36.92 -18.35 -60.36
N LYS C 287 36.84 -19.57 -59.79
CA LYS C 287 37.91 -20.17 -58.95
C LYS C 287 38.35 -21.50 -59.57
N ALA C 288 39.63 -21.61 -59.97
CA ALA C 288 40.29 -22.82 -60.49
C ALA C 288 41.28 -23.33 -59.44
N GLY C 289 40.79 -24.11 -58.47
CA GLY C 289 41.57 -24.64 -57.34
C GLY C 289 41.80 -23.59 -56.27
N ALA C 290 43.01 -23.01 -56.22
CA ALA C 290 43.40 -21.89 -55.33
C ALA C 290 43.78 -20.66 -56.17
N TRP C 291 43.27 -20.57 -57.41
CA TRP C 291 43.47 -19.43 -58.34
C TRP C 291 42.13 -18.77 -58.65
N TYR C 292 41.98 -17.49 -58.32
CA TYR C 292 40.77 -16.66 -58.58
C TYR C 292 40.99 -15.86 -59.87
N SER C 293 39.96 -15.76 -60.71
CA SER C 293 39.97 -15.06 -62.02
C SER C 293 38.65 -14.32 -62.23
N TYR C 294 38.71 -13.10 -62.80
CA TYR C 294 37.54 -12.22 -63.11
C TYR C 294 37.54 -11.88 -64.61
N LYS C 295 36.61 -12.49 -65.36
CA LYS C 295 36.41 -12.29 -66.82
C LYS C 295 37.71 -12.62 -67.58
N GLY C 296 38.30 -13.78 -67.27
CA GLY C 296 39.56 -14.27 -67.88
C GLY C 296 40.79 -13.82 -67.12
N GLU C 297 40.89 -12.53 -66.81
CA GLU C 297 42.03 -11.88 -66.08
C GLU C 297 42.21 -12.55 -64.72
N LYS C 298 43.43 -13.00 -64.43
CA LYS C 298 43.82 -13.64 -63.14
C LYS C 298 44.00 -12.55 -62.08
N ILE C 299 43.10 -12.49 -61.08
CA ILE C 299 43.06 -11.41 -60.05
C ILE C 299 44.08 -11.71 -58.94
N GLY C 300 44.33 -12.99 -58.63
CA GLY C 300 45.34 -13.40 -57.64
C GLY C 300 45.30 -14.89 -57.34
N GLN C 301 46.11 -15.34 -56.38
CA GLN C 301 46.20 -16.75 -55.90
C GLN C 301 46.05 -16.78 -54.37
N GLY C 302 45.05 -17.49 -53.86
CA GLY C 302 44.59 -17.41 -52.46
C GLY C 302 43.65 -16.24 -52.26
N LYS C 303 42.82 -16.29 -51.22
CA LYS C 303 41.74 -15.28 -50.97
C LYS C 303 42.37 -13.93 -50.63
N ALA C 304 43.49 -13.91 -49.90
CA ALA C 304 44.18 -12.70 -49.40
C ALA C 304 44.70 -11.83 -50.56
N ASN C 305 45.31 -12.45 -51.57
CA ASN C 305 45.86 -11.77 -52.78
C ASN C 305 44.70 -11.24 -53.64
N ALA C 306 43.66 -12.05 -53.82
CA ALA C 306 42.41 -11.69 -54.53
C ALA C 306 41.74 -10.50 -53.85
N THR C 307 41.73 -10.48 -52.51
CA THR C 307 41.17 -9.38 -51.67
C THR C 307 42.00 -8.11 -51.90
N ALA C 308 43.32 -8.24 -51.87
CA ALA C 308 44.30 -7.14 -52.07
C ALA C 308 44.13 -6.52 -53.46
N TRP C 309 43.87 -7.36 -54.48
CA TRP C 309 43.60 -6.92 -55.88
C TRP C 309 42.33 -6.07 -55.93
N LEU C 310 41.24 -6.53 -55.29
CA LEU C 310 39.93 -5.81 -55.28
C LEU C 310 40.06 -4.47 -54.57
N LYS C 311 40.93 -4.37 -53.56
CA LYS C 311 41.20 -3.12 -52.81
C LYS C 311 41.89 -2.11 -53.73
N ASP C 312 42.78 -2.57 -54.61
CA ASP C 312 43.60 -1.73 -55.53
C ASP C 312 42.77 -1.24 -56.73
N ASN C 313 41.64 -1.90 -57.05
CA ASN C 313 40.79 -1.61 -58.23
C ASN C 313 39.38 -1.26 -57.78
N PRO C 314 39.12 -0.03 -57.27
CA PRO C 314 37.77 0.36 -56.80
C PRO C 314 36.64 0.24 -57.84
N GLU C 315 36.94 0.37 -59.13
CA GLU C 315 35.92 0.33 -60.22
C GLU C 315 35.33 -1.08 -60.36
N THR C 316 36.17 -2.12 -60.33
CA THR C 316 35.76 -3.55 -60.42
C THR C 316 34.98 -3.94 -59.15
N ALA C 317 35.46 -3.52 -57.97
CA ALA C 317 34.85 -3.77 -56.65
C ALA C 317 33.49 -3.08 -56.53
N LYS C 318 33.35 -1.87 -57.09
CA LYS C 318 32.05 -1.14 -57.20
C LYS C 318 31.06 -1.98 -58.01
N GLU C 319 31.47 -2.38 -59.22
CA GLU C 319 30.65 -3.13 -60.21
C GLU C 319 30.15 -4.44 -59.59
N ILE C 320 31.06 -5.24 -59.02
CA ILE C 320 30.75 -6.57 -58.40
C ILE C 320 29.75 -6.37 -57.24
N GLU C 321 29.88 -5.29 -56.47
CA GLU C 321 28.98 -4.98 -55.33
C GLU C 321 27.55 -4.74 -55.86
N LYS C 322 27.40 -3.94 -56.93
CA LYS C 322 26.08 -3.60 -57.54
C LYS C 322 25.32 -4.88 -57.90
N LYS C 323 26.00 -5.83 -58.56
CA LYS C 323 25.44 -7.11 -59.07
C LYS C 323 24.96 -7.97 -57.91
N VAL C 324 25.81 -8.18 -56.90
CA VAL C 324 25.54 -9.01 -55.68
C VAL C 324 24.33 -8.41 -54.94
N ARG C 325 24.31 -7.09 -54.78
CA ARG C 325 23.21 -6.33 -54.11
C ARG C 325 21.91 -6.53 -54.89
N GLU C 326 21.96 -6.34 -56.21
CA GLU C 326 20.80 -6.51 -57.15
C GLU C 326 20.23 -7.94 -57.01
N LEU C 327 21.09 -8.95 -56.99
CA LEU C 327 20.72 -10.40 -57.07
C LEU C 327 20.12 -10.90 -55.74
N LEU C 328 20.83 -10.74 -54.62
CA LEU C 328 20.58 -11.47 -53.35
C LEU C 328 19.76 -10.64 -52.35
N LEU C 329 19.86 -9.30 -52.39
CA LEU C 329 19.01 -8.41 -51.54
C LEU C 329 17.65 -8.24 -52.22
N SER C 330 16.64 -8.93 -51.69
CA SER C 330 15.31 -9.18 -52.33
C SER C 330 14.38 -7.97 -52.23
N ASN C 331 14.62 -7.06 -51.27
CA ASN C 331 13.70 -5.94 -50.91
C ASN C 331 14.49 -4.66 -50.68
N PRO C 332 14.98 -3.98 -51.74
CA PRO C 332 15.54 -2.63 -51.61
C PRO C 332 14.41 -1.59 -51.50
N ASN C 333 14.66 -0.47 -50.81
CA ASN C 333 13.75 0.71 -50.77
C ASN C 333 13.76 1.36 -52.15
N SER C 334 14.90 1.89 -52.58
CA SER C 334 15.19 2.45 -53.93
C SER C 334 16.50 3.25 -53.89
N ALA D 2 -54.23 -28.18 -6.37
CA ALA D 2 -54.61 -27.12 -5.38
C ALA D 2 -53.36 -26.38 -4.90
N ILE D 3 -52.40 -27.10 -4.32
CA ILE D 3 -51.09 -26.58 -3.83
C ILE D 3 -50.14 -26.39 -5.02
N ASP D 4 -50.19 -27.33 -5.98
CA ASP D 4 -49.43 -27.31 -7.26
C ASP D 4 -49.83 -26.07 -8.08
N GLU D 5 -51.11 -25.68 -8.03
CA GLU D 5 -51.72 -24.65 -8.91
C GLU D 5 -51.39 -23.24 -8.43
N ASN D 6 -51.42 -22.98 -7.12
CA ASN D 6 -51.08 -21.67 -6.50
C ASN D 6 -49.59 -21.37 -6.71
N LYS D 7 -48.75 -22.41 -6.79
CA LYS D 7 -47.30 -22.29 -7.07
C LYS D 7 -47.09 -21.78 -8.51
N GLN D 8 -47.73 -22.41 -9.50
CA GLN D 8 -47.61 -22.04 -10.94
C GLN D 8 -47.99 -20.56 -11.13
N LYS D 9 -49.00 -20.13 -10.39
CA LYS D 9 -49.57 -18.75 -10.44
C LYS D 9 -48.58 -17.76 -9.81
N ALA D 10 -48.00 -18.12 -8.67
CA ALA D 10 -46.94 -17.36 -7.96
C ALA D 10 -45.70 -17.22 -8.84
N LEU D 11 -45.29 -18.32 -9.49
CA LEU D 11 -44.12 -18.37 -10.41
C LEU D 11 -44.37 -17.42 -11.60
N ALA D 12 -45.49 -17.61 -12.30
CA ALA D 12 -45.91 -16.77 -13.46
C ALA D 12 -45.87 -15.28 -13.10
N ALA D 13 -46.34 -14.92 -11.91
CA ALA D 13 -46.37 -13.53 -11.38
C ALA D 13 -44.94 -12.99 -11.19
N ALA D 14 -44.07 -13.79 -10.56
CA ALA D 14 -42.65 -13.46 -10.28
C ALA D 14 -41.89 -13.26 -11.61
N LEU D 15 -42.03 -14.22 -12.54
CA LEU D 15 -41.43 -14.14 -13.89
C LEU D 15 -41.84 -12.85 -14.59
N GLY D 16 -43.14 -12.49 -14.53
CA GLY D 16 -43.70 -11.26 -15.12
C GLY D 16 -43.09 -10.00 -14.51
N GLN D 17 -42.98 -9.96 -13.18
CA GLN D 17 -42.39 -8.82 -12.40
C GLN D 17 -40.93 -8.61 -12.82
N ILE D 18 -40.13 -9.69 -12.90
CA ILE D 18 -38.70 -9.66 -13.33
C ILE D 18 -38.63 -9.09 -14.76
N GLU D 19 -39.46 -9.60 -15.66
CA GLU D 19 -39.41 -9.27 -17.12
C GLU D 19 -39.71 -7.78 -17.35
N LYS D 20 -40.62 -7.16 -16.58
CA LYS D 20 -40.92 -5.72 -16.74
C LYS D 20 -39.80 -4.87 -16.11
N GLN D 21 -39.30 -5.26 -14.94
CA GLN D 21 -38.22 -4.56 -14.19
C GLN D 21 -36.93 -4.49 -15.03
N PHE D 22 -36.54 -5.59 -15.69
CA PHE D 22 -35.19 -5.75 -16.32
C PHE D 22 -35.24 -5.91 -17.84
N GLY D 23 -36.36 -6.35 -18.42
CA GLY D 23 -36.53 -6.49 -19.89
C GLY D 23 -36.93 -7.89 -20.29
N LYS D 24 -37.20 -8.09 -21.59
CA LYS D 24 -37.97 -9.25 -22.13
C LYS D 24 -37.27 -10.58 -21.81
N GLY D 25 -35.99 -10.73 -22.20
CA GLY D 25 -35.28 -12.02 -22.13
C GLY D 25 -34.45 -12.19 -20.86
N SER D 26 -34.77 -11.46 -19.78
CA SER D 26 -33.98 -11.39 -18.53
C SER D 26 -34.08 -12.70 -17.75
N ILE D 27 -35.18 -13.45 -17.86
CA ILE D 27 -35.26 -14.85 -17.34
C ILE D 27 -36.12 -15.68 -18.30
N MET D 28 -35.72 -16.92 -18.55
CA MET D 28 -36.53 -17.88 -19.34
C MET D 28 -36.05 -19.31 -19.09
N ARG D 29 -36.78 -20.29 -19.63
CA ARG D 29 -36.41 -21.71 -19.59
C ARG D 29 -35.19 -21.96 -20.47
N LEU D 30 -34.19 -22.69 -19.95
CA LEU D 30 -32.87 -22.92 -20.61
C LEU D 30 -33.08 -23.52 -22.00
N GLY D 31 -33.96 -24.52 -22.11
CA GLY D 31 -34.25 -25.27 -23.34
C GLY D 31 -34.86 -24.45 -24.45
N GLU D 32 -35.40 -23.26 -24.19
CA GLU D 32 -36.02 -22.40 -25.24
C GLU D 32 -35.29 -21.06 -25.33
N ASP D 33 -34.00 -21.02 -24.97
CA ASP D 33 -33.09 -19.86 -25.13
C ASP D 33 -32.06 -20.19 -26.22
N ARG D 34 -32.26 -19.64 -27.42
CA ARG D 34 -31.39 -19.88 -28.60
C ARG D 34 -30.05 -19.14 -28.44
N SER D 35 -30.01 -18.05 -27.67
CA SER D 35 -28.78 -17.24 -27.44
C SER D 35 -27.72 -18.06 -26.67
N MET D 36 -28.11 -19.10 -25.93
CA MET D 36 -27.21 -19.95 -25.11
C MET D 36 -26.60 -21.10 -25.94
N ASP D 37 -26.99 -21.28 -27.20
CA ASP D 37 -26.40 -22.32 -28.08
C ASP D 37 -24.97 -21.92 -28.47
N VAL D 38 -24.08 -22.91 -28.49
CA VAL D 38 -22.62 -22.74 -28.80
C VAL D 38 -22.41 -22.82 -30.31
N GLU D 39 -22.05 -21.69 -30.92
CA GLU D 39 -21.61 -21.52 -32.33
C GLU D 39 -20.08 -21.46 -32.37
N THR D 40 -19.44 -22.16 -33.31
CA THR D 40 -17.95 -22.22 -33.44
C THR D 40 -17.47 -21.65 -34.77
N ILE D 41 -16.17 -21.39 -34.85
CA ILE D 41 -15.44 -20.72 -35.97
C ILE D 41 -14.13 -21.50 -36.15
N SER D 42 -13.70 -21.75 -37.39
CA SER D 42 -12.50 -22.60 -37.69
C SER D 42 -11.22 -21.99 -37.12
N THR D 43 -10.24 -22.84 -36.79
CA THR D 43 -8.88 -22.44 -36.34
C THR D 43 -7.88 -22.38 -37.50
N GLY D 44 -8.28 -22.74 -38.74
CA GLY D 44 -7.36 -22.91 -39.87
C GLY D 44 -6.83 -24.34 -39.95
N SER D 45 -6.39 -24.92 -38.84
CA SER D 45 -6.01 -26.35 -38.71
C SER D 45 -7.26 -27.23 -38.69
N LEU D 46 -7.18 -28.45 -39.23
CA LEU D 46 -8.26 -29.48 -39.21
C LEU D 46 -8.06 -30.43 -38.05
N SER D 47 -6.82 -30.79 -37.72
CA SER D 47 -6.49 -31.63 -36.56
C SER D 47 -6.88 -30.95 -35.24
N LEU D 48 -6.85 -29.61 -35.19
CA LEU D 48 -7.19 -28.79 -33.98
C LEU D 48 -8.71 -28.68 -33.86
N ASP D 49 -9.41 -28.41 -34.96
CA ASP D 49 -10.90 -28.48 -35.01
C ASP D 49 -11.40 -29.83 -34.45
N ILE D 50 -10.71 -30.95 -34.70
CA ILE D 50 -11.08 -32.28 -34.14
C ILE D 50 -10.71 -32.39 -32.66
N ALA D 51 -9.56 -31.88 -32.23
CA ALA D 51 -9.13 -31.92 -30.81
C ALA D 51 -10.03 -31.02 -29.94
N LEU D 52 -10.66 -30.02 -30.50
CA LEU D 52 -11.56 -29.10 -29.78
C LEU D 52 -12.95 -29.71 -29.61
N GLY D 53 -13.28 -30.78 -30.35
CA GLY D 53 -14.51 -31.56 -30.15
C GLY D 53 -15.77 -30.93 -30.71
N ALA D 54 -15.93 -29.61 -30.72
CA ALA D 54 -17.10 -28.92 -31.33
C ALA D 54 -16.72 -28.29 -32.68
N GLY D 55 -15.56 -28.66 -33.24
CA GLY D 55 -15.13 -28.21 -34.58
C GLY D 55 -14.88 -26.72 -34.68
N GLY D 56 -14.28 -26.11 -33.65
CA GLY D 56 -13.83 -24.71 -33.73
C GLY D 56 -13.72 -24.04 -32.39
N LEU D 57 -13.40 -22.75 -32.43
CA LEU D 57 -13.35 -21.89 -31.22
C LEU D 57 -14.72 -21.26 -31.07
N PRO D 58 -15.24 -21.14 -29.83
CA PRO D 58 -16.61 -20.68 -29.60
C PRO D 58 -16.80 -19.15 -29.59
N MET D 59 -17.78 -18.67 -30.34
CA MET D 59 -18.16 -17.24 -30.40
C MET D 59 -18.78 -16.81 -29.06
N GLY D 60 -18.52 -15.58 -28.64
CA GLY D 60 -19.03 -15.00 -27.39
C GLY D 60 -18.21 -15.36 -26.16
N ARG D 61 -17.05 -15.99 -26.33
CA ARG D 61 -16.26 -16.51 -25.18
C ARG D 61 -14.87 -15.89 -25.19
N ILE D 62 -14.09 -16.23 -24.17
CA ILE D 62 -12.66 -15.85 -23.99
C ILE D 62 -11.82 -17.11 -24.21
N VAL D 63 -10.77 -16.98 -25.03
CA VAL D 63 -9.77 -18.06 -25.30
C VAL D 63 -8.38 -17.57 -24.88
N GLU D 64 -7.56 -18.48 -24.39
CA GLU D 64 -6.15 -18.22 -24.06
C GLU D 64 -5.27 -19.17 -24.88
N ILE D 65 -4.28 -18.60 -25.58
CA ILE D 65 -3.17 -19.36 -26.25
C ILE D 65 -1.85 -19.00 -25.58
N TYR D 66 -1.16 -19.95 -25.01
CA TYR D 66 0.17 -19.72 -24.40
C TYR D 66 1.18 -20.73 -24.92
N GLY D 67 2.44 -20.35 -24.85
CA GLY D 67 3.56 -21.29 -25.07
C GLY D 67 4.90 -20.60 -24.93
N PRO D 68 6.00 -21.32 -25.19
CA PRO D 68 7.34 -20.74 -25.15
C PRO D 68 7.66 -19.91 -26.40
N GLU D 69 8.88 -19.39 -26.44
CA GLU D 69 9.34 -18.45 -27.48
C GLU D 69 9.27 -19.13 -28.87
N SER D 70 8.78 -18.42 -29.88
CA SER D 70 8.79 -18.83 -31.31
C SER D 70 8.04 -20.16 -31.54
N SER D 71 6.94 -20.40 -30.85
CA SER D 71 6.16 -21.66 -30.88
C SER D 71 4.99 -21.56 -31.89
N GLY D 72 4.70 -20.38 -32.42
CA GLY D 72 3.68 -20.18 -33.45
C GLY D 72 2.42 -19.48 -32.96
N LYS D 73 2.45 -18.88 -31.77
CA LYS D 73 1.30 -18.21 -31.13
C LYS D 73 0.68 -17.19 -32.07
N THR D 74 1.47 -16.26 -32.61
CA THR D 74 0.97 -15.16 -33.49
C THR D 74 0.48 -15.73 -34.83
N THR D 75 1.21 -16.66 -35.43
CA THR D 75 0.84 -17.35 -36.69
C THR D 75 -0.53 -18.03 -36.54
N LEU D 76 -0.76 -18.80 -35.49
CA LEU D 76 -2.03 -19.56 -35.28
C LEU D 76 -3.21 -18.58 -35.19
N THR D 77 -2.97 -17.48 -34.53
CA THR D 77 -3.98 -16.43 -34.24
C THR D 77 -4.30 -15.69 -35.55
N LEU D 78 -3.35 -15.51 -36.47
CA LEU D 78 -3.57 -14.80 -37.76
C LEU D 78 -4.32 -15.70 -38.76
N GLN D 79 -4.12 -17.01 -38.70
CA GLN D 79 -4.88 -18.00 -39.50
C GLN D 79 -6.35 -18.05 -39.06
N VAL D 80 -6.64 -17.86 -37.78
CA VAL D 80 -8.04 -17.74 -37.27
C VAL D 80 -8.67 -16.51 -37.93
N ILE D 81 -8.00 -15.37 -37.89
CA ILE D 81 -8.45 -14.11 -38.54
C ILE D 81 -8.64 -14.36 -40.05
N ALA D 82 -7.71 -15.05 -40.70
CA ALA D 82 -7.76 -15.24 -42.17
C ALA D 82 -9.01 -16.06 -42.53
N ALA D 83 -9.28 -17.13 -41.78
CA ALA D 83 -10.46 -18.02 -41.99
C ALA D 83 -11.75 -17.22 -41.74
N ALA D 84 -11.76 -16.33 -40.75
CA ALA D 84 -12.95 -15.57 -40.34
C ALA D 84 -13.28 -14.54 -41.41
N GLN D 85 -12.27 -13.86 -41.94
CA GLN D 85 -12.43 -12.82 -43.01
C GLN D 85 -12.98 -13.46 -44.28
N ARG D 86 -12.58 -14.70 -44.59
CA ARG D 86 -13.10 -15.44 -45.77
C ARG D 86 -14.62 -15.70 -45.64
N GLU D 87 -15.15 -15.76 -44.42
CA GLU D 87 -16.60 -15.99 -44.11
C GLU D 87 -17.32 -14.66 -43.84
N GLY D 88 -16.73 -13.51 -44.19
CA GLY D 88 -17.40 -12.19 -44.17
C GLY D 88 -17.32 -11.47 -42.82
N LYS D 89 -16.62 -12.02 -41.83
CA LYS D 89 -16.56 -11.42 -40.46
C LYS D 89 -15.53 -10.28 -40.42
N THR D 90 -15.65 -9.40 -39.43
CA THR D 90 -14.70 -8.29 -39.15
C THR D 90 -13.80 -8.62 -37.95
N CYS D 91 -12.51 -8.25 -38.03
CA CYS D 91 -11.48 -8.61 -37.04
C CYS D 91 -10.60 -7.43 -36.65
N ALA D 92 -10.16 -7.44 -35.39
CA ALA D 92 -9.25 -6.45 -34.80
C ALA D 92 -8.04 -7.15 -34.21
N PHE D 93 -6.86 -6.51 -34.27
CA PHE D 93 -5.61 -7.04 -33.68
C PHE D 93 -5.02 -5.96 -32.75
N ILE D 94 -4.98 -6.21 -31.44
CA ILE D 94 -4.41 -5.26 -30.43
C ILE D 94 -2.98 -5.72 -30.14
N ASP D 95 -1.98 -5.07 -30.75
CA ASP D 95 -0.55 -5.47 -30.77
C ASP D 95 0.23 -4.75 -29.66
N ALA D 96 0.07 -5.20 -28.42
CA ALA D 96 0.74 -4.67 -27.20
C ALA D 96 2.25 -4.96 -27.19
N GLU D 97 2.72 -5.97 -27.92
CA GLU D 97 4.17 -6.28 -28.03
C GLU D 97 4.85 -5.35 -29.04
N HIS D 98 4.10 -4.71 -29.94
CA HIS D 98 4.63 -3.73 -30.92
C HIS D 98 5.54 -4.46 -31.92
N ALA D 99 5.14 -5.66 -32.36
CA ALA D 99 6.01 -6.58 -33.12
C ALA D 99 5.28 -7.24 -34.30
N LEU D 100 4.24 -6.65 -34.86
CA LEU D 100 3.51 -7.25 -35.99
C LEU D 100 4.08 -6.72 -37.32
N ASP D 101 4.32 -7.64 -38.27
CA ASP D 101 4.80 -7.38 -39.66
C ASP D 101 3.61 -7.51 -40.61
N PRO D 102 3.03 -6.40 -41.12
CA PRO D 102 1.87 -6.50 -42.02
C PRO D 102 2.10 -7.27 -43.31
N ILE D 103 3.32 -7.27 -43.86
CA ILE D 103 3.63 -8.03 -45.11
C ILE D 103 3.53 -9.53 -44.83
N TYR D 104 3.94 -9.98 -43.65
CA TYR D 104 3.87 -11.41 -43.27
C TYR D 104 2.40 -11.82 -43.09
N ALA D 105 1.62 -11.01 -42.39
CA ALA D 105 0.17 -11.20 -42.20
C ALA D 105 -0.52 -11.43 -43.57
N ARG D 106 -0.25 -10.58 -44.55
CA ARG D 106 -0.76 -10.70 -45.95
C ARG D 106 -0.38 -12.05 -46.57
N LYS D 107 0.86 -12.50 -46.40
CA LYS D 107 1.35 -13.81 -46.92
C LYS D 107 0.53 -14.97 -46.34
N LEU D 108 0.03 -14.86 -45.11
CA LEU D 108 -0.73 -15.94 -44.42
C LEU D 108 -2.21 -15.87 -44.82
N GLY D 109 -2.63 -14.88 -45.60
CA GLY D 109 -3.97 -14.81 -46.20
C GLY D 109 -4.86 -13.82 -45.49
N VAL D 110 -4.31 -12.90 -44.71
CA VAL D 110 -5.10 -11.87 -43.99
C VAL D 110 -5.38 -10.74 -44.99
N ASP D 111 -6.59 -10.20 -44.98
CA ASP D 111 -6.94 -8.95 -45.71
C ASP D 111 -6.50 -7.77 -44.83
N ILE D 112 -5.26 -7.34 -45.04
CA ILE D 112 -4.56 -6.19 -44.41
C ILE D 112 -5.43 -4.92 -44.46
N ASP D 113 -6.17 -4.72 -45.55
CA ASP D 113 -6.88 -3.44 -45.82
C ASP D 113 -8.14 -3.32 -44.95
N ASN D 114 -8.67 -4.43 -44.42
CA ASN D 114 -9.89 -4.48 -43.56
C ASN D 114 -9.56 -4.77 -42.09
N LEU D 115 -8.39 -5.32 -41.77
CA LEU D 115 -7.97 -5.69 -40.39
C LEU D 115 -7.79 -4.41 -39.57
N LEU D 116 -8.59 -4.20 -38.53
CA LEU D 116 -8.38 -3.08 -37.56
C LEU D 116 -7.18 -3.42 -36.68
N CYS D 117 -6.28 -2.46 -36.47
CA CYS D 117 -5.04 -2.67 -35.69
C CYS D 117 -4.84 -1.48 -34.74
N SER D 118 -4.24 -1.74 -33.59
CA SER D 118 -4.01 -0.76 -32.52
C SER D 118 -2.72 -1.11 -31.77
N GLN D 119 -1.83 -0.15 -31.57
CA GLN D 119 -0.61 -0.31 -30.73
C GLN D 119 -0.75 0.62 -29.54
N PRO D 120 -1.35 0.15 -28.43
CA PRO D 120 -1.67 1.01 -27.30
C PRO D 120 -0.46 1.21 -26.39
N ASP D 121 -0.51 2.26 -25.57
CA ASP D 121 0.62 2.73 -24.72
C ASP D 121 0.55 2.03 -23.35
N THR D 122 -0.65 1.89 -22.79
CA THR D 122 -0.88 1.24 -21.46
C THR D 122 -1.73 -0.02 -21.64
N GLY D 123 -1.74 -0.87 -20.60
CA GLY D 123 -2.65 -2.01 -20.44
C GLY D 123 -4.10 -1.56 -20.36
N GLU D 124 -4.37 -0.44 -19.68
CA GLU D 124 -5.74 0.12 -19.50
C GLU D 124 -6.31 0.54 -20.84
N GLN D 125 -5.52 1.22 -21.67
CA GLN D 125 -5.98 1.67 -23.02
C GLN D 125 -6.33 0.45 -23.88
N ALA D 126 -5.47 -0.58 -23.87
CA ALA D 126 -5.66 -1.83 -24.65
C ALA D 126 -6.98 -2.51 -24.28
N LEU D 127 -7.25 -2.68 -22.98
CA LEU D 127 -8.50 -3.32 -22.49
C LEU D 127 -9.73 -2.39 -22.67
N GLU D 128 -9.57 -1.06 -22.66
CA GLU D 128 -10.68 -0.11 -22.95
C GLU D 128 -11.10 -0.15 -24.43
N ILE D 129 -10.14 -0.35 -25.34
CA ILE D 129 -10.44 -0.49 -26.80
C ILE D 129 -11.17 -1.82 -27.03
N CYS D 130 -10.80 -2.91 -26.34
CA CYS D 130 -11.50 -4.23 -26.42
C CYS D 130 -12.95 -4.09 -25.98
N ASP D 131 -13.19 -3.41 -24.85
CA ASP D 131 -14.55 -3.16 -24.32
C ASP D 131 -15.37 -2.31 -25.32
N ALA D 132 -14.78 -1.26 -25.89
CA ALA D 132 -15.45 -0.38 -26.88
C ALA D 132 -15.83 -1.13 -28.16
N LEU D 133 -14.95 -2.01 -28.65
CA LEU D 133 -15.20 -2.78 -29.89
C LEU D 133 -16.27 -3.86 -29.63
N ALA D 134 -16.19 -4.58 -28.50
CA ALA D 134 -17.21 -5.55 -28.05
C ALA D 134 -18.61 -4.89 -28.03
N ARG D 135 -18.77 -3.75 -27.33
CA ARG D 135 -20.09 -3.08 -27.15
C ARG D 135 -20.68 -2.65 -28.49
N SER D 136 -19.86 -2.32 -29.48
CA SER D 136 -20.28 -1.82 -30.82
C SER D 136 -21.19 -2.84 -31.53
N GLY D 137 -20.98 -4.14 -31.32
CA GLY D 137 -21.71 -5.22 -32.00
C GLY D 137 -21.27 -5.41 -33.44
N ALA D 138 -20.16 -4.82 -33.86
CA ALA D 138 -19.69 -4.75 -35.27
C ALA D 138 -18.42 -5.58 -35.51
N VAL D 139 -17.73 -6.02 -34.47
CA VAL D 139 -16.47 -6.82 -34.58
C VAL D 139 -16.77 -8.24 -34.10
N ASP D 140 -16.28 -9.26 -34.81
CA ASP D 140 -16.53 -10.70 -34.53
C ASP D 140 -15.34 -11.36 -33.80
N VAL D 141 -14.10 -11.00 -34.15
CA VAL D 141 -12.86 -11.56 -33.54
C VAL D 141 -11.92 -10.43 -33.15
N ILE D 142 -11.50 -10.41 -31.89
CA ILE D 142 -10.44 -9.52 -31.34
C ILE D 142 -9.29 -10.40 -30.83
N VAL D 143 -8.06 -10.09 -31.21
CA VAL D 143 -6.82 -10.76 -30.70
C VAL D 143 -5.99 -9.76 -29.89
N VAL D 144 -5.55 -10.14 -28.69
CA VAL D 144 -4.64 -9.32 -27.83
C VAL D 144 -3.27 -9.99 -27.78
N ASP D 145 -2.28 -9.42 -28.48
CA ASP D 145 -0.94 -10.06 -28.61
C ASP D 145 0.02 -9.38 -27.61
N SER D 146 -0.36 -9.59 -26.36
CA SER D 146 0.22 -10.43 -25.30
C SER D 146 -0.12 -9.74 -23.99
N VAL D 147 -0.68 -10.48 -23.05
CA VAL D 147 -0.98 -10.00 -21.67
C VAL D 147 0.33 -9.73 -20.93
N ALA D 148 1.47 -10.29 -21.32
CA ALA D 148 2.77 -9.97 -20.68
C ALA D 148 3.17 -8.53 -20.95
N ALA D 149 2.77 -7.98 -22.08
CA ALA D 149 3.08 -6.60 -22.52
C ALA D 149 1.97 -5.60 -22.14
N LEU D 150 0.94 -5.99 -21.40
CA LEU D 150 -0.18 -5.09 -20.97
C LEU D 150 0.24 -4.39 -19.68
N THR D 151 0.90 -3.24 -19.77
CA THR D 151 1.55 -2.57 -18.61
C THR D 151 0.59 -1.58 -17.99
N PRO D 152 0.34 -1.62 -16.66
CA PRO D 152 -0.50 -0.60 -16.01
C PRO D 152 0.16 0.78 -16.03
N LYS D 153 -0.65 1.84 -16.16
CA LYS D 153 -0.24 3.27 -16.23
C LYS D 153 0.74 3.63 -15.10
N ALA D 154 0.43 3.30 -13.86
CA ALA D 154 1.31 3.58 -12.69
C ALA D 154 2.74 3.09 -12.97
N GLU D 155 2.90 1.89 -13.52
CA GLU D 155 4.21 1.23 -13.79
C GLU D 155 4.93 1.92 -14.96
N ILE D 156 4.20 2.43 -15.95
CA ILE D 156 4.78 3.19 -17.09
C ILE D 156 5.33 4.52 -16.56
N GLU D 157 4.56 5.26 -15.77
CA GLU D 157 4.94 6.57 -15.19
C GLU D 157 6.08 6.41 -14.18
N GLY D 158 6.18 5.25 -13.51
CA GLY D 158 7.22 4.99 -12.49
C GLY D 158 8.60 4.78 -13.06
N GLU D 159 9.56 4.45 -12.21
CA GLU D 159 10.96 4.13 -12.58
C GLU D 159 11.17 2.62 -12.54
N ILE D 160 12.11 2.11 -13.34
CA ILE D 160 12.55 0.69 -13.34
C ILE D 160 13.12 0.38 -11.95
N GLY D 161 12.63 -0.69 -11.32
CA GLY D 161 13.01 -1.10 -9.96
C GLY D 161 11.90 -0.88 -8.95
N ASP D 162 10.96 0.03 -9.24
CA ASP D 162 9.73 0.27 -8.43
C ASP D 162 8.90 -1.02 -8.39
N SER D 163 8.42 -1.40 -7.21
CA SER D 163 7.57 -2.60 -6.97
C SER D 163 6.10 -2.22 -7.09
N HIS D 164 5.37 -2.85 -8.02
CA HIS D 164 3.89 -2.70 -8.21
C HIS D 164 3.25 -4.10 -8.10
N MET D 165 3.47 -4.79 -6.98
CA MET D 165 3.02 -6.20 -6.77
C MET D 165 1.50 -6.29 -6.86
N GLY D 166 1.03 -7.16 -7.77
CA GLY D 166 -0.39 -7.53 -7.94
C GLY D 166 -1.18 -6.54 -8.76
N LEU D 167 -0.55 -5.49 -9.27
CA LEU D 167 -1.25 -4.40 -9.96
C LEU D 167 -1.79 -4.84 -11.33
N ALA D 168 -0.99 -5.57 -12.10
CA ALA D 168 -1.35 -6.18 -13.40
C ALA D 168 -2.47 -7.22 -13.22
N ALA D 169 -2.31 -8.12 -12.24
CA ALA D 169 -3.32 -9.14 -11.85
C ALA D 169 -4.67 -8.47 -11.53
N ARG D 170 -4.64 -7.36 -10.82
CA ARG D 170 -5.86 -6.65 -10.37
C ARG D 170 -6.57 -5.99 -11.56
N MET D 171 -5.82 -5.44 -12.50
CA MET D 171 -6.33 -4.90 -13.79
C MET D 171 -6.99 -6.01 -14.62
N MET D 172 -6.38 -7.18 -14.70
CA MET D 172 -6.92 -8.34 -15.45
C MET D 172 -8.23 -8.84 -14.82
N SER D 173 -8.21 -9.04 -13.51
CA SER D 173 -9.37 -9.45 -12.68
C SER D 173 -10.55 -8.51 -12.94
N GLN D 174 -10.31 -7.21 -13.02
CA GLN D 174 -11.36 -6.19 -13.30
C GLN D 174 -11.82 -6.24 -14.76
N ALA D 175 -10.92 -6.46 -15.72
CA ALA D 175 -11.31 -6.50 -17.17
C ALA D 175 -12.16 -7.75 -17.48
N MET D 176 -11.86 -8.89 -16.84
CA MET D 176 -12.66 -10.15 -17.02
C MET D 176 -14.12 -9.91 -16.61
N ARG D 177 -14.37 -9.37 -15.41
CA ARG D 177 -15.73 -8.98 -14.91
C ARG D 177 -16.47 -8.09 -15.92
N LYS D 178 -15.83 -7.03 -16.42
CA LYS D 178 -16.47 -6.06 -17.35
C LYS D 178 -16.77 -6.70 -18.72
N LEU D 179 -15.84 -7.44 -19.28
CA LEU D 179 -15.89 -7.97 -20.67
C LEU D 179 -16.86 -9.16 -20.85
N ALA D 180 -16.82 -10.16 -19.97
CA ALA D 180 -17.50 -11.47 -20.18
C ALA D 180 -18.93 -11.29 -20.68
N GLY D 181 -19.69 -10.36 -20.09
CA GLY D 181 -21.10 -10.09 -20.41
C GLY D 181 -21.26 -9.42 -21.76
N ASN D 182 -20.43 -8.42 -22.05
CA ASN D 182 -20.43 -7.68 -23.34
C ASN D 182 -20.03 -8.60 -24.51
N LEU D 183 -19.01 -9.44 -24.38
CA LEU D 183 -18.62 -10.40 -25.45
C LEU D 183 -19.79 -11.31 -25.80
N LYS D 184 -20.49 -11.83 -24.79
CA LYS D 184 -21.59 -12.81 -24.99
C LYS D 184 -22.78 -12.12 -25.69
N GLN D 185 -23.05 -10.87 -25.35
CA GLN D 185 -24.19 -10.10 -25.88
C GLN D 185 -23.97 -9.76 -27.36
N SER D 186 -22.72 -9.44 -27.74
CA SER D 186 -22.29 -9.08 -29.11
C SER D 186 -21.97 -10.33 -29.94
N ASN D 187 -21.73 -11.45 -29.27
CA ASN D 187 -21.34 -12.73 -29.91
C ASN D 187 -19.91 -12.63 -30.48
N THR D 188 -19.03 -11.95 -29.76
CA THR D 188 -17.60 -11.65 -30.11
C THR D 188 -16.66 -12.67 -29.47
N LEU D 189 -15.71 -13.22 -30.24
CA LEU D 189 -14.61 -14.08 -29.75
C LEU D 189 -13.42 -13.20 -29.36
N LEU D 190 -12.94 -13.30 -28.13
CA LEU D 190 -11.73 -12.59 -27.62
C LEU D 190 -10.61 -13.60 -27.42
N ILE D 191 -9.50 -13.49 -28.15
CA ILE D 191 -8.28 -14.35 -27.96
C ILE D 191 -7.20 -13.56 -27.24
N PHE D 192 -6.74 -14.03 -26.09
CA PHE D 192 -5.53 -13.53 -25.39
C PHE D 192 -4.35 -14.48 -25.68
N ILE D 193 -3.25 -13.94 -26.23
CA ILE D 193 -1.93 -14.65 -26.25
C ILE D 193 -1.23 -14.42 -24.92
N ASN D 194 -0.59 -15.42 -24.36
CA ASN D 194 0.20 -15.26 -23.12
C ASN D 194 1.59 -15.83 -23.34
N GLN D 195 2.56 -15.38 -22.55
CA GLN D 195 3.95 -15.92 -22.49
C GLN D 195 4.08 -16.81 -21.26
N ILE D 196 5.15 -17.58 -21.20
CA ILE D 196 5.48 -18.47 -20.07
C ILE D 196 6.57 -17.80 -19.21
N ARG D 197 6.54 -18.05 -17.91
CA ARG D 197 7.54 -17.58 -16.93
C ARG D 197 7.73 -18.70 -15.92
N MET D 198 8.89 -18.74 -15.31
CA MET D 198 9.28 -19.79 -14.33
C MET D 198 8.82 -19.34 -12.94
N LYS D 199 8.22 -20.26 -12.19
CA LYS D 199 8.03 -20.17 -10.71
C LYS D 199 9.34 -20.47 -9.98
N ILE D 200 9.52 -19.92 -8.79
CA ILE D 200 10.68 -20.19 -7.89
C ILE D 200 10.15 -20.66 -6.52
N GLY D 201 10.83 -21.63 -5.91
CA GLY D 201 10.43 -22.24 -4.62
C GLY D 201 9.35 -23.31 -4.83
N VAL D 202 9.50 -24.11 -5.88
CA VAL D 202 8.50 -25.11 -6.36
C VAL D 202 9.23 -26.45 -6.58
N MET D 203 8.90 -27.46 -5.77
CA MET D 203 9.47 -28.83 -5.81
C MET D 203 8.50 -29.79 -6.52
N PHE D 204 7.19 -29.60 -6.32
CA PHE D 204 6.09 -30.41 -6.92
C PHE D 204 5.67 -29.82 -8.27
N GLY D 205 5.20 -30.67 -9.19
CA GLY D 205 4.52 -30.29 -10.45
C GLY D 205 5.45 -29.59 -11.43
N ASN D 206 4.87 -28.81 -12.36
CA ASN D 206 5.61 -28.01 -13.36
C ASN D 206 5.96 -26.66 -12.74
N PRO D 207 7.20 -26.17 -12.94
CA PRO D 207 7.57 -24.81 -12.53
C PRO D 207 7.14 -23.72 -13.52
N GLU D 208 6.50 -24.11 -14.64
CA GLU D 208 5.98 -23.18 -15.68
C GLU D 208 4.70 -22.50 -15.17
N THR D 209 4.68 -21.19 -15.19
CA THR D 209 3.48 -20.33 -15.01
C THR D 209 3.21 -19.56 -16.29
N THR D 210 2.09 -18.90 -16.34
CA THR D 210 1.71 -17.91 -17.36
C THR D 210 1.67 -16.58 -16.62
N THR D 211 1.51 -15.49 -17.34
CA THR D 211 1.67 -14.09 -16.84
C THR D 211 0.26 -13.48 -16.58
N GLY D 212 0.17 -12.49 -15.68
CA GLY D 212 -1.02 -11.62 -15.55
C GLY D 212 -2.08 -12.10 -14.59
N GLY D 213 -1.77 -12.98 -13.64
CA GLY D 213 -2.68 -13.33 -12.54
C GLY D 213 -3.46 -14.61 -12.78
N ASN D 214 -4.57 -14.79 -12.07
CA ASN D 214 -5.38 -16.04 -12.09
C ASN D 214 -6.76 -15.83 -12.72
N ALA D 215 -7.30 -14.63 -12.81
CA ALA D 215 -8.66 -14.39 -13.34
C ALA D 215 -8.86 -15.11 -14.69
N LEU D 216 -7.90 -15.02 -15.60
CA LEU D 216 -8.01 -15.49 -16.99
C LEU D 216 -8.15 -17.02 -17.06
N LYS D 217 -7.52 -17.77 -16.16
CA LYS D 217 -7.70 -19.24 -16.08
C LYS D 217 -9.15 -19.63 -15.75
N PHE D 218 -9.90 -18.80 -15.01
CA PHE D 218 -11.30 -19.07 -14.60
C PHE D 218 -12.24 -18.70 -15.75
N TYR D 219 -12.05 -17.56 -16.38
CA TYR D 219 -13.00 -16.97 -17.37
C TYR D 219 -12.84 -17.56 -18.77
N ALA D 220 -11.68 -18.09 -19.13
CA ALA D 220 -11.45 -18.69 -20.46
C ALA D 220 -12.29 -19.95 -20.64
N SER D 221 -12.89 -20.13 -21.82
CA SER D 221 -13.65 -21.35 -22.18
C SER D 221 -12.73 -22.43 -22.74
N VAL D 222 -11.66 -22.00 -23.42
CA VAL D 222 -10.62 -22.87 -24.02
C VAL D 222 -9.26 -22.30 -23.62
N ARG D 223 -8.34 -23.16 -23.21
CA ARG D 223 -6.90 -22.86 -23.01
C ARG D 223 -6.07 -23.86 -23.83
N LEU D 224 -5.21 -23.31 -24.69
CA LEU D 224 -4.33 -24.00 -25.68
C LEU D 224 -2.86 -23.83 -25.26
N ASP D 225 -2.09 -24.90 -25.27
CA ASP D 225 -0.62 -24.90 -25.05
C ASP D 225 0.04 -25.30 -26.37
N ILE D 226 0.72 -24.38 -27.03
CA ILE D 226 1.41 -24.63 -28.33
C ILE D 226 2.92 -24.80 -28.10
N ARG D 227 3.55 -25.76 -28.77
CA ARG D 227 5.00 -26.09 -28.62
C ARG D 227 5.60 -26.47 -29.96
N ARG D 228 6.85 -26.07 -30.19
CA ARG D 228 7.65 -26.47 -31.37
C ARG D 228 8.35 -27.79 -31.05
N ILE D 229 8.08 -28.85 -31.79
CA ILE D 229 8.59 -30.21 -31.44
C ILE D 229 9.66 -30.68 -32.43
N GLY D 230 10.04 -29.87 -33.42
CA GLY D 230 11.00 -30.29 -34.46
C GLY D 230 11.05 -29.36 -35.65
N ALA D 231 11.99 -29.65 -36.55
CA ALA D 231 12.25 -28.90 -37.80
C ALA D 231 11.68 -29.66 -39.00
N VAL D 232 11.25 -28.93 -40.03
CA VAL D 232 10.87 -29.44 -41.38
C VAL D 232 11.96 -29.03 -42.37
N LYS D 233 12.62 -30.00 -43.01
CA LYS D 233 13.83 -29.77 -43.86
C LYS D 233 13.53 -30.17 -45.32
N GLU D 234 13.87 -29.29 -46.26
CA GLU D 234 14.04 -29.57 -47.72
C GLU D 234 15.51 -29.92 -47.95
N GLY D 235 15.89 -31.14 -47.53
CA GLY D 235 17.29 -31.63 -47.54
C GLY D 235 18.12 -30.97 -46.45
N GLU D 236 18.55 -29.72 -46.69
CA GLU D 236 19.47 -28.95 -45.82
C GLU D 236 18.74 -27.73 -45.22
N ASN D 237 18.13 -26.93 -46.07
CA ASN D 237 17.34 -25.70 -45.71
C ASN D 237 16.20 -26.06 -44.75
N VAL D 238 16.24 -25.53 -43.52
CA VAL D 238 15.10 -25.57 -42.56
C VAL D 238 14.01 -24.67 -43.13
N VAL D 239 12.83 -25.25 -43.41
CA VAL D 239 11.75 -24.61 -44.22
C VAL D 239 10.50 -24.41 -43.35
N GLY D 240 10.45 -24.98 -42.14
CA GLY D 240 9.31 -24.80 -41.24
C GLY D 240 9.43 -25.50 -39.91
N SER D 241 8.33 -25.53 -39.15
CA SER D 241 8.25 -26.04 -37.76
C SER D 241 7.27 -27.20 -37.66
N GLU D 242 7.62 -28.28 -36.96
CA GLU D 242 6.67 -29.30 -36.46
C GLU D 242 6.10 -28.82 -35.11
N THR D 243 4.78 -28.66 -35.04
CA THR D 243 4.01 -28.01 -33.94
C THR D 243 3.09 -29.03 -33.24
N ARG D 244 3.04 -29.03 -31.91
CA ARG D 244 2.01 -29.75 -31.10
C ARG D 244 1.17 -28.77 -30.27
N VAL D 245 -0.16 -28.88 -30.37
CA VAL D 245 -1.15 -28.13 -29.53
C VAL D 245 -1.89 -29.09 -28.59
N LYS D 246 -1.76 -28.89 -27.28
CA LYS D 246 -2.60 -29.52 -26.23
C LYS D 246 -3.77 -28.62 -25.81
N VAL D 247 -4.98 -29.16 -25.81
CA VAL D 247 -6.17 -28.49 -25.20
C VAL D 247 -6.13 -28.73 -23.70
N VAL D 248 -5.75 -27.74 -22.89
CA VAL D 248 -5.52 -27.94 -21.42
C VAL D 248 -6.75 -27.53 -20.61
N LYS D 249 -7.65 -26.72 -21.17
CA LYS D 249 -9.00 -26.46 -20.62
C LYS D 249 -10.01 -26.43 -21.77
N ASN D 250 -11.18 -27.01 -21.56
CA ASN D 250 -12.30 -27.02 -22.53
C ASN D 250 -13.62 -27.11 -21.72
N LYS D 251 -14.55 -26.19 -21.96
CA LYS D 251 -15.92 -26.14 -21.39
C LYS D 251 -17.00 -26.37 -22.46
N ILE D 252 -16.65 -26.57 -23.72
CA ILE D 252 -17.64 -26.82 -24.79
C ILE D 252 -17.51 -28.24 -25.32
N ALA D 253 -16.59 -29.04 -24.78
CA ALA D 253 -16.34 -30.45 -25.16
C ALA D 253 -15.28 -31.04 -24.23
N ALA D 254 -14.95 -32.31 -24.37
CA ALA D 254 -13.98 -32.99 -23.47
C ALA D 254 -12.60 -32.36 -23.66
N PRO D 255 -11.77 -32.27 -22.60
CA PRO D 255 -10.42 -31.78 -22.75
C PRO D 255 -9.31 -32.84 -22.85
N PHE D 256 -8.07 -32.35 -22.97
CA PHE D 256 -6.78 -33.08 -22.93
C PHE D 256 -6.50 -33.83 -24.24
N LYS D 257 -7.19 -33.49 -25.32
CA LYS D 257 -6.84 -33.98 -26.67
C LYS D 257 -5.69 -33.14 -27.23
N GLN D 258 -5.02 -33.63 -28.27
CA GLN D 258 -3.85 -32.92 -28.87
C GLN D 258 -3.85 -33.05 -30.38
N ALA D 259 -3.35 -32.01 -31.04
CA ALA D 259 -3.17 -31.89 -32.49
C ALA D 259 -1.67 -31.81 -32.82
N GLU D 260 -1.29 -32.23 -34.02
CA GLU D 260 0.09 -32.11 -34.58
C GLU D 260 -0.02 -31.66 -36.03
N PHE D 261 0.74 -30.65 -36.39
CA PHE D 261 0.75 -30.09 -37.77
C PHE D 261 2.09 -29.40 -38.03
N GLN D 262 2.26 -28.91 -39.25
CA GLN D 262 3.47 -28.21 -39.73
C GLN D 262 3.12 -26.75 -39.95
N ILE D 263 3.99 -25.84 -39.52
CA ILE D 263 3.96 -24.41 -39.93
C ILE D 263 5.08 -24.21 -40.94
N LEU D 264 4.76 -23.85 -42.18
CA LEU D 264 5.77 -23.58 -43.24
C LEU D 264 5.96 -22.07 -43.38
N TYR D 265 7.21 -21.62 -43.19
CA TYR D 265 7.60 -20.19 -43.18
C TYR D 265 7.18 -19.61 -44.53
N GLY D 266 6.34 -18.56 -44.48
CA GLY D 266 5.79 -17.89 -45.66
C GLY D 266 4.36 -18.31 -45.98
N GLU D 267 3.95 -19.53 -45.65
CA GLU D 267 2.63 -20.10 -46.08
C GLU D 267 1.66 -20.24 -44.90
N GLY D 268 2.14 -20.48 -43.69
CA GLY D 268 1.30 -20.79 -42.53
C GLY D 268 1.10 -22.28 -42.34
N ILE D 269 -0.09 -22.70 -41.90
CA ILE D 269 -0.40 -24.12 -41.54
C ILE D 269 -0.56 -24.94 -42.82
N ASN D 270 0.12 -26.09 -42.89
CA ASN D 270 0.12 -27.02 -44.05
C ASN D 270 -1.15 -27.88 -43.96
N PHE D 271 -2.24 -27.43 -44.59
CA PHE D 271 -3.55 -28.12 -44.66
C PHE D 271 -3.38 -29.52 -45.24
N TYR D 272 -2.86 -29.62 -46.48
CA TYR D 272 -2.75 -30.86 -47.27
C TYR D 272 -1.93 -31.91 -46.49
N GLY D 273 -0.91 -31.48 -45.75
CA GLY D 273 -0.13 -32.35 -44.85
C GLY D 273 -0.99 -33.00 -43.76
N GLU D 274 -1.93 -32.25 -43.18
CA GLU D 274 -2.89 -32.76 -42.14
C GLU D 274 -3.83 -33.77 -42.79
N LEU D 275 -4.37 -33.41 -43.96
CA LEU D 275 -5.36 -34.20 -44.73
C LEU D 275 -4.78 -35.57 -45.14
N VAL D 276 -3.47 -35.63 -45.41
CA VAL D 276 -2.75 -36.93 -45.58
C VAL D 276 -2.85 -37.70 -44.27
N ASP D 277 -2.26 -37.16 -43.20
CA ASP D 277 -2.15 -37.82 -41.86
C ASP D 277 -3.50 -38.35 -41.39
N LEU D 278 -4.60 -37.62 -41.63
CA LEU D 278 -5.97 -38.02 -41.21
C LEU D 278 -6.56 -39.04 -42.18
N GLY D 279 -6.35 -38.86 -43.49
CA GLY D 279 -6.69 -39.84 -44.54
C GLY D 279 -6.15 -41.23 -44.21
N VAL D 280 -4.92 -41.30 -43.69
CA VAL D 280 -4.20 -42.55 -43.29
C VAL D 280 -4.92 -43.18 -42.08
N LYS D 281 -5.19 -42.38 -41.06
CA LYS D 281 -5.79 -42.82 -39.77
C LYS D 281 -7.20 -43.40 -40.00
N GLU D 282 -7.96 -42.83 -40.95
CA GLU D 282 -9.37 -43.23 -41.28
C GLU D 282 -9.39 -44.19 -42.48
N LYS D 283 -8.27 -44.83 -42.82
CA LYS D 283 -8.17 -45.98 -43.77
C LYS D 283 -8.64 -45.58 -45.18
N LEU D 284 -8.51 -44.31 -45.56
CA LEU D 284 -8.77 -43.83 -46.95
C LEU D 284 -7.45 -43.72 -47.71
N ILE D 285 -6.31 -43.82 -47.02
CA ILE D 285 -4.94 -43.83 -47.62
C ILE D 285 -4.17 -44.99 -47.00
N GLU D 286 -3.51 -45.80 -47.84
CA GLU D 286 -2.69 -46.97 -47.44
C GLU D 286 -1.22 -46.54 -47.38
N LYS D 287 -0.53 -46.86 -46.28
CA LYS D 287 0.91 -46.55 -46.08
C LYS D 287 1.69 -47.86 -45.93
N ALA D 288 2.43 -48.25 -46.99
CA ALA D 288 3.31 -49.44 -47.04
C ALA D 288 4.76 -49.02 -46.75
N GLY D 289 5.18 -49.10 -45.49
CA GLY D 289 6.49 -48.64 -45.01
C GLY D 289 6.59 -47.12 -45.03
N ALA D 290 7.00 -46.54 -46.15
CA ALA D 290 7.02 -45.07 -46.42
C ALA D 290 6.55 -44.79 -47.86
N TRP D 291 5.47 -45.47 -48.28
CA TRP D 291 4.84 -45.34 -49.62
C TRP D 291 3.32 -45.14 -49.46
N TYR D 292 2.83 -43.94 -49.80
CA TYR D 292 1.38 -43.57 -49.74
C TYR D 292 0.72 -44.01 -51.05
N SER D 293 -0.52 -44.54 -50.94
CA SER D 293 -1.32 -45.07 -52.07
C SER D 293 -2.82 -44.83 -51.82
N TYR D 294 -3.53 -44.29 -52.83
CA TYR D 294 -4.99 -44.01 -52.81
C TYR D 294 -5.70 -44.88 -53.86
N LYS D 295 -6.57 -45.78 -53.40
CA LYS D 295 -7.43 -46.65 -54.24
C LYS D 295 -6.58 -47.44 -55.26
N GLY D 296 -5.38 -47.88 -54.86
CA GLY D 296 -4.42 -48.61 -55.69
C GLY D 296 -3.34 -47.70 -56.27
N GLU D 297 -3.76 -46.60 -56.93
CA GLU D 297 -2.88 -45.57 -57.55
C GLU D 297 -1.90 -45.02 -56.50
N LYS D 298 -0.60 -45.26 -56.67
CA LYS D 298 0.47 -44.77 -55.75
C LYS D 298 0.64 -43.26 -55.92
N ILE D 299 0.29 -42.48 -54.88
CA ILE D 299 0.25 -40.99 -54.92
C ILE D 299 1.67 -40.43 -54.69
N GLY D 300 2.54 -41.15 -53.99
CA GLY D 300 3.96 -40.75 -53.83
C GLY D 300 4.71 -41.56 -52.77
N GLN D 301 5.98 -41.21 -52.55
CA GLN D 301 6.89 -41.79 -51.51
C GLN D 301 7.37 -40.65 -50.60
N GLY D 302 7.09 -40.75 -49.30
CA GLY D 302 7.37 -39.70 -48.31
C GLY D 302 6.27 -38.65 -48.27
N LYS D 303 6.03 -38.06 -47.09
CA LYS D 303 4.89 -37.16 -46.79
C LYS D 303 4.85 -36.00 -47.80
N ALA D 304 6.02 -35.42 -48.13
CA ALA D 304 6.16 -34.18 -48.93
C ALA D 304 5.67 -34.39 -50.37
N ASN D 305 6.01 -35.53 -50.98
CA ASN D 305 5.60 -35.91 -52.36
C ASN D 305 4.09 -36.19 -52.39
N ALA D 306 3.62 -36.98 -51.43
CA ALA D 306 2.19 -37.31 -51.20
C ALA D 306 1.37 -36.03 -51.05
N THR D 307 1.90 -35.04 -50.32
CA THR D 307 1.26 -33.71 -50.10
C THR D 307 1.21 -32.95 -51.43
N ALA D 308 2.33 -32.96 -52.18
CA ALA D 308 2.47 -32.32 -53.51
C ALA D 308 1.49 -32.94 -54.51
N TRP D 309 1.22 -34.24 -54.40
CA TRP D 309 0.22 -34.97 -55.22
C TRP D 309 -1.18 -34.40 -54.95
N LEU D 310 -1.63 -34.41 -53.69
CA LEU D 310 -2.96 -33.88 -53.26
C LEU D 310 -3.11 -32.42 -53.68
N LYS D 311 -2.00 -31.66 -53.68
CA LYS D 311 -1.97 -30.22 -54.09
C LYS D 311 -2.26 -30.10 -55.58
N ASP D 312 -1.90 -31.11 -56.39
CA ASP D 312 -2.06 -31.13 -57.87
C ASP D 312 -3.47 -31.61 -58.28
N ASN D 313 -4.24 -32.23 -57.38
CA ASN D 313 -5.54 -32.90 -57.68
C ASN D 313 -6.66 -32.32 -56.82
N PRO D 314 -7.16 -31.09 -57.09
CA PRO D 314 -8.26 -30.50 -56.33
C PRO D 314 -9.50 -31.39 -56.14
N GLU D 315 -9.84 -32.20 -57.14
CA GLU D 315 -11.00 -33.14 -57.11
C GLU D 315 -10.80 -34.17 -55.99
N THR D 316 -9.65 -34.85 -55.99
CA THR D 316 -9.31 -35.98 -55.09
C THR D 316 -9.13 -35.51 -53.65
N ALA D 317 -8.64 -34.28 -53.44
CA ALA D 317 -8.43 -33.65 -52.12
C ALA D 317 -9.78 -33.26 -51.50
N LYS D 318 -10.69 -32.64 -52.29
CA LYS D 318 -12.06 -32.27 -51.87
C LYS D 318 -12.88 -33.53 -51.51
N GLU D 319 -12.53 -34.67 -52.13
CA GLU D 319 -13.18 -35.99 -51.87
C GLU D 319 -12.75 -36.53 -50.51
N ILE D 320 -11.44 -36.63 -50.25
CA ILE D 320 -10.87 -37.16 -48.97
C ILE D 320 -11.28 -36.25 -47.81
N GLU D 321 -11.33 -34.93 -48.05
CA GLU D 321 -11.76 -33.91 -47.04
C GLU D 321 -13.21 -34.20 -46.63
N LYS D 322 -14.09 -34.43 -47.61
CA LYS D 322 -15.55 -34.68 -47.40
C LYS D 322 -15.75 -35.84 -46.41
N LYS D 323 -15.02 -36.95 -46.61
CA LYS D 323 -15.13 -38.20 -45.81
C LYS D 323 -14.60 -37.99 -44.39
N VAL D 324 -13.37 -37.47 -44.26
CA VAL D 324 -12.69 -37.17 -42.95
C VAL D 324 -13.61 -36.29 -42.11
N ARG D 325 -14.17 -35.24 -42.73
CA ARG D 325 -15.10 -34.27 -42.10
C ARG D 325 -16.34 -35.02 -41.56
N GLU D 326 -16.93 -35.91 -42.36
CA GLU D 326 -18.12 -36.73 -41.96
C GLU D 326 -17.77 -37.61 -40.76
N LEU D 327 -16.65 -38.36 -40.83
CA LEU D 327 -16.28 -39.43 -39.86
C LEU D 327 -15.89 -38.86 -38.48
N LEU D 328 -15.35 -37.64 -38.41
CA LEU D 328 -14.65 -37.12 -37.20
C LEU D 328 -15.28 -35.82 -36.66
N LEU D 329 -15.84 -34.95 -37.50
CA LEU D 329 -16.59 -33.74 -37.03
C LEU D 329 -17.93 -34.19 -36.45
N SER D 330 -18.03 -34.18 -35.11
CA SER D 330 -19.21 -34.62 -34.31
C SER D 330 -20.45 -33.78 -34.65
N ASN D 331 -20.28 -32.48 -34.85
CA ASN D 331 -21.36 -31.49 -35.16
C ASN D 331 -21.16 -30.96 -36.58
N PRO D 332 -21.85 -31.50 -37.60
CA PRO D 332 -21.81 -30.94 -38.97
C PRO D 332 -22.22 -29.46 -39.08
N ASN D 333 -21.78 -28.81 -40.16
CA ASN D 333 -22.08 -27.38 -40.49
C ASN D 333 -23.52 -27.26 -40.99
N SER D 334 -24.06 -26.04 -41.02
CA SER D 334 -25.46 -25.71 -41.40
C SER D 334 -25.59 -25.75 -42.93
N ALA E 2 -46.15 -18.63 44.59
CA ALA E 2 -46.78 -17.35 45.05
C ALA E 2 -46.31 -16.19 44.14
N ILE E 3 -45.01 -15.89 44.15
CA ILE E 3 -44.37 -14.81 43.34
C ILE E 3 -44.22 -15.29 41.90
N ASP E 4 -43.96 -16.59 41.68
CA ASP E 4 -43.71 -17.20 40.33
C ASP E 4 -45.01 -17.23 39.51
N GLU E 5 -46.18 -17.13 40.16
CA GLU E 5 -47.51 -17.13 39.49
C GLU E 5 -47.77 -15.80 38.78
N ASN E 6 -47.35 -14.66 39.37
CA ASN E 6 -47.45 -13.31 38.77
C ASN E 6 -46.50 -13.19 37.56
N LYS E 7 -45.34 -13.89 37.62
CA LYS E 7 -44.35 -13.94 36.51
C LYS E 7 -44.97 -14.66 35.29
N GLN E 8 -45.64 -15.80 35.50
CA GLN E 8 -46.29 -16.59 34.43
C GLN E 8 -47.38 -15.77 33.72
N LYS E 9 -48.10 -14.92 34.45
CA LYS E 9 -49.18 -14.05 33.91
C LYS E 9 -48.59 -12.87 33.14
N ALA E 10 -47.51 -12.27 33.67
CA ALA E 10 -46.75 -11.18 33.02
C ALA E 10 -46.16 -11.71 31.70
N LEU E 11 -45.66 -12.94 31.70
CA LEU E 11 -45.12 -13.61 30.48
C LEU E 11 -46.24 -13.76 29.45
N ALA E 12 -47.34 -14.43 29.83
CA ALA E 12 -48.51 -14.73 28.96
C ALA E 12 -49.06 -13.46 28.32
N ALA E 13 -49.12 -12.36 29.06
CA ALA E 13 -49.59 -11.04 28.58
C ALA E 13 -48.64 -10.51 27.49
N ALA E 14 -47.34 -10.52 27.76
CA ALA E 14 -46.26 -10.06 26.85
C ALA E 14 -46.28 -10.87 25.55
N LEU E 15 -46.31 -12.20 25.65
CA LEU E 15 -46.41 -13.11 24.46
C LEU E 15 -47.68 -12.79 23.68
N GLY E 16 -48.79 -12.55 24.38
CA GLY E 16 -50.06 -12.08 23.80
C GLY E 16 -49.88 -10.80 23.01
N GLN E 17 -49.28 -9.78 23.63
CA GLN E 17 -49.08 -8.41 23.03
C GLN E 17 -48.16 -8.51 21.81
N ILE E 18 -47.10 -9.33 21.87
CA ILE E 18 -46.13 -9.54 20.76
C ILE E 18 -46.87 -10.15 19.57
N GLU E 19 -47.71 -11.16 19.83
CA GLU E 19 -48.48 -11.92 18.80
C GLU E 19 -49.49 -11.00 18.08
N LYS E 20 -50.13 -10.08 18.80
CA LYS E 20 -51.05 -9.06 18.18
C LYS E 20 -50.28 -8.19 17.20
N GLN E 21 -49.17 -7.61 17.66
CA GLN E 21 -48.42 -6.54 16.95
C GLN E 21 -47.78 -7.10 15.67
N PHE E 22 -47.33 -8.36 15.67
CA PHE E 22 -46.43 -8.93 14.62
C PHE E 22 -46.99 -10.20 13.97
N GLY E 23 -47.89 -10.96 14.61
CA GLY E 23 -48.58 -12.10 13.99
C GLY E 23 -48.48 -13.37 14.82
N LYS E 24 -48.99 -14.48 14.29
CA LYS E 24 -49.36 -15.69 15.08
C LYS E 24 -48.11 -16.34 15.68
N GLY E 25 -47.10 -16.65 14.87
CA GLY E 25 -45.91 -17.41 15.29
C GLY E 25 -44.65 -16.55 15.42
N SER E 26 -44.81 -15.25 15.70
CA SER E 26 -43.71 -14.24 15.80
C SER E 26 -42.81 -14.55 17.01
N ILE E 27 -43.35 -15.23 18.02
CA ILE E 27 -42.56 -15.80 19.15
C ILE E 27 -43.23 -17.09 19.60
N MET E 28 -42.45 -18.11 19.95
CA MET E 28 -42.96 -19.37 20.55
C MET E 28 -41.81 -20.18 21.15
N ARG E 29 -42.13 -21.30 21.81
CA ARG E 29 -41.14 -22.22 22.44
C ARG E 29 -40.44 -23.05 21.36
N LEU E 30 -39.12 -22.94 21.27
CA LEU E 30 -38.24 -23.62 20.27
C LEU E 30 -38.75 -25.04 19.98
N GLY E 31 -38.94 -25.84 21.04
CA GLY E 31 -39.33 -27.26 20.99
C GLY E 31 -40.59 -27.54 20.20
N GLU E 32 -41.51 -26.57 20.10
CA GLU E 32 -42.80 -26.77 19.38
C GLU E 32 -42.85 -25.90 18.11
N ASP E 33 -41.70 -25.43 17.61
CA ASP E 33 -41.58 -24.75 16.28
C ASP E 33 -41.06 -25.77 15.26
N ARG E 34 -41.95 -26.22 14.38
CA ARG E 34 -41.66 -27.26 13.35
C ARG E 34 -40.89 -26.64 12.18
N SER E 35 -41.15 -25.36 11.87
CA SER E 35 -40.45 -24.56 10.82
C SER E 35 -38.94 -24.50 11.06
N MET E 36 -38.50 -24.65 12.31
CA MET E 36 -37.09 -24.58 12.76
C MET E 36 -36.35 -25.91 12.52
N ASP E 37 -37.04 -26.99 12.13
CA ASP E 37 -36.40 -28.31 11.86
C ASP E 37 -35.60 -28.27 10.55
N VAL E 38 -34.46 -28.95 10.53
CA VAL E 38 -33.51 -29.03 9.37
C VAL E 38 -33.93 -30.16 8.44
N GLU E 39 -34.19 -29.82 7.17
CA GLU E 39 -34.54 -30.73 6.05
C GLU E 39 -33.43 -30.61 4.98
N THR E 40 -32.99 -31.75 4.40
CA THR E 40 -31.84 -31.83 3.46
C THR E 40 -32.22 -32.46 2.11
N ILE E 41 -31.56 -32.00 1.04
CA ILE E 41 -31.55 -32.55 -0.36
C ILE E 41 -30.23 -33.28 -0.61
N SER E 42 -30.24 -34.29 -1.47
CA SER E 42 -29.04 -35.02 -1.95
C SER E 42 -28.12 -34.08 -2.74
N THR E 43 -26.81 -34.35 -2.70
CA THR E 43 -25.77 -33.65 -3.51
C THR E 43 -25.48 -34.38 -4.83
N GLY E 44 -26.01 -35.59 -5.04
CA GLY E 44 -25.62 -36.48 -6.15
C GLY E 44 -24.55 -37.49 -5.74
N SER E 45 -23.59 -37.08 -4.91
CA SER E 45 -22.53 -37.96 -4.33
C SER E 45 -23.02 -38.60 -3.02
N LEU E 46 -22.99 -39.93 -2.93
CA LEU E 46 -23.28 -40.66 -1.67
C LEU E 46 -22.19 -40.35 -0.64
N SER E 47 -20.93 -40.25 -1.04
CA SER E 47 -19.82 -39.99 -0.08
C SER E 47 -19.87 -38.55 0.45
N LEU E 48 -20.38 -37.60 -0.33
CA LEU E 48 -20.48 -36.19 0.13
C LEU E 48 -21.65 -36.08 1.11
N ASP E 49 -22.75 -36.78 0.84
CA ASP E 49 -23.93 -36.87 1.75
C ASP E 49 -23.52 -37.44 3.12
N ILE E 50 -22.51 -38.30 3.20
CA ILE E 50 -21.96 -38.83 4.49
C ILE E 50 -21.01 -37.83 5.15
N ALA E 51 -20.19 -37.12 4.37
CA ALA E 51 -19.27 -36.07 4.90
C ALA E 51 -20.04 -34.91 5.53
N LEU E 52 -21.27 -34.64 5.08
CA LEU E 52 -22.10 -33.50 5.55
C LEU E 52 -22.84 -33.87 6.84
N GLY E 53 -23.00 -35.16 7.14
CA GLY E 53 -23.46 -35.63 8.46
C GLY E 53 -24.96 -35.75 8.55
N ALA E 54 -25.70 -34.83 7.97
CA ALA E 54 -27.19 -34.77 7.99
C ALA E 54 -27.78 -35.29 6.68
N GLY E 55 -26.97 -35.86 5.78
CA GLY E 55 -27.46 -36.58 4.59
C GLY E 55 -27.81 -35.65 3.45
N GLY E 56 -27.29 -34.43 3.45
CA GLY E 56 -27.36 -33.58 2.26
C GLY E 56 -27.14 -32.13 2.61
N LEU E 57 -27.54 -31.25 1.68
CA LEU E 57 -27.48 -29.78 1.88
C LEU E 57 -28.80 -29.32 2.48
N PRO E 58 -28.79 -28.34 3.42
CA PRO E 58 -30.00 -27.91 4.12
C PRO E 58 -30.87 -26.87 3.41
N MET E 59 -32.18 -27.11 3.33
CA MET E 59 -33.18 -26.18 2.71
C MET E 59 -33.36 -24.92 3.57
N GLY E 60 -33.62 -23.80 2.93
CA GLY E 60 -33.82 -22.50 3.60
C GLY E 60 -32.55 -21.81 4.02
N ARG E 61 -31.38 -22.31 3.59
CA ARG E 61 -30.06 -21.75 3.98
C ARG E 61 -29.27 -21.29 2.74
N ILE E 62 -28.12 -20.69 3.01
CA ILE E 62 -27.05 -20.30 2.06
C ILE E 62 -25.88 -21.31 2.16
N VAL E 63 -25.41 -21.79 1.00
CA VAL E 63 -24.22 -22.67 0.83
C VAL E 63 -23.21 -22.00 -0.09
N GLU E 64 -21.92 -22.18 0.18
CA GLU E 64 -20.79 -21.71 -0.67
C GLU E 64 -19.98 -22.89 -1.17
N ILE E 65 -19.70 -22.93 -2.47
CA ILE E 65 -18.75 -23.92 -3.09
C ILE E 65 -17.64 -23.11 -3.76
N TYR E 66 -16.40 -23.33 -3.34
CA TYR E 66 -15.23 -22.63 -3.93
C TYR E 66 -14.16 -23.63 -4.30
N GLY E 67 -13.28 -23.23 -5.20
CA GLY E 67 -12.12 -24.05 -5.58
C GLY E 67 -11.33 -23.38 -6.67
N PRO E 68 -10.21 -24.02 -7.10
CA PRO E 68 -9.42 -23.58 -8.23
C PRO E 68 -10.08 -23.91 -9.56
N GLU E 69 -9.47 -23.47 -10.66
CA GLU E 69 -10.07 -23.61 -12.00
C GLU E 69 -10.21 -25.10 -12.37
N SER E 70 -11.33 -25.44 -13.01
CA SER E 70 -11.64 -26.77 -13.57
C SER E 70 -11.67 -27.88 -12.50
N SER E 71 -12.04 -27.54 -11.27
CA SER E 71 -12.09 -28.45 -10.10
C SER E 71 -13.42 -29.20 -10.01
N GLY E 72 -14.43 -28.81 -10.78
CA GLY E 72 -15.76 -29.47 -10.87
C GLY E 72 -16.90 -28.68 -10.26
N LYS E 73 -16.72 -27.39 -9.96
CA LYS E 73 -17.70 -26.55 -9.22
C LYS E 73 -19.07 -26.50 -9.93
N THR E 74 -19.12 -26.16 -11.23
CA THR E 74 -20.37 -26.10 -12.03
C THR E 74 -21.02 -27.48 -12.14
N THR E 75 -20.25 -28.53 -12.39
CA THR E 75 -20.75 -29.92 -12.53
C THR E 75 -21.48 -30.35 -11.25
N LEU E 76 -20.89 -30.07 -10.10
CA LEU E 76 -21.45 -30.49 -8.79
C LEU E 76 -22.79 -29.77 -8.55
N THR E 77 -22.94 -28.50 -8.90
CA THR E 77 -24.21 -27.76 -8.71
C THR E 77 -25.28 -28.26 -9.68
N LEU E 78 -24.93 -28.74 -10.87
CA LEU E 78 -25.90 -29.25 -11.86
C LEU E 78 -26.39 -30.65 -11.43
N GLN E 79 -25.57 -31.42 -10.72
CA GLN E 79 -25.95 -32.75 -10.17
C GLN E 79 -26.94 -32.60 -9.00
N VAL E 80 -26.81 -31.53 -8.19
CA VAL E 80 -27.79 -31.12 -7.13
C VAL E 80 -29.12 -30.75 -7.80
N ILE E 81 -29.08 -29.91 -8.83
CA ILE E 81 -30.29 -29.51 -9.59
C ILE E 81 -30.97 -30.74 -10.18
N ALA E 82 -30.21 -31.70 -10.69
CA ALA E 82 -30.73 -32.90 -11.40
C ALA E 82 -31.45 -33.79 -10.40
N ALA E 83 -30.83 -34.04 -9.25
CA ALA E 83 -31.36 -34.88 -8.15
C ALA E 83 -32.65 -34.27 -7.61
N ALA E 84 -32.76 -32.95 -7.60
CA ALA E 84 -33.91 -32.24 -6.99
C ALA E 84 -35.08 -32.22 -7.96
N GLN E 85 -34.84 -32.01 -9.26
CA GLN E 85 -35.88 -32.00 -10.33
C GLN E 85 -36.53 -33.38 -10.39
N ARG E 86 -35.76 -34.44 -10.12
CA ARG E 86 -36.27 -35.84 -10.06
C ARG E 86 -37.26 -36.02 -8.90
N GLU E 87 -37.25 -35.13 -7.89
CA GLU E 87 -38.17 -35.14 -6.73
C GLU E 87 -39.25 -34.08 -6.86
N GLY E 88 -39.45 -33.54 -8.08
CA GLY E 88 -40.56 -32.61 -8.37
C GLY E 88 -40.26 -31.17 -7.99
N LYS E 89 -39.04 -30.83 -7.61
CA LYS E 89 -38.70 -29.44 -7.20
C LYS E 89 -38.44 -28.57 -8.45
N THR E 90 -38.50 -27.26 -8.28
CA THR E 90 -38.22 -26.25 -9.34
C THR E 90 -36.88 -25.58 -9.05
N CYS E 91 -36.16 -25.12 -10.08
CA CYS E 91 -34.76 -24.64 -9.96
C CYS E 91 -34.42 -23.53 -10.93
N ALA E 92 -33.48 -22.70 -10.51
CA ALA E 92 -33.02 -21.53 -11.27
C ALA E 92 -31.50 -21.50 -11.26
N PHE E 93 -30.91 -21.12 -12.40
CA PHE E 93 -29.44 -20.98 -12.58
C PHE E 93 -29.15 -19.54 -13.00
N ILE E 94 -28.48 -18.76 -12.16
CA ILE E 94 -28.05 -17.36 -12.51
C ILE E 94 -26.59 -17.45 -13.00
N ASP E 95 -26.37 -17.33 -14.32
CA ASP E 95 -25.06 -17.54 -15.00
C ASP E 95 -24.39 -16.19 -15.28
N ALA E 96 -23.84 -15.58 -14.23
CA ALA E 96 -23.10 -14.30 -14.23
C ALA E 96 -21.75 -14.42 -14.97
N GLU E 97 -21.15 -15.62 -15.03
CA GLU E 97 -19.92 -15.87 -15.83
C GLU E 97 -20.20 -16.04 -17.32
N HIS E 98 -21.45 -16.20 -17.73
CA HIS E 98 -21.88 -16.22 -19.14
C HIS E 98 -21.23 -17.40 -19.86
N ALA E 99 -21.10 -18.54 -19.20
CA ALA E 99 -20.38 -19.70 -19.77
C ALA E 99 -21.09 -21.03 -19.50
N LEU E 100 -22.41 -21.09 -19.49
CA LEU E 100 -23.11 -22.39 -19.34
C LEU E 100 -23.40 -23.00 -20.72
N ASP E 101 -23.20 -24.31 -20.85
CA ASP E 101 -23.47 -25.12 -22.07
C ASP E 101 -24.71 -25.97 -21.81
N PRO E 102 -25.89 -25.64 -22.40
CA PRO E 102 -27.13 -26.35 -22.09
C PRO E 102 -27.17 -27.81 -22.53
N ILE E 103 -26.45 -28.16 -23.60
CA ILE E 103 -26.31 -29.58 -24.05
C ILE E 103 -25.58 -30.40 -22.99
N TYR E 104 -24.55 -29.84 -22.38
CA TYR E 104 -23.77 -30.58 -21.34
C TYR E 104 -24.63 -30.76 -20.09
N ALA E 105 -25.45 -29.74 -19.76
CA ALA E 105 -26.42 -29.79 -18.63
C ALA E 105 -27.40 -30.94 -18.85
N ARG E 106 -27.94 -31.09 -20.06
CA ARG E 106 -28.85 -32.19 -20.45
C ARG E 106 -28.17 -33.54 -20.23
N LYS E 107 -26.90 -33.68 -20.59
CA LYS E 107 -26.14 -34.97 -20.46
C LYS E 107 -25.90 -35.35 -18.99
N LEU E 108 -25.76 -34.39 -18.07
CA LEU E 108 -25.55 -34.68 -16.61
C LEU E 108 -26.89 -35.04 -15.95
N GLY E 109 -28.01 -34.96 -16.67
CA GLY E 109 -29.33 -35.44 -16.23
C GLY E 109 -30.27 -34.32 -15.84
N VAL E 110 -29.97 -33.07 -16.20
CA VAL E 110 -30.83 -31.89 -15.88
C VAL E 110 -31.98 -31.86 -16.89
N ASP E 111 -33.16 -31.41 -16.45
CA ASP E 111 -34.35 -31.16 -17.32
C ASP E 111 -34.32 -29.70 -17.79
N ILE E 112 -33.67 -29.50 -18.92
CA ILE E 112 -33.32 -28.21 -19.59
C ILE E 112 -34.60 -27.43 -19.86
N ASP E 113 -35.69 -28.13 -20.17
CA ASP E 113 -37.00 -27.53 -20.55
C ASP E 113 -37.67 -26.84 -19.34
N ASN E 114 -37.35 -27.24 -18.10
CA ASN E 114 -37.95 -26.70 -16.86
C ASN E 114 -36.95 -25.90 -15.99
N LEU E 115 -35.67 -25.85 -16.31
CA LEU E 115 -34.65 -25.08 -15.55
C LEU E 115 -34.81 -23.61 -15.91
N LEU E 116 -35.04 -22.71 -14.94
CA LEU E 116 -35.09 -21.25 -15.22
C LEU E 116 -33.65 -20.74 -15.27
N CYS E 117 -33.32 -19.89 -16.23
CA CYS E 117 -31.93 -19.40 -16.43
C CYS E 117 -31.95 -17.90 -16.71
N SER E 118 -30.96 -17.19 -16.20
CA SER E 118 -30.80 -15.72 -16.37
C SER E 118 -29.32 -15.43 -16.61
N GLN E 119 -29.00 -14.52 -17.53
CA GLN E 119 -27.62 -14.02 -17.76
C GLN E 119 -27.61 -12.53 -17.51
N PRO E 120 -27.47 -12.10 -16.25
CA PRO E 120 -27.68 -10.69 -15.90
C PRO E 120 -26.47 -9.80 -16.21
N ASP E 121 -26.75 -8.51 -16.40
CA ASP E 121 -25.76 -7.49 -16.85
C ASP E 121 -24.92 -7.05 -15.65
N THR E 122 -25.57 -6.73 -14.54
CA THR E 122 -24.92 -6.22 -13.30
C THR E 122 -25.08 -7.23 -12.17
N GLY E 123 -24.28 -7.08 -11.13
CA GLY E 123 -24.36 -7.87 -9.89
C GLY E 123 -25.62 -7.55 -9.11
N GLU E 124 -26.06 -6.28 -9.12
CA GLU E 124 -27.29 -5.83 -8.44
C GLU E 124 -28.49 -6.56 -9.06
N GLN E 125 -28.56 -6.61 -10.38
CA GLN E 125 -29.66 -7.28 -11.12
C GLN E 125 -29.69 -8.77 -10.76
N ALA E 126 -28.55 -9.45 -10.70
CA ALA E 126 -28.44 -10.87 -10.33
C ALA E 126 -29.02 -11.15 -8.94
N LEU E 127 -28.72 -10.29 -7.97
CA LEU E 127 -29.14 -10.48 -6.56
C LEU E 127 -30.60 -10.03 -6.38
N GLU E 128 -31.08 -9.08 -7.20
CA GLU E 128 -32.53 -8.71 -7.26
C GLU E 128 -33.39 -9.85 -7.82
N ILE E 129 -32.92 -10.56 -8.85
CA ILE E 129 -33.64 -11.75 -9.39
C ILE E 129 -33.72 -12.86 -8.33
N CYS E 130 -32.64 -13.11 -7.57
CA CYS E 130 -32.62 -14.07 -6.42
C CYS E 130 -33.69 -13.73 -5.37
N ASP E 131 -33.79 -12.46 -4.98
CA ASP E 131 -34.75 -11.96 -3.95
C ASP E 131 -36.18 -12.22 -4.46
N ALA E 132 -36.49 -11.77 -5.68
CA ALA E 132 -37.78 -11.95 -6.38
C ALA E 132 -38.20 -13.42 -6.44
N LEU E 133 -37.27 -14.34 -6.75
CA LEU E 133 -37.56 -15.80 -6.87
C LEU E 133 -37.77 -16.41 -5.49
N ALA E 134 -36.92 -16.06 -4.51
CA ALA E 134 -37.03 -16.52 -3.11
C ALA E 134 -38.38 -16.08 -2.50
N ARG E 135 -38.78 -14.81 -2.65
CA ARG E 135 -40.07 -14.26 -2.13
C ARG E 135 -41.28 -15.01 -2.72
N SER E 136 -41.20 -15.45 -3.98
CA SER E 136 -42.32 -16.04 -4.75
C SER E 136 -42.87 -17.30 -4.08
N GLY E 137 -42.03 -18.03 -3.34
CA GLY E 137 -42.41 -19.30 -2.70
C GLY E 137 -42.55 -20.46 -3.68
N ALA E 138 -42.07 -20.33 -4.92
CA ALA E 138 -42.26 -21.34 -6.01
C ALA E 138 -40.94 -21.96 -6.51
N VAL E 139 -39.78 -21.56 -5.96
CA VAL E 139 -38.45 -22.03 -6.40
C VAL E 139 -37.74 -22.67 -5.20
N ASP E 140 -37.33 -23.92 -5.34
CA ASP E 140 -36.72 -24.73 -4.24
C ASP E 140 -35.18 -24.58 -4.20
N VAL E 141 -34.50 -24.47 -5.35
CA VAL E 141 -33.01 -24.39 -5.44
C VAL E 141 -32.60 -23.27 -6.40
N ILE E 142 -31.66 -22.43 -5.99
CA ILE E 142 -31.06 -21.36 -6.84
C ILE E 142 -29.54 -21.51 -6.77
N VAL E 143 -28.88 -21.59 -7.93
CA VAL E 143 -27.41 -21.56 -8.08
C VAL E 143 -27.00 -20.22 -8.68
N VAL E 144 -26.02 -19.55 -8.08
CA VAL E 144 -25.37 -18.31 -8.63
C VAL E 144 -23.93 -18.65 -9.05
N ASP E 145 -23.68 -18.78 -10.36
CA ASP E 145 -22.36 -19.20 -10.91
C ASP E 145 -21.49 -17.96 -11.13
N SER E 146 -20.96 -17.60 -9.96
CA SER E 146 -19.70 -16.98 -9.55
C SER E 146 -19.99 -15.56 -9.07
N VAL E 147 -19.73 -15.42 -7.77
CA VAL E 147 -19.55 -14.16 -7.01
C VAL E 147 -18.45 -13.31 -7.63
N ALA E 148 -17.39 -13.91 -8.16
CA ALA E 148 -16.25 -13.17 -8.79
C ALA E 148 -16.76 -12.31 -9.93
N ALA E 149 -17.78 -12.79 -10.63
CA ALA E 149 -18.37 -12.17 -11.83
C ALA E 149 -19.55 -11.26 -11.48
N LEU E 150 -19.95 -11.12 -10.22
CA LEU E 150 -21.08 -10.21 -9.79
C LEU E 150 -20.56 -8.77 -9.77
N THR E 151 -20.59 -8.08 -10.89
CA THR E 151 -19.94 -6.76 -11.03
C THR E 151 -20.92 -5.65 -10.68
N PRO E 152 -20.59 -4.75 -9.72
CA PRO E 152 -21.46 -3.60 -9.41
C PRO E 152 -21.63 -2.64 -10.58
N LYS E 153 -22.77 -1.96 -10.64
CA LYS E 153 -23.21 -1.09 -11.76
C LYS E 153 -22.22 0.05 -12.02
N ALA E 154 -21.74 0.70 -10.97
CA ALA E 154 -20.73 1.79 -11.03
C ALA E 154 -19.44 1.30 -11.72
N GLU E 155 -19.01 0.07 -11.44
CA GLU E 155 -17.80 -0.53 -12.06
C GLU E 155 -18.05 -0.79 -13.55
N ILE E 156 -19.26 -1.22 -13.95
CA ILE E 156 -19.63 -1.48 -15.37
C ILE E 156 -19.73 -0.17 -16.15
N GLU E 157 -20.17 0.91 -15.52
CA GLU E 157 -20.35 2.22 -16.22
C GLU E 157 -18.99 2.90 -16.39
N GLY E 158 -18.06 2.70 -15.45
CA GLY E 158 -16.76 3.38 -15.45
C GLY E 158 -15.76 2.80 -16.43
N GLU E 159 -14.47 3.07 -16.19
CA GLU E 159 -13.33 2.71 -17.07
C GLU E 159 -12.44 1.67 -16.37
N ILE E 160 -11.83 0.80 -17.16
CA ILE E 160 -10.77 -0.14 -16.68
C ILE E 160 -9.63 0.70 -16.12
N GLY E 161 -9.28 0.47 -14.85
CA GLY E 161 -8.27 1.23 -14.10
C GLY E 161 -8.88 2.01 -12.94
N ASP E 162 -10.18 2.33 -13.01
CA ASP E 162 -10.91 3.08 -11.95
C ASP E 162 -10.99 2.23 -10.69
N SER E 163 -10.67 2.81 -9.53
CA SER E 163 -10.74 2.14 -8.21
C SER E 163 -12.17 2.20 -7.67
N HIS E 164 -12.70 1.05 -7.27
CA HIS E 164 -14.01 0.89 -6.58
C HIS E 164 -13.81 -0.02 -5.38
N MET E 165 -12.91 0.37 -4.49
CA MET E 165 -12.46 -0.41 -3.31
C MET E 165 -13.64 -0.63 -2.36
N GLY E 166 -13.96 -1.91 -2.11
CA GLY E 166 -14.98 -2.33 -1.14
C GLY E 166 -16.39 -2.35 -1.69
N LEU E 167 -16.61 -1.88 -2.92
CA LEU E 167 -17.97 -1.64 -3.49
C LEU E 167 -18.74 -2.97 -3.60
N ALA E 168 -18.07 -4.03 -4.07
CA ALA E 168 -18.65 -5.36 -4.30
C ALA E 168 -18.85 -6.10 -2.96
N ALA E 169 -17.90 -5.99 -2.05
CA ALA E 169 -17.97 -6.52 -0.66
C ALA E 169 -19.17 -5.88 0.06
N ARG E 170 -19.41 -4.60 -0.19
CA ARG E 170 -20.54 -3.85 0.40
C ARG E 170 -21.88 -4.37 -0.12
N MET E 171 -21.97 -4.59 -1.43
CA MET E 171 -23.13 -5.21 -2.12
C MET E 171 -23.40 -6.62 -1.56
N MET E 172 -22.37 -7.42 -1.32
CA MET E 172 -22.54 -8.79 -0.77
C MET E 172 -23.10 -8.70 0.66
N SER E 173 -22.64 -7.74 1.46
CA SER E 173 -23.09 -7.52 2.85
C SER E 173 -24.58 -7.14 2.87
N GLN E 174 -24.97 -6.22 2.00
CA GLN E 174 -26.38 -5.76 1.87
C GLN E 174 -27.26 -6.93 1.40
N ALA E 175 -26.76 -7.80 0.51
CA ALA E 175 -27.55 -8.90 -0.09
C ALA E 175 -27.84 -9.99 0.93
N MET E 176 -26.85 -10.36 1.76
CA MET E 176 -26.98 -11.42 2.80
C MET E 176 -28.07 -11.02 3.81
N ARG E 177 -28.05 -9.78 4.29
CA ARG E 177 -29.05 -9.22 5.24
C ARG E 177 -30.47 -9.37 4.68
N LYS E 178 -30.67 -8.90 3.45
CA LYS E 178 -31.97 -8.94 2.74
C LYS E 178 -32.44 -10.36 2.42
N LEU E 179 -31.55 -11.36 2.23
CA LEU E 179 -31.92 -12.71 1.68
C LEU E 179 -32.15 -13.74 2.79
N ALA E 180 -31.35 -13.74 3.85
CA ALA E 180 -31.35 -14.81 4.87
C ALA E 180 -32.79 -15.11 5.32
N GLY E 181 -33.57 -14.09 5.64
CA GLY E 181 -34.95 -14.23 6.14
C GLY E 181 -35.91 -14.71 5.08
N ASN E 182 -35.90 -14.09 3.90
CA ASN E 182 -36.70 -14.52 2.71
C ASN E 182 -36.42 -16.00 2.36
N LEU E 183 -35.17 -16.49 2.41
CA LEU E 183 -34.89 -17.91 2.06
C LEU E 183 -35.48 -18.88 3.09
N LYS E 184 -35.45 -18.52 4.37
CA LYS E 184 -35.99 -19.40 5.45
C LYS E 184 -37.52 -19.48 5.35
N GLN E 185 -38.20 -18.38 5.08
CA GLN E 185 -39.69 -18.36 4.91
C GLN E 185 -40.10 -19.30 3.78
N SER E 186 -39.47 -19.18 2.61
CA SER E 186 -39.80 -19.95 1.38
C SER E 186 -39.30 -21.39 1.48
N ASN E 187 -38.32 -21.65 2.34
CA ASN E 187 -37.62 -22.96 2.44
C ASN E 187 -36.80 -23.19 1.16
N THR E 188 -36.18 -22.14 0.63
CA THR E 188 -35.31 -22.16 -0.58
C THR E 188 -33.82 -22.29 -0.23
N LEU E 189 -33.14 -23.27 -0.83
CA LEU E 189 -31.66 -23.41 -0.82
C LEU E 189 -31.04 -22.48 -1.87
N LEU E 190 -30.10 -21.63 -1.46
CA LEU E 190 -29.31 -20.73 -2.34
C LEU E 190 -27.84 -21.18 -2.34
N ILE E 191 -27.28 -21.54 -3.50
CA ILE E 191 -25.85 -21.97 -3.63
C ILE E 191 -25.07 -20.88 -4.36
N PHE E 192 -24.01 -20.38 -3.74
CA PHE E 192 -23.02 -19.45 -4.35
C PHE E 192 -21.76 -20.23 -4.74
N ILE E 193 -21.37 -20.19 -6.01
CA ILE E 193 -20.03 -20.62 -6.46
C ILE E 193 -19.06 -19.44 -6.32
N ASN E 194 -17.86 -19.70 -5.82
CA ASN E 194 -16.77 -18.70 -5.70
C ASN E 194 -15.48 -19.23 -6.32
N GLN E 195 -14.61 -18.32 -6.73
CA GLN E 195 -13.25 -18.56 -7.28
C GLN E 195 -12.23 -18.20 -6.20
N ILE E 196 -11.01 -18.68 -6.36
CA ILE E 196 -9.85 -18.39 -5.46
C ILE E 196 -9.03 -17.24 -6.06
N ARG E 197 -8.48 -16.40 -5.20
CA ARG E 197 -7.48 -15.36 -5.54
C ARG E 197 -6.37 -15.43 -4.48
N MET E 198 -5.23 -14.80 -4.73
CA MET E 198 -4.08 -14.79 -3.78
C MET E 198 -4.06 -13.49 -3.00
N LYS E 199 -3.73 -13.59 -1.71
CA LYS E 199 -3.23 -12.45 -0.88
C LYS E 199 -1.73 -12.24 -1.15
N ILE E 200 -1.31 -10.99 -1.32
CA ILE E 200 0.13 -10.58 -1.46
C ILE E 200 0.63 -10.16 -0.07
N GLY E 201 1.91 -10.42 0.23
CA GLY E 201 2.56 -10.02 1.49
C GLY E 201 2.01 -10.80 2.67
N VAL E 202 2.40 -12.07 2.77
CA VAL E 202 1.77 -13.08 3.68
C VAL E 202 2.81 -14.16 4.01
N MET E 203 3.16 -14.30 5.30
CA MET E 203 4.06 -15.34 5.86
C MET E 203 3.23 -16.52 6.38
N PHE E 204 2.09 -16.23 7.01
CA PHE E 204 1.27 -17.18 7.82
C PHE E 204 0.39 -18.03 6.89
N GLY E 205 0.40 -19.35 7.11
CA GLY E 205 -0.53 -20.34 6.52
C GLY E 205 -0.80 -20.07 5.05
N ASN E 206 -2.09 -20.04 4.66
CA ASN E 206 -2.53 -20.02 3.24
C ASN E 206 -2.65 -18.58 2.75
N PRO E 207 -2.03 -18.28 1.59
CA PRO E 207 -2.29 -17.02 0.90
C PRO E 207 -3.57 -17.05 0.06
N GLU E 208 -4.28 -18.19 0.01
CA GLU E 208 -5.54 -18.33 -0.75
C GLU E 208 -6.66 -17.57 -0.04
N THR E 209 -7.34 -16.70 -0.77
CA THR E 209 -8.63 -16.08 -0.38
C THR E 209 -9.71 -16.55 -1.35
N THR E 210 -10.90 -15.98 -1.22
CA THR E 210 -12.10 -16.15 -2.05
C THR E 210 -12.55 -14.72 -2.33
N THR E 211 -13.36 -14.47 -3.36
CA THR E 211 -13.76 -13.09 -3.76
C THR E 211 -15.02 -12.66 -3.00
N GLY E 212 -15.27 -11.34 -2.97
CA GLY E 212 -16.58 -10.75 -2.64
C GLY E 212 -16.75 -10.33 -1.19
N GLY E 213 -15.70 -10.36 -0.37
CA GLY E 213 -15.67 -9.82 1.00
C GLY E 213 -15.96 -10.85 2.06
N ASN E 214 -16.24 -10.45 3.29
CA ASN E 214 -16.31 -11.39 4.43
C ASN E 214 -17.75 -11.78 4.80
N ALA E 215 -18.79 -11.16 4.28
CA ALA E 215 -20.18 -11.42 4.75
C ALA E 215 -20.58 -12.87 4.48
N LEU E 216 -20.28 -13.42 3.32
CA LEU E 216 -20.71 -14.79 2.89
C LEU E 216 -20.17 -15.89 3.82
N LYS E 217 -18.96 -15.73 4.36
CA LYS E 217 -18.36 -16.68 5.34
C LYS E 217 -19.18 -16.82 6.63
N PHE E 218 -19.77 -15.73 7.11
CA PHE E 218 -20.61 -15.67 8.32
C PHE E 218 -21.96 -16.33 8.07
N TYR E 219 -22.66 -15.90 7.01
CA TYR E 219 -24.06 -16.27 6.73
C TYR E 219 -24.20 -17.67 6.12
N ALA E 220 -23.15 -18.31 5.64
CA ALA E 220 -23.26 -19.64 5.01
C ALA E 220 -23.39 -20.71 6.08
N SER E 221 -24.26 -21.69 5.88
CA SER E 221 -24.45 -22.83 6.79
C SER E 221 -23.46 -23.94 6.43
N VAL E 222 -23.11 -24.05 5.15
CA VAL E 222 -22.09 -25.02 4.64
C VAL E 222 -21.13 -24.28 3.72
N ARG E 223 -19.83 -24.55 3.86
CA ARG E 223 -18.76 -24.11 2.94
C ARG E 223 -18.01 -25.33 2.45
N LEU E 224 -17.96 -25.56 1.13
CA LEU E 224 -17.25 -26.69 0.48
C LEU E 224 -16.06 -26.18 -0.35
N ASP E 225 -14.90 -26.78 -0.17
CA ASP E 225 -13.68 -26.57 -0.98
C ASP E 225 -13.49 -27.81 -1.87
N ILE E 226 -13.54 -27.67 -3.19
CA ILE E 226 -13.43 -28.82 -4.15
C ILE E 226 -12.10 -28.70 -4.90
N ARG E 227 -11.45 -29.83 -5.16
CA ARG E 227 -10.09 -29.93 -5.77
C ARG E 227 -9.96 -31.18 -6.63
N ARG E 228 -9.46 -30.98 -7.84
CA ARG E 228 -9.00 -32.06 -8.75
C ARG E 228 -7.65 -32.59 -8.24
N ILE E 229 -7.61 -33.87 -7.86
CA ILE E 229 -6.41 -34.52 -7.27
C ILE E 229 -5.82 -35.58 -8.21
N GLY E 230 -6.21 -35.60 -9.49
CA GLY E 230 -5.67 -36.58 -10.46
C GLY E 230 -6.58 -36.85 -11.64
N ALA E 231 -6.11 -37.72 -12.54
CA ALA E 231 -6.78 -38.12 -13.79
C ALA E 231 -7.35 -39.54 -13.66
N VAL E 232 -8.38 -39.82 -14.45
CA VAL E 232 -8.98 -41.15 -14.70
C VAL E 232 -8.68 -41.49 -16.17
N LYS E 233 -8.00 -42.62 -16.42
CA LYS E 233 -7.51 -43.01 -17.77
C LYS E 233 -8.09 -44.36 -18.17
N GLU E 234 -8.71 -44.43 -19.35
CA GLU E 234 -8.99 -45.67 -20.11
C GLU E 234 -7.79 -45.94 -21.04
N GLY E 235 -6.75 -46.57 -20.51
CA GLY E 235 -5.47 -46.81 -21.19
C GLY E 235 -4.64 -45.55 -21.28
N GLU E 236 -4.86 -44.75 -22.34
CA GLU E 236 -4.10 -43.50 -22.62
C GLU E 236 -5.05 -42.30 -22.77
N ASN E 237 -6.28 -42.50 -23.22
CA ASN E 237 -7.39 -41.50 -23.17
C ASN E 237 -7.70 -41.12 -21.72
N VAL E 238 -7.51 -39.85 -21.35
CA VAL E 238 -7.98 -39.27 -20.06
C VAL E 238 -9.50 -39.11 -20.18
N VAL E 239 -10.25 -39.79 -19.32
CA VAL E 239 -11.72 -39.96 -19.46
C VAL E 239 -12.48 -39.22 -18.34
N GLY E 240 -11.78 -38.61 -17.38
CA GLY E 240 -12.39 -37.95 -16.22
C GLY E 240 -11.40 -37.50 -15.17
N SER E 241 -11.93 -36.98 -14.06
CA SER E 241 -11.14 -36.37 -12.94
C SER E 241 -11.38 -37.10 -11.64
N GLU E 242 -10.33 -37.27 -10.84
CA GLU E 242 -10.44 -37.66 -9.41
C GLU E 242 -10.55 -36.38 -8.58
N THR E 243 -11.56 -36.32 -7.74
CA THR E 243 -12.06 -35.10 -7.04
C THR E 243 -12.06 -35.32 -5.52
N ARG E 244 -11.65 -34.31 -4.76
CA ARG E 244 -11.76 -34.31 -3.28
C ARG E 244 -12.59 -33.09 -2.86
N VAL E 245 -13.61 -33.28 -2.01
CA VAL E 245 -14.36 -32.16 -1.37
C VAL E 245 -14.08 -32.18 0.13
N LYS E 246 -13.71 -31.04 0.71
CA LYS E 246 -13.56 -30.85 2.16
C LYS E 246 -14.70 -30.00 2.70
N VAL E 247 -15.37 -30.47 3.75
CA VAL E 247 -16.37 -29.63 4.45
C VAL E 247 -15.60 -28.69 5.40
N VAL E 248 -15.60 -27.41 5.07
CA VAL E 248 -14.72 -26.37 5.65
C VAL E 248 -15.50 -25.55 6.68
N LYS E 249 -16.82 -25.50 6.58
CA LYS E 249 -17.75 -24.94 7.59
C LYS E 249 -19.01 -25.79 7.59
N ASN E 250 -19.57 -26.07 8.76
CA ASN E 250 -20.82 -26.85 8.91
C ASN E 250 -21.52 -26.40 10.21
N LYS E 251 -22.77 -25.95 10.09
CA LYS E 251 -23.68 -25.53 11.19
C LYS E 251 -24.81 -26.52 11.42
N ILE E 252 -24.87 -27.62 10.70
CA ILE E 252 -25.96 -28.64 10.84
C ILE E 252 -25.36 -29.99 11.24
N ALA E 253 -24.05 -30.11 11.34
CA ALA E 253 -23.33 -31.32 11.81
C ALA E 253 -21.86 -30.97 11.99
N ALA E 254 -21.04 -31.93 12.40
CA ALA E 254 -19.60 -31.71 12.71
C ALA E 254 -18.89 -31.36 11.41
N PRO E 255 -17.96 -30.40 11.41
CA PRO E 255 -17.20 -30.08 10.20
C PRO E 255 -15.93 -30.92 10.02
N PHE E 256 -15.23 -30.66 8.91
CA PHE E 256 -13.86 -31.08 8.57
C PHE E 256 -13.81 -32.52 8.07
N LYS E 257 -14.90 -33.08 7.57
CA LYS E 257 -14.86 -34.38 6.87
C LYS E 257 -14.59 -34.18 5.38
N GLN E 258 -14.28 -35.28 4.69
CA GLN E 258 -13.92 -35.33 3.25
C GLN E 258 -14.73 -36.39 2.51
N ALA E 259 -14.86 -36.16 1.22
CA ALA E 259 -15.40 -37.10 0.23
C ALA E 259 -14.43 -37.16 -0.96
N GLU E 260 -14.32 -38.33 -1.57
CA GLU E 260 -13.50 -38.57 -2.80
C GLU E 260 -14.38 -39.34 -3.77
N PHE E 261 -14.49 -38.84 -4.99
CA PHE E 261 -15.27 -39.47 -6.08
C PHE E 261 -14.67 -39.07 -7.42
N GLN E 262 -15.13 -39.72 -8.47
CA GLN E 262 -14.72 -39.50 -9.87
C GLN E 262 -15.80 -38.69 -10.57
N ILE E 263 -15.39 -37.76 -11.41
CA ILE E 263 -16.26 -37.05 -12.40
C ILE E 263 -15.85 -37.55 -13.78
N LEU E 264 -16.76 -38.21 -14.50
CA LEU E 264 -16.49 -38.74 -15.86
C LEU E 264 -17.11 -37.80 -16.88
N TYR E 265 -16.30 -37.29 -17.80
CA TYR E 265 -16.72 -36.24 -18.78
C TYR E 265 -17.93 -36.77 -19.56
N GLY E 266 -19.05 -36.05 -19.51
CA GLY E 266 -20.28 -36.36 -20.26
C GLY E 266 -21.31 -37.11 -19.43
N GLU E 267 -20.91 -37.72 -18.30
CA GLU E 267 -21.81 -38.52 -17.41
C GLU E 267 -21.98 -37.84 -16.05
N GLY E 268 -20.91 -37.29 -15.48
CA GLY E 268 -20.91 -36.63 -14.16
C GLY E 268 -20.32 -37.53 -13.10
N ILE E 269 -20.89 -37.54 -11.90
CA ILE E 269 -20.33 -38.21 -10.70
C ILE E 269 -20.58 -39.72 -10.82
N ASN E 270 -19.51 -40.51 -10.77
CA ASN E 270 -19.56 -41.99 -10.89
C ASN E 270 -20.14 -42.54 -9.58
N PHE E 271 -21.46 -42.75 -9.55
CA PHE E 271 -22.23 -43.23 -8.38
C PHE E 271 -21.79 -44.64 -7.98
N TYR E 272 -21.83 -45.59 -8.94
CA TYR E 272 -21.44 -47.00 -8.75
C TYR E 272 -19.99 -47.10 -8.29
N GLY E 273 -19.13 -46.20 -8.75
CA GLY E 273 -17.73 -46.12 -8.27
C GLY E 273 -17.66 -45.85 -6.77
N GLU E 274 -18.49 -44.93 -6.27
CA GLU E 274 -18.60 -44.59 -4.82
C GLU E 274 -19.11 -45.82 -4.05
N LEU E 275 -20.09 -46.52 -4.61
CA LEU E 275 -20.78 -47.66 -3.95
C LEU E 275 -19.82 -48.82 -3.69
N VAL E 276 -18.86 -49.08 -4.60
CA VAL E 276 -17.77 -50.09 -4.39
C VAL E 276 -16.94 -49.66 -3.18
N ASP E 277 -16.32 -48.48 -3.25
CA ASP E 277 -15.43 -47.92 -2.20
C ASP E 277 -16.11 -47.96 -0.81
N LEU E 278 -17.40 -47.58 -0.75
CA LEU E 278 -18.19 -47.54 0.52
C LEU E 278 -18.57 -48.97 0.92
N GLY E 279 -18.91 -49.83 -0.04
CA GLY E 279 -19.18 -51.27 0.18
C GLY E 279 -17.97 -52.00 0.75
N VAL E 280 -16.75 -51.65 0.28
CA VAL E 280 -15.45 -52.20 0.76
C VAL E 280 -15.23 -51.77 2.22
N LYS E 281 -15.35 -50.47 2.48
CA LYS E 281 -15.09 -49.80 3.79
C LYS E 281 -15.94 -50.44 4.90
N GLU E 282 -17.16 -50.92 4.57
CA GLU E 282 -18.15 -51.46 5.54
C GLU E 282 -18.16 -53.00 5.55
N LYS E 283 -17.11 -53.65 5.05
CA LYS E 283 -16.90 -55.13 5.10
C LYS E 283 -18.06 -55.87 4.41
N LEU E 284 -18.66 -55.27 3.37
CA LEU E 284 -19.72 -55.92 2.54
C LEU E 284 -19.15 -56.37 1.19
N ILE E 285 -17.97 -55.87 0.81
CA ILE E 285 -17.22 -56.28 -0.42
C ILE E 285 -15.78 -56.63 -0.01
N GLU E 286 -15.33 -57.86 -0.30
CA GLU E 286 -13.96 -58.35 0.01
C GLU E 286 -13.01 -57.93 -1.12
N LYS E 287 -11.87 -57.33 -0.77
CA LYS E 287 -10.84 -56.85 -1.74
C LYS E 287 -9.47 -57.46 -1.37
N ALA E 288 -8.78 -58.04 -2.34
CA ALA E 288 -7.44 -58.67 -2.21
C ALA E 288 -6.53 -58.20 -3.35
N GLY E 289 -5.68 -57.18 -3.09
CA GLY E 289 -4.78 -56.57 -4.08
C GLY E 289 -5.54 -55.70 -5.07
N ALA E 290 -5.93 -56.29 -6.23
CA ALA E 290 -6.81 -55.68 -7.25
C ALA E 290 -7.87 -56.71 -7.69
N TRP E 291 -8.36 -57.52 -6.75
CA TRP E 291 -9.41 -58.57 -6.96
C TRP E 291 -10.56 -58.34 -5.96
N TYR E 292 -11.77 -58.11 -6.47
CA TYR E 292 -13.00 -57.83 -5.67
C TYR E 292 -13.88 -59.09 -5.62
N SER E 293 -14.76 -59.16 -4.62
CA SER E 293 -15.69 -60.30 -4.38
C SER E 293 -16.86 -59.88 -3.49
N TYR E 294 -18.09 -60.20 -3.91
CA TYR E 294 -19.35 -60.05 -3.14
C TYR E 294 -19.97 -61.43 -2.87
N LYS E 295 -19.98 -61.85 -1.59
CA LYS E 295 -20.57 -63.12 -1.09
C LYS E 295 -19.88 -64.32 -1.76
N GLY E 296 -18.55 -64.29 -1.83
CA GLY E 296 -17.70 -65.37 -2.39
C GLY E 296 -17.42 -65.17 -3.87
N GLU E 297 -18.47 -64.98 -4.67
CA GLU E 297 -18.43 -64.73 -6.14
C GLU E 297 -17.47 -63.57 -6.45
N LYS E 298 -16.63 -63.71 -7.48
CA LYS E 298 -15.62 -62.69 -7.90
C LYS E 298 -16.25 -61.75 -8.92
N ILE E 299 -16.51 -60.51 -8.50
CA ILE E 299 -17.29 -59.50 -9.30
C ILE E 299 -16.41 -58.95 -10.44
N GLY E 300 -15.12 -58.75 -10.21
CA GLY E 300 -14.19 -58.23 -11.24
C GLY E 300 -12.74 -58.17 -10.78
N GLN E 301 -11.88 -57.55 -11.61
CA GLN E 301 -10.43 -57.37 -11.37
C GLN E 301 -10.06 -55.93 -11.76
N GLY E 302 -9.71 -55.10 -10.76
CA GLY E 302 -9.64 -53.63 -10.89
C GLY E 302 -10.99 -52.99 -10.62
N LYS E 303 -11.01 -51.73 -10.19
CA LYS E 303 -12.25 -51.00 -9.76
C LYS E 303 -13.23 -50.89 -10.93
N ALA E 304 -12.75 -50.54 -12.12
CA ALA E 304 -13.57 -50.25 -13.33
C ALA E 304 -14.39 -51.48 -13.75
N ASN E 305 -13.79 -52.67 -13.66
CA ASN E 305 -14.46 -53.97 -13.96
C ASN E 305 -15.52 -54.26 -12.89
N ALA E 306 -15.16 -54.07 -11.62
CA ALA E 306 -16.05 -54.23 -10.45
C ALA E 306 -17.23 -53.24 -10.54
N THR E 307 -16.97 -52.01 -11.02
CA THR E 307 -17.99 -50.94 -11.23
C THR E 307 -18.94 -51.37 -12.36
N ALA E 308 -18.38 -51.88 -13.47
CA ALA E 308 -19.11 -52.36 -14.66
C ALA E 308 -19.99 -53.56 -14.29
N TRP E 309 -19.51 -54.43 -13.40
CA TRP E 309 -20.26 -55.60 -12.86
C TRP E 309 -21.52 -55.11 -12.13
N LEU E 310 -21.38 -54.15 -11.21
CA LEU E 310 -22.51 -53.58 -10.42
C LEU E 310 -23.53 -52.92 -11.35
N LYS E 311 -23.07 -52.36 -12.46
CA LYS E 311 -23.91 -51.65 -13.47
C LYS E 311 -24.86 -52.64 -14.16
N ASP E 312 -24.40 -53.88 -14.40
CA ASP E 312 -25.15 -54.93 -15.14
C ASP E 312 -25.84 -55.90 -14.16
N ASN E 313 -25.80 -55.66 -12.85
CA ASN E 313 -26.50 -56.46 -11.81
C ASN E 313 -27.24 -55.52 -10.86
N PRO E 314 -28.37 -54.88 -11.29
CA PRO E 314 -29.10 -53.93 -10.45
C PRO E 314 -29.60 -54.45 -9.10
N GLU E 315 -29.78 -55.77 -8.97
CA GLU E 315 -30.30 -56.45 -7.75
C GLU E 315 -29.28 -56.29 -6.61
N THR E 316 -28.00 -56.57 -6.89
CA THR E 316 -26.86 -56.46 -5.93
C THR E 316 -26.58 -54.99 -5.60
N ALA E 317 -26.72 -54.07 -6.58
CA ALA E 317 -26.44 -52.63 -6.43
C ALA E 317 -27.51 -51.95 -5.58
N LYS E 318 -28.79 -52.34 -5.73
CA LYS E 318 -29.91 -51.91 -4.85
C LYS E 318 -29.64 -52.36 -3.41
N GLU E 319 -29.23 -53.61 -3.24
CA GLU E 319 -29.01 -54.29 -1.94
C GLU E 319 -27.89 -53.59 -1.16
N ILE E 320 -26.72 -53.42 -1.78
CA ILE E 320 -25.51 -52.82 -1.12
C ILE E 320 -25.78 -51.35 -0.81
N GLU E 321 -26.50 -50.64 -1.69
CA GLU E 321 -26.92 -49.22 -1.46
C GLU E 321 -27.76 -49.14 -0.18
N LYS E 322 -28.67 -50.11 0.02
CA LYS E 322 -29.61 -50.14 1.17
C LYS E 322 -28.84 -50.27 2.49
N LYS E 323 -27.86 -51.18 2.54
CA LYS E 323 -27.06 -51.50 3.77
C LYS E 323 -26.13 -50.33 4.12
N VAL E 324 -25.44 -49.76 3.13
CA VAL E 324 -24.49 -48.61 3.29
C VAL E 324 -25.26 -47.42 3.86
N ARG E 325 -26.48 -47.19 3.36
CA ARG E 325 -27.38 -46.10 3.82
C ARG E 325 -27.74 -46.32 5.29
N GLU E 326 -28.18 -47.53 5.66
CA GLU E 326 -28.53 -47.92 7.06
C GLU E 326 -27.36 -47.61 8.02
N LEU E 327 -26.16 -48.10 7.69
CA LEU E 327 -24.96 -48.10 8.60
C LEU E 327 -24.42 -46.69 8.83
N LEU E 328 -24.21 -45.92 7.75
CA LEU E 328 -23.33 -44.70 7.76
C LEU E 328 -24.16 -43.41 7.78
N LEU E 329 -25.30 -43.35 7.09
CA LEU E 329 -26.21 -42.17 7.13
C LEU E 329 -26.84 -42.10 8.53
N SER E 330 -26.29 -41.22 9.38
CA SER E 330 -26.53 -41.15 10.85
C SER E 330 -27.81 -40.37 11.19
N ASN E 331 -28.51 -39.81 10.18
CA ASN E 331 -29.81 -39.10 10.33
C ASN E 331 -30.85 -39.73 9.41
N PRO E 332 -31.30 -40.99 9.66
CA PRO E 332 -32.37 -41.59 8.84
C PRO E 332 -33.71 -40.86 8.97
N ASN E 333 -34.47 -40.75 7.87
CA ASN E 333 -35.80 -40.08 7.79
C ASN E 333 -36.66 -40.80 6.75
N SER E 334 -37.91 -41.13 7.10
CA SER E 334 -38.92 -41.78 6.21
C SER E 334 -40.32 -41.65 6.82
N ALA F 2 -25.74 26.68 62.50
CA ALA F 2 -26.58 27.85 62.06
C ALA F 2 -26.64 27.94 60.53
N ILE F 3 -25.47 28.06 59.90
CA ILE F 3 -25.30 28.13 58.41
C ILE F 3 -25.53 26.71 57.84
N ASP F 4 -25.19 25.67 58.61
CA ASP F 4 -25.23 24.24 58.23
C ASP F 4 -26.66 23.69 58.34
N GLU F 5 -27.43 24.14 59.33
CA GLU F 5 -28.76 23.57 59.69
C GLU F 5 -29.83 23.93 58.66
N ASN F 6 -29.82 25.17 58.14
CA ASN F 6 -30.74 25.65 57.08
C ASN F 6 -30.48 24.88 55.78
N LYS F 7 -29.23 24.46 55.53
CA LYS F 7 -28.82 23.62 54.36
C LYS F 7 -29.40 22.20 54.52
N GLN F 8 -29.26 21.59 55.70
CA GLN F 8 -29.73 20.21 56.02
C GLN F 8 -31.26 20.10 55.83
N LYS F 9 -32.00 21.17 56.16
CA LYS F 9 -33.49 21.22 56.08
C LYS F 9 -33.93 21.50 54.64
N ALA F 10 -33.24 22.41 53.95
CA ALA F 10 -33.46 22.75 52.51
C ALA F 10 -33.21 21.51 51.64
N LEU F 11 -32.20 20.70 51.99
CA LEU F 11 -31.87 19.41 51.32
C LEU F 11 -33.01 18.41 51.53
N ALA F 12 -33.44 18.22 52.78
CA ALA F 12 -34.49 17.24 53.18
C ALA F 12 -35.83 17.62 52.55
N ALA F 13 -36.11 18.92 52.39
CA ALA F 13 -37.33 19.47 51.74
C ALA F 13 -37.32 19.13 50.23
N ALA F 14 -36.17 19.28 49.57
CA ALA F 14 -35.96 18.98 48.14
C ALA F 14 -36.06 17.47 47.89
N LEU F 15 -35.42 16.66 48.74
CA LEU F 15 -35.49 15.16 48.71
C LEU F 15 -36.95 14.70 48.87
N GLY F 16 -37.72 15.35 49.75
CA GLY F 16 -39.17 15.11 49.93
C GLY F 16 -39.97 15.48 48.69
N GLN F 17 -39.65 16.63 48.07
CA GLN F 17 -40.32 17.18 46.87
C GLN F 17 -40.11 16.25 45.67
N ILE F 18 -38.90 15.72 45.49
CA ILE F 18 -38.52 14.79 44.38
C ILE F 18 -39.20 13.43 44.60
N GLU F 19 -39.13 12.89 45.82
CA GLU F 19 -39.64 11.54 46.19
C GLU F 19 -41.17 11.49 46.12
N LYS F 20 -41.83 12.65 46.09
CA LYS F 20 -43.31 12.79 45.98
C LYS F 20 -43.71 12.93 44.49
N GLN F 21 -42.98 13.75 43.73
CA GLN F 21 -43.19 13.98 42.27
C GLN F 21 -43.02 12.68 41.48
N PHE F 22 -41.90 11.97 41.71
CA PHE F 22 -41.40 10.86 40.84
C PHE F 22 -41.45 9.50 41.53
N GLY F 23 -41.82 9.44 42.82
CA GLY F 23 -42.04 8.18 43.56
C GLY F 23 -40.92 7.85 44.53
N LYS F 24 -41.02 6.68 45.18
CA LYS F 24 -40.30 6.33 46.43
C LYS F 24 -38.78 6.44 46.25
N GLY F 25 -38.17 5.57 45.43
CA GLY F 25 -36.71 5.43 45.31
C GLY F 25 -36.11 6.25 44.17
N SER F 26 -36.75 7.38 43.80
CA SER F 26 -36.35 8.24 42.66
C SER F 26 -35.05 8.99 42.96
N ILE F 27 -34.72 9.16 44.24
CA ILE F 27 -33.39 9.66 44.71
C ILE F 27 -33.10 9.06 46.08
N MET F 28 -31.84 8.71 46.34
CA MET F 28 -31.37 8.26 47.67
C MET F 28 -29.85 8.25 47.73
N ARG F 29 -29.31 8.04 48.94
CA ARG F 29 -27.85 7.88 49.18
C ARG F 29 -27.41 6.57 48.53
N LEU F 30 -26.27 6.60 47.84
CA LEU F 30 -25.75 5.47 47.01
C LEU F 30 -25.45 4.26 47.90
N GLY F 31 -24.93 4.50 49.11
CA GLY F 31 -24.55 3.46 50.08
C GLY F 31 -25.72 2.56 50.48
N GLU F 32 -26.94 3.12 50.55
CA GLU F 32 -28.16 2.42 51.03
C GLU F 32 -29.12 2.10 49.87
N ASP F 33 -28.62 2.02 48.63
CA ASP F 33 -29.39 1.57 47.43
C ASP F 33 -28.93 0.15 47.06
N ARG F 34 -29.75 -0.85 47.41
CA ARG F 34 -29.48 -2.30 47.18
C ARG F 34 -29.64 -2.65 45.70
N SER F 35 -30.56 -1.98 44.98
CA SER F 35 -30.78 -2.09 43.51
C SER F 35 -29.47 -1.97 42.74
N MET F 36 -28.57 -1.10 43.22
CA MET F 36 -27.33 -0.68 42.53
C MET F 36 -26.21 -1.72 42.69
N ASP F 37 -26.39 -2.77 43.51
CA ASP F 37 -25.39 -3.86 43.68
C ASP F 37 -25.33 -4.70 42.40
N VAL F 38 -24.19 -5.37 42.16
CA VAL F 38 -23.90 -6.13 40.92
C VAL F 38 -23.97 -7.63 41.23
N GLU F 39 -25.00 -8.30 40.70
CA GLU F 39 -25.20 -9.77 40.71
C GLU F 39 -24.74 -10.32 39.35
N THR F 40 -24.14 -11.52 39.33
CA THR F 40 -23.58 -12.18 38.10
C THR F 40 -24.16 -13.59 37.89
N ILE F 41 -24.09 -14.07 36.64
CA ILE F 41 -24.46 -15.43 36.16
C ILE F 41 -23.22 -16.08 35.56
N SER F 42 -23.09 -17.40 35.68
CA SER F 42 -22.01 -18.22 35.07
C SER F 42 -22.04 -18.10 33.56
N THR F 43 -20.88 -18.26 32.92
CA THR F 43 -20.73 -18.38 31.44
C THR F 43 -20.65 -19.85 31.01
N GLY F 44 -20.53 -20.80 31.94
CA GLY F 44 -20.28 -22.22 31.63
C GLY F 44 -18.80 -22.53 31.45
N SER F 45 -17.96 -21.50 31.29
CA SER F 45 -16.47 -21.57 31.29
C SER F 45 -15.96 -21.03 32.63
N LEU F 46 -15.26 -21.86 33.42
CA LEU F 46 -14.69 -21.47 34.74
C LEU F 46 -13.56 -20.46 34.53
N SER F 47 -12.69 -20.67 33.55
CA SER F 47 -11.58 -19.72 33.22
C SER F 47 -12.12 -18.35 32.73
N LEU F 48 -13.33 -18.28 32.16
CA LEU F 48 -13.94 -16.99 31.69
C LEU F 48 -14.52 -16.26 32.90
N ASP F 49 -15.16 -17.00 33.81
CA ASP F 49 -15.67 -16.47 35.11
C ASP F 49 -14.53 -15.80 35.90
N ILE F 50 -13.31 -16.37 35.88
CA ILE F 50 -12.09 -15.81 36.52
C ILE F 50 -11.61 -14.56 35.76
N ALA F 51 -11.56 -14.59 34.43
CA ALA F 51 -11.14 -13.44 33.58
C ALA F 51 -12.07 -12.22 33.73
N LEU F 52 -13.34 -12.42 34.02
CA LEU F 52 -14.34 -11.32 34.12
C LEU F 52 -14.20 -10.61 35.46
N GLY F 53 -13.65 -11.31 36.47
CA GLY F 53 -13.22 -10.73 37.75
C GLY F 53 -14.27 -10.87 38.83
N ALA F 54 -15.54 -10.58 38.50
CA ALA F 54 -16.69 -10.60 39.44
C ALA F 54 -17.47 -11.91 39.36
N GLY F 55 -16.92 -12.97 38.77
CA GLY F 55 -17.49 -14.33 38.82
C GLY F 55 -18.50 -14.62 37.71
N GLY F 56 -18.71 -13.70 36.76
CA GLY F 56 -19.63 -13.96 35.63
C GLY F 56 -20.07 -12.71 34.90
N LEU F 57 -21.19 -12.82 34.18
CA LEU F 57 -21.80 -11.70 33.41
C LEU F 57 -22.84 -11.00 34.27
N PRO F 58 -22.88 -9.66 34.26
CA PRO F 58 -23.74 -8.90 35.16
C PRO F 58 -25.21 -8.76 34.73
N MET F 59 -26.14 -9.06 35.64
CA MET F 59 -27.61 -8.89 35.42
C MET F 59 -27.95 -7.40 35.31
N GLY F 60 -28.92 -7.06 34.46
CA GLY F 60 -29.42 -5.68 34.27
C GLY F 60 -28.62 -4.89 33.25
N ARG F 61 -27.60 -5.52 32.64
CA ARG F 61 -26.62 -4.83 31.76
C ARG F 61 -26.67 -5.39 30.35
N ILE F 62 -25.94 -4.72 29.45
CA ILE F 62 -25.71 -5.09 28.03
C ILE F 62 -24.29 -5.67 27.88
N VAL F 63 -24.17 -6.74 27.10
CA VAL F 63 -22.90 -7.47 26.78
C VAL F 63 -22.78 -7.65 25.26
N GLU F 64 -21.58 -7.43 24.69
CA GLU F 64 -21.25 -7.64 23.27
C GLU F 64 -20.24 -8.80 23.20
N ILE F 65 -20.51 -9.81 22.37
CA ILE F 65 -19.58 -10.93 22.01
C ILE F 65 -19.34 -10.83 20.52
N TYR F 66 -18.11 -10.60 20.07
CA TYR F 66 -17.78 -10.49 18.65
C TYR F 66 -16.56 -11.34 18.32
N GLY F 67 -16.43 -11.69 17.05
CA GLY F 67 -15.34 -12.52 16.57
C GLY F 67 -15.42 -12.78 15.08
N PRO F 68 -14.42 -13.44 14.49
CA PRO F 68 -14.49 -13.94 13.12
C PRO F 68 -15.33 -15.22 12.98
N GLU F 69 -15.44 -15.69 11.75
CA GLU F 69 -16.37 -16.76 11.36
C GLU F 69 -16.04 -18.03 12.13
N SER F 70 -17.04 -18.75 12.60
CA SER F 70 -16.92 -20.07 13.27
C SER F 70 -16.01 -20.04 14.51
N SER F 71 -15.98 -18.93 15.24
CA SER F 71 -15.12 -18.72 16.43
C SER F 71 -15.75 -19.29 17.72
N GLY F 72 -17.04 -19.62 17.72
CA GLY F 72 -17.79 -20.18 18.87
C GLY F 72 -18.79 -19.20 19.50
N LYS F 73 -19.10 -18.09 18.84
CA LYS F 73 -20.04 -17.05 19.35
C LYS F 73 -21.40 -17.65 19.75
N THR F 74 -22.05 -18.41 18.88
CA THR F 74 -23.40 -18.97 19.16
C THR F 74 -23.30 -20.00 20.29
N THR F 75 -22.33 -20.90 20.23
CA THR F 75 -22.10 -21.97 21.22
C THR F 75 -21.93 -21.36 22.62
N LEU F 76 -21.17 -20.27 22.74
CA LEU F 76 -20.89 -19.63 24.05
C LEU F 76 -22.19 -19.13 24.68
N THR F 77 -23.04 -18.43 23.92
CA THR F 77 -24.32 -17.87 24.41
C THR F 77 -25.34 -18.96 24.77
N LEU F 78 -25.29 -20.15 24.15
CA LEU F 78 -26.23 -21.26 24.46
C LEU F 78 -25.80 -21.94 25.77
N GLN F 79 -24.51 -21.91 26.10
CA GLN F 79 -23.96 -22.43 27.37
C GLN F 79 -24.33 -21.51 28.53
N VAL F 80 -24.29 -20.19 28.33
CA VAL F 80 -24.84 -19.19 29.29
C VAL F 80 -26.30 -19.54 29.56
N ILE F 81 -27.13 -19.56 28.51
CA ILE F 81 -28.59 -19.89 28.60
C ILE F 81 -28.78 -21.20 29.36
N ALA F 82 -28.05 -22.24 29.01
CA ALA F 82 -28.23 -23.58 29.62
C ALA F 82 -28.03 -23.43 31.13
N ALA F 83 -26.94 -22.80 31.55
CA ALA F 83 -26.58 -22.59 32.97
C ALA F 83 -27.66 -21.75 33.69
N ALA F 84 -28.18 -20.71 33.04
CA ALA F 84 -29.26 -19.87 33.61
C ALA F 84 -30.50 -20.75 33.86
N GLN F 85 -30.83 -21.65 32.93
CA GLN F 85 -32.04 -22.52 32.98
C GLN F 85 -31.90 -23.52 34.13
N ARG F 86 -30.69 -23.95 34.44
CA ARG F 86 -30.41 -24.92 35.55
C ARG F 86 -30.65 -24.26 36.92
N GLU F 87 -30.64 -22.92 36.99
CA GLU F 87 -30.99 -22.12 38.21
C GLU F 87 -32.40 -21.54 38.08
N GLY F 88 -33.28 -22.18 37.31
CA GLY F 88 -34.72 -21.84 37.20
C GLY F 88 -34.99 -20.45 36.64
N LYS F 89 -34.14 -19.93 35.77
CA LYS F 89 -34.36 -18.63 35.06
C LYS F 89 -34.99 -18.90 33.68
N THR F 90 -35.71 -17.92 33.13
CA THR F 90 -36.38 -17.97 31.81
C THR F 90 -35.55 -17.22 30.77
N CYS F 91 -35.34 -17.80 29.59
CA CYS F 91 -34.45 -17.23 28.54
C CYS F 91 -35.14 -17.17 27.18
N ALA F 92 -34.71 -16.21 26.37
CA ALA F 92 -35.19 -15.96 24.99
C ALA F 92 -34.00 -15.84 24.03
N PHE F 93 -34.18 -16.30 22.79
CA PHE F 93 -33.16 -16.30 21.70
C PHE F 93 -33.81 -15.65 20.48
N ILE F 94 -33.36 -14.45 20.12
CA ILE F 94 -33.82 -13.70 18.91
C ILE F 94 -32.84 -14.00 17.76
N ASP F 95 -33.22 -14.90 16.85
CA ASP F 95 -32.32 -15.50 15.81
C ASP F 95 -32.43 -14.73 14.50
N ALA F 96 -31.87 -13.52 14.43
CA ALA F 96 -31.97 -12.60 13.27
C ALA F 96 -31.23 -13.14 12.04
N GLU F 97 -30.23 -14.01 12.25
CA GLU F 97 -29.45 -14.71 11.19
C GLU F 97 -30.26 -15.83 10.53
N HIS F 98 -31.26 -16.39 11.20
CA HIS F 98 -32.10 -17.50 10.70
C HIS F 98 -31.26 -18.76 10.55
N ALA F 99 -30.46 -19.12 11.56
CA ALA F 99 -29.50 -20.23 11.43
C ALA F 99 -29.31 -21.00 12.72
N LEU F 100 -30.31 -21.08 13.59
CA LEU F 100 -30.22 -21.91 14.83
C LEU F 100 -30.69 -23.34 14.54
N ASP F 101 -29.96 -24.32 15.03
CA ASP F 101 -30.32 -25.78 14.95
C ASP F 101 -30.78 -26.23 16.33
N PRO F 102 -32.08 -26.50 16.53
CA PRO F 102 -32.60 -26.88 17.85
C PRO F 102 -32.06 -28.19 18.43
N ILE F 103 -31.76 -29.19 17.59
CA ILE F 103 -31.16 -30.47 18.05
C ILE F 103 -29.79 -30.19 18.67
N TYR F 104 -29.02 -29.26 18.10
CA TYR F 104 -27.66 -28.92 18.60
C TYR F 104 -27.77 -28.21 19.96
N ALA F 105 -28.70 -27.26 20.07
CA ALA F 105 -29.02 -26.52 21.30
C ALA F 105 -29.39 -27.50 22.42
N ARG F 106 -30.20 -28.53 22.12
CA ARG F 106 -30.53 -29.63 23.09
C ARG F 106 -29.26 -30.38 23.52
N LYS F 107 -28.32 -30.64 22.62
CA LYS F 107 -27.07 -31.42 22.93
C LYS F 107 -26.14 -30.63 23.85
N LEU F 108 -26.13 -29.30 23.75
CA LEU F 108 -25.28 -28.40 24.57
C LEU F 108 -25.87 -28.24 25.99
N GLY F 109 -27.08 -28.75 26.25
CA GLY F 109 -27.70 -28.77 27.59
C GLY F 109 -28.87 -27.81 27.73
N VAL F 110 -29.36 -27.23 26.63
CA VAL F 110 -30.49 -26.26 26.69
C VAL F 110 -31.79 -27.06 26.83
N ASP F 111 -32.75 -26.51 27.58
CA ASP F 111 -34.15 -27.00 27.66
C ASP F 111 -34.96 -26.29 26.57
N ILE F 112 -35.06 -26.97 25.44
CA ILE F 112 -35.66 -26.52 24.13
C ILE F 112 -37.15 -26.24 24.33
N ASP F 113 -37.81 -26.98 25.22
CA ASP F 113 -39.28 -26.88 25.47
C ASP F 113 -39.63 -25.56 26.20
N ASN F 114 -38.68 -24.94 26.90
CA ASN F 114 -38.92 -23.70 27.69
C ASN F 114 -38.24 -22.46 27.07
N LEU F 115 -37.30 -22.61 26.14
CA LEU F 115 -36.57 -21.48 25.51
C LEU F 115 -37.55 -20.72 24.58
N LEU F 116 -37.80 -19.43 24.80
CA LEU F 116 -38.58 -18.62 23.83
C LEU F 116 -37.68 -18.31 22.64
N CYS F 117 -38.21 -18.34 21.44
CA CYS F 117 -37.45 -18.11 20.19
C CYS F 117 -38.28 -17.30 19.21
N SER F 118 -37.63 -16.37 18.55
CA SER F 118 -38.21 -15.51 17.49
C SER F 118 -37.24 -15.48 16.32
N GLN F 119 -37.76 -15.40 15.09
CA GLN F 119 -36.99 -15.23 13.83
C GLN F 119 -37.60 -14.07 13.10
N PRO F 120 -37.29 -12.83 13.52
CA PRO F 120 -38.01 -11.66 13.04
C PRO F 120 -37.60 -11.22 11.63
N ASP F 121 -38.48 -10.45 10.99
CA ASP F 121 -38.39 -10.05 9.56
C ASP F 121 -37.49 -8.81 9.45
N THR F 122 -37.67 -7.83 10.33
CA THR F 122 -36.92 -6.55 10.36
C THR F 122 -36.12 -6.43 11.66
N GLY F 123 -35.21 -5.46 11.71
CA GLY F 123 -34.41 -5.11 12.90
C GLY F 123 -35.26 -4.41 13.94
N GLU F 124 -36.16 -3.53 13.51
CA GLU F 124 -37.15 -2.83 14.38
C GLU F 124 -38.00 -3.86 15.12
N GLN F 125 -38.49 -4.89 14.43
CA GLN F 125 -39.32 -5.95 15.04
C GLN F 125 -38.50 -6.69 16.11
N ALA F 126 -37.23 -7.03 15.84
CA ALA F 126 -36.35 -7.78 16.78
C ALA F 126 -36.13 -6.96 18.06
N LEU F 127 -35.82 -5.68 17.91
CA LEU F 127 -35.52 -4.77 19.03
C LEU F 127 -36.80 -4.43 19.81
N GLU F 128 -37.96 -4.26 19.14
CA GLU F 128 -39.30 -4.08 19.78
C GLU F 128 -39.69 -5.29 20.63
N ILE F 129 -39.28 -6.51 20.26
CA ILE F 129 -39.58 -7.77 21.00
C ILE F 129 -38.70 -7.82 22.25
N CYS F 130 -37.40 -7.52 22.11
CA CYS F 130 -36.42 -7.34 23.24
C CYS F 130 -36.98 -6.37 24.29
N ASP F 131 -37.59 -5.26 23.86
CA ASP F 131 -38.17 -4.24 24.77
C ASP F 131 -39.36 -4.86 25.54
N ALA F 132 -40.30 -5.49 24.83
CA ALA F 132 -41.52 -6.10 25.40
C ALA F 132 -41.15 -7.12 26.46
N LEU F 133 -40.18 -7.98 26.16
CA LEU F 133 -39.72 -9.06 27.07
C LEU F 133 -39.01 -8.46 28.29
N ALA F 134 -38.26 -7.37 28.12
CA ALA F 134 -37.59 -6.62 29.21
C ALA F 134 -38.63 -6.01 30.15
N ARG F 135 -39.63 -5.31 29.62
CA ARG F 135 -40.68 -4.61 30.42
C ARG F 135 -41.58 -5.61 31.17
N SER F 136 -41.69 -6.85 30.68
CA SER F 136 -42.55 -7.92 31.27
C SER F 136 -42.10 -8.25 32.70
N GLY F 137 -40.80 -8.16 32.98
CA GLY F 137 -40.21 -8.57 34.27
C GLY F 137 -40.12 -10.08 34.45
N ALA F 138 -40.39 -10.87 33.41
CA ALA F 138 -40.53 -12.36 33.48
C ALA F 138 -39.38 -13.09 32.78
N VAL F 139 -38.48 -12.39 32.05
CA VAL F 139 -37.34 -13.02 31.32
C VAL F 139 -36.03 -12.52 31.92
N ASP F 140 -35.12 -13.45 32.24
CA ASP F 140 -33.81 -13.17 32.91
C ASP F 140 -32.67 -13.01 31.90
N VAL F 141 -32.62 -13.78 30.80
CA VAL F 141 -31.54 -13.66 29.77
C VAL F 141 -32.18 -13.57 28.36
N ILE F 142 -31.77 -12.59 27.57
CA ILE F 142 -32.09 -12.49 26.11
C ILE F 142 -30.78 -12.57 25.32
N VAL F 143 -30.70 -13.36 24.24
CA VAL F 143 -29.56 -13.23 23.31
C VAL F 143 -30.04 -12.93 21.90
N VAL F 144 -29.47 -11.89 21.30
CA VAL F 144 -29.75 -11.41 19.92
C VAL F 144 -28.61 -11.86 18.99
N ASP F 145 -28.88 -12.84 18.13
CA ASP F 145 -27.87 -13.40 17.21
C ASP F 145 -27.82 -12.58 15.90
N SER F 146 -26.57 -12.16 15.70
CA SER F 146 -25.98 -10.98 15.06
C SER F 146 -26.89 -9.78 14.91
N VAL F 147 -26.28 -8.67 15.35
CA VAL F 147 -26.47 -7.24 14.97
C VAL F 147 -26.26 -7.04 13.46
N ALA F 148 -25.38 -7.81 12.82
CA ALA F 148 -25.08 -7.69 11.38
C ALA F 148 -26.33 -7.96 10.54
N ALA F 149 -27.21 -8.86 11.00
CA ALA F 149 -28.47 -9.22 10.31
C ALA F 149 -29.69 -8.41 10.78
N LEU F 150 -29.53 -7.30 11.48
CA LEU F 150 -30.64 -6.46 12.01
C LEU F 150 -30.99 -5.39 10.96
N THR F 151 -31.76 -5.75 9.96
CA THR F 151 -31.97 -4.92 8.75
C THR F 151 -33.09 -3.93 9.02
N PRO F 152 -32.87 -2.61 8.85
CA PRO F 152 -33.95 -1.63 8.95
C PRO F 152 -35.02 -1.87 7.88
N LYS F 153 -36.30 -1.61 8.21
CA LYS F 153 -37.48 -1.89 7.35
C LYS F 153 -37.31 -1.25 5.97
N ALA F 154 -36.84 -0.01 5.92
CA ALA F 154 -36.64 0.79 4.68
C ALA F 154 -35.63 0.11 3.74
N GLU F 155 -34.65 -0.62 4.28
CA GLU F 155 -33.63 -1.36 3.49
C GLU F 155 -34.29 -2.59 2.88
N ILE F 156 -35.13 -3.31 3.64
CA ILE F 156 -35.90 -4.51 3.18
C ILE F 156 -36.90 -4.13 2.08
N GLU F 157 -37.54 -2.97 2.15
CA GLU F 157 -38.53 -2.53 1.13
C GLU F 157 -37.80 -2.08 -0.15
N GLY F 158 -36.56 -1.60 -0.02
CA GLY F 158 -35.75 -1.08 -1.15
C GLY F 158 -35.08 -2.17 -1.97
N GLU F 159 -34.30 -1.76 -2.98
CA GLU F 159 -33.58 -2.65 -3.93
C GLU F 159 -32.11 -2.79 -3.51
N ILE F 160 -31.50 -3.90 -3.87
CA ILE F 160 -30.04 -4.14 -3.71
C ILE F 160 -29.30 -3.08 -4.53
N GLY F 161 -28.32 -2.41 -3.92
CA GLY F 161 -27.59 -1.28 -4.52
C GLY F 161 -28.02 0.07 -3.94
N ASP F 162 -29.25 0.18 -3.41
CA ASP F 162 -29.76 1.43 -2.78
C ASP F 162 -28.94 1.75 -1.52
N SER F 163 -28.64 3.04 -1.33
CA SER F 163 -27.82 3.56 -0.19
C SER F 163 -28.72 3.91 1.00
N HIS F 164 -28.36 3.41 2.18
CA HIS F 164 -29.01 3.68 3.50
C HIS F 164 -27.92 3.94 4.54
N MET F 165 -27.09 4.96 4.29
CA MET F 165 -25.88 5.29 5.10
C MET F 165 -26.29 5.69 6.52
N GLY F 166 -25.82 4.93 7.51
CA GLY F 166 -26.00 5.23 8.95
C GLY F 166 -27.36 4.83 9.49
N LEU F 167 -28.26 4.28 8.68
CA LEU F 167 -29.65 3.96 9.08
C LEU F 167 -29.65 2.89 10.17
N ALA F 168 -28.87 1.82 10.00
CA ALA F 168 -28.71 0.74 10.99
C ALA F 168 -28.07 1.27 12.28
N ALA F 169 -27.11 2.19 12.15
CA ALA F 169 -26.39 2.84 13.27
C ALA F 169 -27.35 3.75 14.06
N ARG F 170 -28.27 4.41 13.38
CA ARG F 170 -29.32 5.25 14.03
C ARG F 170 -30.30 4.38 14.81
N MET F 171 -30.70 3.26 14.26
CA MET F 171 -31.65 2.31 14.90
C MET F 171 -31.03 1.74 16.20
N MET F 172 -29.74 1.45 16.18
CA MET F 172 -29.02 0.93 17.37
C MET F 172 -28.85 2.03 18.42
N SER F 173 -28.43 3.22 18.03
CA SER F 173 -28.36 4.42 18.90
C SER F 173 -29.70 4.59 19.64
N GLN F 174 -30.81 4.62 18.90
CA GLN F 174 -32.17 4.80 19.44
C GLN F 174 -32.53 3.67 20.41
N ALA F 175 -32.17 2.44 20.08
CA ALA F 175 -32.61 1.26 20.85
C ALA F 175 -31.89 1.18 22.19
N MET F 176 -30.60 1.52 22.26
CA MET F 176 -29.76 1.51 23.49
C MET F 176 -30.35 2.47 24.53
N ARG F 177 -30.64 3.70 24.12
CA ARG F 177 -31.37 4.74 24.91
C ARG F 177 -32.62 4.16 25.60
N LYS F 178 -33.45 3.41 24.87
CA LYS F 178 -34.72 2.85 25.38
C LYS F 178 -34.47 1.62 26.27
N LEU F 179 -33.47 0.79 25.96
CA LEU F 179 -33.34 -0.56 26.58
C LEU F 179 -32.61 -0.51 27.93
N ALA F 180 -31.59 0.34 28.08
CA ALA F 180 -30.70 0.35 29.26
C ALA F 180 -31.51 0.50 30.56
N GLY F 181 -32.46 1.45 30.59
CA GLY F 181 -33.36 1.72 31.73
C GLY F 181 -34.28 0.55 32.05
N ASN F 182 -34.97 -0.02 31.05
CA ASN F 182 -35.86 -1.19 31.22
C ASN F 182 -35.07 -2.42 31.69
N LEU F 183 -33.87 -2.65 31.16
CA LEU F 183 -33.08 -3.87 31.53
C LEU F 183 -32.70 -3.83 33.01
N LYS F 184 -32.32 -2.65 33.53
CA LYS F 184 -31.89 -2.48 34.94
C LYS F 184 -33.08 -2.67 35.88
N GLN F 185 -34.26 -2.14 35.51
CA GLN F 185 -35.50 -2.26 36.33
C GLN F 185 -35.89 -3.74 36.47
N SER F 186 -35.95 -4.49 35.36
CA SER F 186 -36.35 -5.93 35.34
C SER F 186 -35.19 -6.84 35.77
N ASN F 187 -33.97 -6.33 35.81
CA ASN F 187 -32.76 -7.11 36.19
C ASN F 187 -32.49 -8.21 35.15
N THR F 188 -32.63 -7.85 33.87
CA THR F 188 -32.50 -8.72 32.67
C THR F 188 -31.13 -8.51 32.00
N LEU F 189 -30.42 -9.56 31.64
CA LEU F 189 -29.16 -9.52 30.86
C LEU F 189 -29.50 -9.56 29.36
N LEU F 190 -28.99 -8.63 28.57
CA LEU F 190 -29.10 -8.62 27.09
C LEU F 190 -27.71 -8.86 26.48
N ILE F 191 -27.49 -10.00 25.81
CA ILE F 191 -26.26 -10.33 25.03
C ILE F 191 -26.49 -10.11 23.53
N PHE F 192 -25.76 -9.16 22.93
CA PHE F 192 -25.62 -8.95 21.46
C PHE F 192 -24.42 -9.72 20.91
N ILE F 193 -24.64 -10.58 19.93
CA ILE F 193 -23.54 -11.19 19.14
C ILE F 193 -23.25 -10.25 17.97
N ASN F 194 -21.98 -10.08 17.61
CA ASN F 194 -21.61 -9.22 16.45
C ASN F 194 -20.55 -9.92 15.59
N GLN F 195 -20.48 -9.53 14.33
CA GLN F 195 -19.51 -10.02 13.31
C GLN F 195 -18.45 -8.92 13.08
N ILE F 196 -17.33 -9.30 12.51
CA ILE F 196 -16.20 -8.40 12.14
C ILE F 196 -16.33 -8.02 10.66
N ARG F 197 -15.93 -6.81 10.32
CA ARG F 197 -15.72 -6.32 8.93
C ARG F 197 -14.37 -5.58 8.88
N MET F 198 -13.84 -5.32 7.69
CA MET F 198 -12.57 -4.56 7.52
C MET F 198 -12.87 -3.09 7.26
N LYS F 199 -12.05 -2.21 7.81
CA LYS F 199 -11.92 -0.80 7.34
C LYS F 199 -10.92 -0.75 6.17
N ILE F 200 -11.21 0.06 5.16
CA ILE F 200 -10.33 0.24 3.96
C ILE F 200 -9.56 1.55 4.14
N GLY F 201 -8.37 1.63 3.53
CA GLY F 201 -7.49 2.81 3.57
C GLY F 201 -7.09 3.18 4.99
N VAL F 202 -6.43 2.25 5.68
CA VAL F 202 -6.01 2.37 7.11
C VAL F 202 -4.60 1.78 7.26
N MET F 203 -3.70 2.51 7.94
CA MET F 203 -2.40 2.00 8.44
C MET F 203 -2.39 2.01 9.98
N PHE F 204 -3.03 3.01 10.59
CA PHE F 204 -3.00 3.31 12.04
C PHE F 204 -4.09 2.50 12.77
N GLY F 205 -3.66 1.62 13.69
CA GLY F 205 -4.54 0.78 14.51
C GLY F 205 -4.93 -0.51 13.80
N ASN F 206 -5.95 -1.20 14.33
CA ASN F 206 -6.50 -2.45 13.73
C ASN F 206 -7.34 -2.07 12.51
N PRO F 207 -7.20 -2.77 11.37
CA PRO F 207 -8.19 -2.66 10.29
C PRO F 207 -9.56 -3.30 10.60
N GLU F 208 -9.66 -4.11 11.65
CA GLU F 208 -10.91 -4.80 12.05
C GLU F 208 -11.86 -3.82 12.73
N THR F 209 -13.13 -3.88 12.37
CA THR F 209 -14.27 -3.21 13.03
C THR F 209 -15.34 -4.26 13.37
N THR F 210 -16.49 -3.76 13.81
CA THR F 210 -17.69 -4.52 14.20
C THR F 210 -18.86 -3.76 13.56
N THR F 211 -19.95 -4.43 13.22
CA THR F 211 -21.11 -3.80 12.52
C THR F 211 -21.96 -3.01 13.52
N GLY F 212 -22.77 -2.09 13.00
CA GLY F 212 -23.91 -1.49 13.72
C GLY F 212 -23.58 -0.19 14.44
N GLY F 213 -22.54 0.53 14.04
CA GLY F 213 -22.20 1.87 14.57
C GLY F 213 -21.55 1.80 15.94
N ASN F 214 -21.41 2.95 16.58
CA ASN F 214 -20.59 3.17 17.79
C ASN F 214 -21.36 3.05 19.10
N ALA F 215 -22.68 3.23 19.14
CA ALA F 215 -23.47 3.28 20.40
C ALA F 215 -23.21 2.05 21.28
N LEU F 216 -23.21 0.86 20.72
CA LEU F 216 -23.14 -0.40 21.50
C LEU F 216 -21.82 -0.49 22.28
N LYS F 217 -20.73 0.08 21.74
CA LYS F 217 -19.41 0.14 22.43
C LYS F 217 -19.49 0.94 23.73
N PHE F 218 -20.26 2.03 23.75
CA PHE F 218 -20.45 2.89 24.94
C PHE F 218 -21.36 2.25 25.98
N TYR F 219 -22.50 1.70 25.58
CA TYR F 219 -23.55 1.18 26.50
C TYR F 219 -23.21 -0.22 27.03
N ALA F 220 -22.37 -0.99 26.36
CA ALA F 220 -21.97 -2.34 26.84
C ALA F 220 -21.18 -2.19 28.16
N SER F 221 -21.44 -3.07 29.12
CA SER F 221 -20.68 -3.17 30.39
C SER F 221 -19.50 -4.14 30.21
N VAL F 222 -19.65 -5.13 29.33
CA VAL F 222 -18.60 -6.13 29.00
C VAL F 222 -18.56 -6.27 27.48
N ARG F 223 -17.36 -6.34 26.90
CA ARG F 223 -17.15 -6.73 25.49
C ARG F 223 -16.13 -7.84 25.39
N LEU F 224 -16.50 -8.96 24.76
CA LEU F 224 -15.64 -10.15 24.57
C LEU F 224 -15.25 -10.29 23.10
N ASP F 225 -13.96 -10.54 22.85
CA ASP F 225 -13.38 -10.92 21.54
C ASP F 225 -13.13 -12.42 21.61
N ILE F 226 -13.74 -13.23 20.76
CA ILE F 226 -13.55 -14.70 20.82
C ILE F 226 -12.88 -15.14 19.51
N ARG F 227 -11.93 -16.07 19.59
CA ARG F 227 -11.13 -16.52 18.44
C ARG F 227 -10.80 -17.99 18.55
N ARG F 228 -10.78 -18.69 17.41
CA ARG F 228 -10.28 -20.08 17.27
C ARG F 228 -8.78 -20.04 17.03
N ILE F 229 -8.00 -20.61 17.95
CA ILE F 229 -6.50 -20.58 17.93
C ILE F 229 -5.93 -21.95 17.53
N GLY F 230 -6.77 -22.94 17.23
CA GLY F 230 -6.30 -24.25 16.73
C GLY F 230 -7.33 -25.36 16.89
N ALA F 231 -6.94 -26.58 16.51
CA ALA F 231 -7.79 -27.79 16.47
C ALA F 231 -7.52 -28.67 17.70
N VAL F 232 -8.48 -29.54 18.02
CA VAL F 232 -8.39 -30.64 19.01
C VAL F 232 -8.58 -31.95 18.23
N LYS F 233 -7.58 -32.85 18.25
CA LYS F 233 -7.57 -34.09 17.43
C LYS F 233 -7.62 -35.32 18.34
N GLU F 234 -8.34 -36.36 17.89
CA GLU F 234 -8.25 -37.76 18.40
C GLU F 234 -7.48 -38.58 17.34
N GLY F 235 -6.17 -38.37 17.28
CA GLY F 235 -5.27 -38.95 16.27
C GLY F 235 -5.31 -38.13 14.99
N GLU F 236 -6.32 -38.40 14.16
CA GLU F 236 -6.52 -37.76 12.81
C GLU F 236 -7.85 -37.01 12.77
N ASN F 237 -8.92 -37.55 13.37
CA ASN F 237 -10.27 -36.93 13.45
C ASN F 237 -10.21 -35.62 14.24
N VAL F 238 -10.47 -34.47 13.60
CA VAL F 238 -10.71 -33.17 14.28
C VAL F 238 -12.03 -33.31 15.06
N VAL F 239 -11.98 -33.10 16.38
CA VAL F 239 -13.08 -33.47 17.33
C VAL F 239 -13.54 -32.23 18.10
N GLY F 240 -12.89 -31.08 17.90
CA GLY F 240 -13.23 -29.83 18.60
C GLY F 240 -12.31 -28.69 18.20
N SER F 241 -12.56 -27.51 18.76
CA SER F 241 -11.77 -26.25 18.54
C SER F 241 -11.05 -25.86 19.84
N GLU F 242 -9.92 -25.21 19.69
CA GLU F 242 -9.13 -24.58 20.78
C GLU F 242 -9.38 -23.07 20.69
N THR F 243 -9.82 -22.46 21.79
CA THR F 243 -10.52 -21.15 21.80
C THR F 243 -9.85 -20.18 22.79
N ARG F 244 -9.67 -18.92 22.40
CA ARG F 244 -9.23 -17.81 23.29
C ARG F 244 -10.27 -16.69 23.35
N VAL F 245 -10.72 -16.31 24.56
CA VAL F 245 -11.59 -15.11 24.80
C VAL F 245 -10.77 -14.03 25.51
N LYS F 246 -10.67 -12.84 24.90
CA LYS F 246 -10.11 -11.63 25.55
C LYS F 246 -11.23 -10.69 26.02
N VAL F 247 -11.18 -10.26 27.28
CA VAL F 247 -12.06 -9.22 27.85
C VAL F 247 -11.50 -7.86 27.46
N VAL F 248 -12.18 -7.17 26.54
CA VAL F 248 -11.69 -6.00 25.77
C VAL F 248 -12.33 -4.71 26.33
N LYS F 249 -13.46 -4.83 27.02
CA LYS F 249 -14.07 -3.78 27.88
C LYS F 249 -14.67 -4.45 29.12
N ASN F 250 -14.52 -3.83 30.28
CA ASN F 250 -15.07 -4.32 31.56
C ASN F 250 -15.31 -3.11 32.46
N LYS F 251 -16.51 -3.02 33.04
CA LYS F 251 -16.96 -1.92 33.95
C LYS F 251 -17.27 -2.43 35.35
N ILE F 252 -17.26 -3.74 35.55
CA ILE F 252 -17.59 -4.36 36.87
C ILE F 252 -16.31 -4.93 37.49
N ALA F 253 -15.16 -4.78 36.84
CA ALA F 253 -13.84 -5.33 37.25
C ALA F 253 -12.81 -4.92 36.20
N ALA F 254 -11.54 -5.23 36.41
CA ALA F 254 -10.42 -4.76 35.56
C ALA F 254 -10.52 -5.40 34.19
N PRO F 255 -10.18 -4.72 33.09
CA PRO F 255 -10.22 -5.33 31.77
C PRO F 255 -8.88 -5.95 31.33
N PHE F 256 -8.87 -6.53 30.14
CA PHE F 256 -7.68 -7.02 29.38
C PHE F 256 -7.20 -8.38 29.87
N LYS F 257 -7.93 -9.05 30.76
CA LYS F 257 -7.62 -10.48 31.07
C LYS F 257 -8.10 -11.36 29.92
N GLN F 258 -7.69 -12.63 29.91
CA GLN F 258 -8.00 -13.58 28.82
C GLN F 258 -8.24 -14.98 29.40
N ALA F 259 -8.92 -15.82 28.65
CA ALA F 259 -9.26 -17.21 29.01
C ALA F 259 -9.03 -18.13 27.81
N GLU F 260 -8.83 -19.41 28.06
CA GLU F 260 -8.54 -20.44 27.03
C GLU F 260 -9.23 -21.73 27.43
N PHE F 261 -9.96 -22.33 26.50
CA PHE F 261 -10.71 -23.58 26.73
C PHE F 261 -10.93 -24.30 25.40
N GLN F 262 -11.42 -25.53 25.46
CA GLN F 262 -11.77 -26.36 24.29
C GLN F 262 -13.28 -26.40 24.13
N ILE F 263 -13.78 -26.12 22.92
CA ILE F 263 -15.16 -26.45 22.46
C ILE F 263 -15.09 -27.81 21.76
N LEU F 264 -15.82 -28.81 22.26
CA LEU F 264 -15.86 -30.20 21.71
C LEU F 264 -17.20 -30.43 21.01
N TYR F 265 -17.17 -30.69 19.70
CA TYR F 265 -18.35 -30.74 18.80
C TYR F 265 -19.38 -31.72 19.39
N GLY F 266 -20.59 -31.21 19.67
CA GLY F 266 -21.73 -31.97 20.21
C GLY F 266 -21.80 -32.00 21.73
N GLU F 267 -20.80 -31.46 22.43
CA GLU F 267 -20.77 -31.38 23.92
C GLU F 267 -20.79 -29.92 24.37
N GLY F 268 -19.98 -29.07 23.74
CA GLY F 268 -19.79 -27.65 24.09
C GLY F 268 -18.49 -27.45 24.82
N ILE F 269 -18.49 -26.62 25.86
CA ILE F 269 -17.25 -26.20 26.58
C ILE F 269 -16.77 -27.36 27.46
N ASN F 270 -15.50 -27.70 27.35
CA ASN F 270 -14.81 -28.79 28.11
C ASN F 270 -14.49 -28.28 29.50
N PHE F 271 -15.40 -28.49 30.46
CA PHE F 271 -15.31 -28.04 31.87
C PHE F 271 -14.13 -28.71 32.58
N TYR F 272 -14.02 -30.04 32.46
CA TYR F 272 -12.96 -30.87 33.11
C TYR F 272 -11.57 -30.49 32.57
N GLY F 273 -11.46 -30.19 31.28
CA GLY F 273 -10.24 -29.64 30.65
C GLY F 273 -9.78 -28.35 31.31
N GLU F 274 -10.71 -27.50 31.76
CA GLU F 274 -10.39 -26.22 32.45
C GLU F 274 -9.89 -26.50 33.86
N LEU F 275 -10.55 -27.44 34.56
CA LEU F 275 -10.29 -27.79 35.99
C LEU F 275 -8.86 -28.29 36.16
N VAL F 276 -8.41 -29.17 35.26
CA VAL F 276 -6.99 -29.65 35.17
C VAL F 276 -6.05 -28.44 35.11
N ASP F 277 -6.15 -27.64 34.04
CA ASP F 277 -5.29 -26.46 33.76
C ASP F 277 -5.20 -25.53 34.98
N LEU F 278 -6.31 -25.33 35.70
CA LEU F 278 -6.41 -24.44 36.89
C LEU F 278 -5.89 -25.15 38.14
N GLY F 279 -6.13 -26.47 38.25
CA GLY F 279 -5.51 -27.34 39.27
C GLY F 279 -3.99 -27.31 39.22
N VAL F 280 -3.43 -27.39 38.00
CA VAL F 280 -1.95 -27.30 37.73
C VAL F 280 -1.43 -25.95 38.22
N LYS F 281 -2.10 -24.87 37.84
CA LYS F 281 -1.69 -23.46 38.10
C LYS F 281 -1.65 -23.19 39.61
N GLU F 282 -2.52 -23.83 40.40
CA GLU F 282 -2.66 -23.61 41.87
C GLU F 282 -1.97 -24.75 42.66
N LYS F 283 -1.11 -25.54 42.01
CA LYS F 283 -0.23 -26.56 42.63
C LYS F 283 -1.04 -27.70 43.27
N LEU F 284 -2.34 -27.81 42.98
CA LEU F 284 -3.24 -28.88 43.53
C LEU F 284 -3.07 -30.15 42.69
N ILE F 285 -2.68 -29.99 41.42
CA ILE F 285 -2.31 -31.11 40.49
C ILE F 285 -0.83 -30.96 40.13
N GLU F 286 -0.10 -32.08 40.14
CA GLU F 286 1.36 -32.16 39.86
C GLU F 286 1.57 -32.62 38.42
N LYS F 287 2.42 -31.93 37.65
CA LYS F 287 2.71 -32.23 36.22
C LYS F 287 4.22 -32.48 36.06
N ALA F 288 4.60 -33.70 35.66
CA ALA F 288 6.01 -34.14 35.42
C ALA F 288 6.23 -34.38 33.91
N GLY F 289 6.33 -33.29 33.14
CA GLY F 289 6.54 -33.32 31.68
C GLY F 289 5.24 -33.51 30.91
N ALA F 290 4.99 -34.73 30.43
CA ALA F 290 3.73 -35.16 29.76
C ALA F 290 2.96 -36.13 30.66
N TRP F 291 3.09 -35.99 31.99
CA TRP F 291 2.43 -36.81 33.03
C TRP F 291 1.69 -35.90 34.01
N TYR F 292 0.58 -36.36 34.58
CA TYR F 292 -0.22 -35.67 35.63
C TYR F 292 -0.36 -36.60 36.84
N SER F 293 -0.30 -36.04 38.06
CA SER F 293 -0.39 -36.77 39.35
C SER F 293 -1.07 -35.90 40.41
N TYR F 294 -2.11 -36.45 41.06
CA TYR F 294 -2.86 -35.81 42.17
C TYR F 294 -2.46 -36.47 43.49
N LYS F 295 -1.59 -35.82 44.27
CA LYS F 295 -1.14 -36.24 45.63
C LYS F 295 -0.44 -37.61 45.54
N GLY F 296 0.41 -37.79 44.51
CA GLY F 296 1.20 -39.01 44.28
C GLY F 296 0.60 -39.90 43.19
N GLU F 297 -0.71 -40.16 43.27
CA GLU F 297 -1.48 -41.04 42.35
C GLU F 297 -1.44 -40.45 40.93
N LYS F 298 -0.80 -41.15 39.98
CA LYS F 298 -0.66 -40.72 38.56
C LYS F 298 -2.01 -40.91 37.85
N ILE F 299 -2.74 -39.82 37.63
CA ILE F 299 -4.14 -39.80 37.10
C ILE F 299 -4.14 -40.23 35.63
N GLY F 300 -3.13 -39.82 34.86
CA GLY F 300 -2.96 -40.21 33.44
C GLY F 300 -1.66 -39.68 32.85
N GLN F 301 -1.52 -39.77 31.52
CA GLN F 301 -0.39 -39.19 30.75
C GLN F 301 -0.96 -38.50 29.50
N GLY F 302 -0.70 -37.19 29.36
CA GLY F 302 -1.39 -36.29 28.42
C GLY F 302 -2.65 -35.71 29.03
N LYS F 303 -3.14 -34.60 28.46
CA LYS F 303 -4.29 -33.81 28.98
C LYS F 303 -5.59 -34.61 28.87
N ALA F 304 -5.80 -35.31 27.74
CA ALA F 304 -7.04 -36.03 27.39
C ALA F 304 -7.30 -37.19 28.37
N ASN F 305 -6.25 -37.94 28.74
CA ASN F 305 -6.33 -39.08 29.71
C ASN F 305 -6.59 -38.52 31.12
N ALA F 306 -5.92 -37.42 31.48
CA ALA F 306 -6.09 -36.70 32.77
C ALA F 306 -7.54 -36.23 32.91
N THR F 307 -8.07 -35.58 31.87
CA THR F 307 -9.48 -35.13 31.75
C THR F 307 -10.43 -36.34 31.89
N ALA F 308 -10.08 -37.46 31.25
CA ALA F 308 -10.85 -38.72 31.24
C ALA F 308 -10.90 -39.33 32.64
N TRP F 309 -9.79 -39.22 33.40
CA TRP F 309 -9.69 -39.72 34.80
C TRP F 309 -10.61 -38.89 35.71
N LEU F 310 -10.55 -37.55 35.60
CA LEU F 310 -11.37 -36.60 36.41
C LEU F 310 -12.86 -36.87 36.18
N LYS F 311 -13.25 -37.27 34.97
CA LYS F 311 -14.66 -37.52 34.57
C LYS F 311 -15.25 -38.68 35.37
N ASP F 312 -14.44 -39.70 35.70
CA ASP F 312 -14.88 -40.94 36.39
C ASP F 312 -14.53 -40.90 37.90
N ASN F 313 -14.22 -39.71 38.45
CA ASN F 313 -13.99 -39.49 39.90
C ASN F 313 -14.69 -38.21 40.34
N PRO F 314 -16.04 -38.21 40.49
CA PRO F 314 -16.78 -37.01 40.87
C PRO F 314 -16.42 -36.42 42.24
N GLU F 315 -15.89 -37.23 43.16
CA GLU F 315 -15.43 -36.80 44.52
C GLU F 315 -14.16 -35.96 44.37
N THR F 316 -13.18 -36.47 43.62
CA THR F 316 -11.84 -35.85 43.38
C THR F 316 -12.01 -34.54 42.61
N ALA F 317 -12.85 -34.54 41.56
CA ALA F 317 -13.15 -33.37 40.70
C ALA F 317 -13.83 -32.27 41.55
N LYS F 318 -14.76 -32.63 42.43
CA LYS F 318 -15.48 -31.68 43.31
C LYS F 318 -14.51 -31.05 44.34
N GLU F 319 -13.59 -31.85 44.89
CA GLU F 319 -12.56 -31.40 45.86
C GLU F 319 -11.67 -30.32 45.21
N ILE F 320 -11.24 -30.54 43.96
CA ILE F 320 -10.35 -29.59 43.21
C ILE F 320 -11.17 -28.36 42.79
N GLU F 321 -12.43 -28.55 42.35
CA GLU F 321 -13.36 -27.46 41.97
C GLU F 321 -13.55 -26.51 43.17
N LYS F 322 -13.73 -27.06 44.36
CA LYS F 322 -14.03 -26.30 45.61
C LYS F 322 -12.87 -25.36 45.95
N LYS F 323 -11.64 -25.87 45.88
CA LYS F 323 -10.40 -25.15 46.26
C LYS F 323 -10.05 -24.07 45.22
N VAL F 324 -10.14 -24.40 43.93
CA VAL F 324 -9.85 -23.46 42.79
C VAL F 324 -10.83 -22.28 42.87
N ARG F 325 -12.11 -22.55 43.15
CA ARG F 325 -13.17 -21.52 43.30
C ARG F 325 -12.81 -20.59 44.46
N GLU F 326 -12.53 -21.16 45.65
CA GLU F 326 -12.13 -20.43 46.89
C GLU F 326 -10.96 -19.48 46.60
N LEU F 327 -9.92 -19.98 45.92
CA LEU F 327 -8.61 -19.28 45.73
C LEU F 327 -8.74 -18.09 44.79
N LEU F 328 -9.27 -18.31 43.57
CA LEU F 328 -9.17 -17.36 42.42
C LEU F 328 -10.42 -16.48 42.31
N LEU F 329 -11.63 -17.02 42.58
CA LEU F 329 -12.89 -16.23 42.57
C LEU F 329 -12.93 -15.35 43.83
N SER F 330 -13.02 -14.03 43.63
CA SER F 330 -12.71 -12.97 44.62
C SER F 330 -13.95 -12.46 45.35
N ASN F 331 -15.13 -13.08 45.12
CA ASN F 331 -16.44 -12.59 45.64
C ASN F 331 -17.33 -13.78 45.99
N PRO F 332 -17.16 -14.42 47.18
CA PRO F 332 -18.17 -15.32 47.73
C PRO F 332 -19.48 -14.58 48.05
N ASN F 333 -20.61 -15.05 47.51
CA ASN F 333 -21.96 -14.45 47.71
C ASN F 333 -22.53 -14.94 49.05
N SER F 334 -22.47 -16.26 49.30
CA SER F 334 -22.93 -16.92 50.56
C SER F 334 -21.94 -18.02 50.96
N ALA G 2 -22.66 71.05 34.99
CA ALA G 2 -24.09 71.47 34.86
C ALA G 2 -24.90 70.41 34.09
N ILE G 3 -24.46 70.10 32.86
CA ILE G 3 -25.07 69.06 31.97
C ILE G 3 -24.62 67.66 32.42
N ASP G 4 -23.39 67.55 32.96
CA ASP G 4 -22.83 66.30 33.57
C ASP G 4 -23.50 66.02 34.93
N GLU G 5 -24.16 67.02 35.53
CA GLU G 5 -24.73 66.97 36.91
C GLU G 5 -26.12 66.32 36.86
N ASN G 6 -26.97 66.72 35.91
CA ASN G 6 -28.35 66.20 35.71
C ASN G 6 -28.33 64.73 35.27
N LYS G 7 -27.24 64.28 34.64
CA LYS G 7 -27.07 62.88 34.15
C LYS G 7 -26.75 61.94 35.32
N GLN G 8 -25.98 62.39 36.32
CA GLN G 8 -25.69 61.62 37.57
C GLN G 8 -26.99 61.42 38.38
N LYS G 9 -27.88 62.42 38.36
CA LYS G 9 -29.21 62.36 39.03
C LYS G 9 -30.11 61.35 38.32
N ALA G 10 -30.27 61.50 37.00
CA ALA G 10 -31.10 60.63 36.12
C ALA G 10 -30.64 59.17 36.22
N LEU G 11 -29.32 58.95 36.38
CA LEU G 11 -28.72 57.60 36.55
C LEU G 11 -29.06 57.06 37.95
N ALA G 12 -28.80 57.86 38.99
CA ALA G 12 -29.04 57.51 40.41
C ALA G 12 -30.53 57.16 40.63
N ALA G 13 -31.44 57.88 39.98
CA ALA G 13 -32.91 57.69 40.05
C ALA G 13 -33.31 56.38 39.37
N ALA G 14 -32.79 56.12 38.16
CA ALA G 14 -33.03 54.89 37.35
C ALA G 14 -32.52 53.66 38.12
N LEU G 15 -31.30 53.74 38.66
CA LEU G 15 -30.70 52.68 39.54
C LEU G 15 -31.58 52.47 40.77
N GLY G 16 -32.12 53.54 41.34
CA GLY G 16 -33.08 53.50 42.47
C GLY G 16 -34.38 52.80 42.08
N GLN G 17 -34.96 53.16 40.93
CA GLN G 17 -36.27 52.64 40.44
C GLN G 17 -36.13 51.15 40.09
N ILE G 18 -35.00 50.74 39.50
CA ILE G 18 -34.70 49.32 39.12
C ILE G 18 -34.54 48.49 40.41
N GLU G 19 -33.84 49.01 41.41
CA GLU G 19 -33.51 48.29 42.68
C GLU G 19 -34.78 48.06 43.52
N LYS G 20 -35.75 48.99 43.49
CA LYS G 20 -37.08 48.82 44.15
C LYS G 20 -37.85 47.68 43.49
N GLN G 21 -37.97 47.75 42.16
CA GLN G 21 -38.85 46.89 41.32
C GLN G 21 -38.38 45.43 41.38
N PHE G 22 -37.06 45.19 41.26
CA PHE G 22 -36.47 43.85 41.04
C PHE G 22 -35.61 43.39 42.23
N GLY G 23 -35.25 44.27 43.17
CA GLY G 23 -34.54 43.90 44.42
C GLY G 23 -33.15 44.51 44.50
N LYS G 24 -32.41 44.17 45.56
CA LYS G 24 -31.21 44.91 46.03
C LYS G 24 -30.07 44.84 45.00
N GLY G 25 -29.59 43.63 44.69
CA GLY G 25 -28.41 43.41 43.82
C GLY G 25 -28.78 43.21 42.36
N SER G 26 -29.89 43.80 41.89
CA SER G 26 -30.46 43.61 40.54
C SER G 26 -29.60 44.32 39.48
N ILE G 27 -29.06 45.49 39.82
CA ILE G 27 -28.04 46.21 39.00
C ILE G 27 -27.02 46.86 39.94
N MET G 28 -25.72 46.75 39.62
CA MET G 28 -24.63 47.42 40.36
C MET G 28 -23.37 47.51 39.47
N ARG G 29 -22.30 48.10 39.99
CA ARG G 29 -21.01 48.30 39.27
C ARG G 29 -20.18 47.03 39.38
N LEU G 30 -19.69 46.53 38.23
CA LEU G 30 -19.04 45.20 38.07
C LEU G 30 -17.87 45.04 39.05
N GLY G 31 -17.13 46.12 39.33
CA GLY G 31 -15.97 46.11 40.25
C GLY G 31 -16.36 45.84 41.69
N GLU G 32 -17.59 46.19 42.09
CA GLU G 32 -18.10 46.06 43.49
C GLU G 32 -18.79 44.70 43.69
N ASP G 33 -19.08 43.95 42.62
CA ASP G 33 -19.90 42.71 42.64
C ASP G 33 -19.00 41.52 42.98
N ARG G 34 -19.06 41.05 44.24
CA ARG G 34 -18.26 39.91 44.76
C ARG G 34 -18.81 38.58 44.23
N SER G 35 -20.13 38.51 43.95
CA SER G 35 -20.82 37.34 43.33
C SER G 35 -20.11 36.91 42.05
N MET G 36 -19.60 37.87 41.28
CA MET G 36 -19.08 37.72 39.90
C MET G 36 -17.63 37.18 39.90
N ASP G 37 -16.95 37.15 41.06
CA ASP G 37 -15.58 36.57 41.19
C ASP G 37 -15.63 35.08 40.87
N VAL G 38 -14.57 34.56 40.23
CA VAL G 38 -14.45 33.12 39.82
C VAL G 38 -13.73 32.37 40.93
N GLU G 39 -14.43 31.42 41.56
CA GLU G 39 -13.91 30.42 42.53
C GLU G 39 -13.78 29.08 41.81
N THR G 40 -12.78 28.26 42.14
CA THR G 40 -12.51 26.94 41.50
C THR G 40 -12.37 25.81 42.54
N ILE G 41 -12.55 24.57 42.07
CA ILE G 41 -12.35 23.29 42.81
C ILE G 41 -11.35 22.45 42.03
N SER G 42 -10.59 21.59 42.70
CA SER G 42 -9.60 20.68 42.06
C SER G 42 -10.31 19.71 41.11
N THR G 43 -9.55 19.16 40.16
CA THR G 43 -9.97 18.07 39.25
C THR G 43 -9.43 16.72 39.72
N GLY G 44 -8.60 16.71 40.77
CA GLY G 44 -7.84 15.51 41.20
C GLY G 44 -6.61 15.22 40.35
N SER G 45 -6.35 16.02 39.30
CA SER G 45 -5.12 15.99 38.48
C SER G 45 -4.42 17.36 38.56
N LEU G 46 -3.15 17.38 38.96
CA LEU G 46 -2.34 18.62 39.09
C LEU G 46 -2.03 19.19 37.70
N SER G 47 -1.69 18.35 36.73
CA SER G 47 -1.44 18.78 35.32
C SER G 47 -2.70 19.37 34.69
N LEU G 48 -3.90 18.91 35.08
CA LEU G 48 -5.16 19.43 34.50
C LEU G 48 -5.53 20.76 35.17
N ASP G 49 -5.25 20.91 36.46
CA ASP G 49 -5.38 22.19 37.21
C ASP G 49 -4.49 23.27 36.58
N ILE G 50 -3.29 22.91 36.09
CA ILE G 50 -2.35 23.83 35.41
C ILE G 50 -2.86 24.16 34.00
N ALA G 51 -3.30 23.17 33.23
CA ALA G 51 -3.84 23.36 31.86
C ALA G 51 -5.12 24.21 31.87
N LEU G 52 -5.87 24.22 32.96
CA LEU G 52 -7.12 25.01 33.07
C LEU G 52 -6.79 26.48 33.41
N GLY G 53 -5.59 26.75 33.92
CA GLY G 53 -5.05 28.10 34.08
C GLY G 53 -5.50 28.75 35.38
N ALA G 54 -6.80 28.85 35.63
CA ALA G 54 -7.39 29.44 36.85
C ALA G 54 -7.38 28.45 38.04
N GLY G 55 -6.72 27.30 37.92
CA GLY G 55 -6.41 26.42 39.07
C GLY G 55 -7.39 25.28 39.29
N GLY G 56 -8.47 25.19 38.50
CA GLY G 56 -9.50 24.14 38.67
C GLY G 56 -10.74 24.42 37.86
N LEU G 57 -11.85 23.76 38.18
CA LEU G 57 -13.15 23.93 37.48
C LEU G 57 -13.98 25.00 38.19
N PRO G 58 -14.65 25.91 37.46
CA PRO G 58 -15.35 27.03 38.09
C PRO G 58 -16.73 26.75 38.70
N MET G 59 -16.93 27.15 39.96
CA MET G 59 -18.23 27.02 40.66
C MET G 59 -19.27 27.91 40.00
N GLY G 60 -20.52 27.46 39.99
CA GLY G 60 -21.67 28.17 39.42
C GLY G 60 -21.70 28.12 37.91
N ARG G 61 -20.91 27.24 37.27
CA ARG G 61 -20.89 27.11 35.78
C ARG G 61 -21.24 25.69 35.32
N ILE G 62 -21.41 25.56 34.00
CA ILE G 62 -21.59 24.27 33.27
C ILE G 62 -20.26 23.83 32.66
N VAL G 63 -19.95 22.54 32.73
CA VAL G 63 -18.75 21.90 32.13
C VAL G 63 -19.18 20.66 31.32
N GLU G 64 -18.55 20.46 30.15
CA GLU G 64 -18.76 19.27 29.28
C GLU G 64 -17.45 18.49 29.23
N ILE G 65 -17.51 17.19 29.50
CA ILE G 65 -16.39 16.22 29.29
C ILE G 65 -16.87 15.21 28.24
N TYR G 66 -16.16 15.10 27.13
CA TYR G 66 -16.46 14.12 26.07
C TYR G 66 -15.19 13.34 25.67
N GLY G 67 -15.41 12.23 25.02
CA GLY G 67 -14.34 11.39 24.49
C GLY G 67 -14.92 10.12 23.90
N PRO G 68 -14.08 9.22 23.36
CA PRO G 68 -14.53 7.90 22.92
C PRO G 68 -14.58 6.88 24.05
N GLU G 69 -14.82 5.62 23.72
CA GLU G 69 -15.24 4.60 24.69
C GLU G 69 -14.06 4.24 25.59
N SER G 70 -14.32 4.10 26.88
CA SER G 70 -13.34 3.62 27.88
C SER G 70 -12.14 4.58 27.99
N SER G 71 -12.33 5.87 27.80
CA SER G 71 -11.28 6.92 27.85
C SER G 71 -11.10 7.49 29.26
N GLY G 72 -11.94 7.15 30.24
CA GLY G 72 -11.86 7.66 31.63
C GLY G 72 -12.81 8.82 31.93
N LYS G 73 -13.86 9.04 31.17
CA LYS G 73 -14.89 10.09 31.43
C LYS G 73 -15.47 9.95 32.85
N THR G 74 -15.99 8.78 33.21
CA THR G 74 -16.69 8.57 34.50
C THR G 74 -15.69 8.68 35.66
N THR G 75 -14.51 8.04 35.55
CA THR G 75 -13.40 8.08 36.53
C THR G 75 -12.97 9.52 36.84
N LEU G 76 -12.77 10.37 35.85
CA LEU G 76 -12.40 11.80 36.03
C LEU G 76 -13.45 12.50 36.92
N THR G 77 -14.75 12.36 36.61
CA THR G 77 -15.86 12.99 37.36
C THR G 77 -15.95 12.44 38.80
N LEU G 78 -15.67 11.16 39.06
CA LEU G 78 -15.71 10.62 40.45
C LEU G 78 -14.52 11.15 41.28
N GLN G 79 -13.40 11.52 40.65
CA GLN G 79 -12.22 12.12 41.34
C GLN G 79 -12.49 13.59 41.63
N VAL G 80 -13.26 14.28 40.80
CA VAL G 80 -13.76 15.64 41.15
C VAL G 80 -14.64 15.55 42.40
N ILE G 81 -15.53 14.58 42.48
CA ILE G 81 -16.46 14.40 43.64
C ILE G 81 -15.65 14.02 44.89
N ALA G 82 -14.68 13.11 44.80
CA ALA G 82 -13.85 12.66 45.95
C ALA G 82 -13.13 13.86 46.60
N ALA G 83 -12.57 14.74 45.78
CA ALA G 83 -11.83 15.96 46.18
C ALA G 83 -12.79 16.95 46.85
N ALA G 84 -13.92 17.25 46.23
CA ALA G 84 -14.97 18.15 46.79
C ALA G 84 -15.45 17.65 48.16
N GLN G 85 -15.69 16.35 48.34
CA GLN G 85 -16.26 15.79 49.61
C GLN G 85 -15.24 15.95 50.74
N ARG G 86 -13.95 15.81 50.44
CA ARG G 86 -12.82 16.02 51.39
C ARG G 86 -12.81 17.46 51.91
N GLU G 87 -13.37 18.42 51.17
CA GLU G 87 -13.53 19.85 51.58
C GLU G 87 -14.94 20.11 52.12
N GLY G 88 -15.66 19.07 52.56
CA GLY G 88 -16.98 19.20 53.22
C GLY G 88 -18.12 19.66 52.29
N LYS G 89 -18.01 19.45 50.98
CA LYS G 89 -19.09 19.80 50.01
C LYS G 89 -20.01 18.59 49.76
N THR G 90 -21.27 18.87 49.40
CA THR G 90 -22.34 17.89 49.09
C THR G 90 -22.42 17.65 47.57
N CYS G 91 -22.46 16.39 47.14
CA CYS G 91 -22.42 15.99 45.70
C CYS G 91 -23.59 15.06 45.33
N ALA G 92 -24.07 15.17 44.09
CA ALA G 92 -25.10 14.29 43.50
C ALA G 92 -24.61 13.72 42.17
N PHE G 93 -24.96 12.47 41.88
CA PHE G 93 -24.59 11.76 40.63
C PHE G 93 -25.88 11.28 39.94
N ILE G 94 -26.24 11.87 38.80
CA ILE G 94 -27.40 11.42 37.97
C ILE G 94 -26.92 10.39 36.92
N ASP G 95 -27.17 9.10 37.14
CA ASP G 95 -26.65 7.97 36.31
C ASP G 95 -27.68 7.54 35.26
N ALA G 96 -27.82 8.33 34.20
CA ALA G 96 -28.73 8.11 33.05
C ALA G 96 -28.36 6.87 32.23
N GLU G 97 -27.08 6.49 32.18
CA GLU G 97 -26.56 5.28 31.47
C GLU G 97 -26.92 4.01 32.26
N HIS G 98 -27.29 4.13 33.54
CA HIS G 98 -27.58 2.96 34.42
C HIS G 98 -26.38 2.03 34.48
N ALA G 99 -25.18 2.54 34.72
CA ALA G 99 -23.93 1.74 34.64
C ALA G 99 -22.90 2.10 35.72
N LEU G 100 -23.30 2.68 36.85
CA LEU G 100 -22.37 3.04 37.94
C LEU G 100 -22.20 1.85 38.86
N ASP G 101 -20.96 1.51 39.20
CA ASP G 101 -20.57 0.48 40.20
C ASP G 101 -20.22 1.19 41.51
N PRO G 102 -21.02 1.06 42.61
CA PRO G 102 -20.73 1.78 43.85
C PRO G 102 -19.45 1.33 44.57
N ILE G 103 -19.02 0.09 44.36
CA ILE G 103 -17.78 -0.44 44.98
C ILE G 103 -16.55 0.18 44.30
N TYR G 104 -16.62 0.47 43.01
CA TYR G 104 -15.51 1.12 42.28
C TYR G 104 -15.37 2.58 42.76
N ALA G 105 -16.49 3.29 42.83
CA ALA G 105 -16.60 4.67 43.35
C ALA G 105 -15.93 4.79 44.73
N ARG G 106 -16.12 3.81 45.61
CA ARG G 106 -15.53 3.80 46.98
C ARG G 106 -14.00 3.63 46.91
N LYS G 107 -13.48 2.74 46.05
CA LYS G 107 -12.02 2.57 45.84
C LYS G 107 -11.38 3.84 45.26
N LEU G 108 -12.09 4.63 44.43
CA LEU G 108 -11.56 5.91 43.88
C LEU G 108 -11.61 7.03 44.94
N GLY G 109 -12.06 6.74 46.17
CA GLY G 109 -12.01 7.69 47.29
C GLY G 109 -13.31 8.44 47.54
N VAL G 110 -14.41 8.08 46.88
CA VAL G 110 -15.74 8.72 47.10
C VAL G 110 -16.32 8.17 48.41
N ASP G 111 -16.96 9.03 49.19
CA ASP G 111 -17.79 8.63 50.36
C ASP G 111 -19.20 8.35 49.86
N ILE G 112 -19.53 7.08 49.63
CA ILE G 112 -20.78 6.68 48.92
C ILE G 112 -21.99 6.86 49.85
N ASP G 113 -21.80 6.79 51.16
CA ASP G 113 -22.88 6.99 52.17
C ASP G 113 -23.45 8.41 52.11
N ASN G 114 -22.70 9.40 51.59
CA ASN G 114 -23.19 10.81 51.49
C ASN G 114 -23.40 11.26 50.03
N LEU G 115 -23.05 10.44 49.03
CA LEU G 115 -23.27 10.74 47.58
C LEU G 115 -24.77 10.55 47.26
N LEU G 116 -25.48 11.58 46.84
CA LEU G 116 -26.86 11.42 46.36
C LEU G 116 -26.83 10.82 44.95
N CYS G 117 -27.61 9.77 44.68
CA CYS G 117 -27.65 9.08 43.37
C CYS G 117 -29.10 8.91 42.91
N SER G 118 -29.38 9.25 41.66
CA SER G 118 -30.67 9.01 40.97
C SER G 118 -30.43 8.26 39.65
N GLN G 119 -31.25 7.25 39.35
CA GLN G 119 -31.28 6.53 38.02
C GLN G 119 -32.61 6.83 37.36
N PRO G 120 -32.72 7.94 36.61
CA PRO G 120 -34.02 8.41 36.13
C PRO G 120 -34.52 7.63 34.90
N ASP G 121 -35.84 7.67 34.69
CA ASP G 121 -36.57 6.90 33.65
C ASP G 121 -36.52 7.64 32.32
N THR G 122 -36.72 8.96 32.35
CA THR G 122 -36.74 9.84 31.16
C THR G 122 -35.68 10.92 31.29
N GLY G 123 -35.36 11.58 30.18
CA GLY G 123 -34.45 12.73 30.11
C GLY G 123 -35.01 13.91 30.87
N GLU G 124 -36.31 14.19 30.69
CA GLU G 124 -37.03 15.31 31.37
C GLU G 124 -36.98 15.12 32.88
N GLN G 125 -37.15 13.90 33.38
CA GLN G 125 -37.05 13.62 34.83
C GLN G 125 -35.66 14.00 35.35
N ALA G 126 -34.59 13.51 34.70
CA ALA G 126 -33.17 13.75 35.04
C ALA G 126 -32.87 15.26 35.11
N LEU G 127 -33.32 16.04 34.12
CA LEU G 127 -33.04 17.50 34.09
C LEU G 127 -33.90 18.23 35.13
N GLU G 128 -35.10 17.72 35.45
CA GLU G 128 -35.96 18.32 36.50
C GLU G 128 -35.34 18.11 37.88
N ILE G 129 -34.67 16.98 38.11
CA ILE G 129 -33.97 16.69 39.39
C ILE G 129 -32.77 17.64 39.55
N CYS G 130 -32.02 17.89 38.47
CA CYS G 130 -30.90 18.86 38.43
C CYS G 130 -31.41 20.25 38.87
N ASP G 131 -32.51 20.73 38.29
CA ASP G 131 -33.12 22.06 38.59
C ASP G 131 -33.52 22.15 40.07
N ALA G 132 -34.12 21.08 40.62
CA ALA G 132 -34.60 21.00 42.02
C ALA G 132 -33.43 21.01 43.02
N LEU G 133 -32.35 20.29 42.72
CA LEU G 133 -31.13 20.26 43.58
C LEU G 133 -30.44 21.62 43.54
N ALA G 134 -30.21 22.17 42.35
CA ALA G 134 -29.59 23.50 42.14
C ALA G 134 -30.34 24.56 42.98
N ARG G 135 -31.67 24.66 42.83
CA ARG G 135 -32.53 25.65 43.54
C ARG G 135 -32.43 25.51 45.07
N SER G 136 -32.21 24.30 45.59
CA SER G 136 -32.14 23.99 47.05
C SER G 136 -31.03 24.80 47.74
N GLY G 137 -29.95 25.13 47.02
CA GLY G 137 -28.76 25.82 47.56
C GLY G 137 -27.94 24.95 48.49
N ALA G 138 -28.16 23.62 48.49
CA ALA G 138 -27.57 22.66 49.45
C ALA G 138 -26.65 21.64 48.76
N VAL G 139 -26.44 21.73 47.44
CA VAL G 139 -25.58 20.78 46.68
C VAL G 139 -24.56 21.58 45.87
N ASP G 140 -23.28 21.22 45.98
CA ASP G 140 -22.13 21.94 45.38
C ASP G 140 -21.79 21.39 44.00
N VAL G 141 -21.72 20.05 43.83
CA VAL G 141 -21.36 19.39 42.53
C VAL G 141 -22.45 18.41 42.11
N ILE G 142 -22.93 18.54 40.87
CA ILE G 142 -23.87 17.60 40.21
C ILE G 142 -23.20 17.01 38.96
N VAL G 143 -23.17 15.69 38.81
CA VAL G 143 -22.67 15.02 37.57
C VAL G 143 -23.83 14.32 36.84
N VAL G 144 -23.98 14.57 35.54
CA VAL G 144 -24.99 13.92 34.66
C VAL G 144 -24.26 12.99 33.69
N ASP G 145 -24.30 11.68 33.99
CA ASP G 145 -23.53 10.69 33.20
C ASP G 145 -24.38 10.20 32.01
N SER G 146 -23.76 10.55 30.87
CA SER G 146 -24.12 10.83 29.47
C SER G 146 -25.46 11.51 29.27
N VAL G 147 -25.36 12.55 28.43
CA VAL G 147 -26.45 13.22 27.69
C VAL G 147 -26.90 12.36 26.50
N ALA G 148 -26.06 11.46 25.97
CA ALA G 148 -26.49 10.48 24.93
C ALA G 148 -27.65 9.62 25.43
N ALA G 149 -27.71 9.32 26.73
CA ALA G 149 -28.73 8.47 27.36
C ALA G 149 -29.96 9.26 27.86
N LEU G 150 -30.00 10.58 27.69
CA LEU G 150 -31.11 11.45 28.19
C LEU G 150 -32.26 11.39 27.18
N THR G 151 -33.16 10.43 27.33
CA THR G 151 -34.19 10.09 26.30
C THR G 151 -35.48 10.87 26.58
N PRO G 152 -36.03 11.63 25.62
CA PRO G 152 -37.34 12.27 25.82
C PRO G 152 -38.45 11.24 26.08
N LYS G 153 -39.54 11.69 26.70
CA LYS G 153 -40.69 10.85 27.14
C LYS G 153 -41.43 10.29 25.92
N ALA G 154 -41.63 11.10 24.88
CA ALA G 154 -42.26 10.72 23.60
C ALA G 154 -41.51 9.55 22.94
N GLU G 155 -40.18 9.56 22.97
CA GLU G 155 -39.33 8.50 22.39
C GLU G 155 -39.41 7.24 23.24
N ILE G 156 -39.56 7.35 24.57
CA ILE G 156 -39.69 6.16 25.47
C ILE G 156 -41.06 5.50 25.26
N GLU G 157 -42.12 6.28 25.07
CA GLU G 157 -43.50 5.77 24.85
C GLU G 157 -43.63 5.20 23.44
N GLY G 158 -42.93 5.78 22.46
CA GLY G 158 -42.97 5.40 21.03
C GLY G 158 -42.43 4.00 20.77
N GLU G 159 -42.28 3.65 19.49
CA GLU G 159 -41.72 2.35 19.02
C GLU G 159 -40.34 2.60 18.40
N ILE G 160 -39.47 1.60 18.45
CA ILE G 160 -38.13 1.64 17.81
C ILE G 160 -38.34 1.75 16.30
N GLY G 161 -37.73 2.76 15.67
CA GLY G 161 -37.90 3.10 14.25
C GLY G 161 -38.59 4.44 14.07
N ASP G 162 -39.44 4.85 15.02
CA ASP G 162 -40.21 6.13 14.97
C ASP G 162 -39.23 7.30 14.97
N SER G 163 -39.40 8.23 14.03
CA SER G 163 -38.58 9.47 13.90
C SER G 163 -39.02 10.49 14.95
N HIS G 164 -38.07 11.00 15.74
CA HIS G 164 -38.25 12.11 16.71
C HIS G 164 -37.12 13.14 16.48
N MET G 165 -37.01 13.66 15.26
CA MET G 165 -35.88 14.54 14.83
C MET G 165 -35.92 15.86 15.60
N GLY G 166 -34.84 16.15 16.34
CA GLY G 166 -34.63 17.42 17.05
C GLY G 166 -35.19 17.45 18.46
N LEU G 167 -35.82 16.36 18.92
CA LEU G 167 -36.54 16.33 20.22
C LEU G 167 -35.56 16.47 21.38
N ALA G 168 -34.50 15.67 21.39
CA ALA G 168 -33.45 15.70 22.42
C ALA G 168 -32.76 17.07 22.41
N ALA G 169 -32.39 17.58 21.24
CA ALA G 169 -31.73 18.88 21.08
C ALA G 169 -32.62 20.03 21.58
N ARG G 170 -33.95 19.93 21.38
CA ARG G 170 -34.92 20.91 21.93
C ARG G 170 -34.93 20.84 23.45
N MET G 171 -35.07 19.64 24.00
CA MET G 171 -35.09 19.42 25.48
C MET G 171 -33.84 20.06 26.10
N MET G 172 -32.66 19.79 25.55
CA MET G 172 -31.36 20.30 26.10
C MET G 172 -31.28 21.83 25.99
N SER G 173 -31.74 22.40 24.87
CA SER G 173 -31.76 23.88 24.64
C SER G 173 -32.67 24.55 25.68
N GLN G 174 -33.78 23.92 26.07
CA GLN G 174 -34.73 24.44 27.09
C GLN G 174 -34.11 24.29 28.49
N ALA G 175 -33.36 23.24 28.74
CA ALA G 175 -32.74 22.98 30.07
C ALA G 175 -31.66 24.02 30.38
N MET G 176 -30.89 24.45 29.38
CA MET G 176 -29.75 25.39 29.54
C MET G 176 -30.29 26.76 29.99
N ARG G 177 -31.26 27.29 29.26
CA ARG G 177 -32.04 28.51 29.63
C ARG G 177 -32.39 28.49 31.12
N LYS G 178 -32.97 27.40 31.61
CA LYS G 178 -33.53 27.29 32.98
C LYS G 178 -32.42 27.11 34.01
N LEU G 179 -31.35 26.39 33.69
CA LEU G 179 -30.31 25.98 34.67
C LEU G 179 -29.27 27.09 34.91
N ALA G 180 -28.84 27.81 33.87
CA ALA G 180 -27.68 28.72 33.94
C ALA G 180 -27.83 29.71 35.11
N GLY G 181 -28.98 30.37 35.20
CA GLY G 181 -29.33 31.33 36.26
C GLY G 181 -29.35 30.70 37.63
N ASN G 182 -29.97 29.52 37.78
CA ASN G 182 -30.11 28.81 39.08
C ASN G 182 -28.75 28.31 39.60
N LEU G 183 -27.88 27.83 38.70
CA LEU G 183 -26.53 27.37 39.09
C LEU G 183 -25.70 28.54 39.62
N LYS G 184 -25.75 29.71 38.97
CA LYS G 184 -24.96 30.89 39.43
C LYS G 184 -25.40 31.29 40.84
N GLN G 185 -26.71 31.48 41.07
CA GLN G 185 -27.28 31.91 42.37
C GLN G 185 -26.87 30.96 43.50
N SER G 186 -26.84 29.65 43.25
CA SER G 186 -26.55 28.60 44.26
C SER G 186 -25.03 28.34 44.38
N ASN G 187 -24.24 28.85 43.44
CA ASN G 187 -22.79 28.59 43.32
C ASN G 187 -22.53 27.08 43.17
N THR G 188 -23.31 26.42 42.31
CA THR G 188 -23.27 24.95 42.06
C THR G 188 -22.60 24.65 40.71
N LEU G 189 -21.64 23.72 40.69
CA LEU G 189 -20.96 23.23 39.47
C LEU G 189 -21.77 22.07 38.86
N LEU G 190 -22.17 22.20 37.59
CA LEU G 190 -22.88 21.13 36.83
C LEU G 190 -21.93 20.54 35.76
N ILE G 191 -21.60 19.26 35.83
CA ILE G 191 -20.75 18.54 34.83
C ILE G 191 -21.63 17.63 33.99
N PHE G 192 -21.65 17.82 32.68
CA PHE G 192 -22.26 16.92 31.68
C PHE G 192 -21.20 16.06 30.98
N ILE G 193 -21.25 14.74 31.14
CA ILE G 193 -20.45 13.78 30.33
C ILE G 193 -21.18 13.58 28.99
N ASN G 194 -20.45 13.47 27.88
CA ASN G 194 -21.03 13.23 26.53
C ASN G 194 -20.22 12.15 25.78
N GLN G 195 -20.86 11.50 24.81
CA GLN G 195 -20.29 10.43 23.93
C GLN G 195 -20.00 11.03 22.54
N ILE G 196 -19.13 10.38 21.77
CA ILE G 196 -18.80 10.76 20.37
C ILE G 196 -19.68 10.00 19.38
N ARG G 197 -20.10 10.64 18.29
CA ARG G 197 -20.72 9.99 17.11
C ARG G 197 -20.07 10.54 15.85
N MET G 198 -20.23 9.87 14.71
CA MET G 198 -19.66 10.30 13.40
C MET G 198 -20.68 11.10 12.61
N LYS G 199 -20.20 12.11 11.89
CA LYS G 199 -20.93 12.76 10.76
C LYS G 199 -20.72 11.93 9.49
N ILE G 200 -21.78 11.75 8.69
CA ILE G 200 -21.72 11.17 7.31
C ILE G 200 -21.70 12.33 6.32
N GLY G 201 -21.16 12.10 5.11
CA GLY G 201 -21.11 13.08 4.02
C GLY G 201 -20.17 14.23 4.36
N VAL G 202 -18.93 13.90 4.74
CA VAL G 202 -17.89 14.85 5.23
C VAL G 202 -16.53 14.39 4.67
N MET G 203 -15.96 15.18 3.76
CA MET G 203 -14.67 14.90 3.06
C MET G 203 -13.62 15.95 3.48
N PHE G 204 -13.78 16.54 4.67
CA PHE G 204 -13.00 17.71 5.16
C PHE G 204 -13.04 17.75 6.70
N GLY G 205 -11.94 18.19 7.33
CA GLY G 205 -11.84 18.38 8.80
C GLY G 205 -12.20 17.13 9.57
N ASN G 206 -12.78 17.29 10.77
CA ASN G 206 -13.10 16.16 11.70
C ASN G 206 -14.54 15.72 11.47
N PRO G 207 -14.76 14.40 11.24
CA PRO G 207 -16.11 13.84 11.20
C PRO G 207 -16.71 13.54 12.60
N GLU G 208 -15.92 13.61 13.67
CA GLU G 208 -16.41 13.44 15.06
C GLU G 208 -17.36 14.58 15.42
N THR G 209 -18.49 14.26 16.04
CA THR G 209 -19.35 15.23 16.76
C THR G 209 -19.74 14.59 18.09
N THR G 210 -20.62 15.26 18.82
CA THR G 210 -21.03 14.94 20.20
C THR G 210 -22.57 14.95 20.15
N THR G 211 -23.26 14.29 21.07
CA THR G 211 -24.74 14.11 21.00
C THR G 211 -25.48 15.26 21.69
N GLY G 212 -26.77 15.40 21.36
CA GLY G 212 -27.75 16.24 22.08
C GLY G 212 -27.73 17.69 21.66
N GLY G 213 -27.32 18.01 20.43
CA GLY G 213 -27.52 19.34 19.81
C GLY G 213 -26.42 20.32 20.17
N ASN G 214 -26.58 21.57 19.76
CA ASN G 214 -25.55 22.63 19.80
C ASN G 214 -25.57 23.42 21.13
N ALA G 215 -26.71 23.55 21.81
CA ALA G 215 -26.89 24.49 22.94
C ALA G 215 -25.78 24.31 23.97
N LEU G 216 -25.45 23.09 24.35
CA LEU G 216 -24.42 22.80 25.36
C LEU G 216 -23.05 23.39 24.99
N LYS G 217 -22.70 23.48 23.70
CA LYS G 217 -21.42 24.09 23.25
C LYS G 217 -21.35 25.57 23.60
N PHE G 218 -22.47 26.27 23.60
CA PHE G 218 -22.52 27.73 23.87
C PHE G 218 -22.44 27.99 25.38
N TYR G 219 -23.22 27.27 26.20
CA TYR G 219 -23.38 27.53 27.66
C TYR G 219 -22.22 26.98 28.47
N ALA G 220 -21.43 26.06 27.96
CA ALA G 220 -20.30 25.46 28.72
C ALA G 220 -19.22 26.53 28.93
N SER G 221 -18.67 26.63 30.13
CA SER G 221 -17.51 27.49 30.45
C SER G 221 -16.20 26.73 30.20
N VAL G 222 -16.20 25.41 30.33
CA VAL G 222 -15.05 24.55 30.00
C VAL G 222 -15.59 23.36 29.19
N ARG G 223 -14.83 22.91 28.20
CA ARG G 223 -15.08 21.66 27.43
C ARG G 223 -13.77 20.88 27.35
N LEU G 224 -13.77 19.65 27.86
CA LEU G 224 -12.58 18.76 27.89
C LEU G 224 -12.79 17.59 26.92
N ASP G 225 -11.76 17.26 26.17
CA ASP G 225 -11.69 16.11 25.24
C ASP G 225 -10.68 15.16 25.85
N ILE G 226 -11.11 14.01 26.33
CA ILE G 226 -10.22 13.03 27.02
C ILE G 226 -10.02 11.84 26.08
N ARG G 227 -8.83 11.25 26.07
CA ARG G 227 -8.45 10.13 25.18
C ARG G 227 -7.46 9.20 25.86
N ARG G 228 -7.61 7.91 25.60
CA ARG G 228 -6.61 6.89 25.97
C ARG G 228 -5.55 6.81 24.88
N ILE G 229 -4.28 7.05 25.21
CA ILE G 229 -3.16 7.13 24.23
C ILE G 229 -2.19 5.96 24.41
N GLY G 230 -2.45 5.03 25.31
CA GLY G 230 -1.53 3.90 25.54
C GLY G 230 -1.85 3.16 26.81
N ALA G 231 -1.15 2.05 27.02
CA ALA G 231 -1.26 1.18 28.20
C ALA G 231 -0.13 1.45 29.17
N VAL G 232 -0.32 1.05 30.42
CA VAL G 232 0.65 1.08 31.53
C VAL G 232 0.84 -0.38 31.96
N LYS G 233 2.05 -0.94 31.78
CA LYS G 233 2.31 -2.39 32.01
C LYS G 233 3.24 -2.58 33.21
N GLU G 234 2.96 -3.61 34.03
CA GLU G 234 3.89 -4.23 35.00
C GLU G 234 4.49 -5.47 34.35
N GLY G 235 5.35 -5.26 33.34
CA GLY G 235 5.92 -6.33 32.50
C GLY G 235 4.94 -6.77 31.42
N GLU G 236 4.04 -7.69 31.77
CA GLU G 236 3.04 -8.30 30.84
C GLU G 236 1.63 -7.82 31.18
N ASN G 237 1.25 -7.86 32.46
CA ASN G 237 -0.06 -7.41 32.98
C ASN G 237 -0.27 -5.92 32.67
N VAL G 238 -1.31 -5.62 31.88
CA VAL G 238 -1.84 -4.23 31.71
C VAL G 238 -2.47 -3.84 33.05
N VAL G 239 -2.06 -2.71 33.60
CA VAL G 239 -2.36 -2.32 35.02
C VAL G 239 -3.07 -0.96 35.04
N GLY G 240 -3.18 -0.28 33.90
CA GLY G 240 -3.80 1.04 33.79
C GLY G 240 -3.73 1.62 32.39
N SER G 241 -4.09 2.88 32.25
CA SER G 241 -4.18 3.58 30.95
C SER G 241 -3.35 4.86 31.02
N GLU G 242 -2.84 5.26 29.87
CA GLU G 242 -2.10 6.52 29.65
C GLU G 242 -3.08 7.46 28.94
N THR G 243 -3.37 8.60 29.56
CA THR G 243 -4.51 9.48 29.25
C THR G 243 -4.01 10.86 28.83
N ARG G 244 -4.63 11.47 27.82
CA ARG G 244 -4.44 12.88 27.44
C ARG G 244 -5.78 13.63 27.54
N VAL G 245 -5.79 14.79 28.19
CA VAL G 245 -6.97 15.71 28.23
C VAL G 245 -6.58 17.00 27.53
N LYS G 246 -7.34 17.41 26.53
CA LYS G 246 -7.22 18.71 25.85
C LYS G 246 -8.34 19.67 26.26
N VAL G 247 -8.00 20.91 26.62
CA VAL G 247 -9.00 21.97 26.88
C VAL G 247 -9.37 22.60 25.52
N VAL G 248 -10.56 22.31 24.98
CA VAL G 248 -10.99 22.77 23.63
C VAL G 248 -11.91 23.99 23.78
N LYS G 249 -12.31 24.35 24.99
CA LYS G 249 -13.00 25.65 25.23
C LYS G 249 -12.74 26.07 26.68
N ASN G 250 -12.50 27.36 26.90
CA ASN G 250 -12.17 27.90 28.24
C ASN G 250 -12.57 29.37 28.27
N LYS G 251 -13.38 29.79 29.24
CA LYS G 251 -13.82 31.20 29.43
C LYS G 251 -13.29 31.78 30.75
N ILE G 252 -12.33 31.15 31.40
CA ILE G 252 -11.77 31.66 32.68
C ILE G 252 -10.23 31.65 32.61
N ALA G 253 -9.67 31.27 31.47
CA ALA G 253 -8.22 31.32 31.15
C ALA G 253 -8.03 30.95 29.67
N ALA G 254 -6.80 30.93 29.19
CA ALA G 254 -6.52 30.65 27.76
C ALA G 254 -6.85 29.18 27.49
N PRO G 255 -7.42 28.85 26.32
CA PRO G 255 -7.67 27.47 25.92
C PRO G 255 -6.50 26.82 25.17
N PHE G 256 -6.69 25.56 24.79
CA PHE G 256 -5.84 24.74 23.89
C PHE G 256 -4.58 24.28 24.59
N LYS G 257 -4.55 24.29 25.93
CA LYS G 257 -3.51 23.59 26.72
C LYS G 257 -3.92 22.13 26.92
N GLN G 258 -3.00 21.29 27.36
CA GLN G 258 -3.23 19.84 27.45
C GLN G 258 -2.45 19.22 28.62
N ALA G 259 -3.01 18.17 29.19
CA ALA G 259 -2.47 17.44 30.35
C ALA G 259 -2.31 15.96 29.99
N GLU G 260 -1.35 15.30 30.63
CA GLU G 260 -1.06 13.86 30.45
C GLU G 260 -0.86 13.24 31.83
N PHE G 261 -1.43 12.06 32.04
CA PHE G 261 -1.44 11.40 33.35
C PHE G 261 -1.89 9.97 33.16
N GLN G 262 -1.67 9.16 34.17
CA GLN G 262 -1.97 7.71 34.20
C GLN G 262 -3.20 7.49 35.06
N ILE G 263 -4.17 6.74 34.53
CA ILE G 263 -5.32 6.19 35.31
C ILE G 263 -4.93 4.76 35.61
N LEU G 264 -4.83 4.42 36.88
CA LEU G 264 -4.45 3.06 37.35
C LEU G 264 -5.72 2.37 37.86
N TYR G 265 -6.00 1.17 37.36
CA TYR G 265 -7.30 0.48 37.61
C TYR G 265 -7.36 0.16 39.10
N GLY G 266 -8.34 0.72 39.81
CA GLY G 266 -8.62 0.45 41.23
C GLY G 266 -8.12 1.55 42.16
N GLU G 267 -7.26 2.45 41.70
CA GLU G 267 -6.81 3.63 42.51
C GLU G 267 -7.19 4.94 41.82
N GLY G 268 -7.18 5.01 40.49
CA GLY G 268 -7.57 6.23 39.75
C GLY G 268 -6.36 7.00 39.25
N ILE G 269 -6.40 8.33 39.29
CA ILE G 269 -5.32 9.21 38.75
C ILE G 269 -4.09 9.10 39.65
N ASN G 270 -2.94 8.78 39.05
CA ASN G 270 -1.61 8.59 39.72
C ASN G 270 -1.02 9.97 40.01
N PHE G 271 -1.34 10.54 41.17
CA PHE G 271 -0.95 11.91 41.59
C PHE G 271 0.58 12.04 41.62
N TYR G 272 1.27 11.09 42.25
CA TYR G 272 2.74 11.11 42.43
C TYR G 272 3.45 10.95 41.09
N GLY G 273 2.84 10.28 40.12
CA GLY G 273 3.33 10.21 38.73
C GLY G 273 3.37 11.57 38.08
N GLU G 274 2.39 12.44 38.35
CA GLU G 274 2.31 13.82 37.79
C GLU G 274 3.37 14.69 38.46
N LEU G 275 3.63 14.45 39.74
CA LEU G 275 4.53 15.28 40.58
C LEU G 275 5.99 15.07 40.14
N VAL G 276 6.35 13.83 39.79
CA VAL G 276 7.65 13.49 39.13
C VAL G 276 7.80 14.34 37.86
N ASP G 277 6.89 14.19 36.90
CA ASP G 277 7.05 14.77 35.53
C ASP G 277 7.06 16.31 35.61
N LEU G 278 6.37 16.90 36.59
CA LEU G 278 6.32 18.38 36.82
C LEU G 278 7.60 18.84 37.54
N GLY G 279 8.10 18.06 38.51
CA GLY G 279 9.37 18.31 39.20
C GLY G 279 10.57 18.31 38.27
N VAL G 280 10.58 17.42 37.27
CA VAL G 280 11.60 17.37 36.17
C VAL G 280 11.50 18.67 35.36
N LYS G 281 10.30 19.01 34.90
CA LYS G 281 10.01 20.15 33.99
C LYS G 281 10.44 21.49 34.62
N GLU G 282 10.42 21.59 35.96
CA GLU G 282 10.77 22.83 36.73
C GLU G 282 12.09 22.65 37.49
N LYS G 283 12.97 21.75 37.03
CA LYS G 283 14.39 21.63 37.45
C LYS G 283 14.52 21.40 38.97
N LEU G 284 13.60 20.66 39.57
CA LEU G 284 13.69 20.20 40.99
C LEU G 284 14.09 18.73 41.04
N ILE G 285 13.91 18.00 39.94
CA ILE G 285 14.34 16.58 39.76
C ILE G 285 15.24 16.49 38.53
N GLU G 286 16.38 15.79 38.67
CA GLU G 286 17.41 15.60 37.61
C GLU G 286 17.21 14.23 36.97
N LYS G 287 16.87 14.19 35.67
CA LYS G 287 16.68 12.94 34.89
C LYS G 287 17.90 12.74 33.97
N ALA G 288 18.84 11.89 34.40
CA ALA G 288 20.03 11.45 33.61
C ALA G 288 19.68 10.16 32.85
N GLY G 289 19.13 10.31 31.64
CA GLY G 289 18.67 9.19 30.79
C GLY G 289 17.41 8.55 31.33
N ALA G 290 17.56 7.51 32.15
CA ALA G 290 16.47 6.82 32.91
C ALA G 290 16.88 6.66 34.38
N TRP G 291 17.62 7.64 34.93
CA TRP G 291 18.03 7.73 36.35
C TRP G 291 17.58 9.09 36.91
N TYR G 292 16.47 9.10 37.65
CA TYR G 292 15.93 10.28 38.37
C TYR G 292 16.74 10.48 39.66
N SER G 293 17.04 11.74 40.01
CA SER G 293 17.81 12.13 41.22
C SER G 293 17.24 13.42 41.83
N TYR G 294 17.25 13.51 43.16
CA TYR G 294 16.79 14.69 43.95
C TYR G 294 17.92 15.16 44.88
N LYS G 295 18.52 16.32 44.55
CA LYS G 295 19.54 17.02 45.37
C LYS G 295 20.76 16.09 45.59
N GLY G 296 21.23 15.45 44.52
CA GLY G 296 22.38 14.52 44.52
C GLY G 296 21.96 13.08 44.73
N GLU G 297 21.24 12.81 45.84
CA GLU G 297 20.66 11.48 46.21
C GLU G 297 19.88 10.91 45.02
N LYS G 298 20.16 9.65 44.64
CA LYS G 298 19.52 8.96 43.48
C LYS G 298 18.26 8.23 43.97
N ILE G 299 17.09 8.62 43.45
CA ILE G 299 15.74 8.26 44.00
C ILE G 299 15.26 6.94 43.37
N GLY G 300 15.60 6.69 42.10
CA GLY G 300 15.24 5.44 41.39
C GLY G 300 15.69 5.47 39.94
N GLN G 301 15.68 4.30 39.28
CA GLN G 301 15.93 4.15 37.82
C GLN G 301 14.63 3.66 37.17
N GLY G 302 14.16 4.38 36.14
CA GLY G 302 12.79 4.25 35.60
C GLY G 302 11.78 5.02 36.46
N LYS G 303 10.61 5.33 35.89
CA LYS G 303 9.59 6.24 36.50
C LYS G 303 8.93 5.58 37.71
N ALA G 304 8.41 4.36 37.56
CA ALA G 304 7.60 3.62 38.56
C ALA G 304 8.36 3.46 39.88
N ASN G 305 9.67 3.21 39.81
CA ASN G 305 10.59 3.12 40.99
C ASN G 305 10.66 4.50 41.67
N ALA G 306 10.88 5.55 40.88
CA ALA G 306 11.00 6.96 41.34
C ALA G 306 9.68 7.44 41.94
N THR G 307 8.54 7.07 41.33
CA THR G 307 7.17 7.37 41.83
C THR G 307 6.96 6.69 43.18
N ALA G 308 7.42 5.45 43.32
CA ALA G 308 7.31 4.62 44.56
C ALA G 308 8.16 5.26 45.68
N TRP G 309 9.33 5.79 45.34
CA TRP G 309 10.24 6.50 46.28
C TRP G 309 9.51 7.71 46.90
N LEU G 310 8.83 8.52 46.08
CA LEU G 310 8.06 9.72 46.52
C LEU G 310 6.93 9.32 47.47
N LYS G 311 6.29 8.17 47.20
CA LYS G 311 5.17 7.62 48.03
C LYS G 311 5.70 7.28 49.43
N ASP G 312 6.91 6.71 49.51
CA ASP G 312 7.54 6.21 50.76
C ASP G 312 8.11 7.37 51.61
N ASN G 313 8.36 8.54 51.00
CA ASN G 313 9.01 9.72 51.66
C ASN G 313 8.07 10.93 51.58
N PRO G 314 7.03 11.03 52.45
CA PRO G 314 6.01 12.07 52.31
C PRO G 314 6.45 13.53 52.55
N GLU G 315 7.65 13.75 53.09
CA GLU G 315 8.22 15.10 53.36
C GLU G 315 8.79 15.69 52.06
N THR G 316 9.57 14.91 51.31
CA THR G 316 10.18 15.29 50.00
C THR G 316 9.07 15.56 48.98
N ALA G 317 8.02 14.74 48.95
CA ALA G 317 6.85 14.87 48.05
C ALA G 317 6.04 16.11 48.42
N LYS G 318 5.97 16.46 49.71
CA LYS G 318 5.26 17.68 50.21
C LYS G 318 6.03 18.94 49.77
N GLU G 319 7.37 18.91 49.92
CA GLU G 319 8.30 20.01 49.51
C GLU G 319 8.14 20.28 48.00
N ILE G 320 8.27 19.24 47.17
CA ILE G 320 8.24 19.36 45.67
C ILE G 320 6.87 19.88 45.23
N GLU G 321 5.78 19.44 45.87
CA GLU G 321 4.40 19.92 45.58
C GLU G 321 4.33 21.42 45.82
N LYS G 322 4.83 21.87 46.98
CA LYS G 322 4.78 23.29 47.44
C LYS G 322 5.39 24.21 46.37
N LYS G 323 6.57 23.86 45.86
CA LYS G 323 7.29 24.60 44.78
C LYS G 323 6.42 24.66 43.51
N VAL G 324 6.13 23.49 42.92
CA VAL G 324 5.39 23.35 41.63
C VAL G 324 4.11 24.18 41.69
N ARG G 325 3.41 24.14 42.82
CA ARG G 325 2.17 24.91 43.08
C ARG G 325 2.48 26.41 42.93
N GLU G 326 3.48 26.92 43.65
CA GLU G 326 3.81 28.38 43.72
C GLU G 326 4.31 28.89 42.36
N LEU G 327 5.03 28.06 41.60
CA LEU G 327 5.66 28.43 40.30
C LEU G 327 4.63 28.49 39.17
N LEU G 328 3.92 27.38 38.92
CA LEU G 328 3.17 27.13 37.66
C LEU G 328 1.71 27.58 37.78
N LEU G 329 1.07 27.41 38.95
CA LEU G 329 -0.37 27.77 39.13
C LEU G 329 -0.53 29.28 38.92
N SER G 330 -0.92 29.65 37.69
CA SER G 330 -0.90 31.02 37.11
C SER G 330 -1.74 32.00 37.95
N ASN G 331 -2.87 31.54 38.51
CA ASN G 331 -3.82 32.34 39.32
C ASN G 331 -3.92 31.72 40.73
N PRO G 332 -2.94 31.93 41.63
CA PRO G 332 -3.01 31.37 43.00
C PRO G 332 -4.27 31.78 43.77
N ASN G 333 -4.90 30.82 44.47
CA ASN G 333 -6.17 31.00 45.20
C ASN G 333 -5.92 31.81 46.49
N SER G 334 -6.94 32.55 46.94
CA SER G 334 -6.92 33.38 48.17
C SER G 334 -7.47 32.58 49.35
N ALA H 2 -52.45 80.70 -8.25
CA ALA H 2 -53.66 81.19 -7.51
C ALA H 2 -54.23 80.09 -6.62
N ILE H 3 -54.45 78.89 -7.18
CA ILE H 3 -55.09 77.73 -6.48
C ILE H 3 -54.04 76.97 -5.65
N ASP H 4 -52.75 77.08 -6.00
CA ASP H 4 -51.62 76.36 -5.33
C ASP H 4 -51.24 77.02 -3.99
N GLU H 5 -51.86 78.15 -3.62
CA GLU H 5 -51.50 78.97 -2.43
C GLU H 5 -52.26 78.49 -1.19
N ASN H 6 -53.56 78.17 -1.32
CA ASN H 6 -54.39 77.60 -0.23
C ASN H 6 -53.90 76.17 0.11
N LYS H 7 -53.18 75.54 -0.82
CA LYS H 7 -52.41 74.27 -0.59
C LYS H 7 -51.36 74.50 0.50
N GLN H 8 -50.56 75.57 0.36
CA GLN H 8 -49.45 75.94 1.30
C GLN H 8 -50.02 76.39 2.65
N LYS H 9 -51.21 77.02 2.63
CA LYS H 9 -51.92 77.54 3.83
C LYS H 9 -52.43 76.37 4.69
N ALA H 10 -53.12 75.42 4.05
CA ALA H 10 -53.66 74.19 4.67
C ALA H 10 -52.52 73.32 5.22
N LEU H 11 -51.36 73.32 4.56
CA LEU H 11 -50.14 72.61 5.01
C LEU H 11 -49.64 73.25 6.31
N ALA H 12 -49.39 74.56 6.30
CA ALA H 12 -48.86 75.36 7.44
C ALA H 12 -49.83 75.32 8.64
N ALA H 13 -51.14 75.26 8.37
CA ALA H 13 -52.22 75.17 9.39
C ALA H 13 -52.21 73.79 10.04
N ALA H 14 -52.10 72.72 9.24
CA ALA H 14 -52.00 71.31 9.69
C ALA H 14 -50.72 71.09 10.49
N LEU H 15 -49.60 71.68 10.06
CA LEU H 15 -48.29 71.64 10.75
C LEU H 15 -48.41 72.32 12.12
N GLY H 16 -49.02 73.51 12.18
CA GLY H 16 -49.28 74.27 13.42
C GLY H 16 -50.14 73.48 14.40
N GLN H 17 -51.15 72.76 13.90
CA GLN H 17 -52.11 71.93 14.70
C GLN H 17 -51.37 70.74 15.34
N ILE H 18 -50.54 70.03 14.58
CA ILE H 18 -49.80 68.81 15.03
C ILE H 18 -48.70 69.24 16.03
N GLU H 19 -47.99 70.34 15.73
CA GLU H 19 -46.80 70.81 16.49
C GLU H 19 -47.19 71.43 17.84
N LYS H 20 -48.48 71.73 18.07
CA LYS H 20 -48.99 72.24 19.39
C LYS H 20 -49.79 71.16 20.13
N GLN H 21 -50.33 70.16 19.42
CA GLN H 21 -51.05 69.01 20.04
C GLN H 21 -50.04 68.04 20.68
N PHE H 22 -49.02 67.61 19.91
CA PHE H 22 -48.07 66.53 20.30
C PHE H 22 -46.65 67.08 20.56
N GLY H 23 -46.49 68.41 20.71
CA GLY H 23 -45.23 69.04 21.13
C GLY H 23 -44.42 69.59 19.97
N LYS H 24 -43.31 70.27 20.27
CA LYS H 24 -42.51 71.14 19.35
C LYS H 24 -42.18 70.41 18.04
N GLY H 25 -41.28 69.42 18.09
CA GLY H 25 -40.68 68.76 16.91
C GLY H 25 -41.35 67.42 16.60
N SER H 26 -42.68 67.41 16.52
CA SER H 26 -43.50 66.22 16.13
C SER H 26 -43.40 65.99 14.62
N ILE H 27 -43.63 67.05 13.84
CA ILE H 27 -43.34 67.12 12.38
C ILE H 27 -42.28 68.18 12.13
N MET H 28 -41.32 67.87 11.24
CA MET H 28 -40.32 68.82 10.68
C MET H 28 -40.14 68.47 9.19
N ARG H 29 -39.08 68.98 8.56
CA ARG H 29 -38.62 68.59 7.21
C ARG H 29 -37.29 67.82 7.36
N LEU H 30 -37.15 66.68 6.69
CA LEU H 30 -36.09 65.65 6.93
C LEU H 30 -34.69 66.25 6.74
N GLY H 31 -34.52 67.16 5.77
CA GLY H 31 -33.25 67.86 5.49
C GLY H 31 -32.82 68.81 6.60
N GLU H 32 -33.77 69.23 7.45
CA GLU H 32 -33.57 70.22 8.56
C GLU H 32 -33.43 69.51 9.91
N ASP H 33 -33.92 68.27 10.05
CA ASP H 33 -33.90 67.49 11.32
C ASP H 33 -32.47 66.96 11.55
N ARG H 34 -31.78 67.50 12.57
CA ARG H 34 -30.37 67.15 12.93
C ARG H 34 -30.34 66.04 13.99
N SER H 35 -31.50 65.61 14.51
CA SER H 35 -31.65 64.42 15.38
C SER H 35 -31.66 63.13 14.52
N MET H 36 -31.86 63.25 13.20
CA MET H 36 -31.95 62.12 12.24
C MET H 36 -30.57 61.80 11.62
N ASP H 37 -29.55 62.63 11.87
CA ASP H 37 -28.17 62.42 11.36
C ASP H 37 -27.54 61.19 12.04
N VAL H 38 -26.50 60.64 11.42
CA VAL H 38 -25.86 59.33 11.82
C VAL H 38 -24.50 59.61 12.48
N GLU H 39 -24.49 59.67 13.82
CA GLU H 39 -23.29 59.63 14.69
C GLU H 39 -22.87 58.16 14.87
N THR H 40 -21.57 57.88 14.97
CA THR H 40 -20.99 56.51 15.11
C THR H 40 -19.95 56.48 16.24
N ILE H 41 -19.66 55.26 16.75
CA ILE H 41 -18.54 54.98 17.70
C ILE H 41 -17.73 53.76 17.22
N SER H 42 -16.45 53.72 17.58
CA SER H 42 -15.45 52.72 17.11
C SER H 42 -15.80 51.32 17.62
N THR H 43 -15.46 50.29 16.83
CA THR H 43 -15.59 48.85 17.19
C THR H 43 -14.31 48.33 17.86
N GLY H 44 -13.21 49.08 17.80
CA GLY H 44 -11.88 48.65 18.30
C GLY H 44 -11.08 47.89 17.26
N SER H 45 -11.65 47.67 16.07
CA SER H 45 -10.99 47.12 14.85
C SER H 45 -11.09 48.16 13.73
N LEU H 46 -9.96 48.55 13.14
CA LEU H 46 -9.92 49.54 12.02
C LEU H 46 -10.55 48.91 10.76
N SER H 47 -10.25 47.65 10.46
CA SER H 47 -10.76 46.92 9.27
C SER H 47 -12.30 46.84 9.31
N LEU H 48 -12.87 46.57 10.49
CA LEU H 48 -14.35 46.45 10.69
C LEU H 48 -15.00 47.84 10.57
N ASP H 49 -14.32 48.90 11.02
CA ASP H 49 -14.78 50.31 10.88
C ASP H 49 -14.84 50.69 9.38
N ILE H 50 -13.93 50.17 8.56
CA ILE H 50 -13.91 50.40 7.08
C ILE H 50 -15.06 49.60 6.42
N ALA H 51 -15.27 48.34 6.83
CA ALA H 51 -16.32 47.43 6.29
C ALA H 51 -17.73 47.98 6.55
N LEU H 52 -17.93 48.72 7.65
CA LEU H 52 -19.24 49.29 8.04
C LEU H 52 -19.55 50.56 7.25
N GLY H 53 -18.55 51.17 6.60
CA GLY H 53 -18.74 52.28 5.63
C GLY H 53 -18.77 53.64 6.29
N ALA H 54 -19.59 53.83 7.33
CA ALA H 54 -19.78 55.11 8.06
C ALA H 54 -18.77 55.25 9.22
N GLY H 55 -17.78 54.35 9.32
CA GLY H 55 -16.63 54.49 10.22
C GLY H 55 -16.92 54.01 11.63
N GLY H 56 -18.01 53.25 11.83
CA GLY H 56 -18.32 52.61 13.12
C GLY H 56 -19.79 52.24 13.26
N LEU H 57 -20.19 51.85 14.47
CA LEU H 57 -21.57 51.40 14.81
C LEU H 57 -22.44 52.61 15.12
N PRO H 58 -23.69 52.66 14.62
CA PRO H 58 -24.54 53.85 14.77
C PRO H 58 -25.16 54.00 16.17
N MET H 59 -25.13 55.22 16.72
CA MET H 59 -25.82 55.56 18.00
C MET H 59 -27.33 55.69 17.74
N GLY H 60 -28.14 55.33 18.73
CA GLY H 60 -29.61 55.42 18.70
C GLY H 60 -30.27 54.29 17.92
N ARG H 61 -29.52 53.22 17.59
CA ARG H 61 -29.99 52.09 16.77
C ARG H 61 -29.78 50.77 17.51
N ILE H 62 -30.34 49.69 16.95
CA ILE H 62 -30.19 48.28 17.42
C ILE H 62 -29.18 47.57 16.50
N VAL H 63 -28.26 46.81 17.08
CA VAL H 63 -27.22 46.01 16.35
C VAL H 63 -27.30 44.56 16.85
N GLU H 64 -27.23 43.59 15.93
CA GLU H 64 -27.14 42.15 16.26
C GLU H 64 -25.76 41.62 15.84
N ILE H 65 -25.06 40.94 16.76
CA ILE H 65 -23.84 40.14 16.46
C ILE H 65 -24.20 38.67 16.70
N TYR H 66 -23.95 37.78 15.75
CA TYR H 66 -24.22 36.32 15.88
C TYR H 66 -23.06 35.49 15.32
N GLY H 67 -22.93 34.27 15.80
CA GLY H 67 -21.92 33.35 15.26
C GLY H 67 -21.88 32.02 16.00
N PRO H 68 -20.99 31.09 15.57
CA PRO H 68 -20.82 29.82 16.25
C PRO H 68 -20.08 30.01 17.58
N GLU H 69 -19.92 28.92 18.32
CA GLU H 69 -19.35 28.94 19.69
C GLU H 69 -17.88 29.41 19.62
N SER H 70 -17.43 30.14 20.64
CA SER H 70 -16.04 30.62 20.83
C SER H 70 -15.51 31.37 19.59
N SER H 71 -16.35 32.17 18.92
CA SER H 71 -16.00 32.89 17.66
C SER H 71 -15.58 34.35 17.93
N GLY H 72 -15.72 34.84 19.16
CA GLY H 72 -15.27 36.18 19.61
C GLY H 72 -16.39 37.18 19.86
N LYS H 73 -17.64 36.75 20.02
CA LYS H 73 -18.79 37.68 20.12
C LYS H 73 -18.66 38.55 21.37
N THR H 74 -18.48 37.98 22.55
CA THR H 74 -18.38 38.73 23.83
C THR H 74 -17.18 39.69 23.77
N THR H 75 -16.02 39.18 23.34
CA THR H 75 -14.73 39.93 23.25
C THR H 75 -14.91 41.17 22.38
N LEU H 76 -15.60 41.01 21.24
CA LEU H 76 -15.83 42.15 20.30
C LEU H 76 -16.67 43.24 20.98
N THR H 77 -17.68 42.88 21.78
CA THR H 77 -18.60 43.85 22.46
C THR H 77 -17.89 44.54 23.64
N LEU H 78 -16.96 43.86 24.31
CA LEU H 78 -16.17 44.47 25.42
C LEU H 78 -15.17 45.50 24.83
N GLN H 79 -14.68 45.26 23.61
CA GLN H 79 -13.76 46.19 22.90
C GLN H 79 -14.49 47.47 22.50
N VAL H 80 -15.79 47.41 22.16
CA VAL H 80 -16.59 48.64 21.84
C VAL H 80 -16.92 49.39 23.14
N ILE H 81 -17.19 48.69 24.24
CA ILE H 81 -17.44 49.31 25.57
C ILE H 81 -16.18 50.09 26.02
N ALA H 82 -15.00 49.46 25.93
CA ALA H 82 -13.70 50.05 26.29
C ALA H 82 -13.44 51.34 25.50
N ALA H 83 -13.63 51.32 24.18
CA ALA H 83 -13.42 52.46 23.26
C ALA H 83 -14.38 53.62 23.59
N ALA H 84 -15.63 53.31 23.93
CA ALA H 84 -16.65 54.32 24.31
C ALA H 84 -16.34 54.90 25.69
N GLN H 85 -15.82 54.10 26.64
CA GLN H 85 -15.45 54.57 28.00
C GLN H 85 -14.29 55.58 27.91
N ARG H 86 -13.31 55.33 27.02
CA ARG H 86 -12.16 56.24 26.77
C ARG H 86 -12.62 57.59 26.19
N GLU H 87 -13.81 57.64 25.58
CA GLU H 87 -14.43 58.88 25.03
C GLU H 87 -15.45 59.48 26.04
N GLY H 88 -15.39 59.07 27.31
CA GLY H 88 -16.20 59.62 28.41
C GLY H 88 -17.69 59.30 28.31
N LYS H 89 -18.04 58.09 27.87
CA LYS H 89 -19.43 57.57 27.79
C LYS H 89 -19.66 56.52 28.89
N THR H 90 -20.91 56.37 29.34
CA THR H 90 -21.36 55.39 30.37
C THR H 90 -21.90 54.15 29.64
N CYS H 91 -21.63 52.95 30.18
CA CYS H 91 -21.98 51.66 29.55
C CYS H 91 -22.57 50.68 30.56
N ALA H 92 -23.50 49.84 30.08
CA ALA H 92 -24.17 48.77 30.85
C ALA H 92 -23.98 47.43 30.14
N PHE H 93 -23.97 46.33 30.90
CA PHE H 93 -23.82 44.95 30.38
C PHE H 93 -24.86 44.05 31.06
N ILE H 94 -25.91 43.66 30.32
CA ILE H 94 -26.92 42.65 30.78
C ILE H 94 -26.40 41.24 30.42
N ASP H 95 -25.94 40.49 31.42
CA ASP H 95 -25.31 39.15 31.27
C ASP H 95 -26.34 38.04 31.57
N ALA H 96 -27.23 37.76 30.60
CA ALA H 96 -28.26 36.70 30.68
C ALA H 96 -27.63 35.30 30.68
N GLU H 97 -26.47 35.13 30.03
CA GLU H 97 -25.72 33.84 29.97
C GLU H 97 -25.15 33.47 31.35
N HIS H 98 -24.91 34.45 32.22
CA HIS H 98 -24.32 34.30 33.57
C HIS H 98 -22.86 33.85 33.44
N ALA H 99 -22.12 34.38 32.47
CA ALA H 99 -20.75 33.90 32.13
C ALA H 99 -19.80 35.05 31.77
N LEU H 100 -19.86 36.18 32.47
CA LEU H 100 -18.86 37.29 32.32
C LEU H 100 -17.80 37.17 33.43
N ASP H 101 -16.53 37.11 33.03
CA ASP H 101 -15.32 37.15 33.92
C ASP H 101 -14.82 38.59 34.00
N PRO H 102 -14.96 39.29 35.14
CA PRO H 102 -14.62 40.72 35.21
C PRO H 102 -13.11 41.00 35.07
N ILE H 103 -12.25 40.07 35.50
CA ILE H 103 -10.76 40.17 35.37
C ILE H 103 -10.36 40.22 33.88
N TYR H 104 -10.98 39.40 33.03
CA TYR H 104 -10.72 39.38 31.56
C TYR H 104 -11.17 40.71 30.93
N ALA H 105 -12.31 41.24 31.36
CA ALA H 105 -12.88 42.52 30.88
C ALA H 105 -11.88 43.66 31.17
N ARG H 106 -11.24 43.64 32.34
CA ARG H 106 -10.18 44.61 32.75
C ARG H 106 -8.98 44.50 31.81
N LYS H 107 -8.56 43.28 31.45
CA LYS H 107 -7.38 43.03 30.58
C LYS H 107 -7.65 43.53 29.14
N LEU H 108 -8.90 43.54 28.69
CA LEU H 108 -9.30 44.05 27.34
C LEU H 108 -9.39 45.58 27.35
N GLY H 109 -9.35 46.22 28.53
CA GLY H 109 -9.23 47.68 28.69
C GLY H 109 -10.51 48.35 29.14
N VAL H 110 -11.47 47.60 29.70
CA VAL H 110 -12.76 48.14 30.21
C VAL H 110 -12.49 48.68 31.63
N ASP H 111 -13.07 49.85 31.95
CA ASP H 111 -13.10 50.40 33.33
C ASP H 111 -14.20 49.67 34.10
N ILE H 112 -13.79 48.68 34.91
CA ILE H 112 -14.68 47.72 35.63
C ILE H 112 -15.47 48.45 36.72
N ASP H 113 -14.89 49.49 37.32
CA ASP H 113 -15.49 50.24 38.46
C ASP H 113 -16.66 51.12 38.00
N ASN H 114 -16.77 51.44 36.70
CA ASN H 114 -17.82 52.33 36.13
C ASN H 114 -18.82 51.58 35.24
N LEU H 115 -18.52 50.35 34.81
CA LEU H 115 -19.44 49.51 33.99
C LEU H 115 -20.60 49.01 34.86
N LEU H 116 -21.84 49.34 34.50
CA LEU H 116 -23.07 48.81 35.16
C LEU H 116 -23.34 47.39 34.67
N CYS H 117 -23.36 46.40 35.57
CA CYS H 117 -23.60 44.97 35.26
C CYS H 117 -24.90 44.49 35.92
N SER H 118 -25.65 43.63 35.23
CA SER H 118 -26.90 42.98 35.71
C SER H 118 -26.95 41.52 35.25
N GLN H 119 -27.41 40.62 36.14
CA GLN H 119 -27.62 39.17 35.89
C GLN H 119 -29.07 38.87 36.19
N PRO H 120 -30.01 39.16 35.26
CA PRO H 120 -31.44 39.02 35.52
C PRO H 120 -31.94 37.56 35.56
N ASP H 121 -33.04 37.34 36.27
CA ASP H 121 -33.64 36.00 36.53
C ASP H 121 -34.55 35.59 35.36
N THR H 122 -35.16 36.54 34.66
CA THR H 122 -36.10 36.32 33.53
C THR H 122 -35.76 37.24 32.36
N GLY H 123 -36.26 36.90 31.17
CA GLY H 123 -36.13 37.70 29.94
C GLY H 123 -36.94 38.99 30.02
N GLU H 124 -38.08 38.95 30.73
CA GLU H 124 -38.93 40.15 30.98
C GLU H 124 -38.16 41.15 31.83
N GLN H 125 -37.50 40.69 32.90
CA GLN H 125 -36.67 41.54 33.79
C GLN H 125 -35.52 42.18 32.99
N ALA H 126 -34.87 41.40 32.12
CA ALA H 126 -33.71 41.84 31.30
C ALA H 126 -34.13 42.97 30.37
N LEU H 127 -35.28 42.82 29.70
CA LEU H 127 -35.78 43.81 28.70
C LEU H 127 -36.46 45.00 29.40
N GLU H 128 -36.87 44.86 30.67
CA GLU H 128 -37.42 46.00 31.47
C GLU H 128 -36.27 46.87 32.02
N ILE H 129 -35.10 46.27 32.30
CA ILE H 129 -33.88 47.03 32.72
C ILE H 129 -33.36 47.83 31.53
N CYS H 130 -33.27 47.21 30.35
CA CYS H 130 -32.90 47.86 29.04
C CYS H 130 -33.75 49.11 28.81
N ASP H 131 -35.07 49.02 29.03
CA ASP H 131 -36.04 50.11 28.78
C ASP H 131 -35.79 51.25 29.78
N ALA H 132 -35.64 50.93 31.07
CA ALA H 132 -35.40 51.86 32.20
C ALA H 132 -34.09 52.64 32.01
N LEU H 133 -33.01 51.95 31.59
CA LEU H 133 -31.68 52.58 31.31
C LEU H 133 -31.75 53.44 30.03
N ALA H 134 -32.47 52.99 29.00
CA ALA H 134 -32.65 53.72 27.72
C ALA H 134 -33.42 55.03 27.95
N ARG H 135 -34.50 55.00 28.74
CA ARG H 135 -35.36 56.19 29.03
C ARG H 135 -34.60 57.22 29.88
N SER H 136 -33.69 56.76 30.75
CA SER H 136 -32.95 57.61 31.73
C SER H 136 -32.18 58.74 31.02
N GLY H 137 -31.60 58.44 29.85
CA GLY H 137 -30.79 59.38 29.06
C GLY H 137 -29.35 59.47 29.52
N ALA H 138 -28.95 58.61 30.48
CA ALA H 138 -27.65 58.65 31.19
C ALA H 138 -26.71 57.53 30.73
N VAL H 139 -27.15 56.66 29.82
CA VAL H 139 -26.38 55.46 29.33
C VAL H 139 -26.28 55.55 27.81
N ASP H 140 -25.08 55.30 27.27
CA ASP H 140 -24.74 55.50 25.83
C ASP H 140 -24.68 54.15 25.09
N VAL H 141 -24.19 53.09 25.73
CA VAL H 141 -24.04 51.73 25.12
C VAL H 141 -24.56 50.68 26.10
N ILE H 142 -25.55 49.89 25.67
CA ILE H 142 -26.08 48.70 26.40
C ILE H 142 -25.74 47.46 25.57
N VAL H 143 -25.24 46.40 26.22
CA VAL H 143 -24.99 45.08 25.59
C VAL H 143 -25.83 44.02 26.33
N VAL H 144 -26.63 43.25 25.60
CA VAL H 144 -27.39 42.07 26.11
C VAL H 144 -26.71 40.79 25.61
N ASP H 145 -26.01 40.06 26.50
CA ASP H 145 -25.25 38.84 26.11
C ASP H 145 -26.20 37.63 26.11
N SER H 146 -26.69 37.34 24.89
CA SER H 146 -27.43 36.17 24.39
C SER H 146 -28.93 36.37 24.65
N VAL H 147 -29.59 36.75 23.56
CA VAL H 147 -31.02 36.52 23.23
C VAL H 147 -31.43 35.09 23.59
N ALA H 148 -30.57 34.09 23.33
CA ALA H 148 -30.85 32.65 23.54
C ALA H 148 -31.14 32.33 25.02
N ALA H 149 -30.57 33.10 25.95
CA ALA H 149 -30.72 32.91 27.41
C ALA H 149 -31.82 33.81 27.99
N LEU H 150 -32.57 34.57 27.17
CA LEU H 150 -33.72 35.41 27.62
C LEU H 150 -34.97 34.53 27.73
N THR H 151 -35.17 33.87 28.87
CA THR H 151 -36.23 32.85 29.07
C THR H 151 -37.44 33.51 29.75
N PRO H 152 -38.66 33.45 29.14
CA PRO H 152 -39.87 34.00 29.75
C PRO H 152 -40.20 33.40 31.12
N LYS H 153 -40.98 34.13 31.93
CA LYS H 153 -41.28 33.81 33.35
C LYS H 153 -42.09 32.50 33.43
N ALA H 154 -43.06 32.31 32.52
CA ALA H 154 -43.92 31.11 32.41
C ALA H 154 -43.05 29.86 32.18
N GLU H 155 -41.94 29.99 31.44
CA GLU H 155 -41.01 28.86 31.13
C GLU H 155 -40.13 28.57 32.36
N ILE H 156 -39.75 29.57 33.14
CA ILE H 156 -38.99 29.42 34.43
C ILE H 156 -39.85 28.68 35.45
N GLU H 157 -41.13 29.10 35.58
CA GLU H 157 -42.09 28.57 36.58
C GLU H 157 -42.51 27.14 36.22
N GLY H 158 -42.67 26.86 34.92
CA GLY H 158 -43.08 25.54 34.39
C GLY H 158 -41.98 24.49 34.53
N GLU H 159 -42.26 23.26 34.08
CA GLU H 159 -41.34 22.09 34.15
C GLU H 159 -40.66 21.90 32.79
N ILE H 160 -39.46 21.29 32.79
CA ILE H 160 -38.71 20.90 31.57
C ILE H 160 -39.57 19.88 30.81
N GLY H 161 -39.73 20.08 29.50
CA GLY H 161 -40.57 19.25 28.62
C GLY H 161 -41.83 19.97 28.17
N ASP H 162 -42.40 20.82 29.03
CA ASP H 162 -43.60 21.65 28.74
C ASP H 162 -43.33 22.52 27.51
N SER H 163 -44.33 22.64 26.63
CA SER H 163 -44.29 23.42 25.36
C SER H 163 -44.73 24.86 25.64
N HIS H 164 -43.91 25.83 25.19
CA HIS H 164 -44.19 27.29 25.24
C HIS H 164 -43.88 27.90 23.87
N MET H 165 -44.37 27.26 22.80
CA MET H 165 -43.98 27.58 21.39
C MET H 165 -44.40 29.02 21.05
N GLY H 166 -43.47 29.82 20.56
CA GLY H 166 -43.69 31.21 20.11
C GLY H 166 -43.56 32.25 21.23
N LEU H 167 -43.46 31.82 22.49
CA LEU H 167 -43.54 32.70 23.69
C LEU H 167 -42.33 33.65 23.74
N ALA H 168 -41.12 33.12 23.60
CA ALA H 168 -39.86 33.90 23.55
C ALA H 168 -39.88 34.83 22.33
N ALA H 169 -40.29 34.31 21.16
CA ALA H 169 -40.43 35.10 19.92
C ALA H 169 -41.44 36.24 20.11
N ARG H 170 -42.51 36.02 20.88
CA ARG H 170 -43.56 37.03 21.14
C ARG H 170 -43.02 38.12 22.08
N MET H 171 -42.35 37.71 23.15
CA MET H 171 -41.68 38.59 24.14
C MET H 171 -40.72 39.55 23.41
N MET H 172 -39.89 39.02 22.51
CA MET H 172 -38.90 39.81 21.74
C MET H 172 -39.64 40.80 20.83
N SER H 173 -40.72 40.36 20.17
CA SER H 173 -41.52 41.18 19.22
C SER H 173 -42.15 42.39 19.95
N GLN H 174 -42.62 42.19 21.19
CA GLN H 174 -43.21 43.27 22.03
C GLN H 174 -42.11 44.23 22.49
N ALA H 175 -40.92 43.71 22.84
CA ALA H 175 -39.76 44.49 23.36
C ALA H 175 -39.22 45.45 22.30
N MET H 176 -39.08 45.00 21.04
CA MET H 176 -38.52 45.80 19.91
C MET H 176 -39.38 47.05 19.69
N ARG H 177 -40.70 46.85 19.55
CA ARG H 177 -41.76 47.91 19.41
C ARG H 177 -41.48 49.06 20.39
N LYS H 178 -41.32 48.73 21.68
CA LYS H 178 -41.15 49.70 22.80
C LYS H 178 -39.77 50.37 22.74
N LEU H 179 -38.71 49.58 22.54
CA LEU H 179 -37.29 50.03 22.66
C LEU H 179 -36.90 51.00 21.54
N ALA H 180 -37.24 50.68 20.29
CA ALA H 180 -36.77 51.38 19.06
C ALA H 180 -36.96 52.89 19.19
N GLY H 181 -38.13 53.32 19.68
CA GLY H 181 -38.48 54.74 19.91
C GLY H 181 -37.62 55.36 21.00
N ASN H 182 -37.57 54.73 22.18
CA ASN H 182 -36.82 55.21 23.37
C ASN H 182 -35.33 55.36 23.04
N LEU H 183 -34.71 54.35 22.43
CA LEU H 183 -33.25 54.31 22.09
C LEU H 183 -32.88 55.52 21.20
N LYS H 184 -33.67 55.80 20.15
CA LYS H 184 -33.46 56.93 19.22
C LYS H 184 -33.53 58.26 19.97
N GLN H 185 -34.44 58.37 20.95
CA GLN H 185 -34.73 59.62 21.70
C GLN H 185 -33.57 59.95 22.65
N SER H 186 -32.95 58.94 23.28
CA SER H 186 -31.81 59.09 24.24
C SER H 186 -30.45 58.95 23.53
N ASN H 187 -30.44 58.62 22.23
CA ASN H 187 -29.23 58.40 21.39
C ASN H 187 -28.37 57.28 22.01
N THR H 188 -29.00 56.17 22.40
CA THR H 188 -28.39 54.99 23.07
C THR H 188 -28.25 53.84 22.07
N LEU H 189 -27.04 53.29 21.93
CA LEU H 189 -26.76 52.08 21.09
C LEU H 189 -27.09 50.83 21.90
N LEU H 190 -27.91 49.92 21.37
CA LEU H 190 -28.22 48.61 21.99
C LEU H 190 -27.62 47.47 21.15
N ILE H 191 -26.74 46.65 21.73
CA ILE H 191 -26.12 45.46 21.05
C ILE H 191 -26.71 44.17 21.64
N PHE H 192 -27.38 43.38 20.81
CA PHE H 192 -27.83 41.99 21.13
C PHE H 192 -26.82 40.99 20.58
N ILE H 193 -26.24 40.18 21.45
CA ILE H 193 -25.48 38.97 21.02
C ILE H 193 -26.51 37.85 20.83
N ASN H 194 -26.30 36.98 19.85
CA ASN H 194 -27.23 35.86 19.52
C ASN H 194 -26.39 34.63 19.14
N GLN H 195 -26.94 33.45 19.38
CA GLN H 195 -26.33 32.13 19.09
C GLN H 195 -26.95 31.59 17.80
N ILE H 196 -26.34 30.55 17.24
CA ILE H 196 -26.79 29.86 15.99
C ILE H 196 -27.49 28.55 16.35
N ARG H 197 -28.59 28.24 15.65
CA ARG H 197 -29.31 26.95 15.71
C ARG H 197 -29.48 26.41 14.28
N MET H 198 -29.65 25.10 14.14
CA MET H 198 -29.92 24.40 12.86
C MET H 198 -31.43 24.26 12.68
N LYS H 199 -31.93 24.47 11.45
CA LYS H 199 -33.33 24.14 11.08
C LYS H 199 -33.35 22.74 10.45
N ILE H 200 -34.15 21.82 11.01
CA ILE H 200 -34.26 20.39 10.57
C ILE H 200 -35.09 20.32 9.29
N GLY H 201 -34.87 19.29 8.47
CA GLY H 201 -35.62 19.02 7.23
C GLY H 201 -35.50 20.18 6.24
N VAL H 202 -34.27 20.48 5.82
CA VAL H 202 -33.93 21.57 4.86
C VAL H 202 -33.00 20.98 3.79
N MET H 203 -33.43 21.04 2.52
CA MET H 203 -32.64 20.62 1.34
C MET H 203 -32.04 21.87 0.67
N PHE H 204 -32.86 22.92 0.48
CA PHE H 204 -32.51 24.19 -0.19
C PHE H 204 -32.07 25.24 0.84
N GLY H 205 -30.98 25.96 0.55
CA GLY H 205 -30.50 27.12 1.33
C GLY H 205 -29.54 26.72 2.45
N ASN H 206 -29.29 27.64 3.38
CA ASN H 206 -28.45 27.40 4.59
C ASN H 206 -29.33 26.82 5.69
N PRO H 207 -28.88 25.77 6.41
CA PRO H 207 -29.62 25.26 7.57
C PRO H 207 -29.50 26.13 8.83
N GLU H 208 -28.57 27.09 8.84
CA GLU H 208 -28.27 27.94 10.03
C GLU H 208 -29.39 28.96 10.22
N THR H 209 -29.82 29.15 11.46
CA THR H 209 -30.72 30.27 11.89
C THR H 209 -30.21 30.81 13.23
N THR H 210 -30.88 31.85 13.72
CA THR H 210 -30.65 32.49 15.05
C THR H 210 -31.88 32.27 15.93
N THR H 211 -31.76 32.54 17.22
CA THR H 211 -32.82 32.30 18.24
C THR H 211 -33.66 33.57 18.41
N GLY H 212 -34.85 33.42 18.99
CA GLY H 212 -35.70 34.53 19.47
C GLY H 212 -36.63 35.09 18.40
N GLY H 213 -36.77 34.42 17.26
CA GLY H 213 -37.77 34.77 16.23
C GLY H 213 -37.23 35.74 15.19
N ASN H 214 -38.13 36.44 14.50
CA ASN H 214 -37.85 37.20 13.26
C ASN H 214 -37.87 38.72 13.50
N ALA H 215 -38.42 39.22 14.61
CA ALA H 215 -38.58 40.67 14.85
C ALA H 215 -37.21 41.35 14.83
N LEU H 216 -36.21 40.79 15.55
CA LEU H 216 -34.86 41.41 15.68
C LEU H 216 -34.21 41.62 14.30
N LYS H 217 -34.34 40.67 13.37
CA LYS H 217 -33.83 40.78 11.98
C LYS H 217 -34.34 42.06 11.31
N PHE H 218 -35.60 42.40 11.56
CA PHE H 218 -36.29 43.56 10.94
C PHE H 218 -35.80 44.87 11.56
N TYR H 219 -35.78 44.95 12.89
CA TYR H 219 -35.52 46.21 13.64
C TYR H 219 -34.03 46.58 13.63
N ALA H 220 -33.12 45.60 13.61
CA ALA H 220 -31.65 45.80 13.55
C ALA H 220 -31.26 46.70 12.37
N SER H 221 -30.37 47.68 12.60
CA SER H 221 -29.79 48.57 11.57
C SER H 221 -28.49 47.96 11.03
N VAL H 222 -27.79 47.19 11.85
CA VAL H 222 -26.57 46.41 11.45
C VAL H 222 -26.72 44.99 11.99
N ARG H 223 -26.35 44.00 11.18
CA ARG H 223 -26.25 42.57 11.59
C ARG H 223 -24.85 42.06 11.19
N LEU H 224 -24.07 41.54 12.14
CA LEU H 224 -22.69 41.04 11.93
C LEU H 224 -22.62 39.53 12.18
N ASP H 225 -22.03 38.79 11.24
CA ASP H 225 -21.74 37.35 11.33
C ASP H 225 -20.24 37.18 11.60
N ILE H 226 -19.87 36.70 12.78
CA ILE H 226 -18.43 36.55 13.16
C ILE H 226 -18.07 35.06 13.20
N ARG H 227 -16.89 34.68 12.71
CA ARG H 227 -16.42 33.27 12.62
C ARG H 227 -14.91 33.17 12.87
N ARG H 228 -14.50 32.11 13.55
CA ARG H 228 -13.08 31.74 13.77
C ARG H 228 -12.60 30.91 12.57
N ILE H 229 -11.71 31.48 11.75
CA ILE H 229 -11.25 30.87 10.46
C ILE H 229 -9.84 30.29 10.59
N GLY H 230 -9.24 30.28 11.79
CA GLY H 230 -7.87 29.75 11.96
C GLY H 230 -7.26 30.09 13.31
N ALA H 231 -6.11 29.46 13.61
CA ALA H 231 -5.29 29.67 14.82
C ALA H 231 -4.11 30.63 14.52
N VAL H 232 -3.67 31.35 15.54
CA VAL H 232 -2.43 32.21 15.55
C VAL H 232 -1.42 31.50 16.46
N LYS H 233 -0.27 31.11 15.93
CA LYS H 233 0.72 30.27 16.64
C LYS H 233 2.05 31.01 16.82
N GLU H 234 2.69 30.81 17.99
CA GLU H 234 4.10 31.14 18.29
C GLU H 234 4.89 29.83 18.43
N GLY H 235 5.21 29.20 17.29
CA GLY H 235 5.84 27.88 17.19
C GLY H 235 4.81 26.76 17.21
N GLU H 236 4.47 26.24 18.39
CA GLU H 236 3.42 25.21 18.62
C GLU H 236 2.33 25.73 19.56
N ASN H 237 2.66 26.66 20.47
CA ASN H 237 1.69 27.39 21.34
C ASN H 237 0.66 28.12 20.47
N VAL H 238 -0.63 27.82 20.66
CA VAL H 238 -1.77 28.61 20.12
C VAL H 238 -1.93 29.83 21.04
N VAL H 239 -1.78 31.04 20.51
CA VAL H 239 -1.70 32.31 21.29
C VAL H 239 -2.93 33.19 21.00
N GLY H 240 -3.72 32.87 19.96
CA GLY H 240 -4.92 33.63 19.58
C GLY H 240 -5.67 33.00 18.42
N SER H 241 -6.59 33.74 17.82
CA SER H 241 -7.57 33.26 16.82
C SER H 241 -7.61 34.22 15.62
N GLU H 242 -7.51 33.68 14.41
CA GLU H 242 -7.83 34.40 13.15
C GLU H 242 -9.36 34.46 13.01
N THR H 243 -9.90 35.66 12.75
CA THR H 243 -11.34 36.00 12.84
C THR H 243 -11.79 36.65 11.52
N ARG H 244 -12.98 36.31 11.02
CA ARG H 244 -13.63 37.00 9.88
C ARG H 244 -15.00 37.51 10.33
N VAL H 245 -15.31 38.77 10.03
CA VAL H 245 -16.65 39.40 10.27
C VAL H 245 -17.26 39.78 8.92
N LYS H 246 -18.47 39.31 8.64
CA LYS H 246 -19.29 39.68 7.44
C LYS H 246 -20.40 40.63 7.87
N VAL H 247 -20.54 41.77 7.19
CA VAL H 247 -21.69 42.70 7.40
C VAL H 247 -22.86 42.17 6.54
N VAL H 248 -23.73 41.38 7.15
CA VAL H 248 -24.89 40.70 6.52
C VAL H 248 -26.04 41.70 6.27
N LYS H 249 -26.17 42.73 7.10
CA LYS H 249 -27.20 43.79 6.92
C LYS H 249 -26.62 45.13 7.34
N ASN H 250 -26.84 46.16 6.53
CA ASN H 250 -26.40 47.55 6.80
C ASN H 250 -27.46 48.50 6.28
N LYS H 251 -27.91 49.44 7.12
CA LYS H 251 -28.92 50.48 6.78
C LYS H 251 -28.28 51.88 6.73
N ILE H 252 -26.98 52.00 7.03
CA ILE H 252 -26.26 53.32 7.11
C ILE H 252 -25.19 53.41 6.00
N ALA H 253 -25.04 52.37 5.17
CA ALA H 253 -23.99 52.20 4.14
C ALA H 253 -24.21 50.87 3.40
N ALA H 254 -23.40 50.56 2.39
CA ALA H 254 -23.54 49.35 1.54
C ALA H 254 -23.13 48.12 2.33
N PRO H 255 -23.91 47.01 2.29
CA PRO H 255 -23.54 45.77 3.00
C PRO H 255 -22.62 44.81 2.22
N PHE H 256 -22.40 43.64 2.80
CA PHE H 256 -21.75 42.43 2.20
C PHE H 256 -20.22 42.60 2.10
N LYS H 257 -19.68 43.64 2.74
CA LYS H 257 -18.21 43.81 2.92
C LYS H 257 -17.79 42.96 4.12
N GLN H 258 -16.53 42.55 4.16
CA GLN H 258 -15.99 41.70 5.23
C GLN H 258 -14.71 42.33 5.80
N ALA H 259 -14.30 41.86 6.97
CA ALA H 259 -13.13 42.34 7.74
C ALA H 259 -12.43 41.12 8.34
N GLU H 260 -11.10 41.14 8.34
CA GLU H 260 -10.25 40.03 8.85
C GLU H 260 -9.28 40.62 9.88
N PHE H 261 -9.12 39.94 11.02
CA PHE H 261 -8.24 40.40 12.12
C PHE H 261 -7.94 39.25 13.08
N GLN H 262 -6.98 39.49 13.96
CA GLN H 262 -6.49 38.54 14.98
C GLN H 262 -7.08 38.94 16.33
N ILE H 263 -7.54 37.97 17.12
CA ILE H 263 -7.86 38.14 18.58
C ILE H 263 -6.78 37.37 19.35
N LEU H 264 -6.00 38.08 20.16
CA LEU H 264 -4.88 37.49 20.97
C LEU H 264 -5.34 37.34 22.42
N TYR H 265 -5.31 36.13 22.95
CA TYR H 265 -5.85 35.78 24.30
C TYR H 265 -5.15 36.66 25.35
N GLY H 266 -5.92 37.47 26.07
CA GLY H 266 -5.42 38.41 27.09
C GLY H 266 -5.46 39.86 26.62
N GLU H 267 -5.04 40.12 25.38
CA GLU H 267 -4.90 41.49 24.81
C GLU H 267 -6.21 41.93 24.14
N GLY H 268 -6.84 41.03 23.38
CA GLY H 268 -8.01 41.31 22.55
C GLY H 268 -7.63 41.50 21.09
N ILE H 269 -8.21 42.48 20.41
CA ILE H 269 -8.00 42.71 18.94
C ILE H 269 -6.60 43.31 18.74
N ASN H 270 -5.83 42.73 17.82
CA ASN H 270 -4.46 43.16 17.41
C ASN H 270 -4.59 44.34 16.44
N PHE H 271 -4.53 45.57 16.96
CA PHE H 271 -4.69 46.84 16.21
C PHE H 271 -3.56 47.01 15.18
N TYR H 272 -2.31 46.91 15.63
CA TYR H 272 -1.08 47.09 14.81
C TYR H 272 -1.03 46.04 13.68
N GLY H 273 -1.51 44.82 13.92
CA GLY H 273 -1.67 43.77 12.91
C GLY H 273 -2.53 44.23 11.74
N GLU H 274 -3.64 44.92 12.01
CA GLU H 274 -4.53 45.51 10.96
C GLU H 274 -3.78 46.62 10.22
N LEU H 275 -3.08 47.48 10.97
CA LEU H 275 -2.35 48.67 10.46
C LEU H 275 -1.33 48.26 9.39
N VAL H 276 -0.61 47.16 9.60
CA VAL H 276 0.32 46.55 8.59
C VAL H 276 -0.49 46.18 7.35
N ASP H 277 -1.47 45.28 7.49
CA ASP H 277 -2.28 44.69 6.39
C ASP H 277 -2.94 45.79 5.54
N LEU H 278 -3.40 46.88 6.19
CA LEU H 278 -4.02 48.04 5.49
C LEU H 278 -2.93 48.89 4.82
N GLY H 279 -1.78 49.10 5.50
CA GLY H 279 -0.60 49.81 4.98
C GLY H 279 -0.04 49.14 3.72
N VAL H 280 0.04 47.80 3.72
CA VAL H 280 0.47 46.95 2.57
C VAL H 280 -0.50 47.18 1.40
N LYS H 281 -1.81 47.18 1.67
CA LYS H 281 -2.90 47.27 0.67
C LYS H 281 -2.88 48.65 -0.02
N GLU H 282 -2.51 49.71 0.70
CA GLU H 282 -2.54 51.12 0.22
C GLU H 282 -1.14 51.60 -0.22
N LYS H 283 -0.18 50.68 -0.40
CA LYS H 283 1.18 50.94 -0.96
C LYS H 283 1.97 51.92 -0.08
N LEU H 284 1.70 51.96 1.24
CA LEU H 284 2.48 52.76 2.21
C LEU H 284 3.58 51.90 2.82
N ILE H 285 3.34 50.58 2.92
CA ILE H 285 4.34 49.55 3.34
C ILE H 285 4.60 48.63 2.15
N GLU H 286 5.88 48.38 1.80
CA GLU H 286 6.30 47.50 0.68
C GLU H 286 6.65 46.11 1.25
N LYS H 287 6.14 45.05 0.62
CA LYS H 287 6.33 43.64 1.02
C LYS H 287 7.16 42.91 -0.05
N ALA H 288 8.42 42.56 0.28
CA ALA H 288 9.37 41.83 -0.59
C ALA H 288 9.44 40.37 -0.16
N GLY H 289 8.39 39.60 -0.45
CA GLY H 289 8.25 38.18 -0.08
C GLY H 289 7.74 38.03 1.35
N ALA H 290 8.68 37.91 2.31
CA ALA H 290 8.42 37.93 3.77
C ALA H 290 9.29 39.00 4.44
N TRP H 291 9.61 40.08 3.71
CA TRP H 291 10.36 41.28 4.19
C TRP H 291 9.45 42.51 4.07
N TYR H 292 9.08 43.12 5.20
CA TYR H 292 8.32 44.40 5.27
C TYR H 292 9.30 45.56 5.43
N SER H 293 9.09 46.65 4.70
CA SER H 293 9.92 47.89 4.71
C SER H 293 9.03 49.13 4.59
N TYR H 294 9.36 50.20 5.32
CA TYR H 294 8.69 51.52 5.28
C TYR H 294 9.69 52.59 4.82
N LYS H 295 9.46 53.19 3.64
CA LYS H 295 10.28 54.28 3.03
C LYS H 295 11.72 53.78 2.79
N GLY H 296 11.89 52.48 2.50
CA GLY H 296 13.21 51.82 2.31
C GLY H 296 13.72 51.19 3.60
N GLU H 297 13.58 51.90 4.73
CA GLU H 297 13.95 51.44 6.10
C GLU H 297 13.26 50.09 6.39
N LYS H 298 14.04 49.01 6.51
CA LYS H 298 13.55 47.62 6.69
C LYS H 298 13.04 47.44 8.12
N ILE H 299 11.74 47.16 8.28
CA ILE H 299 11.03 47.19 9.60
C ILE H 299 11.08 45.80 10.25
N GLY H 300 10.97 44.71 9.48
CA GLY H 300 11.03 43.34 10.04
C GLY H 300 10.98 42.24 8.99
N GLN H 301 11.08 40.98 9.44
CA GLN H 301 10.99 39.74 8.63
C GLN H 301 9.78 38.93 9.12
N GLY H 302 8.71 38.89 8.31
CA GLY H 302 7.41 38.30 8.69
C GLY H 302 6.49 39.34 9.32
N LYS H 303 5.19 39.04 9.40
CA LYS H 303 4.13 39.97 9.84
C LYS H 303 4.26 40.25 11.35
N ALA H 304 4.58 39.22 12.15
CA ALA H 304 4.71 39.30 13.63
C ALA H 304 5.84 40.26 14.02
N ASN H 305 6.99 40.18 13.34
CA ASN H 305 8.18 41.05 13.57
C ASN H 305 7.89 42.47 13.09
N ALA H 306 7.20 42.60 11.94
CA ALA H 306 6.77 43.89 11.35
C ALA H 306 5.81 44.62 12.30
N THR H 307 4.89 43.86 12.92
CA THR H 307 3.90 44.36 13.93
C THR H 307 4.66 44.78 15.20
N ALA H 308 5.64 43.97 15.62
CA ALA H 308 6.50 44.22 16.81
C ALA H 308 7.32 45.51 16.61
N TRP H 309 7.76 45.78 15.37
CA TRP H 309 8.51 47.02 15.01
C TRP H 309 7.60 48.25 15.17
N LEU H 310 6.37 48.20 14.63
CA LEU H 310 5.37 49.30 14.72
C LEU H 310 5.02 49.59 16.19
N LYS H 311 5.16 48.59 17.07
CA LYS H 311 4.89 48.73 18.53
C LYS H 311 5.96 49.61 19.18
N ASP H 312 7.23 49.46 18.78
CA ASP H 312 8.39 50.21 19.36
C ASP H 312 8.66 51.51 18.56
N ASN H 313 7.78 51.88 17.61
CA ASN H 313 7.84 53.18 16.88
C ASN H 313 6.45 53.83 16.91
N PRO H 314 6.05 54.46 18.06
CA PRO H 314 4.74 55.11 18.16
C PRO H 314 4.47 56.25 17.17
N GLU H 315 5.52 56.95 16.71
CA GLU H 315 5.41 58.10 15.78
C GLU H 315 5.10 57.59 14.36
N THR H 316 5.81 56.54 13.93
CA THR H 316 5.69 55.92 12.58
C THR H 316 4.32 55.26 12.42
N ALA H 317 3.80 54.62 13.48
CA ALA H 317 2.48 53.96 13.53
C ALA H 317 1.36 55.02 13.46
N LYS H 318 1.52 56.13 14.17
CA LYS H 318 0.56 57.28 14.17
C LYS H 318 0.48 57.91 12.78
N GLU H 319 1.62 58.01 12.08
CA GLU H 319 1.74 58.55 10.71
C GLU H 319 0.92 57.67 9.74
N ILE H 320 1.15 56.35 9.76
CA ILE H 320 0.50 55.37 8.85
C ILE H 320 -1.00 55.33 9.14
N GLU H 321 -1.39 55.29 10.43
CA GLU H 321 -2.81 55.31 10.87
C GLU H 321 -3.52 56.50 10.25
N LYS H 322 -2.94 57.70 10.42
CA LYS H 322 -3.49 59.01 9.95
C LYS H 322 -3.77 58.96 8.44
N LYS H 323 -2.86 58.35 7.65
CA LYS H 323 -2.96 58.28 6.16
C LYS H 323 -4.01 57.24 5.74
N VAL H 324 -3.94 56.01 6.30
CA VAL H 324 -4.90 54.90 6.06
C VAL H 324 -6.32 55.39 6.39
N ARG H 325 -6.48 56.13 7.49
CA ARG H 325 -7.76 56.77 7.90
C ARG H 325 -8.21 57.74 6.80
N GLU H 326 -7.35 58.69 6.41
CA GLU H 326 -7.63 59.73 5.37
C GLU H 326 -8.14 59.07 4.08
N LEU H 327 -7.46 58.03 3.61
CA LEU H 327 -7.68 57.36 2.30
C LEU H 327 -9.02 56.61 2.27
N LEU H 328 -9.20 55.65 3.18
CA LEU H 328 -10.24 54.58 3.09
C LEU H 328 -11.54 54.97 3.78
N LEU H 329 -11.52 55.94 4.72
CA LEU H 329 -12.75 56.50 5.33
C LEU H 329 -13.53 57.27 4.26
N SER H 330 -14.80 56.90 4.04
CA SER H 330 -15.69 57.43 2.97
C SER H 330 -15.95 58.94 3.18
N ASN H 331 -16.41 59.31 4.38
CA ASN H 331 -16.70 60.71 4.79
C ASN H 331 -16.10 60.97 6.17
N PRO H 332 -14.79 61.32 6.27
CA PRO H 332 -14.16 61.61 7.57
C PRO H 332 -14.76 62.86 8.23
N ASN H 333 -15.34 62.69 9.42
CA ASN H 333 -16.03 63.75 10.20
C ASN H 333 -15.16 64.15 11.41
N SER H 334 -14.65 65.39 11.42
CA SER H 334 -13.84 65.98 12.53
C SER H 334 -14.04 67.51 12.55
N SER I 35 -65.12 62.46 -10.34
CA SER I 35 -64.31 62.23 -9.09
C SER I 35 -63.87 60.76 -8.98
N MET I 36 -64.74 59.80 -9.36
CA MET I 36 -64.48 58.34 -9.27
C MET I 36 -63.63 57.83 -10.46
N ASP I 37 -63.27 58.70 -11.42
CA ASP I 37 -62.27 58.38 -12.48
C ASP I 37 -60.87 58.31 -11.84
N VAL I 38 -60.15 57.21 -12.06
CA VAL I 38 -58.90 56.85 -11.31
C VAL I 38 -57.69 57.61 -11.88
N GLU I 39 -56.85 58.13 -10.98
CA GLU I 39 -55.57 58.83 -11.25
C GLU I 39 -54.42 57.99 -10.65
N THR I 40 -53.35 57.77 -11.41
CA THR I 40 -52.17 56.94 -11.02
C THR I 40 -50.89 57.78 -11.03
N ILE I 41 -49.92 57.42 -10.17
CA ILE I 41 -48.54 57.98 -10.12
C ILE I 41 -47.54 56.82 -10.26
N SER I 42 -46.41 57.07 -10.95
CA SER I 42 -45.39 56.06 -11.31
C SER I 42 -44.69 55.52 -10.05
N THR I 43 -44.35 54.22 -10.06
CA THR I 43 -43.67 53.52 -8.94
C THR I 43 -42.15 53.73 -9.00
N GLY I 44 -41.63 54.27 -10.12
CA GLY I 44 -40.20 54.41 -10.40
C GLY I 44 -39.70 53.30 -11.32
N SER I 45 -40.15 52.07 -11.08
CA SER I 45 -39.89 50.87 -11.93
C SER I 45 -40.94 50.79 -13.04
N LEU I 46 -40.51 50.64 -14.30
CA LEU I 46 -41.41 50.47 -15.49
C LEU I 46 -42.00 49.06 -15.48
N SER I 47 -41.20 48.04 -15.14
CA SER I 47 -41.60 46.61 -15.07
C SER I 47 -42.78 46.42 -14.10
N LEU I 48 -42.82 47.16 -13.00
CA LEU I 48 -43.92 47.11 -11.99
C LEU I 48 -45.14 47.92 -12.47
N ASP I 49 -44.92 49.04 -13.18
CA ASP I 49 -46.00 49.90 -13.74
C ASP I 49 -46.86 49.08 -14.73
N ILE I 50 -46.24 48.18 -15.50
CA ILE I 50 -46.95 47.25 -16.44
C ILE I 50 -47.69 46.18 -15.63
N ALA I 51 -47.08 45.65 -14.57
CA ALA I 51 -47.60 44.54 -13.71
C ALA I 51 -48.90 44.94 -13.03
N LEU I 52 -49.05 46.22 -12.65
CA LEU I 52 -50.29 46.77 -12.02
C LEU I 52 -51.40 46.90 -13.07
N GLY I 53 -51.06 47.27 -14.31
CA GLY I 53 -51.98 47.32 -15.46
C GLY I 53 -52.41 48.76 -15.79
N ALA I 54 -52.76 49.55 -14.77
CA ALA I 54 -53.26 50.93 -14.90
C ALA I 54 -52.12 51.94 -15.08
N GLY I 55 -50.86 51.51 -14.87
CA GLY I 55 -49.65 52.33 -15.07
C GLY I 55 -49.25 53.09 -13.82
N GLY I 56 -49.49 52.52 -12.64
CA GLY I 56 -49.06 53.08 -11.33
C GLY I 56 -50.02 52.75 -10.20
N LEU I 57 -49.75 53.31 -9.01
CA LEU I 57 -50.57 53.14 -7.78
C LEU I 57 -51.69 54.18 -7.79
N PRO I 58 -52.96 53.81 -7.50
CA PRO I 58 -54.09 54.74 -7.61
C PRO I 58 -54.14 55.77 -6.47
N MET I 59 -54.29 57.06 -6.81
CA MET I 59 -54.39 58.18 -5.83
C MET I 59 -55.78 58.17 -5.19
N GLY I 60 -55.84 58.53 -3.89
CA GLY I 60 -57.06 58.52 -3.07
C GLY I 60 -57.40 57.13 -2.53
N ARG I 61 -56.43 56.20 -2.56
CA ARG I 61 -56.60 54.78 -2.12
C ARG I 61 -55.56 54.46 -1.03
N ILE I 62 -55.67 53.26 -0.44
CA ILE I 62 -54.73 52.68 0.55
C ILE I 62 -53.98 51.54 -0.12
N VAL I 63 -52.64 51.52 0.00
CA VAL I 63 -51.73 50.48 -0.59
C VAL I 63 -50.95 49.82 0.56
N GLU I 64 -50.73 48.51 0.45
CA GLU I 64 -49.94 47.69 1.40
C GLU I 64 -48.72 47.14 0.65
N ILE I 65 -47.52 47.24 1.24
CA ILE I 65 -46.23 46.73 0.67
C ILE I 65 -45.52 45.92 1.75
N TYR I 66 -45.64 44.58 1.71
CA TYR I 66 -45.03 43.65 2.69
C TYR I 66 -43.89 42.85 2.03
N GLY I 67 -43.11 42.14 2.84
CA GLY I 67 -41.98 41.30 2.40
C GLY I 67 -41.08 40.88 3.56
N PRO I 68 -40.05 40.04 3.29
CA PRO I 68 -39.07 39.68 4.31
C PRO I 68 -38.00 40.76 4.53
N GLU I 69 -37.05 40.48 5.42
CA GLU I 69 -35.92 41.34 5.82
C GLU I 69 -35.07 41.70 4.59
N SER I 70 -34.81 43.00 4.38
CA SER I 70 -33.86 43.58 3.38
C SER I 70 -34.31 43.27 1.94
N SER I 71 -35.63 43.23 1.69
CA SER I 71 -36.24 42.91 0.38
C SER I 71 -36.26 44.15 -0.55
N GLY I 72 -36.28 45.35 0.04
CA GLY I 72 -36.25 46.65 -0.67
C GLY I 72 -37.57 47.41 -0.54
N LYS I 73 -38.22 47.34 0.62
CA LYS I 73 -39.55 47.97 0.89
C LYS I 73 -39.38 49.49 0.98
N THR I 74 -38.48 49.97 1.85
CA THR I 74 -38.17 51.42 2.09
C THR I 74 -37.65 52.07 0.80
N THR I 75 -36.72 51.40 0.10
CA THR I 75 -36.09 51.88 -1.17
C THR I 75 -37.17 52.11 -2.23
N LEU I 76 -38.16 51.20 -2.33
CA LEU I 76 -39.25 51.27 -3.34
C LEU I 76 -40.17 52.47 -3.05
N THR I 77 -40.48 52.74 -1.77
CA THR I 77 -41.40 53.84 -1.33
C THR I 77 -40.71 55.20 -1.45
N LEU I 78 -39.38 55.28 -1.31
CA LEU I 78 -38.58 56.52 -1.51
C LEU I 78 -38.44 56.80 -3.02
N GLN I 79 -38.41 55.74 -3.85
CA GLN I 79 -38.46 55.82 -5.34
C GLN I 79 -39.80 56.44 -5.79
N VAL I 80 -40.92 56.06 -5.14
CA VAL I 80 -42.29 56.59 -5.41
C VAL I 80 -42.33 58.08 -5.05
N ILE I 81 -41.91 58.43 -3.83
CA ILE I 81 -41.86 59.83 -3.30
C ILE I 81 -41.02 60.70 -4.24
N ALA I 82 -39.86 60.19 -4.70
CA ALA I 82 -38.93 60.88 -5.63
C ALA I 82 -39.65 61.18 -6.95
N ALA I 83 -40.22 60.15 -7.57
CA ALA I 83 -40.96 60.21 -8.86
C ALA I 83 -42.16 61.15 -8.75
N ALA I 84 -42.82 61.19 -7.58
CA ALA I 84 -44.03 62.00 -7.30
C ALA I 84 -43.68 63.49 -7.17
N GLN I 85 -42.64 63.83 -6.38
CA GLN I 85 -42.26 65.24 -6.07
C GLN I 85 -41.44 65.85 -7.22
N ARG I 86 -41.13 65.07 -8.26
CA ARG I 86 -40.62 65.58 -9.58
C ARG I 86 -41.78 66.13 -10.42
N GLU I 87 -43.03 65.77 -10.10
CA GLU I 87 -44.27 66.19 -10.81
C GLU I 87 -44.95 67.35 -10.07
N GLY I 88 -44.23 68.02 -9.14
CA GLY I 88 -44.74 69.17 -8.36
C GLY I 88 -45.73 68.76 -7.29
N LYS I 89 -45.48 67.63 -6.59
CA LYS I 89 -46.32 67.09 -5.49
C LYS I 89 -45.57 67.21 -4.15
N THR I 90 -46.31 67.38 -3.06
CA THR I 90 -45.83 67.34 -1.66
C THR I 90 -45.98 65.90 -1.13
N CYS I 91 -45.01 65.41 -0.36
CA CYS I 91 -44.98 64.04 0.21
C CYS I 91 -44.62 64.08 1.71
N ALA I 92 -45.09 63.09 2.47
CA ALA I 92 -44.80 62.89 3.91
C ALA I 92 -44.24 61.47 4.13
N PHE I 93 -43.39 61.31 5.16
CA PHE I 93 -42.82 60.02 5.61
C PHE I 93 -42.98 59.92 7.13
N ILE I 94 -43.82 58.99 7.61
CA ILE I 94 -44.03 58.69 9.06
C ILE I 94 -43.16 57.48 9.43
N ASP I 95 -41.97 57.73 10.00
CA ASP I 95 -40.94 56.70 10.31
C ASP I 95 -41.17 56.19 11.75
N ALA I 96 -42.04 55.19 11.90
CA ALA I 96 -42.33 54.49 13.17
C ALA I 96 -41.23 53.46 13.47
N GLU I 97 -40.45 53.04 12.46
CA GLU I 97 -39.32 52.07 12.57
C GLU I 97 -38.12 52.74 13.26
N HIS I 98 -37.99 54.07 13.14
CA HIS I 98 -36.87 54.91 13.67
C HIS I 98 -35.57 54.50 12.98
N ALA I 99 -35.55 54.49 11.63
CA ALA I 99 -34.45 53.97 10.81
C ALA I 99 -34.51 54.53 9.36
N LEU I 100 -34.70 55.84 9.21
CA LEU I 100 -34.60 56.55 7.90
C LEU I 100 -33.32 57.38 7.88
N ASP I 101 -32.48 57.18 6.84
CA ASP I 101 -31.22 57.93 6.61
C ASP I 101 -31.49 59.02 5.57
N PRO I 102 -31.40 60.33 5.93
CA PRO I 102 -31.64 61.41 4.96
C PRO I 102 -30.63 61.49 3.81
N ILE I 103 -29.41 60.97 3.99
CA ILE I 103 -28.32 60.97 2.97
C ILE I 103 -28.69 59.96 1.87
N TYR I 104 -29.13 58.75 2.24
CA TYR I 104 -29.55 57.68 1.28
C TYR I 104 -30.77 58.16 0.48
N ALA I 105 -31.75 58.78 1.15
CA ALA I 105 -32.95 59.39 0.53
C ALA I 105 -32.54 60.33 -0.61
N ARG I 106 -31.53 61.18 -0.39
CA ARG I 106 -30.99 62.15 -1.39
C ARG I 106 -30.29 61.40 -2.54
N LYS I 107 -29.57 60.31 -2.23
CA LYS I 107 -28.86 59.47 -3.24
C LYS I 107 -29.86 58.81 -4.20
N LEU I 108 -31.05 58.41 -3.71
CA LEU I 108 -32.15 57.80 -4.52
C LEU I 108 -32.84 58.87 -5.37
N GLY I 109 -32.76 60.15 -4.97
CA GLY I 109 -33.27 61.32 -5.71
C GLY I 109 -34.45 62.01 -5.03
N VAL I 110 -34.60 61.85 -3.70
CA VAL I 110 -35.64 62.51 -2.87
C VAL I 110 -35.14 63.92 -2.53
N ASP I 111 -35.95 64.96 -2.80
CA ASP I 111 -35.68 66.37 -2.39
C ASP I 111 -36.02 66.49 -0.90
N ILE I 112 -35.02 66.27 -0.03
CA ILE I 112 -35.17 66.18 1.46
C ILE I 112 -35.46 67.56 2.07
N ASP I 113 -35.17 68.66 1.35
CA ASP I 113 -35.41 70.05 1.83
C ASP I 113 -36.92 70.32 1.96
N ASN I 114 -37.77 69.68 1.14
CA ASN I 114 -39.25 69.83 1.19
C ASN I 114 -39.93 68.44 1.19
N LEU I 115 -39.28 67.43 1.80
CA LEU I 115 -39.90 66.12 2.15
C LEU I 115 -40.26 66.15 3.63
N LEU I 116 -41.56 66.08 3.96
CA LEU I 116 -42.08 66.16 5.35
C LEU I 116 -41.79 64.82 6.05
N CYS I 117 -41.17 64.87 7.23
CA CYS I 117 -40.84 63.67 8.06
C CYS I 117 -41.36 63.85 9.50
N SER I 118 -42.00 62.81 10.02
CA SER I 118 -42.46 62.69 11.43
C SER I 118 -41.84 61.44 12.06
N GLN I 119 -41.54 61.49 13.36
CA GLN I 119 -41.02 60.35 14.16
C GLN I 119 -41.90 60.20 15.40
N PRO I 120 -43.08 59.54 15.28
CA PRO I 120 -44.05 59.48 16.38
C PRO I 120 -43.65 58.51 17.49
N ASP I 121 -44.10 58.80 18.72
CA ASP I 121 -43.77 58.05 19.96
C ASP I 121 -44.71 56.85 20.14
N THR I 122 -45.99 57.03 19.77
CA THR I 122 -47.08 56.01 19.92
C THR I 122 -47.68 55.70 18.54
N GLY I 123 -48.43 54.59 18.45
CA GLY I 123 -49.16 54.16 17.24
C GLY I 123 -50.32 55.08 16.91
N GLU I 124 -50.95 55.67 17.94
CA GLU I 124 -52.13 56.58 17.82
C GLU I 124 -51.71 57.93 17.20
N GLN I 125 -50.58 58.49 17.66
CA GLN I 125 -49.96 59.73 17.10
C GLN I 125 -49.77 59.61 15.59
N ALA I 126 -49.20 58.49 15.14
CA ALA I 126 -48.85 58.19 13.74
C ALA I 126 -50.09 58.25 12.84
N LEU I 127 -51.23 57.71 13.32
CA LEU I 127 -52.50 57.59 12.55
C LEU I 127 -53.30 58.91 12.63
N GLU I 128 -53.19 59.67 13.71
CA GLU I 128 -53.83 61.01 13.86
C GLU I 128 -53.11 62.04 12.98
N ILE I 129 -51.79 61.93 12.83
CA ILE I 129 -50.95 62.77 11.91
C ILE I 129 -51.34 62.44 10.45
N CYS I 130 -51.53 61.15 10.14
CA CYS I 130 -51.94 60.64 8.79
C CYS I 130 -53.31 61.22 8.39
N ASP I 131 -54.25 61.30 9.34
CA ASP I 131 -55.63 61.82 9.13
C ASP I 131 -55.60 63.34 8.97
N ALA I 132 -54.83 64.04 9.83
CA ALA I 132 -54.68 65.52 9.85
C ALA I 132 -54.05 66.02 8.54
N LEU I 133 -53.05 65.30 8.02
CA LEU I 133 -52.39 65.60 6.72
C LEU I 133 -53.35 65.32 5.55
N ALA I 134 -54.15 64.25 5.64
CA ALA I 134 -55.14 63.83 4.61
C ALA I 134 -56.28 64.85 4.51
N ARG I 135 -56.83 65.29 5.66
CA ARG I 135 -57.94 66.27 5.75
C ARG I 135 -57.54 67.61 5.12
N SER I 136 -56.31 68.07 5.38
CA SER I 136 -55.76 69.40 4.95
C SER I 136 -55.89 69.57 3.43
N GLY I 137 -55.70 68.49 2.66
CA GLY I 137 -55.77 68.51 1.18
C GLY I 137 -54.57 69.17 0.57
N ALA I 138 -53.41 69.11 1.25
CA ALA I 138 -52.13 69.76 0.86
C ALA I 138 -51.11 68.71 0.37
N VAL I 139 -50.98 67.59 1.07
CA VAL I 139 -50.05 66.47 0.71
C VAL I 139 -50.76 65.53 -0.26
N ASP I 140 -50.00 64.93 -1.19
CA ASP I 140 -50.49 64.00 -2.25
C ASP I 140 -50.09 62.55 -1.93
N VAL I 141 -48.95 62.33 -1.25
CA VAL I 141 -48.42 60.97 -0.90
C VAL I 141 -48.03 60.97 0.58
N ILE I 142 -48.43 59.93 1.32
CA ILE I 142 -48.01 59.63 2.73
C ILE I 142 -47.48 58.19 2.75
N VAL I 143 -46.40 57.94 3.51
CA VAL I 143 -45.77 56.60 3.68
C VAL I 143 -45.57 56.35 5.18
N VAL I 144 -46.18 55.27 5.71
CA VAL I 144 -45.98 54.78 7.11
C VAL I 144 -45.04 53.57 7.07
N ASP I 145 -43.79 53.75 7.52
CA ASP I 145 -42.77 52.67 7.57
C ASP I 145 -43.04 51.79 8.79
N SER I 146 -43.20 50.48 8.57
CA SER I 146 -43.49 49.41 9.56
C SER I 146 -44.80 49.70 10.31
N VAL I 147 -45.87 48.99 9.93
CA VAL I 147 -47.15 48.86 10.69
C VAL I 147 -46.88 48.04 11.97
N ALA I 148 -45.87 47.16 11.94
CA ALA I 148 -45.42 46.32 13.07
C ALA I 148 -44.98 47.16 14.28
N ALA I 149 -44.44 48.36 14.05
CA ALA I 149 -43.83 49.25 15.07
C ALA I 149 -44.85 50.28 15.62
N LEU I 150 -46.11 50.27 15.15
CA LEU I 150 -47.19 51.13 15.67
C LEU I 150 -47.72 50.54 16.98
N THR I 151 -47.08 50.89 18.10
CA THR I 151 -47.35 50.37 19.46
C THR I 151 -48.47 51.21 20.09
N PRO I 152 -49.58 50.61 20.57
CA PRO I 152 -50.60 51.35 21.33
C PRO I 152 -50.03 52.01 22.60
N LYS I 153 -50.65 53.12 23.03
CA LYS I 153 -50.26 53.93 24.22
C LYS I 153 -50.19 53.04 25.47
N ALA I 154 -51.21 52.20 25.68
CA ALA I 154 -51.36 51.30 26.85
C ALA I 154 -50.18 50.33 26.98
N GLU I 155 -49.65 49.84 25.85
CA GLU I 155 -48.53 48.87 25.80
C GLU I 155 -47.19 49.57 26.09
N ILE I 156 -47.04 50.85 25.71
CA ILE I 156 -45.80 51.66 25.89
C ILE I 156 -45.60 51.98 27.37
N GLU I 157 -46.64 52.48 28.06
CA GLU I 157 -46.58 52.83 29.51
C GLU I 157 -46.81 51.59 30.39
N GLY I 158 -47.16 50.44 29.78
CA GLY I 158 -47.19 49.13 30.46
C GLY I 158 -45.80 48.53 30.63
N GLU I 159 -45.71 47.25 30.98
CA GLU I 159 -44.44 46.49 31.15
C GLU I 159 -44.28 45.47 30.00
N ILE I 160 -43.04 45.07 29.72
CA ILE I 160 -42.69 43.95 28.79
C ILE I 160 -43.07 42.63 29.50
N GLY I 161 -44.01 41.87 28.93
CA GLY I 161 -44.61 40.66 29.52
C GLY I 161 -46.12 40.78 29.66
N ASP I 162 -46.64 42.00 29.85
CA ASP I 162 -48.10 42.30 29.94
C ASP I 162 -48.77 41.97 28.59
N SER I 163 -50.01 41.46 28.65
CA SER I 163 -50.80 40.98 27.49
C SER I 163 -51.78 42.06 27.03
N HIS I 164 -51.72 42.43 25.74
CA HIS I 164 -52.66 43.38 25.05
C HIS I 164 -53.17 42.73 23.76
N MET I 165 -54.01 41.70 23.90
CA MET I 165 -54.54 40.87 22.78
C MET I 165 -55.43 41.73 21.87
N GLY I 166 -54.97 41.98 20.63
CA GLY I 166 -55.77 42.55 19.54
C GLY I 166 -55.91 44.07 19.59
N LEU I 167 -55.23 44.75 20.52
CA LEU I 167 -55.31 46.24 20.67
C LEU I 167 -54.76 46.93 19.42
N ALA I 168 -53.68 46.39 18.85
CA ALA I 168 -53.06 46.86 17.58
C ALA I 168 -54.06 46.74 16.42
N ALA I 169 -54.80 45.62 16.36
CA ALA I 169 -55.78 45.30 15.29
C ALA I 169 -57.01 46.21 15.39
N ARG I 170 -57.51 46.49 16.61
CA ARG I 170 -58.66 47.41 16.86
C ARG I 170 -58.30 48.84 16.44
N MET I 171 -57.13 49.31 16.89
CA MET I 171 -56.56 50.65 16.58
C MET I 171 -56.44 50.84 15.06
N MET I 172 -56.00 49.81 14.33
CA MET I 172 -55.88 49.82 12.85
C MET I 172 -57.28 49.83 12.23
N SER I 173 -58.18 48.97 12.71
CA SER I 173 -59.60 48.84 12.23
C SER I 173 -60.34 50.17 12.38
N GLN I 174 -60.16 50.86 13.51
CA GLN I 174 -60.72 52.22 13.80
C GLN I 174 -60.16 53.24 12.81
N ALA I 175 -58.85 53.21 12.57
CA ALA I 175 -58.10 54.16 11.70
C ALA I 175 -58.52 53.99 10.24
N MET I 176 -58.70 52.75 9.76
CA MET I 176 -58.98 52.43 8.34
C MET I 176 -60.37 52.97 7.93
N ARG I 177 -61.40 52.76 8.76
CA ARG I 177 -62.80 53.22 8.48
C ARG I 177 -62.88 54.75 8.54
N LYS I 178 -62.00 55.40 9.31
CA LYS I 178 -61.96 56.88 9.47
C LYS I 178 -61.16 57.52 8.33
N LEU I 179 -60.11 56.86 7.84
CA LEU I 179 -59.16 57.39 6.83
C LEU I 179 -59.73 57.23 5.41
N ALA I 180 -60.26 56.04 5.08
CA ALA I 180 -60.68 55.61 3.72
C ALA I 180 -61.49 56.72 3.01
N GLY I 181 -62.46 57.31 3.71
CA GLY I 181 -63.33 58.40 3.20
C GLY I 181 -62.57 59.71 3.04
N ASN I 182 -61.80 60.10 4.07
CA ASN I 182 -61.01 61.37 4.12
C ASN I 182 -59.94 61.37 3.03
N LEU I 183 -59.34 60.21 2.74
CA LEU I 183 -58.27 60.05 1.72
C LEU I 183 -58.82 60.29 0.31
N LYS I 184 -60.02 59.74 0.00
CA LYS I 184 -60.59 59.73 -1.38
C LYS I 184 -60.92 61.16 -1.83
N GLN I 185 -61.63 61.95 -1.01
CA GLN I 185 -62.07 63.32 -1.38
C GLN I 185 -60.88 64.28 -1.40
N SER I 186 -59.83 63.99 -0.62
CA SER I 186 -58.53 64.72 -0.62
C SER I 186 -57.73 64.39 -1.89
N ASN I 187 -57.88 63.15 -2.40
CA ASN I 187 -57.09 62.56 -3.53
C ASN I 187 -55.65 62.34 -3.05
N THR I 188 -55.50 61.83 -1.81
CA THR I 188 -54.21 61.56 -1.12
C THR I 188 -53.96 60.04 -1.09
N LEU I 189 -52.81 59.59 -1.60
CA LEU I 189 -52.36 58.18 -1.53
C LEU I 189 -51.71 57.93 -0.16
N LEU I 190 -52.07 56.82 0.50
CA LEU I 190 -51.47 56.35 1.77
C LEU I 190 -50.87 54.96 1.54
N ILE I 191 -49.53 54.82 1.69
CA ILE I 191 -48.79 53.54 1.51
C ILE I 191 -48.35 53.04 2.90
N PHE I 192 -48.85 51.87 3.30
CA PHE I 192 -48.42 51.13 4.52
C PHE I 192 -47.35 50.11 4.14
N ILE I 193 -46.18 50.15 4.80
CA ILE I 193 -45.16 49.07 4.76
C ILE I 193 -45.44 48.13 5.93
N ASN I 194 -45.37 46.82 5.70
CA ASN I 194 -45.67 45.76 6.72
C ASN I 194 -44.50 44.76 6.75
N GLN I 195 -44.27 44.13 7.90
CA GLN I 195 -43.25 43.07 8.12
C GLN I 195 -43.95 41.71 8.19
N ILE I 196 -43.24 40.63 7.84
CA ILE I 196 -43.76 39.23 7.83
C ILE I 196 -43.47 38.59 9.20
N ARG I 197 -44.46 37.87 9.75
CA ARG I 197 -44.34 36.94 10.91
C ARG I 197 -44.88 35.57 10.48
N MET I 198 -44.67 34.52 11.29
CA MET I 198 -45.01 33.12 10.95
C MET I 198 -46.08 32.58 11.92
N LYS I 199 -47.05 31.84 11.39
CA LYS I 199 -48.14 31.16 12.16
C LYS I 199 -47.60 29.86 12.77
N ILE I 200 -47.98 29.57 14.02
CA ILE I 200 -47.56 28.36 14.78
C ILE I 200 -48.63 27.26 14.62
N GLY I 201 -48.19 26.02 14.35
CA GLY I 201 -49.05 24.82 14.24
C GLY I 201 -50.07 24.93 13.12
N VAL I 202 -49.64 25.35 11.93
CA VAL I 202 -50.46 25.36 10.68
C VAL I 202 -49.92 24.27 9.74
N MET I 203 -50.83 23.47 9.15
CA MET I 203 -50.52 22.35 8.22
C MET I 203 -50.75 22.78 6.76
N PHE I 204 -51.77 23.64 6.52
CA PHE I 204 -52.28 24.03 5.18
C PHE I 204 -51.78 25.42 4.79
N GLY I 205 -51.98 25.79 3.53
CA GLY I 205 -51.69 27.12 2.96
C GLY I 205 -50.22 27.49 3.07
N ASN I 206 -49.92 28.78 3.22
CA ASN I 206 -48.57 29.33 3.49
C ASN I 206 -48.52 29.76 4.97
N PRO I 207 -47.46 29.42 5.73
CA PRO I 207 -47.38 29.78 7.15
C PRO I 207 -47.02 31.24 7.43
N GLU I 208 -46.67 32.02 6.40
CA GLU I 208 -46.35 33.48 6.50
C GLU I 208 -47.64 34.27 6.78
N THR I 209 -47.50 35.35 7.56
CA THR I 209 -48.58 36.30 7.96
C THR I 209 -48.08 37.74 7.74
N THR I 210 -48.94 38.73 8.01
CA THR I 210 -48.58 40.16 8.22
C THR I 210 -49.13 40.62 9.58
N THR I 211 -48.52 41.66 10.14
CA THR I 211 -48.87 42.24 11.48
C THR I 211 -49.94 43.33 11.32
N GLY I 212 -50.65 43.64 12.42
CA GLY I 212 -51.61 44.75 12.52
C GLY I 212 -53.02 44.37 12.08
N GLY I 213 -53.39 43.09 12.21
CA GLY I 213 -54.76 42.58 11.96
C GLY I 213 -55.04 42.37 10.48
N ASN I 214 -56.30 42.08 10.15
CA ASN I 214 -56.78 41.78 8.76
C ASN I 214 -57.69 42.89 8.24
N ALA I 215 -57.83 44.01 8.97
CA ALA I 215 -58.59 45.21 8.53
C ALA I 215 -57.93 45.82 7.29
N LEU I 216 -56.61 46.09 7.39
CA LEU I 216 -55.76 46.64 6.29
C LEU I 216 -55.89 45.76 5.03
N LYS I 217 -55.98 44.43 5.19
CA LYS I 217 -56.10 43.42 4.09
C LYS I 217 -57.33 43.74 3.22
N PHE I 218 -58.46 44.07 3.85
CA PHE I 218 -59.76 44.38 3.18
C PHE I 218 -59.68 45.77 2.50
N TYR I 219 -59.34 46.81 3.27
CA TYR I 219 -59.36 48.23 2.84
C TYR I 219 -58.32 48.52 1.75
N ALA I 220 -57.20 47.77 1.74
CA ALA I 220 -56.08 47.94 0.77
C ALA I 220 -56.59 47.68 -0.66
N SER I 221 -56.36 48.62 -1.57
CA SER I 221 -56.70 48.53 -3.02
C SER I 221 -55.69 47.61 -3.71
N VAL I 222 -54.40 47.94 -3.59
CA VAL I 222 -53.24 47.16 -4.13
C VAL I 222 -52.48 46.54 -2.95
N ARG I 223 -51.88 45.37 -3.16
CA ARG I 223 -50.99 44.69 -2.17
C ARG I 223 -49.79 44.09 -2.92
N LEU I 224 -48.58 44.62 -2.68
CA LEU I 224 -47.29 44.12 -3.28
C LEU I 224 -46.60 43.20 -2.27
N ASP I 225 -45.87 42.19 -2.78
CA ASP I 225 -45.05 41.22 -2.01
C ASP I 225 -43.65 41.18 -2.61
N ILE I 226 -42.72 41.97 -2.07
CA ILE I 226 -41.30 42.09 -2.56
C ILE I 226 -40.48 40.95 -1.94
N ARG I 227 -39.58 40.36 -2.72
CA ARG I 227 -38.61 39.32 -2.28
C ARG I 227 -37.29 39.49 -3.02
N ARG I 228 -36.16 39.45 -2.29
CA ARG I 228 -34.78 39.41 -2.85
C ARG I 228 -34.52 37.98 -3.36
N ILE I 229 -34.28 37.82 -4.67
CA ILE I 229 -34.20 36.49 -5.38
C ILE I 229 -32.77 36.23 -5.87
N GLY I 230 -31.77 37.03 -5.49
CA GLY I 230 -30.37 36.87 -5.92
C GLY I 230 -29.53 38.11 -5.74
N ALA I 231 -28.24 38.01 -6.08
CA ALA I 231 -27.22 39.09 -5.97
C ALA I 231 -26.82 39.59 -7.36
N VAL I 232 -26.30 40.83 -7.43
CA VAL I 232 -25.71 41.48 -8.64
C VAL I 232 -24.25 41.79 -8.33
N LYS I 233 -23.30 41.15 -9.03
CA LYS I 233 -21.85 41.18 -8.70
C LYS I 233 -21.06 41.91 -9.79
N GLU I 234 -19.88 42.41 -9.41
CA GLU I 234 -18.86 43.03 -10.31
C GLU I 234 -17.65 42.07 -10.37
N GLY I 235 -17.92 40.80 -10.67
CA GLY I 235 -16.96 39.68 -10.58
C GLY I 235 -17.10 38.93 -9.26
N GLU I 236 -16.76 39.61 -8.16
CA GLU I 236 -16.88 39.10 -6.76
C GLU I 236 -17.62 40.13 -5.89
N ASN I 237 -17.21 41.40 -5.98
CA ASN I 237 -17.80 42.59 -5.29
C ASN I 237 -19.33 42.62 -5.52
N VAL I 238 -20.13 42.40 -4.47
CA VAL I 238 -21.63 42.46 -4.50
C VAL I 238 -22.05 43.94 -4.49
N VAL I 239 -22.70 44.42 -5.55
CA VAL I 239 -23.06 45.86 -5.75
C VAL I 239 -24.58 46.07 -5.87
N GLY I 240 -25.41 45.01 -5.75
CA GLY I 240 -26.86 45.13 -5.93
C GLY I 240 -27.65 43.90 -5.49
N SER I 241 -28.96 43.93 -5.72
CA SER I 241 -29.96 42.90 -5.35
C SER I 241 -30.92 42.64 -6.52
N GLU I 242 -31.01 41.38 -6.97
CA GLU I 242 -32.07 40.90 -7.91
C GLU I 242 -33.38 40.75 -7.14
N THR I 243 -34.40 41.52 -7.52
CA THR I 243 -35.69 41.70 -6.77
C THR I 243 -36.85 41.16 -7.61
N ARG I 244 -37.88 40.62 -6.96
CA ARG I 244 -39.16 40.18 -7.59
C ARG I 244 -40.34 40.73 -6.78
N VAL I 245 -41.26 41.44 -7.43
CA VAL I 245 -42.52 42.00 -6.84
C VAL I 245 -43.71 41.23 -7.43
N LYS I 246 -44.61 40.73 -6.56
CA LYS I 246 -45.87 40.03 -6.93
C LYS I 246 -47.07 40.86 -6.46
N VAL I 247 -48.05 41.08 -7.34
CA VAL I 247 -49.33 41.78 -7.03
C VAL I 247 -50.35 40.73 -6.57
N VAL I 248 -50.52 40.55 -5.26
CA VAL I 248 -51.40 39.51 -4.65
C VAL I 248 -52.85 40.00 -4.62
N LYS I 249 -53.08 41.32 -4.57
CA LYS I 249 -54.43 41.95 -4.64
C LYS I 249 -54.37 43.18 -5.58
N ASN I 250 -55.44 43.39 -6.34
CA ASN I 250 -55.60 44.57 -7.24
C ASN I 250 -57.09 44.82 -7.52
N LYS I 251 -57.62 45.95 -7.04
CA LYS I 251 -59.03 46.39 -7.27
C LYS I 251 -59.12 47.23 -8.55
N ILE I 252 -57.98 47.63 -9.14
CA ILE I 252 -57.87 48.61 -10.26
C ILE I 252 -57.74 47.88 -11.60
N ALA I 253 -57.22 46.64 -11.61
CA ALA I 253 -56.92 45.84 -12.83
C ALA I 253 -56.72 44.36 -12.47
N ALA I 254 -56.31 43.53 -13.44
CA ALA I 254 -56.10 42.06 -13.28
C ALA I 254 -54.94 41.79 -12.33
N PRO I 255 -55.14 41.07 -11.20
CA PRO I 255 -54.06 40.75 -10.26
C PRO I 255 -53.22 39.53 -10.65
N PHE I 256 -52.32 39.11 -9.76
CA PHE I 256 -51.45 37.90 -9.86
C PHE I 256 -50.52 38.01 -11.07
N LYS I 257 -49.95 39.19 -11.30
CA LYS I 257 -48.85 39.45 -12.29
C LYS I 257 -47.56 39.78 -11.53
N GLN I 258 -46.41 39.52 -12.16
CA GLN I 258 -45.05 39.67 -11.56
C GLN I 258 -44.30 40.84 -12.17
N ALA I 259 -43.22 41.26 -11.51
CA ALA I 259 -42.20 42.21 -12.00
C ALA I 259 -40.83 41.83 -11.42
N GLU I 260 -39.78 41.81 -12.25
CA GLU I 260 -38.38 41.49 -11.86
C GLU I 260 -37.48 42.66 -12.26
N PHE I 261 -36.61 43.10 -11.36
CA PHE I 261 -35.67 44.24 -11.58
C PHE I 261 -34.51 44.21 -10.58
N GLN I 262 -33.51 45.09 -10.80
CA GLN I 262 -32.27 45.22 -10.00
C GLN I 262 -32.29 46.51 -9.17
N ILE I 263 -32.14 46.39 -7.84
CA ILE I 263 -31.87 47.52 -6.90
C ILE I 263 -30.35 47.55 -6.64
N LEU I 264 -29.68 48.60 -7.10
CA LEU I 264 -28.22 48.85 -6.89
C LEU I 264 -28.05 49.66 -5.60
N TYR I 265 -27.04 49.32 -4.77
CA TYR I 265 -26.78 49.93 -3.44
C TYR I 265 -26.19 51.33 -3.65
N GLY I 266 -27.00 52.36 -3.42
CA GLY I 266 -26.78 53.72 -3.96
C GLY I 266 -27.02 53.70 -5.46
N GLU I 267 -27.37 54.85 -6.07
CA GLU I 267 -27.77 54.99 -7.50
C GLU I 267 -29.29 54.79 -7.59
N GLY I 268 -29.81 53.71 -7.01
CA GLY I 268 -31.25 53.50 -6.75
C GLY I 268 -31.84 52.34 -7.56
N ILE I 269 -32.84 52.63 -8.40
CA ILE I 269 -33.50 51.65 -9.33
C ILE I 269 -32.82 51.76 -10.70
N ASN I 270 -32.72 50.62 -11.41
CA ASN I 270 -32.00 50.49 -12.71
C ASN I 270 -33.03 50.45 -13.85
N PHE I 271 -33.57 51.60 -14.26
CA PHE I 271 -34.69 51.69 -15.25
C PHE I 271 -34.16 51.47 -16.68
N TYR I 272 -32.86 51.66 -16.93
CA TYR I 272 -32.20 51.29 -18.21
C TYR I 272 -32.08 49.76 -18.31
N GLY I 273 -31.74 49.10 -17.20
CA GLY I 273 -31.68 47.62 -17.07
C GLY I 273 -33.01 46.95 -17.38
N GLU I 274 -34.13 47.62 -17.09
CA GLU I 274 -35.52 47.18 -17.42
C GLU I 274 -35.82 47.48 -18.89
N LEU I 275 -35.40 48.66 -19.39
CA LEU I 275 -35.67 49.14 -20.78
C LEU I 275 -35.10 48.15 -21.81
N VAL I 276 -34.01 47.46 -21.48
CA VAL I 276 -33.40 46.37 -22.31
C VAL I 276 -34.26 45.11 -22.18
N ASP I 277 -34.56 44.69 -20.94
CA ASP I 277 -35.27 43.43 -20.60
C ASP I 277 -36.70 43.43 -21.20
N LEU I 278 -37.36 44.58 -21.29
CA LEU I 278 -38.70 44.73 -21.92
C LEU I 278 -38.53 44.90 -23.44
N GLY I 279 -37.46 45.55 -23.89
CA GLY I 279 -37.09 45.69 -25.31
C GLY I 279 -36.85 44.35 -25.99
N VAL I 280 -36.17 43.42 -25.29
CA VAL I 280 -35.82 42.06 -25.79
C VAL I 280 -37.06 41.14 -25.71
N LYS I 281 -37.96 41.38 -24.76
CA LYS I 281 -39.22 40.61 -24.56
C LYS I 281 -40.20 40.91 -25.71
N GLU I 282 -40.17 42.12 -26.27
CA GLU I 282 -41.06 42.59 -27.37
C GLU I 282 -40.34 42.50 -28.74
N LYS I 283 -39.12 41.93 -28.79
CA LYS I 283 -38.31 41.70 -30.01
C LYS I 283 -38.05 43.02 -30.75
N LEU I 284 -37.72 44.07 -30.01
CA LEU I 284 -37.11 45.33 -30.54
C LEU I 284 -35.59 45.25 -30.36
N ILE I 285 -35.14 44.68 -29.24
CA ILE I 285 -33.73 44.33 -28.92
C ILE I 285 -33.51 42.84 -29.26
N GLU I 286 -32.30 42.46 -29.67
CA GLU I 286 -31.86 41.04 -29.85
C GLU I 286 -30.74 40.73 -28.84
N LYS I 287 -30.75 39.52 -28.26
CA LYS I 287 -29.68 38.97 -27.39
C LYS I 287 -29.29 37.59 -27.93
N ALA I 288 -28.04 37.42 -28.37
CA ALA I 288 -27.45 36.16 -28.87
C ALA I 288 -26.36 35.68 -27.89
N GLY I 289 -26.79 35.00 -26.81
CA GLY I 289 -25.92 34.53 -25.72
C GLY I 289 -25.60 35.65 -24.75
N ALA I 290 -24.42 36.28 -24.89
CA ALA I 290 -23.95 37.45 -24.11
C ALA I 290 -23.81 38.68 -25.01
N TRP I 291 -24.25 38.60 -26.26
CA TRP I 291 -24.08 39.64 -27.32
C TRP I 291 -25.42 40.31 -27.63
N TYR I 292 -25.50 41.64 -27.50
CA TYR I 292 -26.72 42.46 -27.75
C TYR I 292 -26.60 43.15 -29.11
N SER I 293 -27.74 43.43 -29.75
CA SER I 293 -27.85 44.16 -31.05
C SER I 293 -29.22 44.81 -31.20
N TYR I 294 -29.25 46.10 -31.51
CA TYR I 294 -30.46 46.92 -31.79
C TYR I 294 -30.28 47.64 -33.14
N LYS I 295 -31.21 47.45 -34.09
CA LYS I 295 -31.22 48.07 -35.45
C LYS I 295 -30.04 47.54 -36.28
N GLY I 296 -29.60 46.31 -36.02
CA GLY I 296 -28.45 45.67 -36.71
C GLY I 296 -27.13 45.94 -35.99
N GLU I 297 -26.85 47.22 -35.68
CA GLU I 297 -25.60 47.66 -35.01
C GLU I 297 -25.63 47.18 -33.55
N LYS I 298 -24.56 46.50 -33.12
CA LYS I 298 -24.42 45.91 -31.76
C LYS I 298 -24.06 47.02 -30.76
N ILE I 299 -24.52 46.86 -29.51
CA ILE I 299 -24.52 47.92 -28.45
C ILE I 299 -23.47 47.61 -27.37
N GLY I 300 -23.28 46.33 -27.02
CA GLY I 300 -22.27 45.89 -26.02
C GLY I 300 -22.32 44.40 -25.77
N GLN I 301 -21.52 43.92 -24.81
CA GLN I 301 -21.42 42.48 -24.39
C GLN I 301 -21.79 42.36 -22.91
N GLY I 302 -22.78 41.53 -22.59
CA GLY I 302 -23.42 41.45 -21.26
C GLY I 302 -24.50 42.50 -21.10
N LYS I 303 -25.16 42.55 -19.94
CA LYS I 303 -26.22 43.54 -19.62
C LYS I 303 -25.58 44.85 -19.11
N ALA I 304 -24.51 44.75 -18.32
CA ALA I 304 -23.81 45.89 -17.67
C ALA I 304 -23.27 46.88 -18.72
N ASN I 305 -22.78 46.37 -19.86
CA ASN I 305 -22.26 47.18 -21.00
C ASN I 305 -23.43 47.66 -21.87
N ALA I 306 -24.48 46.83 -22.00
CA ALA I 306 -25.71 47.12 -22.77
C ALA I 306 -26.48 48.28 -22.12
N THR I 307 -26.57 48.30 -20.79
CA THR I 307 -27.25 49.35 -19.98
C THR I 307 -26.37 50.60 -19.93
N ALA I 308 -25.03 50.43 -19.98
CA ALA I 308 -24.03 51.53 -20.01
C ALA I 308 -24.08 52.29 -21.33
N TRP I 309 -24.40 51.61 -22.44
CA TRP I 309 -24.53 52.23 -23.80
C TRP I 309 -25.88 52.97 -23.91
N LEU I 310 -26.95 52.44 -23.30
CA LEU I 310 -28.28 53.11 -23.21
C LEU I 310 -28.16 54.43 -22.44
N LYS I 311 -27.29 54.46 -21.42
CA LYS I 311 -26.96 55.68 -20.62
C LYS I 311 -26.33 56.74 -21.53
N ASP I 312 -25.38 56.33 -22.38
CA ASP I 312 -24.61 57.20 -23.30
C ASP I 312 -25.45 57.60 -24.52
N ASN I 313 -26.55 56.89 -24.79
CA ASN I 313 -27.49 57.16 -25.93
C ASN I 313 -28.87 57.51 -25.38
N PRO I 314 -29.11 58.77 -24.94
CA PRO I 314 -30.46 59.23 -24.60
C PRO I 314 -31.48 59.19 -25.77
N GLU I 315 -31.01 59.24 -27.02
CA GLU I 315 -31.85 59.24 -28.25
C GLU I 315 -32.64 57.93 -28.37
N THR I 316 -31.93 56.79 -28.39
CA THR I 316 -32.52 55.43 -28.50
C THR I 316 -33.26 55.06 -27.21
N ALA I 317 -32.72 55.46 -26.05
CA ALA I 317 -33.35 55.27 -24.71
C ALA I 317 -34.69 56.01 -24.63
N LYS I 318 -34.82 57.15 -25.34
CA LYS I 318 -36.07 57.94 -25.45
C LYS I 318 -37.07 57.19 -26.35
N GLU I 319 -36.61 56.70 -27.51
CA GLU I 319 -37.47 56.13 -28.59
C GLU I 319 -37.90 54.70 -28.23
N ILE I 320 -37.09 53.96 -27.45
CA ILE I 320 -37.42 52.59 -26.95
C ILE I 320 -38.46 52.73 -25.82
N GLU I 321 -38.30 53.71 -24.93
CA GLU I 321 -39.31 54.08 -23.89
C GLU I 321 -40.65 54.35 -24.58
N LYS I 322 -40.65 55.17 -25.64
CA LYS I 322 -41.82 55.49 -26.50
C LYS I 322 -42.52 54.18 -26.93
N LYS I 323 -41.75 53.23 -27.48
CA LYS I 323 -42.24 51.96 -28.06
C LYS I 323 -42.80 51.04 -26.95
N VAL I 324 -42.03 50.82 -25.88
CA VAL I 324 -42.42 49.94 -24.73
C VAL I 324 -43.70 50.47 -24.10
N ARG I 325 -43.81 51.80 -23.90
CA ARG I 325 -44.98 52.46 -23.27
C ARG I 325 -46.21 52.29 -24.18
N GLU I 326 -46.15 52.77 -25.43
CA GLU I 326 -47.31 52.83 -26.37
C GLU I 326 -47.83 51.43 -26.73
N LEU I 327 -46.98 50.40 -26.67
CA LEU I 327 -47.37 48.97 -26.93
C LEU I 327 -48.04 48.36 -25.70
N LEU I 328 -47.54 48.64 -24.49
CA LEU I 328 -47.97 47.99 -23.22
C LEU I 328 -48.74 48.95 -22.29
N LEU I 329 -49.08 50.16 -22.76
CA LEU I 329 -50.04 51.07 -22.05
C LEU I 329 -51.46 50.51 -22.22
N SER I 330 -52.24 50.48 -21.13
CA SER I 330 -53.63 49.96 -21.08
C SER I 330 -54.61 51.03 -21.55
N ASN I 331 -54.46 52.27 -21.05
CA ASN I 331 -55.32 53.44 -21.39
C ASN I 331 -54.43 54.69 -21.43
N PRO I 332 -53.95 55.13 -22.63
CA PRO I 332 -53.22 56.39 -22.75
C PRO I 332 -54.09 57.60 -22.34
N ASN I 333 -53.66 58.32 -21.28
CA ASN I 333 -54.38 59.50 -20.72
C ASN I 333 -54.37 60.63 -21.75
N SER I 334 -53.18 61.02 -22.24
CA SER I 334 -52.96 62.04 -23.29
C SER I 334 -51.68 61.74 -24.06
MG MG L . 54.05 -47.98 2.44
PG AGS M . 55.16 -50.45 -0.01
S1G AGS M . 54.72 -49.92 -1.96
O2G AGS M . 54.86 -51.89 0.19
O3G AGS M . 54.23 -49.58 0.97
PB AGS M . 57.21 -48.87 1.13
O1B AGS M . 56.14 -48.55 2.17
O2B AGS M . 57.56 -47.84 0.08
O3B AGS M . 56.72 -50.19 0.33
PA AGS M . 58.74 -49.76 3.36
O1A AGS M . 59.13 -48.54 4.16
O2A AGS M . 57.54 -50.58 3.79
O3A AGS M . 58.59 -49.34 1.81
O5' AGS M . 60.00 -50.74 3.31
C5' AGS M . 61.31 -50.28 3.01
C4' AGS M . 62.27 -51.44 3.22
O4' AGS M . 62.16 -51.91 4.57
C3' AGS M . 61.98 -52.62 2.30
O3' AGS M . 63.17 -52.99 1.59
C2' AGS M . 61.47 -53.73 3.20
O2' AGS M . 62.03 -55.00 2.87
C1' AGS M . 61.88 -53.31 4.62
N9 AGS M . 60.84 -53.64 5.63
C8 AGS M . 59.54 -53.26 5.61
N7 AGS M . 58.89 -53.75 6.70
C5 AGS M . 59.78 -54.45 7.44
C6 AGS M . 59.76 -55.21 8.72
N6 AGS M . 58.62 -55.34 9.44
N1 AGS M . 60.93 -55.78 9.13
C2 AGS M . 62.08 -55.66 8.43
N3 AGS M . 62.16 -54.98 7.27
C4 AGS M . 61.06 -54.36 6.73
H21 AGS M . 53.28 -49.76 1.01
H5'1 AGS M . 61.56 -49.45 3.67
H5'2 AGS M . 61.35 -49.95 1.97
H4' AGS M . 63.29 -51.07 3.05
H3' AGS M . 61.21 -52.30 1.58
HO3' AGS M . 62.97 -53.74 1.01
H2' AGS M . 60.37 -53.77 3.11
HO2' AGS M . 61.77 -55.24 1.96
H1' AGS M . 62.80 -53.86 4.88
H8 AGS M . 59.10 -52.67 4.82
HN61 AGS M . 57.77 -54.90 9.12
HN62 AGS M . 58.63 -55.85 10.31
H2 AGS M . 62.96 -56.15 8.84
MG MG N . 51.53 -20.01 -6.36
PG AGS O . 52.65 -23.24 -7.03
S1G AGS O . 51.37 -24.38 -8.12
O2G AGS O . 53.37 -24.04 -6.04
O3G AGS O . 51.78 -22.17 -6.28
PB AGS O . 53.67 -21.20 -8.82
O1B AGS O . 53.09 -20.13 -7.90
O2B AGS O . 52.94 -21.53 -10.09
O3B AGS O . 53.76 -22.59 -8.00
PA AGS O . 56.20 -20.26 -7.98
O1A AGS O . 56.31 -18.80 -8.28
O2A AGS O . 55.81 -20.72 -6.60
O3A AGS O . 55.22 -20.91 -9.10
O5' AGS O . 57.63 -20.94 -8.18
C5' AGS O . 58.37 -20.78 -9.38
C4' AGS O . 59.78 -21.26 -9.17
O4' AGS O . 60.35 -20.49 -8.09
C3' AGS O . 59.79 -22.74 -8.78
O3' AGS O . 60.79 -23.48 -9.47
C2' AGS O . 60.04 -22.70 -7.27
O2' AGS O . 60.75 -23.83 -6.74
C1' AGS O . 60.80 -21.39 -7.07
N9 AGS O . 60.56 -20.93 -5.69
C8 AGS O . 59.36 -20.67 -5.11
N7 AGS O . 59.54 -20.31 -3.82
C5 AGS O . 60.86 -20.34 -3.56
C6 AGS O . 61.73 -20.06 -2.39
N6 AGS O . 61.19 -19.67 -1.23
N1 AGS O . 63.08 -20.19 -2.54
C2 AGS O . 63.63 -20.58 -3.72
N3 AGS O . 62.89 -20.85 -4.81
C4 AGS O . 61.53 -20.75 -4.80
H21 AGS O . 51.14 -22.45 -5.60
H5'1 AGS O . 58.37 -19.73 -9.67
H5'2 AGS O . 57.89 -21.36 -10.18
H4' AGS O . 60.35 -21.09 -10.10
H3' AGS O . 58.81 -23.17 -9.01
HO3' AGS O . 60.76 -24.40 -9.19
H2' AGS O . 59.06 -22.69 -6.76
HO2' AGS O . 60.24 -24.63 -6.90
H1' AGS O . 61.87 -21.58 -7.23
H8 AGS O . 58.41 -20.75 -5.62
HN61 AGS O . 60.19 -19.57 -1.14
HN62 AGS O . 61.78 -19.46 -0.43
H2 AGS O . 64.72 -20.67 -3.76
MG MG P . 32.89 -7.25 -25.32
PG AGS Q . 34.56 -10.11 -24.49
S1G AGS Q . 33.88 -11.83 -23.64
O2G AGS Q . 35.87 -9.89 -23.93
O3G AGS Q . 33.67 -8.89 -24.11
PB AGS Q . 33.80 -9.93 -27.28
O1B AGS Q . 33.05 -8.68 -26.98
O2B AGS Q . 33.10 -11.16 -27.58
O3B AGS Q . 34.71 -10.37 -26.06
PA AGS Q . 35.61 -8.44 -28.97
O1A AGS Q . 34.83 -7.86 -30.08
O2A AGS Q . 35.98 -7.62 -27.79
O3A AGS Q . 34.90 -9.77 -28.42
O5' AGS Q . 36.99 -9.00 -29.52
C5' AGS Q . 37.06 -9.81 -30.67
C4' AGS Q . 38.51 -9.93 -31.14
O4' AGS Q . 39.06 -8.62 -31.31
C3' AGS Q . 39.40 -10.67 -30.13
O3' AGS Q . 40.36 -11.48 -30.77
C2' AGS Q . 40.10 -9.55 -29.42
O2' AGS Q . 41.40 -9.90 -28.92
C1' AGS Q . 40.25 -8.54 -30.52
N9 AGS Q . 40.38 -7.24 -29.91
C8 AGS Q . 39.50 -6.64 -29.06
N7 AGS Q . 39.94 -5.40 -28.72
C5 AGS Q . 41.12 -5.22 -29.34
C6 AGS Q . 42.12 -4.15 -29.40
N6 AGS Q . 41.88 -3.03 -28.68
N1 AGS Q . 43.21 -4.33 -30.17
C2 AGS Q . 43.42 -5.49 -30.89
N3 AGS Q . 42.56 -6.52 -30.88
C4 AGS Q . 41.41 -6.44 -30.14
H21 AGS Q . 33.36 -8.78 -23.20
H5'1 AGS Q . 36.46 -9.37 -31.47
H5'2 AGS Q . 36.69 -10.81 -30.44
H4' AGS Q . 38.52 -10.46 -32.10
H3' AGS Q . 38.74 -11.23 -29.45
HO3' AGS Q . 40.90 -11.93 -30.11
H2' AGS Q . 39.47 -9.20 -28.60
HO2' AGS Q . 41.31 -10.62 -28.28
H1' AGS Q . 41.15 -8.79 -31.10
H8 AGS Q . 38.58 -7.11 -28.72
HN61 AGS Q . 41.04 -2.97 -28.11
HN62 AGS Q . 42.55 -2.27 -28.70
H2 AGS Q . 44.33 -5.54 -31.47
MG MG R . 4.25 -13.34 -31.56
PG AGS S . 7.24 -14.66 -30.45
S1G AGS S . 7.85 -15.29 -28.63
O2G AGS S . 8.18 -13.93 -31.18
O3G AGS S . 6.06 -13.71 -30.42
PB AGS S . 5.39 -16.62 -31.65
O1B AGS S . 4.45 -15.50 -31.72
O2B AGS S . 5.27 -17.70 -30.70
O3B AGS S . 6.83 -15.97 -31.29
PA AGS S . 5.51 -16.76 -34.53
O1A AGS S . 4.16 -17.09 -35.03
O2A AGS S . 5.89 -15.33 -34.62
O3A AGS S . 5.70 -17.29 -33.05
O5' AGS S . 6.59 -17.56 -35.32
C5' AGS S . 6.45 -18.91 -35.74
C4' AGS S . 7.55 -19.28 -36.75
O4' AGS S . 7.31 -18.52 -37.92
C3' AGS S . 8.98 -18.99 -36.26
O3' AGS S . 9.97 -19.99 -36.57
C2' AGS S . 9.29 -17.72 -36.98
O2' AGS S . 10.67 -17.47 -37.24
C1' AGS S . 8.48 -17.82 -38.24
N9 AGS S . 8.24 -16.43 -38.65
C8 AGS S . 7.75 -15.44 -37.89
N7 AGS S . 7.69 -14.31 -38.62
C5 AGS S . 8.17 -14.58 -39.85
C6 AGS S . 8.40 -13.82 -41.06
N6 AGS S . 8.08 -12.52 -41.08
N1 AGS S . 8.88 -14.46 -42.11
C2 AGS S . 9.20 -15.76 -42.08
N3 AGS S . 9.03 -16.52 -41.00
C4 AGS S . 8.53 -15.99 -39.86
H21 AGS S . 6.00 -13.03 -29.73
H5'1 AGS S . 5.48 -19.04 -36.22
H5'2 AGS S . 6.53 -19.57 -34.87
H4' AGS S . 7.48 -20.36 -36.95
H3' AGS S . 8.96 -18.88 -35.16
HO3' AGS S . 10.83 -19.71 -36.23
H2' AGS S . 8.96 -16.88 -36.34
HO2' AGS S . 11.16 -17.42 -36.41
H1' AGS S . 9.08 -18.36 -38.99
H8 AGS S . 7.45 -15.55 -36.86
HN61 AGS S . 7.71 -12.08 -40.26
HN62 AGS S . 8.20 -11.99 -41.93
H2 AGS S . 9.61 -16.19 -42.98
MG MG T . -17.86 -23.34 -14.09
PG AGS U . -14.49 -23.31 -14.46
S1G AGS U . -12.98 -22.46 -13.46
O2G AGS U . -14.37 -23.36 -15.87
O3G AGS U . -15.82 -22.57 -14.34
PB AGS U . -15.47 -25.59 -12.90
O1B AGS U . -16.76 -24.88 -12.94
O2B AGS U . -14.69 -25.71 -11.70
O3B AGS U . -14.56 -24.81 -13.93
PA AGS U . -16.43 -27.80 -14.51
O1A AGS U . -17.48 -28.44 -13.74
O2A AGS U . -16.89 -26.91 -15.57
O3A AGS U . -15.43 -27.04 -13.52
O5' AGS U . -15.59 -28.91 -15.20
C5' AGS U . -15.08 -30.10 -14.60
C4' AGS U . -14.54 -31.05 -15.67
O4' AGS U . -15.60 -31.30 -16.57
C3' AGS U . -13.39 -30.45 -16.48
O3' AGS U . -12.32 -31.31 -16.80
C2' AGS U . -14.08 -30.01 -17.73
O2' AGS U . -13.26 -29.81 -18.88
C1' AGS U . -15.17 -31.05 -17.89
N9 AGS U . -16.18 -30.44 -18.75
C8 AGS U . -16.72 -29.24 -18.58
N7 AGS U . -17.59 -28.98 -19.57
C5 AGS U . -17.58 -30.01 -20.40
C6 AGS U . -18.25 -30.35 -21.63
N6 AGS U . -19.12 -29.51 -22.17
N1 AGS U . -17.99 -31.55 -22.17
C2 AGS U . -17.12 -32.39 -21.62
N3 AGS U . -16.46 -32.13 -20.51
C4 AGS U . -16.65 -30.98 -19.85
H21 AGS U . -15.83 -21.60 -14.36
H5'1 AGS U . -15.88 -30.60 -14.06
H5'2 AGS U . -14.28 -29.85 -13.91
H4' AGS U . -14.21 -31.97 -15.18
H3' AGS U . -12.98 -29.61 -15.91
HO3' AGS U . -11.66 -30.81 -17.31
H2' AGS U . -14.49 -29.00 -17.57
HO2' AGS U . -12.61 -29.11 -18.70
H1' AGS U . -14.73 -31.93 -18.37
H8 AGS U . -16.49 -28.58 -17.74
HN61 AGS U . -19.29 -28.62 -21.74
HN62 AGS U . -19.61 -29.77 -23.01
H2 AGS U . -16.94 -33.34 -22.14
MG MG V . -23.51 -18.25 15.03
PG AGS W . -21.06 -18.59 12.67
S1G AGS W . -20.03 -17.11 11.81
O2G AGS W . -21.43 -19.69 11.89
O3G AGS W . -22.40 -18.03 13.17
PB AGS W . -20.13 -19.05 15.45
O1B AGS W . -21.52 -18.73 15.81
O2B AGS W . -19.08 -18.13 15.67
O3B AGS W . -20.14 -19.20 13.85
PA AGS W . -20.58 -21.72 16.34
O1A AGS W . -20.92 -21.66 17.76
O2A AGS W . -21.66 -21.94 15.37
O3A AGS W . -19.71 -20.48 15.89
O5' AGS W . -19.69 -22.98 16.09
C5' AGS W . -18.41 -23.21 16.60
C4' AGS W . -18.01 -24.67 16.30
O4' AGS W . -19.02 -25.64 16.64
C3' AGS W . -17.68 -24.87 14.82
O3' AGS W . -16.52 -25.69 14.61
C2' AGS W . -18.88 -25.59 14.31
O2' AGS W . -18.57 -26.41 13.19
C1' AGS W . -19.31 -26.44 15.50
N9 AGS W . -20.73 -26.72 15.30
C8 AGS W . -21.70 -25.80 15.08
N7 AGS W . -22.89 -26.42 14.92
C5 AGS W . -22.64 -27.73 15.03
C6 AGS W . -23.46 -28.90 14.93
N6 AGS W . -24.76 -28.71 14.70
N1 AGS W . -22.91 -30.11 15.10
C2 AGS W . -21.57 -30.26 15.33
N3 AGS W . -20.75 -29.20 15.40
C4 AGS W . -21.23 -27.93 15.25
H21 AGS W . -22.92 -17.46 12.59
H5'1 AGS W . -18.42 -23.04 17.67
H5'2 AGS W . -17.71 -22.52 16.13
H4' AGS W . -17.11 -24.91 16.89
H3' AGS W . -17.57 -23.88 14.36
HO3' AGS W . -16.36 -25.79 13.67
H2' AGS W . -19.64 -24.85 14.05
HO2' AGS W . -18.25 -25.86 12.46
H1' AGS W . -18.71 -27.36 15.48
H8 AGS W . -21.53 -24.73 15.02
HN61 AGS W . -25.12 -27.78 14.58
HN62 AGS W . -25.39 -29.50 14.65
H2 AGS W . -21.18 -31.26 15.46
MG MG X . -18.54 5.75 32.00
PG AGS Y . -17.66 4.08 29.28
S1G AGS Y . -17.85 4.63 27.37
O2G AGS Y . -17.86 2.75 29.70
O3G AGS Y . -18.75 4.87 30.01
PB AGS Y . -15.52 5.78 30.48
O1B AGS Y . -16.53 6.33 31.37
O2B AGS Y . -15.05 6.65 29.42
O3B AGS Y . -16.13 4.45 29.78
PA AGS Y . -14.21 4.67 32.73
O1A AGS Y . -13.96 5.83 33.61
O2A AGS Y . -15.39 3.82 33.04
O3A AGS Y . -14.30 5.20 31.23
O5' AGS Y . -13.03 3.64 32.68
C5' AGS Y . -11.66 3.97 32.50
C4' AGS Y . -10.80 2.76 32.75
O4' AGS Y . -11.05 2.29 34.08
C3' AGS Y . -11.08 1.60 31.81
O3' AGS Y . -9.94 0.86 31.35
C2' AGS Y . -11.89 0.68 32.67
O2' AGS Y . -11.78 -0.69 32.33
C1' AGS Y . -11.37 0.91 34.07
N9 AGS Y . -12.46 0.52 34.97
C8 AGS Y . -13.73 0.95 34.97
N7 AGS Y . -14.43 0.35 35.95
C5 AGS Y . -13.61 -0.45 36.58
C6 AGS Y . -13.73 -1.38 37.69
N6 AGS Y . -14.92 -1.49 38.28
N1 AGS Y . -12.67 -2.05 38.11
C2 AGS Y . -11.49 -1.91 37.47
N3 AGS Y . -11.30 -1.08 36.42
C4 AGS Y . -12.31 -0.35 35.94
H21 AGS Y . -19.62 5.01 29.59
H5'1 AGS Y . -11.39 4.77 33.20
H5'2 AGS Y . -11.50 4.32 31.48
H4' AGS Y . -9.74 3.06 32.66
H3' AGS Y . -11.66 1.98 30.95
HO3' AGS Y . -10.23 0.16 30.76
H2' AGS Y . -12.95 0.97 32.58
HO2' AGS Y . -12.10 -0.81 31.42
H1' AGS Y . -10.49 0.29 34.21
H8 AGS Y . -14.10 1.68 34.25
HN61 AGS Y . -15.70 -0.95 37.94
HN62 AGS Y . -15.04 -2.10 39.07
H2 AGS Y . -10.67 -2.49 37.85
MG MG Z . -19.44 34.90 25.22
PG AGS AA . -19.11 31.86 23.95
S1G AGS AA . -20.18 30.68 22.70
O2G AGS AA . -18.49 31.10 25.01
O3G AGS AA . -20.05 32.87 24.70
PB AGS AA . -17.78 33.96 22.38
O1B AGS AA . -18.44 34.99 23.27
O2B AGS AA . -18.27 33.75 21.01
O3B AGS AA . -17.92 32.49 23.05
PA AGS AA . -15.25 34.81 23.47
O1A AGS AA . -15.09 36.27 23.20
O2A AGS AA . -15.68 34.39 24.87
O3A AGS AA . -16.20 34.18 22.30
O5' AGS AA . -13.85 34.10 23.28
C5' AGS AA . -13.05 34.34 22.12
C4' AGS AA . -11.67 33.74 22.35
O4' AGS AA . -11.13 34.43 23.49
C3' AGS AA . -11.79 32.26 22.69
O3' AGS AA . -10.80 31.46 22.09
C2' AGS AA . -11.67 32.23 24.19
O2' AGS AA . -11.10 31.04 24.78
C1' AGS AA . -10.84 33.46 24.49
N9 AGS AA . -11.14 33.86 25.87
C8 AGS AA . -12.36 34.15 26.39
N7 AGS AA . -12.25 34.45 27.71
C5 AGS AA . -10.96 34.35 28.02
C6 AGS AA . -10.21 34.50 29.26
N6 AGS AA . -10.92 34.88 30.34
N1 AGS AA . -8.86 34.29 29.25
C2 AGS AA . -8.22 33.93 28.10
N3 AGS AA . -8.88 33.76 26.91
C4 AGS AA . -10.23 33.94 26.83
H21 AGS AA . -20.95 32.61 24.94
H5'1 AGS AA . -12.97 35.41 21.95
H5'2 AGS AA . -13.51 33.86 21.25
H4' AGS AA . -11.05 33.92 21.45
H3' AGS AA . -12.79 31.91 22.34
HO3' AGS AA . -10.92 30.53 22.33
H2' AGS AA . -12.68 32.30 24.62
HO2' AGS AA . -11.66 30.28 24.56
H1' AGS AA . -9.78 33.19 24.39
H8 AGS AA . -13.28 34.13 25.81
HN61 AGS AA . -11.92 35.02 30.26
HN62 AGS AA . -10.47 35.02 31.22
H2 AGS AA . -7.15 33.78 28.15
MG MG BA . -37.92 49.19 5.74
PG AGS CA . -35.48 46.66 6.46
S1G AGS CA . -36.59 45.03 7.07
O2G AGS CA . -34.28 46.71 7.31
O3G AGS CA . -36.35 47.99 6.64
PB AGS CA . -36.03 47.01 3.74
O1B AGS CA . -36.66 48.33 4.16
O2B AGS CA . -36.90 45.84 3.40
O3B AGS CA . -35.05 46.52 4.91
PA AGS CA . -34.18 48.63 2.24
O1A AGS CA . -34.84 49.41 1.13
O2A AGS CA . -33.90 49.32 3.56
O3A AGS CA . -35.03 47.27 2.49
O5' AGS CA . -32.80 48.07 1.65
C5' AGS CA . -32.67 47.43 0.37
C4' AGS CA . -31.20 47.15 0.06
O4' AGS CA . -30.46 48.40 0.01
C3' AGS CA . -30.55 46.29 1.14
O3' AGS CA . -29.72 45.26 0.56
C2' AGS CA . -29.74 47.27 1.98
O2' AGS CA . -28.55 46.71 2.54
C1' AGS CA . -29.45 48.43 1.03
N9 AGS CA . -29.39 49.74 1.75
C8 AGS CA . -30.29 50.23 2.65
N7 AGS CA . -29.90 51.44 3.11
C5 AGS CA . -28.74 51.75 2.52
C6 AGS CA . -27.79 52.89 2.57
N6 AGS CA . -28.03 53.96 3.38
N1 AGS CA . -26.68 52.85 1.78
C2 AGS CA . -26.43 51.79 0.98
N3 AGS CA . -27.25 50.72 0.90
C4 AGS CA . -28.40 50.64 1.62
H21 AGS CA . -36.20 48.56 7.42
H5'1 AGS CA . -33.07 48.09 -0.41
H5'2 AGS CA . -33.22 46.49 0.37
H4' AGS CA . -31.12 46.66 -0.92
H3' AGS CA . -31.35 45.81 1.73
HO3' AGS CA . -29.33 44.73 1.27
H2' AGS CA . -30.37 47.59 2.83
HO2' AGS CA . -28.78 45.98 3.13
H1' AGS CA . -28.47 48.25 0.56
H8 AGS CA . -31.19 49.69 2.93
HN61 AGS CA . -28.86 53.98 3.96
HN62 AGS CA . -27.39 54.73 3.39
H2 AGS CA . -25.52 51.82 0.38
#